data_3RJ1
#
_entry.id   3RJ1
#
_cell.length_a   265.914
_cell.length_b   265.914
_cell.length_c   319.948
_cell.angle_alpha   90.00
_cell.angle_beta   90.00
_cell.angle_gamma   120.00
#
_symmetry.space_group_name_H-M   'P 32 2 1'
#
loop_
_entity.id
_entity.type
_entity.pdbx_description
1 polymer 'Mediator of RNA polymerase II transcription subunit 11'
2 polymer 'Mediator of RNA polymerase II transcription subunit 17'
3 polymer 'Mediator of RNA polymerase II transcription subunit 8'
4 polymer 'Mediator of RNA polymerase II transcription subunit 22'
5 polymer 'Mediator of RNA polymerase II transcription subunit 18'
6 polymer 'Mediator of RNA polymerase II transcription subunit 20'
7 polymer 'Mediator of RNA polymerase II transcription subunit 6'
8 non-polymer 'SELENIUM ATOM'
#
loop_
_entity_poly.entity_id
_entity_poly.type
_entity_poly.pdbx_seq_one_letter_code
_entity_poly.pdbx_strand_id
1 'polypeptide(L)'
;(MSE)QVLNTKSETKQENEGSQPPYIQERLKSLNDIETQLCS(MSE)LQEASQVTFIFGELKRGNESVKPQFENHVKQFY
ERLDKSTTQLRKEIQLLDENVGTRLLPINVNKKALGQDTEK(MSE)EEQLDLLSAILDPSKSK
;
A,H,O
2 'polypeptide(L)'
;(MSE)HHHHHHHHHHQRGPGFKFVDLNEKELQNEIKQLGSDSSDGHNSEKKDTDGADENVQIGEDF(MSE)EVDYEDKDN
PVDSRNETDHKTNENGETDDNIETV(MSE)TQEQFVKRRRD(MSE)LEHINLA(MSE)NESSLALEFVSLLLSSVKESTG
(MSE)SS(MSE)SPFLRKVVKPSSLNSDKIPYVAPTKKEYIELDILNKGWKLQSLNESKDLLRASFNKLSSILQNEHDYW
NKI(MSE)QSISNKDVIFKIRDRTSGQKLLAIKYGYEDSGSTYKHDRGIANIRNNIESQNLDLIPHSSSVFKGTDFVHSV
KKFLRVRIFTKIESEDDYILSGESV(MSE)DRDSESEEAETKDIRKQIQLLKKIIFEKEL(MSE)YQIKKECALLISYGV
SIENENKVIIELPNEKFEIELLSLDDDSIVNHEQDLPKINDKRANL(MSE)LV(MSE)LRLLLVVIFKKTLRSRISSPHG
LINLNVDDDILIIRPILGKVRFANYKLLLKKIIKDYVLDIVPGSSITETEVEREQPQENKNIDDENITKLNKEIRAFDKL
LNIPRRE(UNK)(UNK)(UNK)(UNK)(UNK)(UNK)(UNK)(UNK)(UNK)(UNK)(UNK)(UNK)(UNK)(UNK)
(UNK)(UNK)(UNK)(UNK)(UNK)(UNK)(UNK)(UNK)(UNK)(UNK)(UNK)(UNK)(UNK)(UNK)(UNK)(UNK)
(UNK)(UNK)(UNK)(UNK)(UNK)(UNK)(UNK)(UNK)(UNK)(UNK)(UNK)(UNK)(UNK)(UNK)(UNK)EVEDF
LHFIVAEYIQQKKV
;
B,I,P
3 'polypeptide(L)'
;(MSE)SQSTASLVPEGNQGSLQEDVSFDFNGVPGQALDAVR(MSE)RLAQLTHSLRRIRDE(MSE)SKAELPQWYTLQSQ
LNVTLSQLVSVTSTLQHFQETLDSTVVYPLPKFPTTSHESLVTTLLRKKNIPEVDEW(MSE)KYVRETSGVTTALLKDEE
IEKLLQQDREITNWARTTFRNEYGKHDFKNEESLSEEHASLLVRDSKPSKPFNVDDVLKFTFTGEKPIITGSTSTSSSN
;
C,J,Q
4 'polypeptide(L)'
;(MSE)SNQALYEKLEQTRTILSVKLAELIN(MSE)TTIADRNDDDEGSFAQENSELAVATTSV(MSE)(MSE)VNNQT
(MSE)QLIKNVQDLLILTRSIKEKWLLNQIPVTEHSKVTRFDEKQIEELLDNCIETFVAEKTT
;
D,K,R
5 'polypeptide(L)'
;(MSE)VQQLSLFGSIGDDGYDLLISTLTTISGNPPLLYNSLCTVWKPNPSYDVENVNSRNQLVEPNRIKLSKEVPFSYLI
DET(MSE)(MSE)DKPLNFRILKSFTNDKIPLNYA(MSE)TRNINSDDIIDVD(MSE)DASPAPSNESCSPWSLQISDIP
AAGNNRSVS(MSE)QTIAETIILSSAGKNSSVSSL(MSE)NGLGYVFEFQYLTIGVKFF(MSE)KHGLILELQKIWQIEE
AGNSQITSGGFLLKAYINVSRGTDIDRINYTETAL(MSE)NLKKELQGYIELSVPDRQS(MSE)DSRVAHGNILI
;
E,L,S
6 'polypeptide(L)'
;(MSE)GKSAVIFVERATPATLTELKDALSNSILSVRDPWSIDFRTYRCSIKNLPADVSKL(MSE)YSITFHHHGRQTVLI
KDNSA(MSE)VTTAAAADIPPALVFNGSSTGVPESIDTILSSKLSNIW(MSE)QRQLIKGDAGETLILDGLTVRLVNLFS
STGFKGLLIELQADEAGEFETKIAGIEGHLAEIRAKEYKTSSDSLGPDTSNEICDLAYQYVRALEL
;
F,M,T
7 'polypeptide(L)'
;(MSE)NVTPLDELQWKSPEWIQVFGLRTENVLDYFAESPFFDKTSNNQVIK(MSE)QRQFSQLNDPNAAVN(MSE)TQNI
(MSE)TLPDGKNGNLEEEFAYVDPARRQILFKYP(MSE)Y(MSE)QLEEEL(MSE)KLDGTEYVLSSVREPDFWVIRKQR
RTNNSGVGSAKGPEIIPLQDYYIIGANIYQSPTIFKIVQSRL(MSE)STSYHLNSTLESLYDLIEFQPSQGVHYKVPTDT
STTATAATNGNNAGGGSNKSSVRPTGGAN(MSE)ATVPSTTNVN(MSE)TVNT(MSE)GTGGQTIDNGTGRTGNGN
(MSE)GITTE(MSE)LDKL(MSE)VTSIRSTPNYI
;
G,N,U
#
# COMPACT_ATOMS: atom_id res chain seq x y z
N TYR A 21 3.29 49.20 46.75
CA TYR A 21 2.65 49.72 45.55
C TYR A 21 2.14 48.58 44.70
N ILE A 22 2.05 47.41 45.30
CA ILE A 22 1.46 46.25 44.67
C ILE A 22 -0.06 46.26 44.80
N GLN A 23 -0.56 47.04 45.77
CA GLN A 23 -1.99 47.21 46.07
C GLN A 23 -2.78 48.23 45.22
N GLU A 24 -2.15 49.35 44.88
CA GLU A 24 -2.79 50.36 44.02
C GLU A 24 -2.96 49.85 42.59
N ARG A 25 -1.97 49.10 42.10
CA ARG A 25 -1.98 48.58 40.74
C ARG A 25 -2.86 47.34 40.56
N LEU A 26 -3.04 46.56 41.62
CA LEU A 26 -4.04 45.50 41.61
C LEU A 26 -5.35 46.08 42.12
N LYS A 27 -5.31 47.32 42.58
CA LYS A 27 -6.52 48.05 42.97
C LYS A 27 -7.21 48.65 41.75
N SER A 28 -6.40 49.17 40.84
CA SER A 28 -6.92 49.62 39.57
C SER A 28 -7.25 48.40 38.73
N LEU A 29 -6.62 47.27 39.07
CA LEU A 29 -6.76 46.02 38.31
C LEU A 29 -8.09 45.29 38.56
N ASN A 30 -8.60 45.39 39.78
CA ASN A 30 -9.96 44.96 40.08
C ASN A 30 -10.90 46.15 40.03
N ASP A 31 -10.36 47.34 39.77
CA ASP A 31 -11.17 48.51 39.49
C ASP A 31 -11.39 48.70 37.98
N ILE A 32 -10.63 47.98 37.18
CA ILE A 32 -11.00 47.80 35.78
C ILE A 32 -11.69 46.47 35.56
N GLU A 33 -11.60 45.58 36.55
CA GLU A 33 -12.17 44.24 36.44
C GLU A 33 -13.68 44.26 36.72
N THR A 34 -14.09 45.17 37.57
CA THR A 34 -15.51 45.39 37.89
C THR A 34 -16.19 46.25 36.83
N GLN A 35 -15.39 46.91 35.98
CA GLN A 35 -15.92 47.64 34.83
C GLN A 35 -16.09 46.71 33.63
N LEU A 36 -15.72 45.44 33.82
CA LEU A 36 -16.05 44.38 32.87
C LEU A 36 -17.31 43.59 33.24
N CYS A 37 -17.74 43.70 34.49
CA CYS A 37 -18.96 43.03 34.95
C CYS A 37 -20.16 43.88 34.59
N SER A 38 -19.91 45.17 34.40
CA SER A 38 -20.90 46.07 33.85
C SER A 38 -20.79 46.09 32.33
N LEU A 40 -19.74 42.70 30.32
CA LEU A 40 -20.29 41.42 29.86
C LEU A 40 -21.76 41.19 30.25
N GLN A 41 -22.17 41.75 31.37
CA GLN A 41 -23.52 41.56 31.88
C GLN A 41 -24.59 42.42 31.17
N GLU A 42 -24.22 43.65 30.79
CA GLU A 42 -25.10 44.47 29.97
C GLU A 42 -25.25 43.83 28.60
N ALA A 43 -24.49 42.76 28.39
CA ALA A 43 -24.63 41.94 27.19
C ALA A 43 -25.65 40.82 27.43
N SER A 44 -26.29 40.90 28.60
CA SER A 44 -27.39 40.03 28.95
C SER A 44 -28.71 40.75 28.65
N GLN A 45 -28.97 41.82 29.39
CA GLN A 45 -30.21 42.57 29.23
C GLN A 45 -30.31 43.11 27.82
N VAL A 46 -29.24 42.93 27.06
CA VAL A 46 -29.25 43.24 25.65
C VAL A 46 -29.95 42.16 24.83
N THR A 47 -29.76 40.91 25.24
CA THR A 47 -30.39 39.78 24.54
C THR A 47 -31.85 39.58 24.95
N PHE A 48 -32.17 40.00 26.16
CA PHE A 48 -33.50 39.78 26.75
C PHE A 48 -34.65 40.45 25.98
N ILE A 49 -34.61 41.77 25.87
CA ILE A 49 -35.69 42.53 25.22
C ILE A 49 -35.83 42.24 23.72
N PHE A 50 -34.91 41.44 23.18
CA PHE A 50 -34.94 41.03 21.77
C PHE A 50 -35.88 39.85 21.57
N GLY A 51 -36.25 39.20 22.67
CA GLY A 51 -37.21 38.12 22.63
C GLY A 51 -38.63 38.56 23.01
N GLU A 52 -38.74 39.72 23.65
CA GLU A 52 -40.04 40.29 24.04
C GLU A 52 -40.75 41.00 22.91
N LEU A 53 -40.01 41.85 22.21
CA LEU A 53 -40.53 42.51 21.02
C LEU A 53 -40.62 41.45 19.94
N LYS A 54 -40.13 40.26 20.26
CA LYS A 54 -39.97 39.17 19.31
C LYS A 54 -41.34 38.64 18.91
N ARG A 55 -41.33 37.52 18.21
CA ARG A 55 -42.53 37.05 17.55
C ARG A 55 -42.92 38.08 16.50
N GLY A 56 -42.12 38.14 15.45
CA GLY A 56 -42.47 38.88 14.26
C GLY A 56 -41.81 38.15 13.11
N ASN A 57 -42.23 38.45 11.88
CA ASN A 57 -41.62 37.84 10.71
C ASN A 57 -40.11 38.03 10.71
N GLU A 58 -39.71 39.29 10.77
CA GLU A 58 -38.32 39.65 10.65
C GLU A 58 -37.62 39.67 12.00
N SER A 59 -38.30 39.23 13.05
CA SER A 59 -37.77 39.33 14.42
C SER A 59 -36.47 38.56 14.57
N VAL A 60 -36.07 37.92 13.47
CA VAL A 60 -34.75 37.27 13.34
C VAL A 60 -33.59 38.22 12.98
N LYS A 61 -33.91 39.51 12.83
CA LYS A 61 -32.90 40.56 12.72
C LYS A 61 -32.00 40.54 13.93
N PRO A 62 -32.57 40.80 15.12
CA PRO A 62 -31.81 40.71 16.35
C PRO A 62 -31.28 39.30 16.61
N GLN A 63 -31.73 38.31 15.84
CA GLN A 63 -31.20 36.95 15.98
C GLN A 63 -29.83 36.75 15.29
N PHE A 64 -29.53 37.53 14.26
CA PHE A 64 -28.19 37.52 13.65
C PHE A 64 -27.23 38.40 14.45
N GLU A 65 -27.79 39.41 15.10
CA GLU A 65 -27.02 40.36 15.89
C GLU A 65 -26.96 39.98 17.35
N ASN A 66 -28.10 39.99 18.03
CA ASN A 66 -28.14 39.59 19.43
C ASN A 66 -27.41 38.27 19.65
N HIS A 67 -27.70 37.27 18.81
CA HIS A 67 -27.07 35.95 18.88
C HIS A 67 -25.63 35.95 18.37
N VAL A 68 -25.24 37.02 17.65
CA VAL A 68 -23.83 37.30 17.41
C VAL A 68 -23.33 38.24 18.50
N LYS A 69 -24.27 38.83 19.21
CA LYS A 69 -23.99 39.77 20.30
C LYS A 69 -23.69 39.09 21.63
N GLN A 70 -24.51 38.13 22.01
CA GLN A 70 -24.25 37.39 23.23
C GLN A 70 -23.54 36.04 22.98
N PHE A 71 -23.28 35.72 21.71
CA PHE A 71 -22.32 34.68 21.34
C PHE A 71 -20.90 35.26 21.37
N TYR A 72 -20.78 36.50 20.89
CA TYR A 72 -19.52 37.24 20.89
C TYR A 72 -19.12 37.70 22.29
N GLU A 73 -19.99 38.41 22.97
CA GLU A 73 -19.63 38.99 24.26
C GLU A 73 -19.66 38.02 25.42
N ARG A 74 -20.11 36.79 25.17
CA ARG A 74 -20.20 35.77 26.21
C ARG A 74 -18.87 35.05 26.35
N LEU A 75 -17.94 35.38 25.47
CA LEU A 75 -16.54 35.02 25.65
C LEU A 75 -15.77 36.18 26.31
N ASP A 76 -16.47 37.28 26.60
CA ASP A 76 -15.95 38.41 27.39
C ASP A 76 -16.33 38.20 28.82
N LYS A 77 -17.12 37.16 29.05
CA LYS A 77 -17.41 36.65 30.38
C LYS A 77 -16.48 35.47 30.68
N SER A 78 -15.71 35.07 29.69
CA SER A 78 -14.64 34.12 29.90
C SER A 78 -13.47 34.88 30.51
N THR A 79 -13.25 36.08 30.00
CA THR A 79 -12.14 36.93 30.45
C THR A 79 -12.39 37.51 31.84
N THR A 80 -13.61 37.36 32.33
CA THR A 80 -13.93 37.80 33.70
C THR A 80 -13.67 36.71 34.74
N GLN A 81 -13.40 35.49 34.26
CA GLN A 81 -13.00 34.39 35.14
C GLN A 81 -11.49 34.29 35.34
N LEU A 82 -10.72 34.98 34.50
CA LEU A 82 -9.26 35.04 34.63
C LEU A 82 -8.77 36.13 35.58
N ARG A 83 -9.61 37.15 35.82
CA ARG A 83 -9.25 38.28 36.68
C ARG A 83 -9.11 37.88 38.15
N LYS A 84 -10.11 37.18 38.68
CA LYS A 84 -10.15 36.83 40.10
C LYS A 84 -9.15 35.77 40.52
N GLU A 85 -8.63 35.02 39.55
CA GLU A 85 -7.59 34.03 39.83
C GLU A 85 -6.25 34.72 39.93
N ILE A 86 -6.22 35.98 39.47
CA ILE A 86 -5.08 36.89 39.66
C ILE A 86 -5.10 37.55 41.04
N GLN A 87 -6.30 37.87 41.52
CA GLN A 87 -6.51 38.34 42.88
C GLN A 87 -6.77 37.16 43.84
N LEU A 88 -6.91 35.96 43.27
CA LEU A 88 -6.79 34.72 44.00
C LEU A 88 -5.37 34.16 43.81
N LEU A 89 -4.60 34.84 42.98
CA LEU A 89 -3.18 34.57 42.82
C LEU A 89 -2.41 35.40 43.83
N ASP A 90 -3.08 36.37 44.42
CA ASP A 90 -2.56 37.09 45.57
C ASP A 90 -2.83 36.28 46.82
N GLU A 91 -3.87 35.45 46.74
CA GLU A 91 -4.13 34.44 47.76
C GLU A 91 -3.28 33.19 47.49
N ASN A 92 -3.09 32.88 46.20
CA ASN A 92 -2.41 31.65 45.79
C ASN A 92 -0.93 31.84 45.49
N VAL A 93 -0.45 33.08 45.62
CA VAL A 93 0.97 33.39 45.38
C VAL A 93 1.40 34.66 46.10
N GLN A 109 25.62 33.14 38.94
CA GLN A 109 24.89 33.82 37.87
C GLN A 109 23.79 32.95 37.29
N ASP A 110 22.57 33.06 37.84
CA ASP A 110 22.26 33.89 39.01
C ASP A 110 22.27 33.09 40.31
N THR A 111 22.63 31.81 40.22
CA THR A 111 22.31 30.83 41.26
C THR A 111 22.90 31.09 42.66
N GLU A 112 22.33 30.39 43.65
CA GLU A 112 22.90 30.30 44.99
C GLU A 112 23.74 29.06 45.08
N LYS A 113 23.92 28.37 43.94
CA LYS A 113 24.29 26.96 43.90
C LYS A 113 25.55 26.71 44.71
N GLU A 115 25.33 26.96 47.60
CA GLU A 115 24.72 26.13 48.63
C GLU A 115 24.50 24.71 48.12
N GLU A 116 24.65 24.51 46.82
CA GLU A 116 24.68 23.18 46.25
C GLU A 116 26.08 22.62 46.46
N GLN A 117 27.02 23.51 46.80
CA GLN A 117 28.35 23.09 47.26
C GLN A 117 28.25 22.93 48.76
N LEU A 118 27.08 23.27 49.29
CA LEU A 118 26.64 22.79 50.60
C LEU A 118 26.07 21.40 50.41
N ASP A 119 25.53 21.15 49.22
CA ASP A 119 24.90 19.87 48.88
C ASP A 119 25.91 18.76 48.59
N LEU A 120 26.94 19.11 47.82
CA LEU A 120 28.06 18.22 47.63
C LEU A 120 28.81 18.08 48.95
N LEU A 121 28.93 19.19 49.67
CA LEU A 121 29.63 19.20 50.95
C LEU A 121 29.06 18.17 51.93
N SER A 122 27.75 18.20 52.13
CA SER A 122 27.09 17.25 53.01
C SER A 122 27.31 15.80 52.54
N ALA A 123 27.49 15.64 51.24
CA ALA A 123 27.67 14.32 50.62
C ALA A 123 29.04 13.70 50.91
N ILE A 124 30.08 14.56 50.91
CA ILE A 124 31.47 14.18 51.17
C ILE A 124 31.73 13.97 52.66
N LEU A 125 30.92 14.64 53.47
CA LEU A 125 30.85 14.40 54.90
C LEU A 125 29.95 13.18 55.18
N ASP A 126 29.03 12.94 54.26
CA ASP A 126 28.23 11.70 54.22
C ASP A 126 28.99 10.42 53.83
N PRO A 127 29.90 10.51 52.84
CA PRO A 127 30.78 9.44 52.38
C PRO A 127 31.75 8.94 53.47
N SER A 128 32.39 9.87 54.19
CA SER A 128 33.29 9.56 55.32
C SER A 128 32.60 9.30 56.68
N LYS A 129 31.38 9.82 56.86
CA LYS A 129 30.58 9.65 58.10
C LYS A 129 29.68 8.41 58.14
N GLN B 100 2.17 26.52 6.05
CA GLN B 100 2.54 27.29 4.86
C GLN B 100 2.19 26.51 3.60
N GLU B 101 3.20 26.24 2.77
CA GLU B 101 3.03 25.57 1.46
C GLU B 101 2.25 26.35 0.41
N GLN B 102 1.13 25.78 -0.05
CA GLN B 102 0.21 26.46 -0.97
C GLN B 102 -0.45 27.67 -0.30
N PHE B 103 -0.63 27.56 1.02
CA PHE B 103 -1.15 28.62 1.87
C PHE B 103 -0.61 30.02 1.51
N VAL B 104 0.67 30.29 1.76
CA VAL B 104 1.25 31.58 1.41
C VAL B 104 1.22 31.83 -0.10
N LYS B 105 0.78 30.83 -0.87
CA LYS B 105 0.54 30.94 -2.31
C LYS B 105 -0.89 31.42 -2.65
N ARG B 106 -1.77 31.36 -1.67
CA ARG B 106 -3.08 32.01 -1.77
C ARG B 106 -2.96 33.41 -1.13
N ARG B 107 -1.83 33.64 -0.47
CA ARG B 107 -1.53 34.93 0.15
C ARG B 107 -1.04 35.94 -0.88
N ARG B 108 -0.38 35.44 -1.92
CA ARG B 108 -0.01 36.27 -3.07
C ARG B 108 -1.19 36.42 -4.01
N ASP B 109 -2.08 35.44 -4.02
CA ASP B 109 -3.29 35.49 -4.85
C ASP B 109 -4.32 36.47 -4.28
N LEU B 111 -3.46 38.73 -2.19
CA LEU B 111 -2.72 40.00 -2.23
C LEU B 111 -2.70 40.52 -3.66
N GLU B 112 -2.99 39.62 -4.60
CA GLU B 112 -3.10 39.98 -6.00
C GLU B 112 -4.53 40.42 -6.31
N HIS B 113 -5.44 40.21 -5.36
CA HIS B 113 -6.80 40.78 -5.44
C HIS B 113 -6.84 42.14 -4.75
N ILE B 114 -5.75 42.47 -4.06
CA ILE B 114 -5.59 43.75 -3.39
C ILE B 114 -5.12 44.85 -4.33
N ASN B 115 -4.12 44.53 -5.17
CA ASN B 115 -3.62 45.45 -6.18
C ASN B 115 -4.64 45.57 -7.31
N LEU B 116 -5.67 44.72 -7.23
CA LEU B 116 -6.79 44.71 -8.17
C LEU B 116 -7.90 45.68 -7.71
N ALA B 117 -7.72 46.24 -6.53
CA ALA B 117 -8.49 47.40 -6.11
C ALA B 117 -7.65 48.65 -6.35
N ASN B 119 -6.15 49.50 -9.48
CA ASN B 119 -6.61 50.04 -10.76
C ASN B 119 -7.98 50.68 -10.64
N GLU B 120 -8.70 50.34 -9.58
CA GLU B 120 -10.03 50.88 -9.32
C GLU B 120 -9.90 52.28 -8.75
N SER B 121 -8.73 52.55 -8.19
CA SER B 121 -8.35 53.86 -7.63
C SER B 121 -7.89 54.83 -8.71
N SER B 122 -7.08 54.33 -9.63
CA SER B 122 -6.63 55.13 -10.77
C SER B 122 -7.81 55.65 -11.58
N LEU B 123 -8.92 54.90 -11.55
CA LEU B 123 -10.15 55.28 -12.23
C LEU B 123 -10.64 56.62 -11.69
N ALA B 124 -10.24 56.94 -10.47
CA ALA B 124 -10.59 58.21 -9.81
C ALA B 124 -9.67 59.34 -10.26
N LEU B 125 -8.49 58.97 -10.72
CA LEU B 125 -7.52 59.93 -11.27
C LEU B 125 -7.92 60.36 -12.69
N GLU B 126 -8.72 59.52 -13.33
CA GLU B 126 -9.29 59.80 -14.65
C GLU B 126 -10.53 60.64 -14.46
N PHE B 127 -10.88 60.78 -13.20
CA PHE B 127 -11.91 61.71 -12.79
C PHE B 127 -11.28 63.08 -12.58
N VAL B 128 -10.35 63.14 -11.63
CA VAL B 128 -9.67 64.38 -11.28
C VAL B 128 -9.15 65.13 -12.50
N SER B 129 -8.66 64.39 -13.49
CA SER B 129 -8.17 65.01 -14.70
C SER B 129 -9.30 65.59 -15.52
N LEU B 130 -10.53 65.14 -15.26
CA LEU B 130 -11.71 65.53 -16.04
C LEU B 130 -12.15 66.95 -15.74
N LEU B 131 -12.11 67.30 -14.47
CA LEU B 131 -12.38 68.67 -14.08
C LEU B 131 -11.22 69.52 -14.55
N LEU B 132 -10.01 68.96 -14.44
CA LEU B 132 -8.80 69.58 -14.97
C LEU B 132 -9.01 71.06 -14.86
N SER B 133 -8.81 71.73 -15.98
CA SER B 133 -9.44 73.00 -16.35
C SER B 133 -9.72 74.02 -15.23
N SER B 134 -10.47 75.06 -15.53
CA SER B 134 -10.54 76.32 -14.78
C SER B 134 -9.26 77.14 -14.85
N VAL B 135 -8.75 77.56 -13.69
CA VAL B 135 -7.56 78.42 -13.62
C VAL B 135 -6.63 77.81 -12.58
N LYS B 136 -7.22 77.87 -11.38
CA LYS B 136 -6.92 77.30 -10.07
C LYS B 136 -7.60 75.92 -9.83
N GLU B 137 -8.24 75.35 -10.85
CA GLU B 137 -8.59 73.92 -10.79
C GLU B 137 -7.53 73.07 -11.53
N SER B 138 -6.53 73.73 -12.14
CA SER B 138 -5.48 72.93 -12.77
C SER B 138 -4.28 72.90 -11.84
N THR B 139 -4.37 71.96 -10.90
CA THR B 139 -3.35 71.61 -9.94
C THR B 139 -3.34 70.07 -9.96
N GLY B 140 -4.49 69.50 -9.61
CA GLY B 140 -4.75 68.08 -9.80
C GLY B 140 -5.14 67.76 -11.24
N SER B 142 -3.00 68.97 -13.33
CA SER B 142 -1.58 68.72 -13.55
C SER B 142 -1.11 67.36 -13.03
N SER B 143 -2.01 66.64 -12.36
CA SER B 143 -1.75 65.28 -11.89
C SER B 143 -1.95 64.21 -12.98
N SER B 145 -1.02 65.18 -16.15
CA SER B 145 -0.10 65.68 -17.18
C SER B 145 1.04 64.72 -17.44
N PRO B 146 1.56 64.08 -16.37
CA PRO B 146 2.22 62.79 -16.64
C PRO B 146 1.13 61.77 -17.01
N PHE B 147 1.27 61.08 -18.14
CA PHE B 147 0.17 60.28 -18.68
C PHE B 147 -1.12 61.08 -18.95
N LEU B 148 -1.01 62.14 -19.76
CA LEU B 148 -2.17 62.85 -20.34
C LEU B 148 -1.78 63.69 -21.55
N THR B 168 -32.31 67.99 -16.95
CA THR B 168 -31.64 67.93 -15.65
C THR B 168 -32.61 67.70 -14.51
N LYS B 169 -33.42 66.63 -14.62
CA LYS B 169 -34.42 66.28 -13.62
C LYS B 169 -33.88 65.40 -12.49
N LYS B 170 -34.14 65.82 -11.25
CA LYS B 170 -33.62 65.12 -10.09
C LYS B 170 -33.99 63.63 -10.05
N GLU B 171 -35.27 63.33 -9.79
CA GLU B 171 -35.67 61.95 -9.51
C GLU B 171 -37.13 61.63 -9.82
N TYR B 172 -37.57 60.47 -9.38
CA TYR B 172 -38.95 60.07 -9.56
C TYR B 172 -39.46 59.50 -8.23
N ILE B 173 -40.79 59.46 -8.06
CA ILE B 173 -41.44 58.92 -6.87
C ILE B 173 -41.57 57.38 -6.90
N GLU B 174 -41.81 56.83 -8.09
CA GLU B 174 -41.77 55.40 -8.26
C GLU B 174 -40.31 54.98 -8.34
N LEU B 175 -39.47 55.79 -8.95
CA LEU B 175 -38.06 55.46 -9.07
C LEU B 175 -37.34 55.58 -7.74
N ASP B 176 -37.92 56.31 -6.78
CA ASP B 176 -37.43 56.32 -5.41
C ASP B 176 -38.25 55.37 -4.50
N ILE B 177 -39.28 54.80 -5.07
CA ILE B 177 -40.00 53.72 -4.42
C ILE B 177 -39.31 52.37 -4.64
N LEU B 178 -38.83 52.13 -5.86
CA LEU B 178 -38.06 50.93 -6.23
C LEU B 178 -36.63 51.02 -5.69
N ASN B 179 -36.08 52.24 -5.70
CA ASN B 179 -34.80 52.57 -5.07
C ASN B 179 -34.92 52.55 -3.56
N LYS B 180 -36.14 52.30 -3.09
CA LYS B 180 -36.39 51.87 -1.71
C LYS B 180 -36.45 50.35 -1.67
N GLY B 181 -36.47 49.74 -2.84
CA GLY B 181 -36.43 48.29 -2.96
C GLY B 181 -35.00 47.80 -2.93
N TRP B 182 -34.09 48.65 -3.37
CA TRP B 182 -32.65 48.33 -3.41
C TRP B 182 -31.86 48.59 -2.11
N LYS B 183 -32.39 49.45 -1.24
CA LYS B 183 -31.68 49.81 -0.01
C LYS B 183 -31.87 48.76 1.08
N LEU B 184 -32.76 47.80 0.82
CA LEU B 184 -33.04 46.72 1.77
C LEU B 184 -32.07 45.53 1.67
N GLN B 185 -31.73 45.13 0.45
CA GLN B 185 -31.01 43.88 0.22
C GLN B 185 -29.52 43.99 0.51
N SER B 186 -29.02 45.21 0.64
CA SER B 186 -27.63 45.40 1.03
C SER B 186 -27.52 45.42 2.54
N LEU B 187 -28.67 45.66 3.18
CA LEU B 187 -28.80 45.66 4.64
C LEU B 187 -29.07 44.30 5.22
N ASN B 188 -29.96 43.56 4.58
CA ASN B 188 -30.34 42.22 5.03
C ASN B 188 -29.20 41.20 4.84
N GLU B 189 -28.14 41.63 4.15
CA GLU B 189 -27.01 40.77 3.85
C GLU B 189 -26.00 40.64 4.98
N SER B 190 -25.64 41.76 5.61
CA SER B 190 -24.51 41.82 6.55
C SER B 190 -24.78 41.11 7.88
N LYS B 191 -26.00 40.61 8.03
CA LYS B 191 -26.45 40.02 9.29
C LYS B 191 -25.69 38.73 9.56
N ASP B 192 -25.92 37.74 8.69
CA ASP B 192 -25.34 36.39 8.81
C ASP B 192 -23.83 36.36 8.96
N LEU B 193 -23.13 37.31 8.31
CA LEU B 193 -21.67 37.43 8.40
C LEU B 193 -21.27 38.12 9.71
N LEU B 194 -22.23 38.81 10.32
CA LEU B 194 -22.11 39.28 11.70
C LEU B 194 -22.46 38.16 12.68
N ARG B 195 -23.39 37.32 12.26
CA ARG B 195 -23.67 36.09 12.97
C ARG B 195 -22.55 35.10 12.74
N ALA B 196 -22.04 35.07 11.51
CA ALA B 196 -20.91 34.21 11.14
C ALA B 196 -19.55 34.83 11.48
N SER B 197 -19.55 36.12 11.80
CA SER B 197 -18.40 36.76 12.39
C SER B 197 -18.40 36.45 13.87
N PHE B 198 -19.59 36.53 14.48
CA PHE B 198 -19.72 36.37 15.92
C PHE B 198 -20.05 34.97 16.39
N ASN B 199 -20.33 34.08 15.46
CA ASN B 199 -20.35 32.64 15.76
C ASN B 199 -18.93 32.07 15.73
N LYS B 200 -18.13 32.59 14.82
CA LYS B 200 -16.74 32.17 14.66
C LYS B 200 -15.77 33.04 15.46
N LEU B 201 -16.29 34.11 16.05
CA LEU B 201 -15.49 34.97 16.93
C LEU B 201 -15.44 34.38 18.32
N SER B 202 -16.58 33.86 18.76
CA SER B 202 -16.65 33.23 20.06
C SER B 202 -15.82 31.95 20.04
N SER B 203 -16.02 31.14 19.00
CA SER B 203 -15.40 29.80 18.90
C SER B 203 -13.85 29.77 18.90
N ILE B 204 -13.24 30.89 18.49
CA ILE B 204 -11.79 31.10 18.57
C ILE B 204 -11.42 31.71 19.93
N LEU B 205 -12.45 32.11 20.68
CA LEU B 205 -12.30 32.66 22.01
C LEU B 205 -12.15 31.58 23.10
N GLN B 206 -12.95 30.53 23.03
CA GLN B 206 -12.89 29.46 24.03
C GLN B 206 -11.89 28.35 23.69
N ASN B 207 -11.32 28.42 22.48
CA ASN B 207 -10.17 27.61 22.11
C ASN B 207 -8.94 28.24 22.72
N GLU B 208 -8.82 29.53 22.51
CA GLU B 208 -7.68 30.30 22.98
C GLU B 208 -7.75 30.56 24.49
N HIS B 209 -8.93 30.84 25.00
CA HIS B 209 -9.08 31.02 26.43
C HIS B 209 -8.73 29.72 27.13
N ASP B 210 -8.96 28.60 26.43
CA ASP B 210 -8.68 27.30 27.01
C ASP B 210 -7.23 27.21 27.44
N TYR B 211 -6.31 27.43 26.50
CA TYR B 211 -4.87 27.37 26.77
C TYR B 211 -4.43 28.26 27.94
N TRP B 212 -5.06 29.43 28.02
CA TRP B 212 -4.64 30.48 28.95
C TRP B 212 -4.96 30.17 30.40
N ASN B 213 -6.17 29.70 30.67
CA ASN B 213 -6.60 29.40 32.02
C ASN B 213 -5.67 28.41 32.70
N LYS B 214 -5.13 27.47 31.92
CA LYS B 214 -4.35 26.36 32.47
C LYS B 214 -2.97 26.75 33.03
N ILE B 215 -2.43 27.87 32.54
CA ILE B 215 -1.02 28.24 32.80
C ILE B 215 -0.67 28.38 34.29
N GLN B 217 -0.16 26.83 37.03
CA GLN B 217 0.41 25.84 37.95
C GLN B 217 1.33 26.44 39.04
N SER B 218 2.37 27.17 38.63
CA SER B 218 3.43 27.64 39.52
C SER B 218 3.05 28.86 40.38
N LYS B 326 9.75 17.01 38.78
CA LYS B 326 9.72 17.34 37.37
C LYS B 326 10.01 18.83 37.11
N ASP B 327 9.51 19.69 37.99
CA ASP B 327 9.90 21.09 37.97
C ASP B 327 11.25 21.24 38.65
N ILE B 328 11.38 20.57 39.80
CA ILE B 328 12.60 20.65 40.61
C ILE B 328 13.74 19.91 39.95
N ARG B 329 13.40 18.89 39.15
CA ARG B 329 14.41 18.17 38.37
C ARG B 329 14.70 18.99 37.12
N LYS B 330 13.82 19.93 36.87
CA LYS B 330 14.01 20.89 35.80
C LYS B 330 14.98 21.98 36.25
N GLN B 331 14.80 22.47 37.48
CA GLN B 331 15.76 23.37 38.06
C GLN B 331 17.11 22.69 38.06
N ILE B 332 17.10 21.37 38.30
CA ILE B 332 18.29 20.53 38.30
C ILE B 332 18.74 20.21 36.89
N GLN B 333 17.83 20.35 35.93
CA GLN B 333 18.20 20.23 34.53
C GLN B 333 19.08 21.41 34.14
N LEU B 334 18.68 22.61 34.57
CA LEU B 334 19.47 23.81 34.33
C LEU B 334 20.81 23.72 35.05
N LEU B 335 20.92 22.74 35.93
CA LEU B 335 22.17 22.44 36.63
C LEU B 335 22.93 21.30 35.96
N LYS B 336 22.34 20.75 34.90
CA LYS B 336 23.04 19.83 34.02
C LYS B 336 23.76 20.65 32.98
N LYS B 337 23.47 21.96 32.99
CA LYS B 337 24.21 22.93 32.19
C LYS B 337 25.54 23.27 32.89
N ILE B 338 25.73 22.72 34.09
CA ILE B 338 26.97 22.91 34.82
C ILE B 338 28.06 21.93 34.42
N ILE B 339 27.68 20.81 33.83
CA ILE B 339 28.66 19.80 33.44
C ILE B 339 29.20 20.01 32.05
N PHE B 340 28.49 20.83 31.27
CA PHE B 340 28.96 21.22 29.94
C PHE B 340 29.93 22.41 29.93
N GLU B 341 29.70 23.37 30.82
CA GLU B 341 30.54 24.56 30.91
C GLU B 341 31.80 24.29 31.71
N LYS B 342 31.73 23.27 32.56
CA LYS B 342 32.87 22.85 33.36
C LYS B 342 33.82 21.96 32.57
N GLU B 343 33.26 21.00 31.84
CA GLU B 343 34.10 20.21 30.98
C GLU B 343 34.86 21.16 30.06
N LEU B 344 34.11 21.80 29.15
CA LEU B 344 34.68 22.58 28.05
C LEU B 344 35.60 23.73 28.48
N TYR B 346 37.41 23.12 31.34
CA TYR B 346 38.45 22.30 31.94
C TYR B 346 39.53 21.95 30.94
N GLN B 347 39.15 21.77 29.68
CA GLN B 347 40.07 21.29 28.65
C GLN B 347 41.05 22.36 28.17
N ILE B 348 40.67 23.62 28.34
CA ILE B 348 41.59 24.72 28.05
C ILE B 348 42.57 24.90 29.20
N LYS B 349 42.13 24.58 30.41
CA LYS B 349 43.04 24.52 31.56
C LYS B 349 43.95 23.34 31.35
N LYS B 350 43.49 22.40 30.52
CA LYS B 350 44.23 21.19 30.20
C LYS B 350 45.10 21.41 28.97
N GLU B 351 45.11 22.64 28.47
CA GLU B 351 45.99 23.07 27.36
C GLU B 351 47.40 23.47 27.79
N CYS B 352 47.51 24.11 28.94
CA CYS B 352 48.81 24.50 29.50
C CYS B 352 49.48 23.30 30.19
N ALA B 353 48.64 22.40 30.69
CA ALA B 353 49.10 21.20 31.39
C ALA B 353 49.60 20.12 30.45
N LEU B 354 48.82 19.81 29.42
CA LEU B 354 49.18 18.79 28.44
C LEU B 354 50.62 19.02 27.98
N LEU B 355 51.00 20.29 27.85
CA LEU B 355 52.40 20.65 27.64
C LEU B 355 53.28 19.89 28.66
N ILE B 356 53.05 20.14 29.95
CA ILE B 356 53.73 19.40 31.02
C ILE B 356 53.37 17.90 31.02
N SER B 357 52.08 17.60 31.15
CA SER B 357 51.57 16.22 31.13
C SER B 357 50.17 16.14 30.49
N TYR B 358 49.94 15.08 29.71
CA TYR B 358 48.77 14.98 28.83
C TYR B 358 47.64 14.03 29.29
N GLY B 359 46.46 14.61 29.50
CA GLY B 359 45.25 13.86 29.80
C GLY B 359 44.12 13.83 28.77
N VAL B 360 44.36 14.26 27.54
CA VAL B 360 43.23 14.43 26.61
C VAL B 360 43.04 13.31 25.58
N SER B 361 41.86 12.71 25.59
CA SER B 361 41.46 11.70 24.61
C SER B 361 40.05 11.97 24.06
N ILE B 362 39.97 12.22 22.76
CA ILE B 362 38.70 12.46 22.06
C ILE B 362 37.92 13.69 22.54
N GLU B 363 36.61 13.51 22.67
CA GLU B 363 35.74 14.54 23.25
C GLU B 363 35.76 14.52 24.77
N ASN B 364 35.63 13.33 25.35
CA ASN B 364 35.69 13.14 26.79
C ASN B 364 36.95 12.37 27.14
N GLU B 365 37.76 12.94 28.02
CA GLU B 365 39.14 12.51 28.16
C GLU B 365 39.53 12.05 29.56
N ASN B 366 40.68 11.38 29.65
CA ASN B 366 41.24 10.95 30.94
C ASN B 366 42.77 11.10 31.01
N LYS B 367 43.31 11.23 32.24
CA LYS B 367 44.71 11.62 32.47
C LYS B 367 45.60 10.57 33.16
N VAL B 368 46.91 10.69 32.93
CA VAL B 368 47.90 9.67 33.30
C VAL B 368 47.94 9.25 34.78
N ILE B 369 47.95 7.95 35.01
CA ILE B 369 48.11 7.37 36.35
C ILE B 369 49.12 6.24 36.29
N ILE B 370 50.22 6.38 37.03
CA ILE B 370 51.32 5.41 36.96
C ILE B 370 51.23 4.34 38.03
N GLU B 371 50.94 3.11 37.60
CA GLU B 371 50.67 2.00 38.51
C GLU B 371 51.55 0.77 38.27
N LEU B 372 51.33 -0.28 39.07
CA LEU B 372 52.14 -1.50 39.00
C LEU B 372 51.69 -2.42 37.86
N PRO B 373 52.58 -3.32 37.42
CA PRO B 373 52.35 -4.30 36.34
C PRO B 373 51.50 -5.50 36.79
N ASN B 374 50.72 -6.06 35.87
CA ASN B 374 50.62 -5.56 34.50
C ASN B 374 49.82 -4.27 34.40
N GLU B 375 49.99 -3.55 33.29
CA GLU B 375 49.39 -2.24 33.13
C GLU B 375 48.16 -2.28 32.21
N LYS B 376 47.04 -1.73 32.69
CA LYS B 376 46.92 -1.11 34.01
C LYS B 376 45.47 -0.71 34.21
N PHE B 377 45.15 -0.36 35.46
CA PHE B 377 43.79 0.05 35.79
C PHE B 377 43.74 1.18 36.79
N GLU B 378 42.64 1.92 36.75
CA GLU B 378 42.44 3.08 37.60
C GLU B 378 40.94 3.28 37.77
N ILE B 379 40.55 4.39 38.39
CA ILE B 379 39.14 4.69 38.57
C ILE B 379 38.84 6.15 38.18
N GLU B 380 37.81 6.34 37.36
CA GLU B 380 37.40 7.67 36.89
C GLU B 380 35.94 7.69 36.43
N LEU B 381 35.39 8.89 36.29
CA LEU B 381 34.00 9.11 35.85
C LEU B 381 33.90 9.79 34.47
N LEU B 382 34.50 10.97 34.39
CA LEU B 382 34.41 11.86 33.23
C LEU B 382 33.04 12.48 32.94
N SER B 383 32.64 12.47 31.67
CA SER B 383 31.50 13.27 31.23
C SER B 383 30.19 12.72 31.73
N LEU B 384 29.09 13.37 31.34
CA LEU B 384 27.83 12.67 31.39
C LEU B 384 27.65 12.29 29.95
N ASP B 385 27.98 11.04 29.67
CA ASP B 385 27.88 10.54 28.32
C ASP B 385 26.42 10.22 28.20
N ASP B 386 25.87 9.80 29.34
CA ASP B 386 24.58 9.11 29.43
C ASP B 386 24.68 7.69 28.83
N ASP B 387 25.90 7.13 28.87
CA ASP B 387 26.16 5.79 28.33
C ASP B 387 26.14 4.74 29.43
N SER B 388 25.41 3.65 29.20
CA SER B 388 25.20 2.62 30.22
C SER B 388 26.22 1.48 30.20
N ILE B 389 27.21 1.57 29.32
CA ILE B 389 28.26 0.57 29.24
C ILE B 389 28.99 0.39 30.58
N VAL B 390 28.87 1.41 31.44
CA VAL B 390 29.45 1.37 32.79
C VAL B 390 28.41 0.97 33.86
N ASN B 391 27.17 0.74 33.42
CA ASN B 391 26.08 0.39 34.33
C ASN B 391 26.08 -1.06 34.80
N HIS B 392 26.46 -1.97 33.88
CA HIS B 392 26.62 -3.38 34.22
C HIS B 392 27.92 -3.61 34.97
N GLU B 393 28.82 -2.65 34.82
CA GLU B 393 30.08 -2.65 35.55
C GLU B 393 29.95 -1.95 36.90
N GLN B 394 28.84 -1.21 37.06
CA GLN B 394 28.56 -0.54 38.33
C GLN B 394 27.98 -1.53 39.32
N ASP B 395 27.53 -2.68 38.79
CA ASP B 395 27.08 -3.81 39.60
C ASP B 395 28.27 -4.65 40.07
N LEU B 396 29.27 -4.77 39.21
CA LEU B 396 30.55 -5.41 39.54
C LEU B 396 31.44 -4.56 40.47
N PRO B 397 31.69 -3.29 40.10
CA PRO B 397 32.49 -2.30 40.86
C PRO B 397 31.82 -1.77 42.13
N LYS B 398 30.51 -1.77 42.13
CA LYS B 398 29.83 -0.94 43.05
C LYS B 398 30.43 -1.46 44.31
N ILE B 399 30.50 -2.78 44.33
CA ILE B 399 31.10 -3.48 45.43
C ILE B 399 32.56 -3.47 45.15
N ASN B 400 33.35 -3.03 46.12
CA ASN B 400 34.76 -3.33 46.16
C ASN B 400 35.61 -2.10 46.03
N ASP B 401 35.41 -1.36 44.95
CA ASP B 401 36.24 -0.22 44.73
C ASP B 401 35.48 0.95 45.20
N LYS B 402 36.06 1.70 46.11
CA LYS B 402 35.55 3.00 46.36
C LYS B 402 36.61 3.90 45.82
N ARG B 403 37.82 3.79 46.35
CA ARG B 403 38.72 4.82 45.82
C ARG B 403 38.30 5.21 44.41
N ALA B 404 37.36 4.44 43.87
CA ALA B 404 36.62 4.86 42.68
C ALA B 404 35.53 5.84 43.08
N ASN B 405 34.78 5.49 44.12
CA ASN B 405 33.64 6.30 44.58
C ASN B 405 34.04 7.49 45.43
N LEU B 406 34.88 7.26 46.43
CA LEU B 406 35.34 8.31 47.33
C LEU B 406 36.22 9.33 46.60
N LEU B 408 36.28 9.90 43.73
CA LEU B 408 35.48 10.51 42.69
C LEU B 408 34.96 11.87 43.13
N VAL B 409 34.56 11.94 44.40
CA VAL B 409 33.96 13.15 44.98
C VAL B 409 34.93 14.30 45.19
N LEU B 411 36.67 15.18 43.01
CA LEU B 411 36.65 15.77 41.69
C LEU B 411 35.59 16.84 41.58
N ARG B 412 34.45 16.61 42.23
CA ARG B 412 33.30 17.51 42.13
C ARG B 412 33.63 18.89 42.69
N LEU B 413 34.61 18.92 43.58
CA LEU B 413 34.97 20.12 44.32
C LEU B 413 35.69 21.16 43.48
N LEU B 414 36.63 20.73 42.65
CA LEU B 414 37.37 21.65 41.78
C LEU B 414 36.36 22.47 41.01
N LEU B 415 35.20 21.86 40.77
CA LEU B 415 34.18 22.42 39.91
C LEU B 415 33.61 23.73 40.41
N VAL B 416 33.00 23.70 41.59
CA VAL B 416 32.49 24.91 42.20
C VAL B 416 33.67 25.80 42.56
N VAL B 417 34.79 25.16 42.86
CA VAL B 417 35.97 25.90 43.30
C VAL B 417 36.32 26.95 42.27
N ILE B 418 36.89 26.52 41.16
CA ILE B 418 37.39 27.47 40.19
C ILE B 418 36.27 28.38 39.72
N PHE B 419 35.04 27.88 39.78
CA PHE B 419 33.91 28.60 39.20
C PHE B 419 33.40 29.66 40.16
N LYS B 420 33.74 29.52 41.42
CA LYS B 420 33.34 30.52 42.39
C LYS B 420 34.29 31.69 42.25
N LYS B 421 35.50 31.40 41.80
CA LYS B 421 36.48 32.43 41.53
C LYS B 421 36.00 33.24 40.32
N THR B 422 34.89 32.78 39.76
CA THR B 422 34.15 33.56 38.77
C THR B 422 33.34 34.63 39.52
N LEU B 423 32.76 34.23 40.64
CA LEU B 423 32.00 35.14 41.47
C LEU B 423 32.87 36.28 41.96
N ARG B 424 34.02 35.93 42.54
CA ARG B 424 34.88 36.90 43.21
C ARG B 424 35.45 37.94 42.28
N SER B 425 36.14 37.50 41.26
CA SER B 425 36.71 38.43 40.31
C SER B 425 35.63 39.38 39.88
N ARG B 426 34.48 38.80 39.55
CA ARG B 426 33.40 39.51 38.87
C ARG B 426 32.60 40.52 39.72
N ILE B 427 32.11 40.07 40.88
CA ILE B 427 31.53 41.00 41.83
C ILE B 427 32.59 42.03 42.21
N SER B 428 33.85 41.68 41.92
CA SER B 428 35.00 42.55 42.18
C SER B 428 35.28 43.51 41.03
N SER B 429 34.52 43.38 39.94
CA SER B 429 34.46 44.45 38.97
C SER B 429 33.06 45.03 39.09
N PRO B 430 32.96 46.19 39.79
CA PRO B 430 31.98 47.27 39.98
C PRO B 430 31.89 48.15 38.73
N HIS B 431 32.91 48.04 37.87
CA HIS B 431 32.96 48.70 36.57
C HIS B 431 32.81 47.72 35.41
N PRO B 447 45.17 32.51 34.46
CA PRO B 447 43.71 32.52 34.75
C PRO B 447 43.14 31.12 34.91
N ILE B 448 44.01 30.11 34.86
CA ILE B 448 43.63 28.70 34.64
C ILE B 448 43.46 27.77 35.86
N LEU B 449 43.51 28.33 37.06
CA LEU B 449 43.80 27.56 38.28
C LEU B 449 42.85 26.43 38.73
N GLY B 450 41.75 26.21 38.02
CA GLY B 450 40.83 25.16 38.44
C GLY B 450 41.49 23.82 38.73
N LYS B 451 42.24 23.33 37.75
CA LYS B 451 42.89 22.02 37.81
C LYS B 451 44.19 21.97 38.62
N VAL B 452 45.01 23.00 38.49
CA VAL B 452 46.42 23.03 38.93
C VAL B 452 46.65 22.88 40.44
N ARG B 453 45.55 22.81 41.20
CA ARG B 453 45.61 22.39 42.60
C ARG B 453 45.84 20.87 42.69
N PHE B 454 45.65 20.17 41.56
CA PHE B 454 46.03 18.75 41.40
C PHE B 454 47.41 18.53 40.75
N ALA B 455 48.00 19.64 40.26
CA ALA B 455 49.34 19.69 39.68
C ALA B 455 50.42 19.69 40.75
N ASN B 456 50.25 20.57 41.74
CA ASN B 456 51.10 20.56 42.92
C ASN B 456 50.57 19.67 44.06
N TYR B 457 49.46 18.95 43.81
CA TYR B 457 48.88 17.92 44.71
C TYR B 457 49.44 16.50 44.62
N LYS B 458 49.48 15.97 43.40
CA LYS B 458 50.13 14.70 43.10
C LYS B 458 51.65 14.88 42.90
N LEU B 459 52.06 16.15 42.77
CA LEU B 459 53.46 16.54 42.73
C LEU B 459 54.06 16.61 44.13
N LEU B 460 53.30 17.11 45.08
CA LEU B 460 53.74 17.03 46.47
C LEU B 460 53.57 15.57 46.93
N LEU B 461 52.98 14.75 46.06
CA LEU B 461 52.87 13.31 46.27
C LEU B 461 54.20 12.62 45.99
N LYS B 462 54.82 12.96 44.86
CA LYS B 462 56.16 12.49 44.53
C LYS B 462 57.23 13.13 45.44
N LYS B 463 56.87 14.28 46.01
CA LYS B 463 57.79 15.01 46.87
C LYS B 463 57.97 14.35 48.22
N ILE B 464 56.88 14.10 48.92
CA ILE B 464 56.99 13.62 50.29
C ILE B 464 57.85 12.37 50.27
N ILE B 465 57.88 11.72 49.10
CA ILE B 465 58.65 10.51 48.91
C ILE B 465 60.13 10.76 48.62
N LYS B 466 60.42 11.92 48.03
CA LYS B 466 61.79 12.35 47.78
C LYS B 466 62.44 12.99 49.01
N ASP B 467 61.62 13.55 49.88
CA ASP B 467 62.06 14.01 51.19
C ASP B 467 62.09 12.82 52.13
N TYR B 468 61.32 11.79 51.77
CA TYR B 468 61.30 10.50 52.47
C TYR B 468 62.47 9.60 52.06
N VAL B 469 62.90 9.72 50.81
CA VAL B 469 64.15 9.12 50.36
C VAL B 469 65.31 10.08 50.69
N LEU B 470 64.96 11.34 50.96
CA LEU B 470 65.88 12.30 51.53
C LEU B 470 65.97 12.09 53.04
N ASP B 471 64.90 11.52 53.60
CA ASP B 471 64.88 11.14 54.99
C ASP B 471 65.60 9.81 55.20
N ILE B 472 65.40 8.88 54.26
CA ILE B 472 65.99 7.53 54.34
C ILE B 472 67.48 7.47 54.03
N VAL B 473 67.96 8.47 53.30
CA VAL B 473 69.39 8.73 53.11
C VAL B 473 70.00 9.26 54.41
N PRO B 474 69.37 10.29 55.00
CA PRO B 474 69.63 11.09 56.20
C PRO B 474 69.46 10.31 57.51
N GLY B 475 68.85 9.14 57.41
CA GLY B 475 68.34 8.42 58.57
C GLY B 475 69.26 7.85 59.64
N SER B 476 70.51 7.57 59.29
CA SER B 476 71.48 7.02 60.24
C SER B 476 72.28 8.13 60.96
N SER B 477 71.86 9.37 60.75
CA SER B 477 72.43 10.52 61.42
C SER B 477 72.53 10.34 62.93
N ILE B 478 71.58 9.63 63.51
CA ILE B 478 71.55 9.39 64.95
C ILE B 478 71.13 10.64 65.73
N ASN B 503 82.15 15.31 61.05
CA ASN B 503 81.18 16.15 61.74
C ASN B 503 79.97 16.47 60.87
N LYS B 504 79.48 17.70 60.99
CA LYS B 504 78.46 18.22 60.08
C LYS B 504 79.15 18.60 58.78
N GLU B 505 80.47 18.63 58.85
CA GLU B 505 81.34 18.94 57.71
C GLU B 505 81.38 17.78 56.73
N ILE B 506 81.35 16.56 57.26
CA ILE B 506 81.12 15.35 56.46
C ILE B 506 79.62 15.19 56.28
N ARG B 507 78.85 15.80 57.19
CA ARG B 507 77.39 15.79 57.12
C ARG B 507 76.85 16.72 56.04
N ALA B 508 77.20 17.99 56.14
CA ALA B 508 76.74 18.92 55.13
C ALA B 508 77.27 18.48 53.78
N PHE B 509 78.49 17.90 53.78
CA PHE B 509 79.16 17.43 52.55
C PHE B 509 78.66 16.06 52.10
N ASP B 510 78.26 15.23 53.03
CA ASP B 510 77.58 14.02 52.62
C ASP B 510 76.14 14.38 52.27
N LYS B 511 75.69 15.52 52.79
CA LYS B 511 74.30 15.99 52.63
C LYS B 511 74.02 16.73 51.32
N LEU B 512 75.04 17.46 50.86
CA LEU B 512 74.96 18.16 49.58
C LEU B 512 75.41 17.23 48.45
N LEU B 513 75.68 15.96 48.79
CA LEU B 513 75.95 14.92 47.80
C LEU B 513 74.67 14.32 47.21
N ASN B 514 73.66 14.12 48.06
CA ASN B 514 72.32 13.75 47.63
C ASN B 514 71.53 14.98 47.16
N ILE B 515 71.91 16.14 47.71
CA ILE B 515 71.42 17.45 47.27
C ILE B 515 71.87 17.83 45.85
N PRO B 516 73.12 17.46 45.48
CA PRO B 516 73.84 17.60 44.21
C PRO B 516 73.21 16.85 43.02
N ARG B 517 72.91 15.56 43.17
CA ARG B 517 71.98 14.93 42.27
C ARG B 517 70.71 14.72 43.05
N ARG B 518 69.81 15.69 42.90
CA ARG B 518 68.44 15.67 43.36
C ARG B 518 67.62 16.22 42.21
N GLU B 519 67.80 17.54 41.98
CA GLU B 519 67.10 18.32 40.94
C GLU B 519 67.98 18.70 39.75
N UNK B 520 59.36 23.80 47.85
CA UNK B 520 59.94 22.78 48.71
C UNK B 520 60.17 23.32 50.12
N UNK B 521 60.82 22.53 50.98
CA UNK B 521 60.90 22.85 52.40
C UNK B 521 62.32 23.08 52.94
N UNK B 522 62.45 24.02 53.86
CA UNK B 522 63.77 24.40 54.39
C UNK B 522 63.86 24.63 55.92
N UNK B 523 64.66 23.80 56.60
CA UNK B 523 65.08 24.05 57.99
C UNK B 523 66.43 23.36 58.34
N UNK B 524 67.27 24.03 59.14
CA UNK B 524 68.49 23.43 59.74
C UNK B 524 69.08 24.22 60.92
N UNK B 525 69.96 23.61 61.71
CA UNK B 525 70.66 24.31 62.80
C UNK B 525 71.98 23.65 63.20
N UNK B 526 72.81 24.37 63.96
CA UNK B 526 74.05 23.77 64.47
C UNK B 526 74.60 24.38 65.78
N UNK B 527 75.28 23.57 66.58
CA UNK B 527 75.81 23.99 67.88
C UNK B 527 77.14 23.32 68.25
N UNK B 528 53.19 24.84 39.15
CA UNK B 528 53.49 23.44 38.84
C UNK B 528 54.40 22.79 39.90
N UNK B 529 54.76 23.59 40.90
CA UNK B 529 55.47 23.09 42.07
C UNK B 529 55.17 24.00 43.26
N UNK B 530 55.23 23.44 44.46
CA UNK B 530 54.80 24.12 45.67
C UNK B 530 55.79 23.97 46.82
N UNK B 531 55.57 24.73 47.90
CA UNK B 531 56.42 24.68 49.09
C UNK B 531 55.62 24.66 50.39
N UNK B 532 55.84 23.61 51.17
CA UNK B 532 55.27 23.46 52.49
C UNK B 532 56.40 22.97 53.38
N UNK B 533 56.77 23.76 54.38
CA UNK B 533 58.13 23.65 54.87
C UNK B 533 58.32 23.55 56.37
N UNK B 534 59.21 22.63 56.76
CA UNK B 534 59.80 22.64 58.10
C UNK B 534 60.80 21.49 58.35
N UNK B 535 61.54 21.59 59.45
CA UNK B 535 62.53 20.60 59.88
C UNK B 535 63.21 21.06 61.17
N UNK B 536 64.06 20.22 61.74
CA UNK B 536 64.77 20.53 62.98
C UNK B 536 66.07 19.72 63.08
N UNK B 537 66.81 19.89 64.18
CA UNK B 537 68.06 19.16 64.36
C UNK B 537 68.46 19.03 65.83
N UNK B 538 69.57 18.34 66.10
CA UNK B 538 70.08 18.19 67.45
C UNK B 538 71.53 17.70 67.49
N UNK B 539 69.30 14.11 66.12
CA UNK B 539 68.87 14.22 64.73
C UNK B 539 67.35 14.06 64.55
N UNK B 540 66.60 15.11 64.90
CA UNK B 540 65.13 15.08 64.79
C UNK B 540 64.53 16.28 64.03
N UNK B 541 63.94 16.01 62.88
CA UNK B 541 63.35 17.07 62.06
C UNK B 541 61.84 16.93 61.90
N UNK B 542 61.10 17.90 62.44
CA UNK B 542 59.64 17.91 62.36
C UNK B 542 59.18 18.97 61.38
N UNK B 543 58.69 18.51 60.23
CA UNK B 543 58.34 19.40 59.13
C UNK B 543 56.85 19.65 58.97
N UNK B 544 56.41 20.86 59.27
CA UNK B 544 55.00 21.22 59.17
C UNK B 544 54.71 22.02 57.89
N UNK B 545 53.94 21.41 56.99
CA UNK B 545 53.62 22.00 55.68
C UNK B 545 52.74 23.24 55.77
N UNK B 546 53.22 24.34 55.17
CA UNK B 546 52.52 25.61 55.21
C UNK B 546 53.32 26.73 54.53
N UNK B 547 64.01 22.19 46.03
CA UNK B 547 64.08 23.64 46.09
C UNK B 547 64.74 24.12 47.37
N UNK B 548 64.27 25.26 47.88
CA UNK B 548 64.95 25.96 48.95
C UNK B 548 65.28 25.08 50.16
N UNK B 549 66.45 25.35 50.74
CA UNK B 549 66.86 24.79 52.02
C UNK B 549 67.81 25.79 52.66
N UNK B 550 68.09 25.66 53.96
CA UNK B 550 69.08 26.53 54.61
C UNK B 550 69.71 25.88 55.85
N UNK B 551 70.93 26.29 56.19
CA UNK B 551 71.58 25.83 57.43
C UNK B 551 72.58 26.85 57.94
N UNK B 552 72.67 26.98 59.27
CA UNK B 552 73.59 27.93 59.87
C UNK B 552 74.46 27.23 60.90
N UNK B 553 75.77 27.21 60.65
CA UNK B 553 76.71 26.52 61.52
C UNK B 553 77.60 27.53 62.24
N UNK B 554 78.10 27.15 63.41
CA UNK B 554 78.87 28.07 64.26
C UNK B 554 80.21 27.49 64.74
N UNK B 555 81.23 28.34 64.79
CA UNK B 555 82.55 27.96 65.27
C UNK B 555 83.06 26.68 64.62
N UNK B 556 66.70 24.28 44.51
CA UNK B 556 67.51 23.88 45.67
C UNK B 556 68.45 24.98 46.19
N UNK B 557 67.88 26.08 46.71
CA UNK B 557 68.68 27.18 47.23
C UNK B 557 68.97 27.07 48.72
N UNK B 558 70.23 26.78 49.07
CA UNK B 558 70.60 26.39 50.44
C UNK B 558 71.93 26.97 50.97
N UNK B 559 71.89 28.20 51.52
CA UNK B 559 73.00 28.99 52.08
C UNK B 559 73.63 28.54 53.40
N UNK B 560 74.95 28.46 53.27
CA UNK B 560 76.08 28.76 54.15
C UNK B 560 76.05 28.11 55.50
N UNK B 561 76.79 28.63 56.49
CA UNK B 561 78.02 29.40 56.29
C UNK B 561 79.08 28.80 57.19
N UNK B 562 80.26 28.57 56.64
CA UNK B 562 81.39 27.94 57.34
C UNK B 562 81.94 28.68 58.56
N UNK B 563 82.61 27.94 59.43
CA UNK B 563 83.28 28.53 60.60
C UNK B 563 84.76 28.16 60.72
N UNK B 564 85.40 28.59 61.80
CA UNK B 564 86.82 28.29 62.03
C UNK B 564 87.09 26.82 62.42
N GLU B 565 48.40 25.85 48.78
CA GLU B 565 48.03 26.24 47.41
C GLU B 565 46.52 26.05 47.11
N VAL B 566 46.06 24.80 47.14
CA VAL B 566 44.64 24.47 46.97
C VAL B 566 43.80 24.91 48.18
N GLU B 567 44.24 24.50 49.37
CA GLU B 567 43.54 24.83 50.61
C GLU B 567 43.67 26.29 51.01
N ASP B 568 44.55 27.03 50.35
CA ASP B 568 44.63 28.48 50.50
C ASP B 568 43.47 29.10 49.72
N PHE B 569 42.97 28.30 48.78
CA PHE B 569 41.84 28.66 47.94
C PHE B 569 40.50 28.48 48.67
N LEU B 570 40.50 27.70 49.75
CA LEU B 570 39.33 27.58 50.64
C LEU B 570 39.24 28.74 51.65
N HIS B 571 40.40 29.36 51.93
CA HIS B 571 40.50 30.50 52.83
C HIS B 571 40.12 31.73 52.07
N PHE B 572 40.42 31.72 50.77
CA PHE B 572 40.06 32.83 49.88
C PHE B 572 38.55 32.92 49.63
N ILE B 573 37.85 31.83 49.93
CA ILE B 573 36.40 31.73 49.75
C ILE B 573 35.72 32.42 50.89
N VAL B 574 36.25 32.23 52.09
CA VAL B 574 35.81 33.03 53.20
C VAL B 574 36.18 34.46 52.86
N ALA B 575 37.43 34.64 52.43
CA ALA B 575 37.99 35.96 52.10
C ALA B 575 37.18 36.74 51.07
N GLU B 576 36.63 36.02 50.10
CA GLU B 576 35.65 36.59 49.19
C GLU B 576 34.23 36.56 49.77
N TYR B 577 33.88 35.48 50.44
CA TYR B 577 32.57 35.39 51.06
C TYR B 577 32.36 36.58 51.98
N ILE B 578 33.38 36.91 52.75
CA ILE B 578 33.31 38.04 53.67
C ILE B 578 33.47 39.34 52.93
N GLN B 579 34.33 39.35 51.90
CA GLN B 579 34.48 40.53 51.05
C GLN B 579 33.15 40.82 50.34
N GLN B 580 32.28 39.81 50.28
CA GLN B 580 30.92 39.98 49.76
C GLN B 580 30.05 40.62 50.83
N LYS B 581 30.52 40.61 52.07
CA LYS B 581 29.80 41.20 53.21
C LYS B 581 29.98 42.72 53.33
N LYS B 582 31.08 43.24 52.79
CA LYS B 582 31.39 44.68 52.85
C LYS B 582 30.68 45.43 51.72
N PRO C 29 -20.52 75.63 -15.49
CA PRO C 29 -21.09 74.36 -15.00
C PRO C 29 -20.35 73.82 -13.77
N GLY C 30 -20.96 73.99 -12.60
CA GLY C 30 -20.40 73.51 -11.35
C GLY C 30 -19.18 74.27 -10.87
N GLN C 31 -19.31 75.58 -10.72
CA GLN C 31 -18.23 76.42 -10.18
C GLN C 31 -17.73 75.82 -8.87
N ALA C 32 -18.64 75.20 -8.12
CA ALA C 32 -18.28 74.49 -6.90
C ALA C 32 -18.10 72.98 -7.10
N LEU C 33 -18.30 72.52 -8.34
CA LEU C 33 -18.22 71.09 -8.66
C LEU C 33 -16.77 70.61 -8.69
N ASP C 34 -15.86 71.55 -8.89
CA ASP C 34 -14.43 71.26 -8.85
C ASP C 34 -13.88 71.16 -7.43
N ALA C 35 -14.50 71.88 -6.50
CA ALA C 35 -14.14 71.79 -5.08
C ALA C 35 -14.60 70.44 -4.52
N VAL C 36 -15.47 69.77 -5.27
CA VAL C 36 -15.88 68.41 -4.95
C VAL C 36 -14.85 67.41 -5.45
N ARG C 37 -14.16 67.79 -6.52
CA ARG C 37 -13.14 66.94 -7.12
C ARG C 37 -11.81 66.98 -6.36
N ARG C 39 -11.84 67.23 -3.35
CA ARG C 39 -12.24 66.39 -2.22
C ARG C 39 -12.42 64.93 -2.63
N LEU C 40 -12.37 64.70 -3.94
CA LEU C 40 -12.17 63.36 -4.51
C LEU C 40 -10.68 63.02 -4.58
N ALA C 41 -9.87 64.08 -4.65
CA ALA C 41 -8.40 63.99 -4.65
C ALA C 41 -7.83 63.76 -3.25
N GLN C 42 -8.49 64.33 -2.25
CA GLN C 42 -8.13 64.09 -0.86
C GLN C 42 -8.43 62.64 -0.50
N LEU C 43 -9.55 62.13 -1.01
CA LEU C 43 -9.98 60.76 -0.74
C LEU C 43 -9.25 59.73 -1.61
N THR C 44 -8.87 60.16 -2.81
CA THR C 44 -8.08 59.32 -3.70
C THR C 44 -6.68 59.16 -3.17
N HIS C 45 -6.22 60.17 -2.43
CA HIS C 45 -4.91 60.14 -1.78
C HIS C 45 -4.89 59.08 -0.68
N SER C 46 -6.07 58.52 -0.39
CA SER C 46 -6.20 57.42 0.56
C SER C 46 -5.85 56.12 -0.12
N LEU C 47 -5.97 56.12 -1.44
CA LEU C 47 -5.58 54.99 -2.26
C LEU C 47 -4.08 55.02 -2.45
N ARG C 48 -3.54 56.21 -2.69
CA ARG C 48 -2.12 56.36 -2.98
C ARG C 48 -1.29 55.57 -1.99
N ARG C 49 -1.25 56.04 -0.75
CA ARG C 49 -0.53 55.36 0.31
C ARG C 49 -0.87 53.87 0.42
N ILE C 50 -2.16 53.56 0.41
CA ILE C 50 -2.60 52.18 0.55
C ILE C 50 -1.90 51.25 -0.45
N ARG C 51 -2.02 51.56 -1.74
CA ARG C 51 -1.51 50.68 -2.79
C ARG C 51 0.02 50.58 -2.85
N ASP C 52 0.71 51.63 -2.41
CA ASP C 52 2.17 51.60 -2.38
C ASP C 52 2.66 50.83 -1.15
N GLU C 53 1.76 50.58 -0.21
CA GLU C 53 2.00 49.66 0.89
C GLU C 53 1.75 48.19 0.50
N SER C 55 2.47 46.90 -2.47
CA SER C 55 3.75 46.55 -3.08
C SER C 55 4.84 46.45 -2.03
N LYS C 56 4.59 47.06 -0.86
CA LYS C 56 5.54 47.05 0.25
C LYS C 56 5.62 45.67 0.89
N ALA C 57 4.80 44.74 0.40
CA ALA C 57 4.92 43.33 0.73
C ALA C 57 6.11 42.77 -0.08
N GLU C 58 6.49 41.50 0.12
CA GLU C 58 5.83 40.55 1.03
C GLU C 58 6.39 40.52 2.45
N LEU C 59 7.42 41.33 2.72
CA LEU C 59 7.97 41.47 4.07
C LEU C 59 6.96 42.22 4.97
N PRO C 60 6.51 41.56 6.06
CA PRO C 60 5.44 41.88 7.02
C PRO C 60 5.66 43.10 7.94
N GLN C 61 4.67 43.99 8.05
CA GLN C 61 4.80 45.18 8.92
C GLN C 61 3.54 45.71 9.63
N TRP C 62 3.65 45.94 10.95
CA TRP C 62 2.69 46.79 11.67
C TRP C 62 1.24 46.59 11.25
N TYR C 63 0.66 45.45 11.62
CA TYR C 63 -0.75 45.19 11.28
C TYR C 63 -1.69 46.21 11.93
N THR C 64 -1.51 46.43 13.23
CA THR C 64 -2.31 47.41 13.96
C THR C 64 -2.23 48.77 13.29
N LEU C 65 -1.01 49.25 13.12
CA LEU C 65 -0.78 50.58 12.57
C LEU C 65 -1.36 50.72 11.17
N GLN C 66 -0.95 49.84 10.26
CA GLN C 66 -1.38 49.91 8.88
C GLN C 66 -2.88 49.64 8.77
N SER C 67 -3.35 48.56 9.38
CA SER C 67 -4.76 48.21 9.32
C SER C 67 -5.63 49.38 9.74
N GLN C 68 -5.28 49.98 10.86
CA GLN C 68 -5.97 51.19 11.31
C GLN C 68 -5.72 52.36 10.35
N LEU C 69 -4.56 52.39 9.70
CA LEU C 69 -4.21 53.47 8.78
C LEU C 69 -4.73 53.23 7.37
N ASN C 70 -5.11 51.98 7.10
CA ASN C 70 -5.89 51.64 5.92
C ASN C 70 -7.42 51.79 6.09
N VAL C 71 -7.93 51.36 7.23
CA VAL C 71 -9.35 51.52 7.57
C VAL C 71 -9.71 53.01 7.61
N THR C 72 -8.94 53.77 8.37
CA THR C 72 -9.15 55.21 8.50
C THR C 72 -9.17 55.95 7.16
N LEU C 73 -8.35 55.51 6.20
CA LEU C 73 -8.26 56.12 4.89
C LEU C 73 -9.38 55.64 3.97
N SER C 74 -9.99 54.53 4.36
CA SER C 74 -11.12 54.01 3.62
C SER C 74 -12.40 54.75 4.00
N GLN C 75 -12.58 54.92 5.30
CA GLN C 75 -13.80 55.54 5.81
C GLN C 75 -14.09 56.80 5.00
N LEU C 76 -13.10 57.67 4.88
CA LEU C 76 -13.28 58.98 4.27
C LEU C 76 -13.76 58.90 2.83
N VAL C 77 -13.59 57.75 2.21
CA VAL C 77 -14.02 57.59 0.84
C VAL C 77 -15.53 57.64 0.83
N SER C 78 -16.11 57.04 1.86
CA SER C 78 -17.55 57.00 2.04
C SER C 78 -18.09 58.36 2.50
N VAL C 79 -17.28 59.10 3.26
CA VAL C 79 -17.65 60.44 3.76
C VAL C 79 -17.50 61.51 2.67
N THR C 80 -16.59 61.27 1.73
CA THR C 80 -16.61 62.02 0.48
C THR C 80 -17.62 61.35 -0.43
N SER C 81 -17.91 60.08 -0.15
CA SER C 81 -19.04 59.41 -0.78
C SER C 81 -20.32 60.01 -0.20
N THR C 82 -20.24 60.51 1.03
CA THR C 82 -21.40 61.13 1.68
C THR C 82 -21.66 62.56 1.20
N LEU C 83 -20.60 63.36 1.20
CA LEU C 83 -20.69 64.76 0.82
C LEU C 83 -21.11 64.86 -0.64
N GLN C 84 -21.11 63.71 -1.33
CA GLN C 84 -21.60 63.67 -2.69
C GLN C 84 -23.13 63.55 -2.74
N HIS C 85 -23.71 62.89 -1.75
CA HIS C 85 -25.16 62.65 -1.71
C HIS C 85 -25.99 63.93 -1.43
N PHE C 86 -25.33 64.95 -0.89
CA PHE C 86 -25.94 66.28 -0.72
C PHE C 86 -25.94 66.96 -2.07
N GLN C 87 -24.95 66.60 -2.89
CA GLN C 87 -24.82 67.08 -4.26
C GLN C 87 -25.46 66.12 -5.24
N GLU C 88 -26.17 65.13 -4.70
CA GLU C 88 -26.79 64.05 -5.49
C GLU C 88 -27.77 64.54 -6.57
N THR C 89 -28.20 65.79 -6.47
CA THR C 89 -29.06 66.37 -7.50
C THR C 89 -28.29 66.66 -8.80
N LEU C 90 -26.96 66.77 -8.70
CA LEU C 90 -26.11 67.02 -9.86
C LEU C 90 -25.42 65.76 -10.45
N ASP C 91 -25.61 64.61 -9.80
CA ASP C 91 -25.23 63.33 -10.37
C ASP C 91 -26.47 62.69 -10.98
N SER C 92 -27.60 63.39 -10.84
CA SER C 92 -28.94 62.98 -11.31
C SER C 92 -29.36 63.83 -12.50
N THR C 93 -29.49 65.13 -12.26
CA THR C 93 -29.41 66.07 -13.36
C THR C 93 -28.14 65.61 -14.03
N VAL C 94 -27.23 65.14 -13.17
CA VAL C 94 -26.02 64.38 -13.51
C VAL C 94 -24.91 65.27 -14.04
N VAL C 95 -25.26 66.47 -14.45
CA VAL C 95 -24.27 67.43 -14.87
C VAL C 95 -23.54 66.85 -16.09
N TYR C 96 -23.94 65.65 -16.49
CA TYR C 96 -23.09 64.73 -17.24
C TYR C 96 -22.53 65.21 -18.57
N PRO C 97 -21.84 64.31 -19.28
CA PRO C 97 -20.72 64.60 -20.18
C PRO C 97 -21.02 65.52 -21.37
N LEU C 98 -21.36 66.76 -21.03
CA LEU C 98 -21.25 67.90 -21.92
C LEU C 98 -19.77 68.08 -22.23
N PRO C 99 -18.94 67.75 -21.24
CA PRO C 99 -17.58 67.73 -20.67
C PRO C 99 -16.44 67.25 -21.57
N LYS C 100 -16.67 66.46 -22.61
CA LYS C 100 -15.53 65.91 -23.32
C LYS C 100 -15.16 66.74 -24.55
N PHE C 101 -14.18 67.62 -24.34
CA PHE C 101 -13.57 68.46 -25.36
C PHE C 101 -12.52 67.83 -26.30
N PRO C 102 -11.49 67.22 -25.70
CA PRO C 102 -10.11 67.07 -26.19
C PRO C 102 -9.92 66.65 -27.65
N THR C 103 -10.81 65.82 -28.18
CA THR C 103 -10.56 65.22 -29.49
C THR C 103 -9.27 64.36 -29.43
N THR C 104 -9.33 63.25 -28.67
CA THR C 104 -8.14 62.44 -28.43
C THR C 104 -8.20 61.18 -29.28
N SER C 105 -7.60 61.30 -30.46
CA SER C 105 -8.31 61.07 -31.72
C SER C 105 -9.09 59.78 -31.81
N HIS C 106 -8.39 58.67 -31.58
CA HIS C 106 -9.02 57.46 -31.09
C HIS C 106 -8.65 57.16 -29.63
N GLU C 107 -7.33 57.07 -29.37
CA GLU C 107 -6.70 56.44 -28.20
C GLU C 107 -7.37 56.75 -26.88
N SER C 108 -8.28 57.70 -26.90
CA SER C 108 -9.19 58.00 -25.79
C SER C 108 -10.38 57.03 -25.68
N LEU C 109 -10.49 56.07 -26.60
CA LEU C 109 -11.44 54.96 -26.43
C LEU C 109 -11.17 54.24 -25.11
N VAL C 110 -9.90 54.23 -24.69
CA VAL C 110 -9.49 53.69 -23.40
C VAL C 110 -9.78 54.74 -22.34
N THR C 111 -9.97 55.96 -22.78
CA THR C 111 -10.43 56.99 -21.90
C THR C 111 -11.91 56.99 -22.05
N THR C 112 -12.39 56.23 -23.03
CA THR C 112 -13.83 56.08 -23.28
C THR C 112 -14.51 55.01 -22.39
N LEU C 113 -13.86 53.87 -22.22
CA LEU C 113 -14.25 52.94 -21.18
C LEU C 113 -13.91 53.59 -19.84
N LEU C 114 -12.95 54.52 -19.85
CA LEU C 114 -12.51 55.30 -18.68
C LEU C 114 -13.42 56.49 -18.38
N ARG C 115 -13.86 57.16 -19.42
CA ARG C 115 -14.86 58.20 -19.29
C ARG C 115 -16.21 57.57 -19.01
N LYS C 116 -16.33 56.39 -19.61
CA LYS C 116 -17.49 55.56 -19.63
C LYS C 116 -17.89 55.07 -18.28
N LYS C 117 -16.95 54.70 -17.44
CA LYS C 117 -17.43 54.24 -16.17
C LYS C 117 -18.34 53.07 -16.47
N ASN C 118 -19.59 53.20 -16.05
CA ASN C 118 -20.57 52.14 -16.19
C ASN C 118 -20.30 51.11 -15.14
N ILE C 119 -20.86 49.92 -15.29
CA ILE C 119 -20.72 48.97 -14.22
C ILE C 119 -19.95 47.74 -14.58
N PRO C 120 -18.99 47.45 -13.73
CA PRO C 120 -18.12 46.29 -13.87
C PRO C 120 -18.83 45.07 -13.41
N GLU C 121 -18.05 44.02 -13.20
CA GLU C 121 -18.68 42.81 -12.79
C GLU C 121 -19.31 43.39 -11.56
N VAL C 122 -18.62 44.29 -10.85
CA VAL C 122 -19.35 44.69 -9.65
C VAL C 122 -20.87 44.66 -9.91
N ASP C 123 -21.26 44.85 -11.17
CA ASP C 123 -22.65 44.68 -11.62
C ASP C 123 -23.05 43.22 -11.55
N GLU C 124 -22.13 42.35 -11.94
CA GLU C 124 -22.28 40.91 -11.77
C GLU C 124 -22.47 40.62 -10.30
N TRP C 125 -21.93 41.51 -9.47
CA TRP C 125 -22.12 41.41 -8.03
C TRP C 125 -23.29 42.25 -7.56
N LYS C 127 -26.28 42.04 -9.22
CA LYS C 127 -27.38 41.09 -9.38
C LYS C 127 -27.31 40.05 -8.27
N TYR C 128 -26.11 39.83 -7.72
CA TYR C 128 -25.94 39.02 -6.53
C TYR C 128 -26.55 39.79 -5.37
N VAL C 129 -26.67 41.11 -5.59
CA VAL C 129 -27.43 41.97 -4.73
C VAL C 129 -28.89 41.84 -5.12
N ARG C 130 -29.13 41.46 -6.37
CA ARG C 130 -30.47 41.22 -6.89
C ARG C 130 -31.07 39.86 -6.50
N GLU C 131 -30.22 38.84 -6.37
CA GLU C 131 -30.65 37.53 -5.87
C GLU C 131 -30.58 37.47 -4.34
N THR C 132 -29.83 38.40 -3.73
CA THR C 132 -29.88 38.60 -2.29
C THR C 132 -31.13 39.40 -2.03
N SER C 133 -31.47 40.26 -2.99
CA SER C 133 -32.77 40.91 -3.03
C SER C 133 -33.79 39.78 -2.90
N GLY C 134 -33.45 38.62 -3.46
CA GLY C 134 -34.15 37.38 -3.17
C GLY C 134 -35.66 37.46 -3.25
N VAL C 135 -36.37 37.19 -2.17
CA VAL C 135 -37.79 37.53 -2.16
C VAL C 135 -38.35 37.84 -0.79
N THR C 136 -39.37 38.69 -0.77
CA THR C 136 -39.71 39.52 -1.91
C THR C 136 -40.46 38.77 -2.99
N THR C 137 -40.77 39.47 -4.06
CA THR C 137 -40.62 40.90 -4.13
C THR C 137 -41.39 41.23 -5.37
N ALA C 138 -41.57 42.50 -5.65
CA ALA C 138 -42.28 42.85 -6.86
C ALA C 138 -41.51 42.35 -8.08
N LEU C 139 -42.28 41.85 -9.02
CA LEU C 139 -43.70 41.88 -8.81
C LEU C 139 -43.96 41.05 -7.59
N LEU C 140 -44.63 41.66 -6.62
CA LEU C 140 -44.92 41.01 -5.35
C LEU C 140 -46.22 41.53 -4.79
N LYS C 141 -46.17 42.80 -4.42
CA LYS C 141 -47.34 43.54 -3.96
C LYS C 141 -47.20 44.90 -4.59
N ASP C 142 -48.28 45.64 -4.63
CA ASP C 142 -48.19 47.04 -4.99
C ASP C 142 -48.60 47.69 -3.72
N GLU C 143 -47.77 48.56 -3.19
CA GLU C 143 -48.23 49.19 -1.99
C GLU C 143 -48.58 48.10 -1.00
N GLU C 144 -49.75 48.25 -0.38
CA GLU C 144 -49.86 47.75 0.99
C GLU C 144 -48.86 46.69 1.48
N ILE C 145 -48.13 46.08 0.56
CA ILE C 145 -47.02 45.24 0.98
C ILE C 145 -45.84 46.15 1.30
N GLU C 146 -45.62 47.15 0.46
CA GLU C 146 -44.58 48.14 0.70
C GLU C 146 -44.83 48.92 1.98
N LYS C 147 -46.08 49.32 2.20
CA LYS C 147 -46.45 50.02 3.43
C LYS C 147 -46.32 49.06 4.63
N LEU C 148 -46.10 47.78 4.36
CA LEU C 148 -45.72 46.83 5.41
C LEU C 148 -44.19 46.60 5.43
N LEU C 149 -43.47 47.22 4.49
CA LEU C 149 -42.00 47.32 4.51
C LEU C 149 -41.54 48.52 5.30
N GLN C 150 -42.27 49.62 5.16
CA GLN C 150 -41.96 50.85 5.86
C GLN C 150 -42.46 50.75 7.30
N GLN C 151 -43.62 50.13 7.47
CA GLN C 151 -44.13 49.87 8.80
C GLN C 151 -43.35 48.72 9.42
N ASP C 152 -42.56 48.05 8.59
CA ASP C 152 -41.59 47.02 9.02
C ASP C 152 -40.22 47.58 9.48
N ARG C 153 -39.80 48.71 8.92
CA ARG C 153 -38.58 49.35 9.36
C ARG C 153 -38.85 50.13 10.63
N GLU C 154 -39.95 50.88 10.63
CA GLU C 154 -40.24 51.83 11.70
C GLU C 154 -40.36 51.17 13.06
N ILE C 155 -40.61 49.86 13.09
CA ILE C 155 -40.76 49.11 14.36
C ILE C 155 -39.43 48.55 14.85
N THR C 156 -38.43 48.61 13.97
CA THR C 156 -37.06 48.30 14.33
C THR C 156 -36.50 49.52 15.06
N ASN C 157 -37.12 50.66 14.80
CA ASN C 157 -36.70 51.94 15.35
C ASN C 157 -37.02 52.07 16.84
N TRP C 158 -38.23 51.65 17.22
CA TRP C 158 -38.68 51.81 18.58
C TRP C 158 -37.97 50.85 19.52
N ALA C 159 -37.56 49.71 18.99
CA ALA C 159 -36.81 48.74 19.77
C ALA C 159 -35.49 49.35 20.20
N ARG C 160 -35.05 50.40 19.48
CA ARG C 160 -33.79 51.12 19.79
C ARG C 160 -33.88 52.24 20.86
N THR C 161 -35.10 52.75 21.10
CA THR C 161 -35.34 53.71 22.19
C THR C 161 -35.68 52.96 23.46
N THR C 162 -35.95 51.66 23.31
CA THR C 162 -35.99 50.74 24.43
C THR C 162 -34.58 50.26 24.72
N PHE C 163 -33.70 50.37 23.73
CA PHE C 163 -32.30 49.99 23.86
C PHE C 163 -31.40 51.02 24.55
N ARG C 164 -31.44 52.24 24.06
CA ARG C 164 -30.62 53.28 24.65
C ARG C 164 -31.06 53.58 26.07
N ASN C 165 -32.31 53.24 26.39
CA ASN C 165 -32.89 53.51 27.70
C ASN C 165 -32.41 52.52 28.77
N GLU C 166 -32.08 51.30 28.35
CA GLU C 166 -31.51 50.29 29.24
C GLU C 166 -29.99 50.32 29.21
N TYR C 167 -29.44 51.10 28.30
CA TYR C 167 -27.99 51.22 28.14
C TYR C 167 -27.39 52.17 29.18
N GLY C 168 -28.06 53.29 29.41
CA GLY C 168 -27.62 54.30 30.37
C GLY C 168 -27.74 53.72 31.75
N LYS C 169 -28.14 52.45 31.80
CA LYS C 169 -28.27 51.69 33.03
C LYS C 169 -26.97 51.61 33.83
N HIS C 170 -25.95 50.96 33.29
CA HIS C 170 -24.65 50.85 33.99
C HIS C 170 -23.58 51.86 33.54
N ASP C 171 -23.89 52.66 32.53
CA ASP C 171 -22.93 53.61 31.96
C ASP C 171 -22.45 54.62 33.00
N PRO C 195 12.30 66.92 47.21
CA PRO C 195 12.09 68.20 47.88
C PRO C 195 13.33 69.10 47.89
N PHE C 196 14.52 68.48 48.01
CA PHE C 196 15.78 69.22 47.99
C PHE C 196 15.96 69.95 46.66
N ASN C 197 16.62 71.10 46.69
CA ASN C 197 16.64 72.00 45.55
C ASN C 197 17.08 71.29 44.27
N VAL C 198 16.55 71.71 43.13
CA VAL C 198 16.89 71.06 41.88
C VAL C 198 18.40 70.97 41.86
N ASP C 199 18.89 69.80 41.43
CA ASP C 199 20.32 69.44 41.51
C ASP C 199 21.27 70.47 40.92
N ASP C 200 20.76 71.31 40.01
CA ASP C 200 21.53 72.45 39.52
C ASP C 200 22.14 73.21 40.68
N VAL C 201 21.31 73.86 41.49
CA VAL C 201 21.78 74.61 42.65
C VAL C 201 22.67 73.78 43.60
N LEU C 202 22.52 72.46 43.54
CA LEU C 202 23.39 71.56 44.29
C LEU C 202 24.73 71.37 43.55
N LYS C 203 24.69 71.45 42.22
CA LYS C 203 25.90 71.51 41.39
C LYS C 203 26.45 72.94 41.41
N PHE C 204 25.56 73.89 41.69
CA PHE C 204 25.96 75.24 42.04
C PHE C 204 26.33 75.22 43.51
N THR C 205 25.93 74.15 44.19
CA THR C 205 26.43 73.86 45.52
C THR C 205 27.67 72.96 45.42
N PHE C 206 27.92 72.47 44.21
CA PHE C 206 29.20 71.88 43.88
C PHE C 206 30.04 73.01 43.33
N THR C 207 29.37 74.15 43.14
CA THR C 207 30.00 75.45 42.93
C THR C 207 30.03 76.26 44.23
N GLY C 208 29.49 75.68 45.30
CA GLY C 208 29.47 76.32 46.61
C GLY C 208 28.19 77.07 46.89
N GLU C 209 27.50 77.48 45.84
CA GLU C 209 26.29 78.29 45.97
C GLU C 209 25.40 77.64 47.00
N LYS C 210 24.81 78.47 47.85
CA LYS C 210 23.88 78.01 48.86
C LYS C 210 22.47 77.97 48.29
N GLN D 4 2.18 52.16 36.02
CA GLN D 4 1.57 52.51 34.74
C GLN D 4 0.29 53.29 34.93
N ALA D 5 0.38 54.61 34.74
CA ALA D 5 -0.80 55.48 34.71
C ALA D 5 -1.28 55.67 33.28
N LEU D 6 -0.49 55.21 32.32
CA LEU D 6 -0.83 55.28 30.89
C LEU D 6 -1.57 54.04 30.34
N TYR D 7 -1.57 52.96 31.10
CA TYR D 7 -2.39 51.82 30.78
C TYR D 7 -3.78 52.19 31.21
N GLU D 8 -3.86 53.11 32.16
CA GLU D 8 -5.13 53.65 32.61
C GLU D 8 -5.69 54.67 31.63
N LYS D 9 -4.81 55.48 31.05
CA LYS D 9 -5.24 56.54 30.15
C LYS D 9 -5.63 56.03 28.77
N LEU D 10 -4.93 54.99 28.30
CA LEU D 10 -5.27 54.26 27.05
C LEU D 10 -6.32 53.12 27.16
N GLU D 11 -6.21 52.33 28.21
CA GLU D 11 -7.11 51.22 28.39
C GLU D 11 -8.29 51.62 29.28
N GLN D 12 -8.32 52.86 29.76
CA GLN D 12 -9.57 53.46 30.22
C GLN D 12 -10.13 54.36 29.13
N THR D 13 -9.35 54.57 28.07
CA THR D 13 -9.89 55.13 26.85
C THR D 13 -10.20 53.93 25.98
N ARG D 14 -9.70 52.78 26.40
CA ARG D 14 -10.16 51.48 25.91
C ARG D 14 -11.40 51.01 26.69
N THR D 15 -11.51 51.47 27.92
CA THR D 15 -12.72 51.26 28.70
C THR D 15 -13.78 52.15 28.08
N ILE D 16 -13.39 53.39 27.80
CA ILE D 16 -14.20 54.25 26.97
C ILE D 16 -14.34 53.60 25.60
N LEU D 17 -13.42 52.70 25.26
CA LEU D 17 -13.44 51.97 23.99
C LEU D 17 -14.38 50.78 24.01
N SER D 18 -14.52 50.16 25.18
CA SER D 18 -15.58 49.20 25.36
C SER D 18 -16.86 50.02 25.34
N VAL D 19 -16.74 51.26 25.83
CA VAL D 19 -17.86 52.19 25.88
C VAL D 19 -18.14 52.75 24.50
N LYS D 20 -17.09 52.90 23.71
CA LYS D 20 -17.23 53.31 22.32
C LYS D 20 -17.57 52.13 21.43
N LEU D 21 -17.15 50.92 21.83
CA LEU D 21 -17.32 49.72 21.00
C LEU D 21 -18.72 49.16 21.03
N ALA D 22 -19.42 49.36 22.14
CA ALA D 22 -20.83 49.03 22.22
C ALA D 22 -21.68 50.16 21.64
N GLU D 23 -21.07 51.34 21.50
CA GLU D 23 -21.76 52.54 21.06
C GLU D 23 -22.19 52.55 19.58
N LEU D 24 -21.23 52.37 18.68
CA LEU D 24 -21.47 52.55 17.25
C LEU D 24 -21.74 51.21 16.58
N ILE D 25 -21.70 50.15 17.38
CA ILE D 25 -21.92 48.80 16.88
C ILE D 25 -23.41 48.40 16.89
N ASN D 26 -23.98 48.27 18.08
CA ASN D 26 -25.41 48.12 18.18
C ASN D 26 -26.03 49.25 17.39
N THR D 28 -25.65 49.98 14.86
CA THR D 28 -25.71 49.55 13.50
C THR D 28 -27.06 50.03 13.04
N THR D 29 -27.04 50.89 12.03
CA THR D 29 -28.19 51.67 11.64
C THR D 29 -29.17 50.81 10.88
N ILE D 30 -30.41 51.27 10.82
CA ILE D 30 -31.43 50.63 9.99
C ILE D 30 -31.02 50.64 8.53
N SER D 46 -29.02 57.39 0.09
CA SER D 46 -28.41 57.33 -1.24
C SER D 46 -28.45 55.91 -1.81
N GLU D 47 -28.16 55.79 -3.09
CA GLU D 47 -28.22 54.51 -3.80
C GLU D 47 -26.91 53.74 -3.73
N LEU D 48 -25.86 54.34 -4.27
CA LEU D 48 -24.54 53.75 -4.27
C LEU D 48 -23.93 53.74 -2.87
N ALA D 49 -24.17 54.79 -2.10
CA ALA D 49 -23.53 54.92 -0.79
C ALA D 49 -24.31 54.29 0.36
N VAL D 50 -25.54 53.86 0.08
CA VAL D 50 -26.34 53.11 1.07
C VAL D 50 -26.32 51.58 0.86
N ALA D 51 -25.65 51.17 -0.22
CA ALA D 51 -25.06 49.85 -0.31
C ALA D 51 -23.71 49.91 0.39
N THR D 52 -23.07 51.07 0.31
CA THR D 52 -21.79 51.33 0.98
C THR D 52 -21.89 51.12 2.48
N THR D 53 -22.64 51.99 3.16
CA THR D 53 -22.66 51.98 4.62
C THR D 53 -23.08 50.65 5.27
N SER D 54 -23.61 49.71 4.47
CA SER D 54 -24.16 48.44 4.98
C SER D 54 -23.14 47.34 5.27
N VAL D 55 -22.06 47.32 4.49
CA VAL D 55 -20.84 46.56 4.82
C VAL D 55 -19.75 47.46 5.43
N VAL D 58 -20.24 46.34 8.83
CA VAL D 58 -20.01 44.91 9.02
C VAL D 58 -18.52 44.78 9.27
N ASN D 59 -17.75 45.61 8.56
CA ASN D 59 -16.32 45.80 8.79
C ASN D 59 -15.92 46.74 9.92
N ASN D 60 -16.50 47.95 10.00
CA ASN D 60 -16.10 48.94 11.01
C ASN D 60 -16.87 48.92 12.34
N GLN D 61 -17.99 48.18 12.39
CA GLN D 61 -18.62 47.81 13.65
C GLN D 61 -17.99 46.54 14.21
N THR D 62 -17.70 45.59 13.34
CA THR D 62 -17.00 44.37 13.73
C THR D 62 -15.48 44.51 13.72
N GLN D 64 -13.96 47.45 14.85
CA GLN D 64 -13.90 48.02 16.18
C GLN D 64 -14.41 47.02 17.20
N LEU D 65 -15.07 45.98 16.72
CA LEU D 65 -15.52 44.90 17.57
C LEU D 65 -14.41 43.90 17.87
N ILE D 66 -13.49 43.71 16.92
CA ILE D 66 -12.29 42.92 17.15
C ILE D 66 -11.23 43.86 17.66
N LYS D 67 -11.58 45.14 17.69
CA LYS D 67 -10.73 46.21 18.25
C LYS D 67 -10.85 46.31 19.77
N ASN D 68 -12.06 46.11 20.27
CA ASN D 68 -12.25 45.93 21.69
C ASN D 68 -12.22 44.44 22.03
N VAL D 69 -12.18 43.61 20.99
CA VAL D 69 -11.90 42.18 21.13
C VAL D 69 -10.39 42.04 21.24
N GLN D 70 -9.70 42.93 20.55
CA GLN D 70 -8.25 43.03 20.63
C GLN D 70 -7.85 43.74 21.92
N ASP D 71 -8.64 44.71 22.33
CA ASP D 71 -8.41 45.34 23.62
C ASP D 71 -9.00 44.46 24.70
N LEU D 72 -9.66 43.36 24.30
CA LEU D 72 -10.09 42.30 25.21
C LEU D 72 -8.93 41.36 25.52
N LEU D 73 -8.19 41.04 24.46
CA LEU D 73 -6.99 40.20 24.52
C LEU D 73 -5.83 40.95 25.10
N ILE D 74 -5.58 42.14 24.58
CA ILE D 74 -4.54 43.01 25.13
C ILE D 74 -4.68 43.09 26.65
N LEU D 75 -5.91 43.29 27.10
CA LEU D 75 -6.19 43.39 28.52
C LEU D 75 -6.55 42.06 29.18
N THR D 76 -6.75 41.03 28.37
CA THR D 76 -6.94 39.72 28.95
C THR D 76 -5.62 39.02 29.39
N ARG D 77 -4.60 39.06 28.53
CA ARG D 77 -3.28 38.50 28.84
C ARG D 77 -2.25 39.53 29.31
N SER D 78 -2.63 40.82 29.33
CA SER D 78 -1.81 41.86 29.96
C SER D 78 -2.28 42.11 31.38
N ILE D 79 -3.27 41.34 31.81
CA ILE D 79 -3.59 41.22 33.22
C ILE D 79 -2.61 40.21 33.76
N LYS D 80 -2.01 39.45 32.85
CA LYS D 80 -1.01 38.44 33.15
C LYS D 80 0.39 39.01 33.36
N GLU D 81 0.72 40.09 32.65
CA GLU D 81 1.97 40.83 32.83
C GLU D 81 1.95 41.55 34.16
N LYS D 82 0.85 41.41 34.90
CA LYS D 82 0.75 41.85 36.29
C LYS D 82 1.29 40.78 37.26
N TRP D 83 1.75 39.69 36.67
CA TRP D 83 2.56 38.71 37.37
C TRP D 83 3.88 39.31 37.85
N LEU D 84 4.77 39.63 36.92
CA LEU D 84 6.12 40.11 37.22
C LEU D 84 6.74 39.41 38.43
N PHE D 99 23.99 30.65 56.93
CA PHE D 99 24.75 29.53 56.38
C PHE D 99 25.43 28.68 57.49
N ASP D 100 25.63 27.40 57.21
CA ASP D 100 26.04 26.39 58.21
C ASP D 100 27.57 26.26 58.44
N GLU D 101 28.34 27.10 57.76
CA GLU D 101 29.78 26.95 57.69
C GLU D 101 30.42 26.73 59.05
N LYS D 102 29.85 27.33 60.08
CA LYS D 102 30.53 27.37 61.36
C LYS D 102 31.86 28.09 61.16
N GLN D 103 31.84 29.15 60.34
CA GLN D 103 33.03 29.87 59.86
C GLN D 103 33.96 29.00 58.99
N ILE D 104 35.25 28.97 59.33
CA ILE D 104 36.20 28.06 58.68
C ILE D 104 36.37 26.73 59.45
N GLU D 105 35.85 26.69 60.67
CA GLU D 105 35.88 25.51 61.52
C GLU D 105 35.34 24.34 60.73
N GLU D 106 34.07 24.41 60.37
CA GLU D 106 33.43 23.33 59.62
C GLU D 106 33.78 23.52 58.15
N LEU D 107 34.68 24.47 57.89
CA LEU D 107 35.23 24.62 56.55
C LEU D 107 36.56 23.94 56.43
N LEU D 108 37.59 24.48 57.09
CA LEU D 108 38.93 23.90 57.02
C LEU D 108 39.13 22.61 57.84
N ASP D 109 38.15 22.24 58.67
CA ASP D 109 38.21 20.98 59.42
C ASP D 109 37.79 19.84 58.51
N ASN D 110 36.81 20.12 57.66
CA ASN D 110 36.44 19.21 56.59
C ASN D 110 37.09 19.57 55.25
N CYS D 111 37.97 20.57 55.24
CA CYS D 111 38.71 20.92 54.02
C CYS D 111 40.05 20.21 54.02
N ILE D 112 40.32 19.48 55.08
CA ILE D 112 41.52 18.68 55.19
C ILE D 112 41.12 17.24 55.04
N GLU D 113 40.27 16.78 55.96
CA GLU D 113 39.81 15.38 55.95
C GLU D 113 39.06 15.06 54.66
N THR D 114 38.91 16.06 53.79
CA THR D 114 38.48 15.78 52.44
C THR D 114 39.67 15.34 51.60
N PHE D 115 40.65 16.24 51.46
CA PHE D 115 41.88 16.00 50.67
C PHE D 115 43.07 15.24 51.31
N VAL D 116 43.25 15.35 52.62
CA VAL D 116 44.29 14.59 53.30
C VAL D 116 43.79 13.24 53.82
N ALA D 117 42.48 13.09 53.82
CA ALA D 117 41.86 11.79 53.89
C ALA D 117 41.55 11.39 52.47
N GLU D 118 41.98 12.22 51.53
CA GLU D 118 41.91 11.85 50.13
C GLU D 118 43.21 11.14 49.74
N LYS D 119 44.34 11.86 49.79
CA LYS D 119 45.64 11.26 49.52
C LYS D 119 46.49 11.19 50.78
N THR D 120 46.71 9.97 51.29
CA THR D 120 47.56 9.75 52.47
C THR D 120 47.61 8.27 52.85
N VAL E 2 39.93 63.30 29.21
CA VAL E 2 38.91 62.30 28.96
C VAL E 2 37.52 62.87 29.17
N GLN E 3 36.70 62.85 28.12
CA GLN E 3 35.34 63.39 28.16
C GLN E 3 34.34 62.35 28.69
N GLN E 4 33.74 62.67 29.84
CA GLN E 4 32.75 61.81 30.48
C GLN E 4 31.40 62.52 30.57
N LEU E 5 30.31 61.75 30.62
CA LEU E 5 28.95 62.30 30.65
C LEU E 5 28.17 61.78 31.86
N SER E 6 27.22 62.56 32.38
CA SER E 6 26.40 62.15 33.55
C SER E 6 25.06 62.90 33.86
N LEU E 7 24.20 62.24 34.66
CA LEU E 7 22.89 62.77 35.16
C LEU E 7 22.31 62.00 36.40
N PHE E 8 21.30 62.56 37.07
CA PHE E 8 20.77 61.99 38.34
C PHE E 8 19.32 62.33 38.76
N GLY E 9 18.81 61.60 39.77
CA GLY E 9 17.48 61.80 40.35
C GLY E 9 17.32 61.24 41.77
N SER E 10 16.14 61.42 42.39
CA SER E 10 15.93 61.03 43.81
C SER E 10 14.51 60.51 44.19
N ILE E 11 14.44 59.76 45.30
CA ILE E 11 13.17 59.20 45.81
C ILE E 11 13.16 58.97 47.33
N GLY E 12 11.97 58.78 47.89
CA GLY E 12 11.84 58.82 49.33
C GLY E 12 12.73 57.80 49.96
N ASP E 13 12.84 57.82 51.27
CA ASP E 13 13.65 56.85 51.96
C ASP E 13 13.02 55.45 51.95
N ASP E 14 11.68 55.43 52.06
CA ASP E 14 10.87 54.21 52.22
C ASP E 14 10.78 53.38 50.92
N GLY E 15 10.53 54.06 49.81
CA GLY E 15 10.53 53.48 48.48
C GLY E 15 11.93 53.39 47.91
N TYR E 16 12.93 53.44 48.81
CA TYR E 16 14.31 53.09 48.49
C TYR E 16 14.64 51.66 48.91
N ASP E 17 13.69 50.99 49.56
CA ASP E 17 13.82 49.57 49.93
C ASP E 17 13.69 48.70 48.68
N LEU E 18 12.64 48.97 47.92
CA LEU E 18 12.49 48.41 46.60
C LEU E 18 13.70 48.76 45.75
N LEU E 19 13.83 50.03 45.40
CA LEU E 19 14.81 50.49 44.42
C LEU E 19 16.20 49.89 44.66
N ILE E 20 16.54 49.64 45.93
CA ILE E 20 17.84 49.04 46.29
C ILE E 20 17.95 47.58 45.88
N SER E 21 16.89 46.80 46.06
CA SER E 21 16.86 45.42 45.57
C SER E 21 16.17 45.32 44.20
N THR E 22 15.68 46.45 43.72
CA THR E 22 15.24 46.61 42.33
C THR E 22 16.38 47.18 41.50
N LEU E 23 17.45 47.59 42.17
CA LEU E 23 18.72 47.84 41.52
C LEU E 23 19.56 46.59 41.64
N THR E 24 19.07 45.66 42.46
CA THR E 24 19.57 44.27 42.53
C THR E 24 18.92 43.32 41.51
N THR E 25 17.63 43.51 41.27
CA THR E 25 16.92 42.72 40.28
C THR E 25 17.25 43.14 38.86
N ILE E 26 17.15 44.45 38.63
CA ILE E 26 17.31 45.04 37.30
C ILE E 26 18.76 45.25 36.86
N SER E 27 19.64 45.55 37.83
CA SER E 27 21.07 45.73 37.56
C SER E 27 21.90 44.44 37.54
N GLY E 28 21.40 43.42 38.22
CA GLY E 28 22.14 42.17 38.32
C GLY E 28 23.19 42.26 39.40
N ASN E 29 23.33 43.45 39.99
CA ASN E 29 24.14 43.60 41.18
C ASN E 29 23.51 44.53 42.20
N PRO E 30 23.63 44.19 43.48
CA PRO E 30 23.12 44.99 44.60
C PRO E 30 24.05 46.16 44.90
N PRO E 31 23.53 47.21 45.56
CA PRO E 31 24.35 48.37 45.92
C PRO E 31 25.38 48.03 46.99
N LEU E 32 26.58 48.61 46.88
CA LEU E 32 27.70 48.34 47.80
C LEU E 32 28.39 49.62 48.29
N LEU E 33 28.78 49.64 49.57
CA LEU E 33 29.17 50.87 50.26
C LEU E 33 30.63 51.31 50.11
N TYR E 34 30.82 52.51 49.55
CA TYR E 34 32.13 53.12 49.46
C TYR E 34 32.10 54.59 49.89
N ASN E 35 32.78 54.89 50.98
CA ASN E 35 32.76 56.24 51.56
C ASN E 35 33.67 57.22 50.84
N SER E 36 33.11 58.38 50.49
CA SER E 36 33.86 59.37 49.71
C SER E 36 33.70 60.76 50.28
N LEU E 37 34.81 61.37 50.70
CA LEU E 37 34.78 62.73 51.22
C LEU E 37 35.54 63.68 50.32
N CYS E 38 34.81 64.52 49.60
CA CYS E 38 35.44 65.46 48.67
C CYS E 38 35.59 66.84 49.32
N THR E 39 36.82 67.36 49.35
CA THR E 39 37.11 68.59 50.08
C THR E 39 37.48 69.67 49.09
N VAL E 40 37.37 70.93 49.51
CA VAL E 40 37.66 72.04 48.60
C VAL E 40 38.83 72.92 49.04
N TRP E 41 39.47 73.53 48.05
CA TRP E 41 40.40 74.61 48.30
C TRP E 41 40.29 75.57 47.14
N LYS E 42 40.18 76.85 47.43
CA LYS E 42 40.25 77.82 46.37
C LYS E 42 41.71 77.85 46.03
N PRO E 43 42.07 78.42 44.87
CA PRO E 43 43.49 78.79 44.90
C PRO E 43 43.63 79.82 46.03
N ASN E 44 44.84 80.07 46.54
CA ASN E 44 44.94 80.95 47.69
C ASN E 44 44.21 82.22 47.31
N PRO E 45 43.12 82.51 48.03
CA PRO E 45 42.17 83.51 47.55
C PRO E 45 42.80 84.89 47.43
N SER E 46 43.90 85.11 48.14
CA SER E 46 44.52 86.42 48.22
C SER E 46 45.57 86.67 47.14
N TYR E 47 45.77 85.69 46.26
CA TYR E 47 46.80 85.77 45.22
C TYR E 47 46.67 86.94 44.23
N ASP E 48 45.63 86.88 43.38
CA ASP E 48 45.33 87.97 42.44
C ASP E 48 46.43 88.33 41.41
N VAL E 49 46.67 87.45 40.44
CA VAL E 49 47.61 87.73 39.35
C VAL E 49 47.34 86.88 38.11
N PRO E 61 35.71 79.59 37.25
CA PRO E 61 37.01 79.04 37.67
C PRO E 61 36.87 77.73 38.45
N ASN E 62 37.91 76.90 38.43
CA ASN E 62 37.93 75.65 39.18
C ASN E 62 38.66 75.75 40.52
N ARG E 63 37.92 75.54 41.60
CA ARG E 63 38.50 75.51 42.94
C ARG E 63 39.22 74.18 43.16
N ILE E 64 40.20 74.17 44.06
CA ILE E 64 40.95 72.95 44.35
C ILE E 64 40.09 71.90 45.07
N LYS E 65 40.27 70.63 44.67
CA LYS E 65 39.48 69.52 45.22
C LYS E 65 40.37 68.44 45.83
N LEU E 66 39.79 67.59 46.69
CA LEU E 66 40.51 66.48 47.33
C LEU E 66 39.57 65.35 47.77
N SER E 67 40.13 64.17 48.04
CA SER E 67 39.31 63.01 48.44
C SER E 67 40.07 61.92 49.21
N LYS E 68 39.33 60.89 49.63
CA LYS E 68 39.89 59.74 50.35
C LYS E 68 38.79 58.76 50.82
N GLU E 69 39.21 57.57 51.22
CA GLU E 69 38.32 56.56 51.81
C GLU E 69 39.08 55.82 52.92
N VAL E 70 38.34 55.51 53.97
CA VAL E 70 38.80 55.74 55.33
C VAL E 70 38.36 54.68 56.32
N PRO E 71 39.11 54.57 57.43
CA PRO E 71 38.89 53.48 58.40
C PRO E 71 37.44 53.45 58.85
N PHE E 72 36.83 52.27 58.78
CA PHE E 72 35.42 52.12 59.10
C PHE E 72 35.17 52.36 60.59
N SER E 73 36.23 52.22 61.38
CA SER E 73 36.17 52.52 62.80
C SER E 73 36.22 54.03 63.00
N TYR E 74 36.84 54.75 62.07
CA TYR E 74 37.02 56.21 62.13
C TYR E 74 35.81 57.02 61.68
N LEU E 75 35.11 56.52 60.67
CA LEU E 75 33.89 57.18 60.23
C LEU E 75 32.86 57.24 61.35
N ILE E 76 32.32 56.09 61.74
CA ILE E 76 31.44 56.01 62.90
C ILE E 76 32.19 55.45 64.09
N ASP E 77 32.32 56.27 65.14
CA ASP E 77 33.15 55.94 66.29
C ASP E 77 32.41 55.36 67.51
N GLU E 78 31.09 55.23 67.40
CA GLU E 78 30.30 54.80 68.55
C GLU E 78 30.06 53.29 68.55
N THR E 79 30.74 52.61 69.45
CA THR E 79 30.69 51.15 69.53
C THR E 79 30.95 50.48 68.19
N ASP E 82 27.66 50.60 66.58
CA ASP E 82 26.63 49.65 66.99
C ASP E 82 26.68 48.32 66.23
N LYS E 83 27.77 47.56 66.42
CA LYS E 83 27.95 46.25 65.77
C LYS E 83 28.15 46.38 64.26
N PRO E 84 28.71 45.33 63.63
CA PRO E 84 29.05 45.33 62.20
C PRO E 84 27.88 45.13 61.24
N LEU E 85 28.06 45.58 60.00
CA LEU E 85 27.10 45.38 58.92
C LEU E 85 27.56 46.09 57.64
N ASN E 86 26.82 45.89 56.55
CA ASN E 86 27.16 46.50 55.28
C ASN E 86 26.25 47.67 54.90
N PHE E 87 24.97 47.37 54.71
CA PHE E 87 23.92 48.34 54.39
C PHE E 87 23.12 48.86 55.60
N ARG E 88 23.58 48.53 56.81
CA ARG E 88 22.95 48.99 58.05
C ARG E 88 23.14 50.48 58.34
N ILE E 89 23.93 51.17 57.52
CA ILE E 89 24.13 52.60 57.68
C ILE E 89 23.10 53.40 56.90
N LEU E 90 22.20 52.67 56.24
CA LEU E 90 21.15 53.27 55.41
C LEU E 90 20.05 53.93 56.22
N LYS E 91 19.51 53.20 57.19
CA LYS E 91 18.37 53.67 57.96
C LYS E 91 18.79 54.42 59.20
N SER E 92 20.09 54.50 59.44
CA SER E 92 20.61 55.07 60.68
C SER E 92 20.74 56.60 60.74
N PHE E 93 21.11 57.24 59.62
CA PHE E 93 21.54 58.64 59.68
C PHE E 93 20.74 59.65 58.83
N THR E 94 20.13 60.61 59.51
CA THR E 94 19.51 61.76 58.85
C THR E 94 19.93 63.09 59.49
N ASN E 95 19.44 63.35 60.70
CA ASN E 95 19.87 64.54 61.47
C ASN E 95 20.99 64.24 62.48
N ASP E 96 21.43 62.98 62.50
CA ASP E 96 22.47 62.49 63.38
C ASP E 96 23.79 62.79 62.70
N LYS E 97 23.70 63.67 61.70
CA LYS E 97 24.62 63.76 60.57
C LYS E 97 26.14 63.83 60.84
N ILE E 98 26.56 64.14 62.06
CA ILE E 98 27.99 64.13 62.34
C ILE E 98 28.42 62.86 63.09
N PRO E 99 29.08 61.93 62.36
CA PRO E 99 29.95 60.80 62.74
C PRO E 99 31.29 61.33 63.24
N LEU E 100 31.72 62.41 62.57
CA LEU E 100 32.85 63.22 62.99
C LEU E 100 32.62 64.70 62.63
N ASN E 101 32.99 65.58 63.56
CA ASN E 101 32.83 67.03 63.38
C ASN E 101 33.68 67.57 62.22
N TYR E 102 34.44 66.65 61.63
CA TYR E 102 35.53 66.89 60.67
C TYR E 102 36.88 67.05 61.34
N ALA E 103 36.87 67.14 62.66
CA ALA E 103 38.08 67.42 63.42
C ALA E 103 38.80 68.57 62.74
N THR E 105 40.24 70.85 59.89
CA THR E 105 40.81 70.64 58.55
C THR E 105 41.54 69.31 58.33
N ARG E 106 42.15 68.78 59.39
CA ARG E 106 42.95 67.56 59.27
C ARG E 106 43.99 67.69 58.16
N ASN E 107 44.16 66.63 57.38
CA ASN E 107 45.23 66.55 56.38
C ASN E 107 45.11 65.38 55.42
N GLU E 127 55.74 66.83 58.27
CA GLU E 127 54.32 66.60 58.07
C GLU E 127 54.01 65.88 56.74
N SER E 128 53.68 64.60 56.82
CA SER E 128 53.40 63.81 55.61
C SER E 128 51.92 63.78 55.24
N CYS E 129 51.62 64.01 53.97
CA CYS E 129 50.26 63.86 53.45
C CYS E 129 50.03 62.40 53.09
N SER E 130 48.80 61.92 53.28
CA SER E 130 48.48 60.55 52.92
C SER E 130 47.99 60.53 51.48
N PRO E 131 47.65 59.34 50.97
CA PRO E 131 47.17 59.30 49.59
C PRO E 131 46.01 60.26 49.37
N TRP E 132 46.11 61.09 48.34
CA TRP E 132 45.09 62.09 48.01
C TRP E 132 45.05 62.33 46.49
N SER E 133 43.90 62.71 45.94
CA SER E 133 43.72 62.77 44.47
C SER E 133 42.81 63.91 43.94
N LEU E 134 42.88 64.17 42.64
CA LEU E 134 42.06 65.22 42.00
C LEU E 134 41.92 65.07 40.48
N GLN E 135 41.33 66.08 39.84
CA GLN E 135 41.06 66.05 38.39
C GLN E 135 40.43 67.36 37.92
N ILE E 136 40.22 67.49 36.61
CA ILE E 136 39.62 68.71 36.05
C ILE E 136 38.64 68.43 34.92
N SER E 137 37.45 69.04 35.00
CA SER E 137 36.43 68.85 33.99
C SER E 137 35.74 70.17 33.61
N ASP E 138 35.63 70.40 32.31
CA ASP E 138 35.09 71.63 31.78
C ASP E 138 33.96 71.32 30.79
N ILE E 139 33.04 72.25 30.65
CA ILE E 139 31.91 72.08 29.77
C ILE E 139 32.30 72.21 28.30
N ARG E 146 20.52 68.33 20.77
CA ARG E 146 21.30 68.52 21.99
C ARG E 146 20.74 67.68 23.13
N SER E 147 21.19 66.44 23.23
CA SER E 147 20.69 65.53 24.25
C SER E 147 21.34 65.75 25.61
N VAL E 148 22.61 65.36 25.74
CA VAL E 148 23.25 65.29 27.04
C VAL E 148 24.52 66.12 27.16
N SER E 149 25.14 66.08 28.35
CA SER E 149 26.33 66.89 28.67
C SER E 149 27.55 66.10 29.16
N GLN E 151 31.75 66.61 30.16
CA GLN E 151 32.85 67.51 30.44
C GLN E 151 34.15 66.80 30.18
N THR E 152 35.15 67.53 29.72
CA THR E 152 36.43 66.91 29.54
C THR E 152 37.08 66.79 30.90
N ILE E 153 37.31 65.56 31.34
CA ILE E 153 37.83 65.28 32.65
C ILE E 153 39.16 64.56 32.54
N ALA E 154 40.22 65.23 32.96
CA ALA E 154 41.56 64.68 32.96
C ALA E 154 42.04 64.58 34.41
N GLU E 155 42.65 63.44 34.77
CA GLU E 155 42.87 63.11 36.18
C GLU E 155 44.32 62.88 36.63
N THR E 156 44.47 62.52 37.91
CA THR E 156 45.77 62.24 38.53
C THR E 156 45.59 61.62 39.95
N ILE E 157 46.69 61.37 40.66
CA ILE E 157 46.68 60.73 42.00
C ILE E 157 47.80 61.27 42.91
N ILE E 158 48.04 60.62 44.05
CA ILE E 158 49.14 61.03 44.93
C ILE E 158 49.67 59.96 45.93
N LEU E 159 50.71 60.33 46.68
CA LEU E 159 51.28 59.44 47.71
C LEU E 159 51.54 60.09 49.07
N SER E 160 52.52 60.99 49.15
CA SER E 160 52.88 61.61 50.44
C SER E 160 53.67 62.93 50.33
N SER E 161 53.71 63.68 51.44
CA SER E 161 54.32 65.00 51.50
C SER E 161 55.26 65.17 52.70
N ALA E 162 56.05 66.26 52.71
CA ALA E 162 57.00 66.52 53.79
C ALA E 162 57.76 67.83 53.59
N GLY E 163 58.62 68.18 54.55
CA GLY E 163 59.40 69.41 54.46
C GLY E 163 58.96 70.64 55.25
N LYS E 164 59.40 71.82 54.81
CA LYS E 164 59.07 73.13 55.41
C LYS E 164 57.57 73.37 55.65
N ASN E 165 56.81 73.49 54.57
CA ASN E 165 55.36 73.33 54.69
C ASN E 165 55.11 71.95 54.16
N SER E 166 54.98 71.00 55.07
CA SER E 166 54.83 69.62 54.67
C SER E 166 53.39 69.19 54.43
N SER E 167 52.51 69.57 55.36
CA SER E 167 51.24 68.89 55.55
C SER E 167 50.32 69.08 54.37
N VAL E 168 49.11 68.54 54.48
CA VAL E 168 48.16 68.60 53.37
C VAL E 168 47.46 69.96 53.25
N SER E 169 47.23 70.63 54.37
CA SER E 169 46.63 71.96 54.37
C SER E 169 47.66 72.98 53.91
N SER E 170 48.90 72.80 54.34
CA SER E 170 50.02 73.71 54.03
C SER E 170 50.62 73.51 52.62
N LEU E 171 50.74 72.25 52.18
CA LEU E 171 51.25 71.94 50.85
C LEU E 171 50.12 72.09 49.85
N ASN E 173 47.71 75.19 50.34
CA ASN E 173 47.87 76.65 50.21
C ASN E 173 49.31 77.04 49.90
N GLY E 174 50.22 76.11 50.16
CA GLY E 174 51.62 76.28 49.84
C GLY E 174 51.86 76.00 48.37
N LEU E 175 50.97 75.22 47.76
CA LEU E 175 51.00 75.02 46.32
C LEU E 175 50.38 76.25 45.67
N GLY E 176 49.81 77.13 46.50
CA GLY E 176 49.20 78.35 46.04
C GLY E 176 47.69 78.31 46.10
N TYR E 177 47.13 77.24 46.63
CA TYR E 177 45.68 77.09 46.71
C TYR E 177 45.16 76.89 48.15
N VAL E 178 44.42 77.88 48.64
CA VAL E 178 43.92 77.89 50.01
C VAL E 178 42.46 77.47 50.09
N PHE E 179 42.11 76.82 51.20
CA PHE E 179 40.78 76.25 51.38
C PHE E 179 39.62 77.20 51.16
N GLU E 180 38.68 76.75 50.32
CA GLU E 180 37.36 77.35 50.20
C GLU E 180 36.41 76.60 51.12
N PHE E 181 36.25 75.30 50.88
CA PHE E 181 35.35 74.50 51.69
C PHE E 181 35.79 73.03 51.86
N GLN E 182 34.87 72.22 52.37
CA GLN E 182 35.03 70.76 52.42
C GLN E 182 33.67 70.02 52.33
N TYR E 183 33.70 68.80 51.78
CA TYR E 183 32.49 67.98 51.58
C TYR E 183 32.72 66.48 51.81
N LEU E 184 31.64 65.72 51.99
CA LEU E 184 31.76 64.28 52.23
C LEU E 184 30.49 63.49 51.91
N THR E 185 30.62 62.18 51.79
CA THR E 185 29.47 61.33 51.48
C THR E 185 29.74 59.84 51.70
N ILE E 186 28.78 59.02 51.28
CA ILE E 186 28.93 57.57 51.23
C ILE E 186 28.31 57.14 49.90
N GLY E 187 28.16 55.84 49.67
CA GLY E 187 27.51 55.37 48.44
C GLY E 187 27.18 53.89 48.39
N VAL E 188 26.19 53.52 47.58
CA VAL E 188 25.88 52.11 47.34
C VAL E 188 25.71 51.83 45.85
N LYS E 189 26.63 51.07 45.28
CA LYS E 189 26.72 50.92 43.83
C LYS E 189 26.35 49.54 43.30
N PHE E 190 25.81 49.50 42.09
CA PHE E 190 25.41 48.24 41.48
C PHE E 190 26.05 48.08 40.10
N PHE E 191 26.85 47.03 39.92
CA PHE E 191 27.60 46.84 38.67
C PHE E 191 26.65 46.69 37.48
N LYS E 193 26.35 46.43 32.71
CA LYS E 193 26.94 46.11 31.42
C LYS E 193 27.78 47.29 30.92
N HIS E 194 28.81 46.99 30.13
CA HIS E 194 29.64 48.03 29.52
C HIS E 194 30.32 48.93 30.55
N GLY E 195 30.73 48.33 31.66
CA GLY E 195 31.42 49.07 32.70
C GLY E 195 30.56 50.20 33.22
N LEU E 196 29.32 49.88 33.56
CA LEU E 196 28.42 50.87 34.12
C LEU E 196 28.15 50.54 35.59
N ILE E 197 28.16 51.57 36.44
CA ILE E 197 27.98 51.39 37.88
C ILE E 197 27.14 52.52 38.47
N LEU E 198 26.26 52.20 39.42
CA LEU E 198 25.39 53.21 40.02
C LEU E 198 25.40 53.24 41.54
N GLU E 199 25.94 54.32 42.10
CA GLU E 199 26.13 54.44 43.53
C GLU E 199 25.11 55.38 44.16
N LEU E 200 24.20 54.82 44.94
CA LEU E 200 23.22 55.62 45.66
C LEU E 200 23.90 56.27 46.86
N GLN E 201 23.81 57.59 46.97
CA GLN E 201 24.64 58.30 47.92
C GLN E 201 23.91 59.29 48.85
N LYS E 202 24.61 59.66 49.92
CA LYS E 202 24.16 60.67 50.87
C LYS E 202 25.37 61.49 51.39
N ILE E 203 25.22 62.80 51.48
CA ILE E 203 26.36 63.66 51.77
C ILE E 203 26.25 64.48 53.05
N TRP E 204 27.40 64.93 53.54
CA TRP E 204 27.48 65.82 54.69
C TRP E 204 28.48 66.96 54.44
N GLN E 205 28.37 68.03 55.22
CA GLN E 205 29.26 69.18 55.08
C GLN E 205 29.81 69.60 56.43
N ILE E 206 31.13 69.57 56.57
CA ILE E 206 31.76 69.91 57.85
C ILE E 206 32.59 71.19 57.78
N GLU E 207 32.44 72.05 58.78
CA GLU E 207 32.95 73.42 58.73
C GLU E 207 33.17 74.06 60.11
N GLU E 208 33.32 75.37 60.12
CA GLU E 208 33.54 76.14 61.34
C GLU E 208 32.35 76.18 62.31
N ALA E 209 31.14 76.17 61.76
CA ALA E 209 29.91 76.27 62.57
C ALA E 209 29.29 74.92 62.94
N GLY E 210 29.97 73.83 62.61
CA GLY E 210 29.47 72.50 62.86
C GLY E 210 29.04 71.84 61.55
N ASN E 211 29.06 70.51 61.53
CA ASN E 211 28.77 69.77 60.31
C ASN E 211 27.37 69.16 60.27
N SER E 212 26.74 69.21 59.10
CA SER E 212 25.39 68.61 58.92
C SER E 212 25.16 68.04 57.52
N GLN E 213 24.43 66.92 57.45
CA GLN E 213 24.22 66.19 56.21
C GLN E 213 23.09 66.76 55.35
N ILE E 214 23.40 66.96 54.08
CA ILE E 214 22.43 67.51 53.15
C ILE E 214 21.62 66.40 52.49
N THR E 215 21.89 65.16 52.89
CA THR E 215 21.18 64.00 52.36
C THR E 215 19.70 64.08 52.72
N SER E 216 19.36 65.07 53.55
CA SER E 216 18.02 65.23 54.12
C SER E 216 16.87 65.27 53.12
N GLY E 217 15.86 64.45 53.39
CA GLY E 217 14.69 64.37 52.54
C GLY E 217 14.54 63.09 51.74
N GLY E 218 15.58 62.25 51.74
CA GLY E 218 15.56 61.04 50.95
C GLY E 218 16.93 60.50 50.60
N PHE E 219 17.01 59.80 49.47
CA PHE E 219 18.26 59.23 48.98
C PHE E 219 18.58 59.70 47.55
N LEU E 220 19.87 59.58 47.20
CA LEU E 220 20.39 60.02 45.91
C LEU E 220 21.07 58.88 45.15
N LEU E 221 21.30 59.08 43.86
CA LEU E 221 21.98 58.09 43.04
C LEU E 221 22.88 58.73 41.97
N LYS E 222 23.89 57.99 41.53
CA LYS E 222 24.86 58.50 40.55
C LYS E 222 25.44 57.40 39.66
N ALA E 223 25.67 57.74 38.39
CA ALA E 223 26.29 56.82 37.43
C ALA E 223 27.03 57.61 36.36
N TYR E 224 28.09 57.02 35.81
CA TYR E 224 28.94 57.73 34.83
C TYR E 224 29.76 56.82 33.92
N ILE E 225 30.21 57.35 32.79
CA ILE E 225 31.19 56.68 31.95
C ILE E 225 32.31 57.64 31.58
N ASN E 226 33.52 57.39 32.07
CA ASN E 226 34.64 58.25 31.75
C ASN E 226 35.33 57.70 30.53
N VAL E 227 35.14 58.39 29.41
CA VAL E 227 35.60 57.93 28.10
C VAL E 227 37.09 58.11 27.92
N SER E 228 37.64 57.39 26.95
CA SER E 228 38.97 57.70 26.48
C SER E 228 38.91 59.16 26.06
N ARG E 229 39.94 59.93 26.37
CA ARG E 229 39.86 61.36 26.14
C ARG E 229 39.38 61.60 24.71
N GLY E 230 38.34 62.41 24.57
CA GLY E 230 37.75 62.65 23.27
C GLY E 230 37.53 61.36 22.51
N THR E 231 36.91 60.37 23.16
CA THR E 231 36.60 59.09 22.51
C THR E 231 35.45 59.19 21.50
N ASP E 232 35.36 58.20 20.60
CA ASP E 232 34.49 58.28 19.44
C ASP E 232 33.09 58.73 19.83
N ILE E 233 32.58 59.71 19.11
CA ILE E 233 31.26 60.27 19.40
C ILE E 233 30.15 59.33 18.92
N ASP E 234 30.52 58.38 18.08
CA ASP E 234 29.59 57.34 17.67
C ASP E 234 29.45 56.35 18.82
N ARG E 235 30.36 56.44 19.78
CA ARG E 235 30.17 55.81 21.07
C ARG E 235 29.59 56.84 22.04
N ILE E 236 29.54 58.10 21.60
CA ILE E 236 28.85 59.16 22.33
C ILE E 236 27.41 59.34 21.86
N ASN E 237 27.06 58.67 20.76
CA ASN E 237 25.66 58.37 20.42
C ASN E 237 25.14 56.98 20.88
N TYR E 238 26.04 56.06 21.21
CA TYR E 238 25.68 54.76 21.79
C TYR E 238 25.87 54.72 23.30
N THR E 239 26.40 55.81 23.84
CA THR E 239 26.49 56.00 25.27
C THR E 239 25.18 56.55 25.81
N GLU E 240 24.51 57.40 25.02
CA GLU E 240 23.24 58.00 25.41
C GLU E 240 22.09 56.99 25.32
N THR E 241 22.08 56.23 24.24
CA THR E 241 20.98 55.31 23.92
C THR E 241 20.93 54.03 24.77
N ALA E 242 22.02 53.72 25.45
CA ALA E 242 21.99 52.67 26.46
C ALA E 242 21.42 53.31 27.73
N LEU E 243 21.58 54.62 27.83
CA LEU E 243 21.11 55.38 28.97
C LEU E 243 19.68 55.84 28.76
N ASN E 245 17.41 53.77 27.37
CA ASN E 245 16.73 52.60 27.88
C ASN E 245 16.33 52.85 29.31
N LEU E 246 17.33 53.01 30.15
CA LEU E 246 17.13 53.30 31.56
C LEU E 246 16.48 54.68 31.84
N LYS E 247 16.78 55.70 31.06
CA LYS E 247 16.21 57.02 31.32
C LYS E 247 14.68 57.03 31.23
N LYS E 248 14.14 56.42 30.18
CA LYS E 248 12.68 56.27 30.06
C LYS E 248 12.19 54.90 30.54
N GLU E 249 13.10 54.04 30.95
CA GLU E 249 12.73 52.91 31.80
C GLU E 249 12.69 53.38 33.24
N LEU E 250 13.72 54.13 33.63
CA LEU E 250 13.84 54.67 34.98
C LEU E 250 12.83 55.79 35.14
N GLN E 251 12.51 56.48 34.04
CA GLN E 251 11.43 57.44 34.10
C GLN E 251 10.19 56.67 34.59
N GLY E 252 9.57 57.19 35.65
CA GLY E 252 8.39 56.60 36.25
C GLY E 252 8.50 55.92 37.60
N TYR E 253 9.69 55.48 38.00
CA TYR E 253 10.00 55.33 39.43
C TYR E 253 10.53 56.66 39.99
N ILE E 254 11.40 57.28 39.20
CA ILE E 254 11.72 58.69 39.28
C ILE E 254 12.22 59.12 37.89
N GLU E 255 11.88 60.32 37.45
CA GLU E 255 12.20 60.71 36.08
C GLU E 255 13.69 60.75 35.83
N LEU E 256 14.07 60.58 34.56
CA LEU E 256 15.48 60.70 34.16
C LEU E 256 15.71 62.05 33.49
N SER E 257 16.45 62.91 34.19
CA SER E 257 16.74 64.27 33.72
C SER E 257 18.08 64.81 34.22
N VAL E 258 18.74 65.61 33.38
CA VAL E 258 20.04 66.24 33.68
C VAL E 258 19.93 67.72 34.08
N PRO E 259 20.61 68.11 35.18
CA PRO E 259 20.70 69.38 35.93
C PRO E 259 21.35 70.56 35.17
N ASP E 260 21.15 71.77 35.69
CA ASP E 260 21.53 73.01 34.99
C ASP E 260 23.03 73.24 34.84
N ARG E 261 23.39 73.97 33.78
CA ARG E 261 24.77 74.29 33.48
C ARG E 261 25.32 75.43 34.33
N GLN E 262 24.48 76.42 34.62
CA GLN E 262 24.89 77.54 35.46
C GLN E 262 25.40 77.01 36.78
N SER E 263 24.87 75.87 37.18
CA SER E 263 25.27 75.19 38.38
C SER E 263 26.34 74.13 38.11
N ASP E 265 29.32 74.46 36.06
CA ASP E 265 30.71 74.95 36.04
C ASP E 265 31.34 75.00 37.43
N SER E 266 32.61 74.59 37.51
CA SER E 266 33.32 74.58 38.78
C SER E 266 33.46 76.00 39.30
N ARG E 267 33.05 76.94 38.45
CA ARG E 267 33.20 78.37 38.72
C ARG E 267 32.68 78.75 40.10
N VAL E 268 33.42 79.64 40.76
CA VAL E 268 33.00 80.22 42.03
C VAL E 268 32.80 81.72 41.86
N GLY F 2 70.49 53.97 52.19
CA GLY F 2 71.39 54.24 51.08
C GLY F 2 71.04 53.45 49.83
N LYS F 3 69.77 53.53 49.42
CA LYS F 3 69.29 52.84 48.23
C LYS F 3 69.21 53.66 46.92
N SER F 4 69.66 54.92 46.93
CA SER F 4 69.57 55.73 45.71
C SER F 4 70.54 56.92 45.61
N ALA F 5 70.74 57.40 44.38
CA ALA F 5 71.58 58.56 44.05
C ALA F 5 71.57 58.82 42.53
N VAL F 6 71.92 60.04 42.12
CA VAL F 6 71.94 60.40 40.68
C VAL F 6 72.79 61.65 40.32
N ILE F 7 73.19 61.77 39.05
CA ILE F 7 74.11 62.85 38.60
C ILE F 7 74.05 63.19 37.10
N PHE F 8 74.51 64.39 36.75
CA PHE F 8 74.42 64.93 35.38
C PHE F 8 75.69 65.65 34.88
N VAL F 9 75.76 65.90 33.57
CA VAL F 9 76.89 66.59 32.97
C VAL F 9 76.44 67.64 31.95
N GLU F 10 77.00 68.85 32.06
CA GLU F 10 76.72 69.93 31.11
C GLU F 10 77.77 69.99 29.99
N ARG F 11 78.82 69.22 30.17
CA ARG F 11 79.83 69.08 29.14
C ARG F 11 79.95 67.60 28.79
N ALA F 12 79.53 67.24 27.59
CA ALA F 12 79.61 65.87 27.10
C ALA F 12 78.98 65.79 25.72
N THR F 13 79.07 64.62 25.10
CA THR F 13 78.42 64.39 23.81
C THR F 13 77.81 63.00 23.75
N PRO F 14 76.84 62.80 22.83
CA PRO F 14 76.27 61.47 22.72
C PRO F 14 77.31 60.44 22.33
N ALA F 15 78.43 60.92 21.77
CA ALA F 15 79.53 60.08 21.29
C ALA F 15 80.57 59.80 22.38
N THR F 16 80.38 60.42 23.54
CA THR F 16 81.07 60.02 24.76
C THR F 16 80.14 59.15 25.61
N LEU F 17 78.92 58.92 25.12
CA LEU F 17 77.92 58.15 25.85
C LEU F 17 78.14 56.62 25.78
N THR F 18 78.55 56.14 24.62
CA THR F 18 78.74 54.70 24.38
C THR F 18 80.08 54.13 24.88
N GLU F 19 81.05 55.02 25.12
CA GLU F 19 82.43 54.60 25.41
C GLU F 19 82.63 53.75 26.67
N LEU F 20 82.20 54.24 27.83
CA LEU F 20 82.55 53.64 29.11
C LEU F 20 82.12 52.18 29.24
N LYS F 21 81.35 51.74 28.27
CA LYS F 21 80.94 50.34 28.17
C LYS F 21 82.13 49.39 28.34
N ASP F 22 83.10 49.47 27.44
CA ASP F 22 84.24 48.54 27.39
C ASP F 22 84.91 48.27 28.75
N ALA F 23 85.16 49.32 29.52
CA ALA F 23 85.80 49.18 30.83
C ALA F 23 84.79 48.89 31.96
N LEU F 24 83.51 49.14 31.70
CA LEU F 24 82.45 48.73 32.59
C LEU F 24 81.77 47.41 32.17
N SER F 25 82.26 46.81 31.08
CA SER F 25 81.69 45.55 30.54
C SER F 25 82.13 44.34 31.34
N ASN F 26 82.99 44.57 32.32
CA ASN F 26 83.38 43.55 33.28
C ASN F 26 82.37 43.40 34.41
N SER F 27 81.65 44.47 34.73
CA SER F 27 80.64 44.45 35.78
C SER F 27 79.19 44.29 35.31
N ILE F 28 78.95 44.25 34.00
CA ILE F 28 77.57 44.20 33.50
C ILE F 28 77.09 42.80 33.17
N LEU F 29 76.21 42.25 33.99
CA LEU F 29 75.60 40.94 33.75
C LEU F 29 74.36 40.92 32.84
N SER F 30 73.47 41.91 32.99
CA SER F 30 72.18 41.92 32.28
C SER F 30 71.75 43.30 31.77
N VAL F 31 71.28 43.33 30.53
CA VAL F 31 70.76 44.57 29.98
C VAL F 31 69.24 44.57 30.03
N ARG F 32 68.69 45.34 30.95
CA ARG F 32 67.25 45.34 31.20
C ARG F 32 66.52 46.30 30.26
N ASP F 33 65.21 46.42 30.46
CA ASP F 33 64.36 47.24 29.59
C ASP F 33 64.71 48.74 29.63
N PRO F 34 64.45 49.45 28.50
CA PRO F 34 64.63 50.86 28.19
C PRO F 34 63.67 51.87 28.86
N TRP F 35 64.26 52.94 29.38
CA TRP F 35 63.52 54.04 30.00
C TRP F 35 63.24 55.12 28.99
N SER F 36 62.72 56.25 29.48
CA SER F 36 62.49 57.45 28.67
C SER F 36 62.26 58.58 29.65
N ILE F 37 62.07 59.81 29.16
CA ILE F 37 61.95 60.92 30.11
C ILE F 37 61.53 62.29 29.56
N ASP F 38 61.42 63.24 30.50
CA ASP F 38 61.20 64.66 30.21
C ASP F 38 61.61 65.49 31.44
N PHE F 39 61.79 66.80 31.25
CA PHE F 39 61.84 67.76 32.35
C PHE F 39 61.44 69.14 31.86
N ARG F 40 60.76 69.90 32.71
CA ARG F 40 60.27 71.22 32.31
C ARG F 40 60.02 72.14 33.49
N THR F 41 60.02 73.44 33.25
CA THR F 41 59.86 74.38 34.33
C THR F 41 58.57 75.19 34.18
N TYR F 42 57.73 75.13 35.20
CA TYR F 42 56.48 75.87 35.16
C TYR F 42 56.73 77.25 35.74
N ARG F 43 56.69 78.25 34.89
CA ARG F 43 56.82 79.61 35.35
C ARG F 43 55.43 80.19 35.61
N CYS F 44 55.12 80.39 36.88
CA CYS F 44 53.89 81.05 37.29
C CYS F 44 53.89 82.46 36.74
N SER F 45 52.76 82.88 36.15
CA SER F 45 52.65 84.22 35.57
C SER F 45 52.22 85.24 36.61
N ILE F 46 52.08 84.79 37.86
CA ILE F 46 51.64 85.67 38.94
C ILE F 46 52.65 86.79 39.20
N LYS F 47 52.19 87.86 39.83
CA LYS F 47 53.05 89.01 40.05
C LYS F 47 53.78 88.95 41.40
N ASN F 48 55.11 89.03 41.35
CA ASN F 48 55.99 89.26 42.51
C ASN F 48 55.92 88.29 43.69
N LEU F 49 55.69 88.85 44.89
CA LEU F 49 55.61 88.10 46.14
C LEU F 49 56.98 87.77 46.73
N SER F 54 61.75 79.53 46.87
CA SER F 54 62.24 79.47 45.50
C SER F 54 61.08 79.67 44.53
N LYS F 55 61.08 80.81 43.85
CA LYS F 55 59.97 81.20 42.98
C LYS F 55 59.91 80.42 41.65
N LEU F 56 60.87 79.54 41.41
CA LEU F 56 60.88 78.74 40.16
C LEU F 56 60.29 77.33 40.33
N TYR F 58 59.42 73.65 39.20
CA TYR F 58 60.08 72.66 38.35
C TYR F 58 59.32 71.33 38.22
N SER F 59 59.27 70.79 37.01
CA SER F 59 58.61 69.52 36.75
C SER F 59 59.51 68.50 36.02
N ILE F 60 59.15 67.22 36.16
CA ILE F 60 59.86 66.12 35.53
C ILE F 60 58.97 64.88 35.39
N THR F 61 59.39 63.94 34.53
CA THR F 61 58.65 62.71 34.29
C THR F 61 59.60 61.57 33.89
N PHE F 62 59.34 60.33 34.35
CA PHE F 62 60.21 59.20 34.02
C PHE F 62 59.52 57.85 33.80
N HIS F 63 59.75 57.20 32.66
CA HIS F 63 59.09 55.93 32.40
C HIS F 63 60.04 54.75 32.47
N HIS F 64 59.96 53.99 33.56
CA HIS F 64 60.56 52.66 33.59
C HIS F 64 59.48 51.69 34.07
N HIS F 65 58.98 50.86 33.16
CA HIS F 65 57.73 50.10 33.36
C HIS F 65 56.55 50.96 33.89
N GLY F 66 56.21 52.02 33.15
CA GLY F 66 55.16 52.97 33.53
C GLY F 66 55.68 54.33 33.98
N ARG F 67 54.76 55.21 34.36
CA ARG F 67 55.13 56.58 34.74
C ARG F 67 54.35 57.13 35.93
N GLN F 68 54.92 58.16 36.56
CA GLN F 68 54.27 58.94 37.63
C GLN F 68 55.00 60.27 37.81
N THR F 69 54.34 61.25 38.43
CA THR F 69 54.85 62.62 38.48
C THR F 69 54.84 63.28 39.87
N VAL F 70 55.73 64.25 40.07
CA VAL F 70 55.81 65.00 41.33
C VAL F 70 56.50 66.36 41.14
N LEU F 71 56.30 67.28 42.09
CA LEU F 71 56.90 68.61 41.99
C LEU F 71 57.48 69.07 43.32
N ILE F 72 58.53 69.90 43.25
CA ILE F 72 59.18 70.44 44.44
C ILE F 72 59.50 71.93 44.34
N LYS F 73 58.93 72.71 45.25
CA LYS F 73 59.22 74.14 45.31
C LYS F 73 59.48 74.54 46.76
N ASP F 74 60.66 75.10 47.02
CA ASP F 74 61.02 75.60 48.35
C ASP F 74 60.82 74.59 49.50
N ASN F 75 61.28 73.36 49.29
CA ASN F 75 61.23 72.29 50.30
C ASN F 75 59.86 71.76 50.70
N SER F 76 58.89 71.88 49.80
CA SER F 76 57.56 71.32 50.01
C SER F 76 57.15 70.53 48.76
N ALA F 77 56.91 69.24 48.93
CA ALA F 77 56.64 68.37 47.79
C ALA F 77 55.61 67.26 48.06
N VAL F 79 53.84 63.47 45.77
CA VAL F 79 53.96 62.56 44.64
C VAL F 79 52.61 62.33 43.99
N THR F 80 52.61 61.92 42.73
CA THR F 80 51.38 61.71 41.96
C THR F 80 51.48 60.51 41.02
N THR F 81 50.51 60.38 40.11
CA THR F 81 50.58 59.41 39.04
C THR F 81 49.63 59.69 37.87
N ALA F 82 49.91 59.07 36.71
CA ALA F 82 48.90 58.85 35.67
C ALA F 82 48.34 57.40 35.63
N ALA F 83 48.81 56.53 36.53
CA ALA F 83 48.57 55.09 36.44
C ALA F 83 47.52 54.54 37.41
N ALA F 84 46.82 53.50 36.97
CA ALA F 84 45.83 52.73 37.75
C ALA F 84 46.41 51.63 38.66
N ALA F 85 47.50 51.01 38.24
CA ALA F 85 48.17 49.98 39.04
C ALA F 85 48.91 50.57 40.25
N ASP F 86 49.77 51.57 39.98
CA ASP F 86 50.51 52.32 41.01
C ASP F 86 49.57 53.11 41.93
N ILE F 87 48.29 53.13 41.53
CA ILE F 87 47.18 53.65 42.34
C ILE F 87 46.35 52.49 42.89
N PRO F 88 46.26 52.37 44.21
CA PRO F 88 45.51 51.22 44.71
C PRO F 88 44.18 51.20 43.98
N PRO F 89 43.75 50.01 43.55
CA PRO F 89 42.44 49.89 42.88
C PRO F 89 41.34 50.27 43.86
N ALA F 90 41.68 50.27 45.14
CA ALA F 90 40.75 50.67 46.18
C ALA F 90 40.45 52.16 46.09
N LEU F 91 41.34 52.89 45.42
CA LEU F 91 41.11 54.29 45.15
C LEU F 91 39.93 54.41 44.20
N VAL F 92 39.79 53.42 43.33
CA VAL F 92 38.68 53.35 42.37
C VAL F 92 37.53 52.59 42.97
N PHE F 93 37.80 51.97 44.12
CA PHE F 93 36.80 51.24 44.87
C PHE F 93 35.88 52.21 45.57
N ASN F 94 36.43 53.30 46.08
CA ASN F 94 35.60 54.39 46.55
C ASN F 94 34.88 54.97 45.34
N GLY F 95 35.28 54.50 44.15
CA GLY F 95 34.79 55.06 42.91
C GLY F 95 35.44 56.40 42.71
N SER F 96 36.14 56.85 43.75
CA SER F 96 36.80 58.14 43.75
C SER F 96 37.67 58.31 42.52
N SER F 97 38.25 57.22 42.04
CA SER F 97 39.14 57.27 40.89
C SER F 97 38.42 57.60 39.58
N THR F 98 39.02 58.47 38.78
CA THR F 98 38.42 58.92 37.53
C THR F 98 38.45 57.85 36.45
N GLY F 99 39.56 57.13 36.34
CA GLY F 99 39.73 56.13 35.30
C GLY F 99 40.02 56.86 34.00
N VAL F 100 39.95 58.18 34.10
CA VAL F 100 40.27 59.06 33.01
C VAL F 100 41.44 59.87 33.50
N PRO F 101 42.59 59.21 33.66
CA PRO F 101 43.91 59.73 34.05
C PRO F 101 44.40 60.76 33.04
N GLU F 102 45.14 61.75 33.53
CA GLU F 102 45.60 62.87 32.70
C GLU F 102 47.11 63.06 32.73
N SER F 103 47.69 63.42 31.60
CA SER F 103 49.04 63.96 31.63
C SER F 103 48.96 65.18 32.52
N ILE F 104 49.89 65.25 33.47
CA ILE F 104 49.94 66.39 34.36
C ILE F 104 50.47 67.57 33.57
N ASP F 105 51.28 67.28 32.57
CA ASP F 105 51.82 68.32 31.70
C ASP F 105 50.84 68.66 30.57
N THR F 106 49.80 67.84 30.39
CA THR F 106 48.66 68.25 29.58
C THR F 106 47.56 68.86 30.45
N ILE F 107 47.71 68.70 31.76
CA ILE F 107 46.84 69.35 32.73
C ILE F 107 47.27 70.79 33.00
N LEU F 108 48.57 70.97 33.25
CA LEU F 108 49.08 72.28 33.61
C LEU F 108 49.33 73.18 32.42
N SER F 109 49.88 72.63 31.35
CA SER F 109 50.21 73.45 30.20
C SER F 109 48.98 73.95 29.45
N SER F 110 48.05 73.04 29.14
CA SER F 110 46.83 73.36 28.37
C SER F 110 45.66 73.94 29.19
N LYS F 111 45.46 73.43 30.40
CA LYS F 111 44.42 73.95 31.28
C LYS F 111 44.85 75.24 31.97
N LEU F 112 46.10 75.27 32.42
CA LEU F 112 46.63 76.36 33.24
C LEU F 112 47.33 77.48 32.47
N SER F 113 47.23 77.46 31.15
CA SER F 113 48.05 78.34 30.29
C SER F 113 48.11 79.82 30.66
N ASN F 114 47.09 80.33 31.35
CA ASN F 114 47.07 81.76 31.71
C ASN F 114 48.23 82.18 32.63
N ILE F 115 48.40 81.46 33.75
CA ILE F 115 49.46 81.79 34.69
C ILE F 115 50.71 80.94 34.50
N TRP F 116 50.67 79.67 34.93
CA TRP F 116 51.85 78.84 34.81
C TRP F 116 51.77 78.11 33.49
N GLN F 118 54.49 76.32 30.62
CA GLN F 118 55.81 75.73 30.73
C GLN F 118 56.86 76.71 30.16
N ARG F 119 57.81 77.09 31.02
CA ARG F 119 58.87 78.03 30.66
C ARG F 119 60.18 77.38 30.21
N GLN F 120 60.29 76.07 30.36
CA GLN F 120 61.46 75.33 29.88
C GLN F 120 61.13 73.89 29.53
N LEU F 121 61.81 73.34 28.53
CA LEU F 121 61.68 71.94 28.17
C LEU F 121 63.01 71.31 27.72
N ILE F 122 63.36 70.15 28.27
CA ILE F 122 64.48 69.34 27.76
C ILE F 122 64.38 67.87 28.22
N LYS F 123 65.01 66.96 27.48
CA LYS F 123 65.00 65.54 27.83
C LYS F 123 65.92 64.68 26.97
N GLY F 124 65.92 63.37 27.24
CA GLY F 124 66.59 62.39 26.41
C GLY F 124 65.95 61.02 26.52
N ASP F 125 66.07 60.21 25.48
CA ASP F 125 65.18 59.05 25.34
C ASP F 125 65.87 57.69 25.16
N ALA F 126 65.04 56.66 25.05
CA ALA F 126 65.50 55.29 24.83
C ALA F 126 66.62 54.86 25.76
N GLY F 127 66.48 55.11 27.05
CA GLY F 127 67.46 54.69 28.04
C GLY F 127 67.57 53.18 28.10
N GLU F 128 68.56 52.67 28.83
CA GLU F 128 68.71 51.24 29.01
C GLU F 128 69.05 50.90 30.44
N THR F 129 69.27 49.62 30.70
CA THR F 129 69.72 49.20 32.01
C THR F 129 70.96 48.33 31.87
N LEU F 130 71.70 48.20 32.97
CA LEU F 130 72.76 47.22 33.11
C LEU F 130 72.89 46.96 34.61
N ILE F 131 73.28 45.76 35.00
CA ILE F 131 73.21 45.41 36.42
C ILE F 131 74.54 45.50 37.16
N LEU F 132 74.68 46.52 37.99
CA LEU F 132 75.79 46.62 38.92
C LEU F 132 75.34 46.01 40.26
N ASP F 133 76.15 45.10 40.80
CA ASP F 133 75.68 44.26 41.92
C ASP F 133 75.19 45.08 43.10
N GLY F 134 73.92 44.86 43.46
CA GLY F 134 73.29 45.49 44.59
C GLY F 134 72.85 46.91 44.29
N LEU F 135 73.46 47.53 43.29
CA LEU F 135 73.00 48.81 42.79
C LEU F 135 73.01 48.85 41.26
N THR F 136 71.83 48.95 40.67
CA THR F 136 71.67 48.92 39.22
C THR F 136 72.32 50.15 38.62
N VAL F 137 72.58 50.12 37.32
CA VAL F 137 72.99 51.33 36.61
C VAL F 137 72.28 51.48 35.26
N ARG F 138 71.47 52.53 35.11
CA ARG F 138 70.77 52.81 33.86
C ARG F 138 71.36 54.06 33.23
N LEU F 139 71.33 54.17 31.91
CA LEU F 139 71.95 55.34 31.28
C LEU F 139 71.20 55.94 30.08
N VAL F 140 71.24 57.28 29.94
CA VAL F 140 70.61 58.01 28.83
C VAL F 140 71.20 59.41 28.64
N ASN F 141 71.00 59.99 27.46
CA ASN F 141 71.55 61.32 27.14
C ASN F 141 70.49 62.40 26.93
N LEU F 142 70.88 63.66 27.08
CA LEU F 142 69.97 64.79 26.89
C LEU F 142 70.36 65.66 25.70
N PHE F 143 69.38 66.36 25.13
CA PHE F 143 69.63 67.34 24.06
C PHE F 143 68.81 68.64 24.26
N SER F 144 69.50 69.77 24.40
CA SER F 144 68.85 71.06 24.65
C SER F 144 68.31 71.70 23.37
N SER F 145 67.92 72.96 23.47
CA SER F 145 67.63 73.75 22.28
C SER F 145 68.98 74.28 21.81
N THR F 146 69.97 74.09 22.66
CA THR F 146 71.31 74.61 22.45
C THR F 146 72.16 73.66 21.63
N GLY F 147 71.52 72.62 21.09
CA GLY F 147 72.22 71.48 20.53
C GLY F 147 72.35 70.40 21.57
N PHE F 148 73.41 69.59 21.49
CA PHE F 148 73.60 68.56 22.50
C PHE F 148 73.94 69.16 23.85
N LYS F 149 73.11 68.88 24.85
CA LYS F 149 73.27 69.39 26.21
C LYS F 149 73.85 68.46 27.28
N GLY F 150 74.21 67.22 26.96
CA GLY F 150 74.86 66.40 27.97
C GLY F 150 74.76 64.88 27.96
N LEU F 151 74.87 64.31 29.16
CA LEU F 151 74.51 62.92 29.45
C LEU F 151 74.18 62.70 30.96
N LEU F 152 73.42 61.64 31.28
CA LEU F 152 73.01 61.31 32.67
C LEU F 152 72.74 59.79 32.95
N ILE F 153 73.01 59.34 34.18
CA ILE F 153 72.89 57.90 34.56
C ILE F 153 72.49 57.65 36.04
N GLU F 154 72.07 56.44 36.40
CA GLU F 154 71.54 56.16 37.75
C GLU F 154 72.05 54.88 38.47
N LEU F 155 71.86 54.82 39.79
CA LEU F 155 72.20 53.64 40.59
C LEU F 155 71.30 53.46 41.81
N GLN F 156 70.97 52.22 42.14
CA GLN F 156 70.15 51.94 43.32
C GLN F 156 70.59 50.70 44.11
N ALA F 157 70.89 50.90 45.39
CA ALA F 157 71.43 49.83 46.21
C ALA F 157 70.39 49.09 47.07
N ASP F 158 70.52 47.75 47.09
CA ASP F 158 69.67 46.92 47.93
C ASP F 158 69.98 47.17 49.40
N GLU F 159 71.23 46.95 49.78
CA GLU F 159 71.64 47.11 51.16
C GLU F 159 71.90 48.58 51.46
N ALA F 160 71.41 49.01 52.62
CA ALA F 160 71.57 50.39 53.04
C ALA F 160 73.01 50.68 53.51
N GLY F 161 73.55 49.81 54.36
CA GLY F 161 74.85 50.05 54.97
C GLY F 161 76.05 50.02 54.04
N GLU F 162 75.87 49.47 52.84
CA GLU F 162 76.93 49.34 51.85
C GLU F 162 76.91 50.57 50.94
N PHE F 163 76.12 51.57 51.31
CA PHE F 163 75.99 52.80 50.55
C PHE F 163 77.24 53.71 50.61
N GLU F 164 78.14 53.45 51.56
CA GLU F 164 79.41 54.18 51.66
C GLU F 164 80.50 53.64 50.69
N THR F 165 80.47 52.33 50.48
CA THR F 165 81.36 51.68 49.53
C THR F 165 80.84 51.81 48.11
N LYS F 166 79.54 52.07 47.99
CA LYS F 166 78.87 52.23 46.70
C LYS F 166 79.07 53.61 46.09
N ILE F 167 79.05 54.63 46.94
CA ILE F 167 79.37 55.99 46.51
C ILE F 167 80.87 56.20 46.37
N ALA F 168 81.64 55.31 47.01
CA ALA F 168 83.09 55.26 46.88
C ALA F 168 83.52 54.53 45.62
N GLY F 169 82.69 53.62 45.14
CA GLY F 169 83.03 52.82 43.99
C GLY F 169 82.57 53.45 42.69
N ILE F 170 81.82 54.54 42.81
CA ILE F 170 81.28 55.22 41.64
C ILE F 170 82.30 56.15 41.02
N GLU F 171 83.06 56.84 41.86
CA GLU F 171 84.06 57.79 41.39
C GLU F 171 85.41 57.12 41.13
N GLY F 172 85.54 55.85 41.56
CA GLY F 172 86.75 55.09 41.34
C GLY F 172 86.80 54.44 39.98
N HIS F 173 85.63 54.15 39.43
CA HIS F 173 85.49 53.77 38.04
C HIS F 173 85.30 55.04 37.23
N LEU F 174 85.05 56.16 37.92
CA LEU F 174 84.92 57.50 37.33
C LEU F 174 86.16 58.41 37.42
N ALA F 175 87.19 57.94 38.12
CA ALA F 175 88.50 58.59 38.10
C ALA F 175 89.20 58.13 36.82
N GLU F 176 88.96 56.88 36.46
CA GLU F 176 89.43 56.31 35.19
C GLU F 176 88.74 57.03 34.04
N ILE F 177 87.82 57.92 34.40
CA ILE F 177 87.17 58.78 33.44
C ILE F 177 88.19 59.43 32.52
N ARG F 178 89.34 59.82 33.08
CA ARG F 178 90.33 60.58 32.34
C ARG F 178 89.60 61.72 31.64
N ALA F 179 88.60 62.26 32.34
CA ALA F 179 87.73 63.31 31.81
C ALA F 179 87.48 64.40 32.85
N LYS F 180 86.75 65.44 32.47
CA LYS F 180 86.63 66.64 33.28
C LYS F 180 85.30 66.77 34.03
N GLU F 181 85.38 67.41 35.20
CA GLU F 181 84.37 67.31 36.23
C GLU F 181 82.93 67.59 35.81
N TYR F 182 82.03 66.83 36.43
CA TYR F 182 80.60 67.10 36.48
C TYR F 182 80.22 66.55 37.85
N LYS F 183 79.33 67.22 38.57
CA LYS F 183 79.11 66.86 39.98
C LYS F 183 77.66 66.47 40.36
N THR F 184 77.46 66.16 41.64
CA THR F 184 76.16 65.69 42.15
C THR F 184 75.82 66.12 43.59
N SER F 185 74.57 65.92 43.99
CA SER F 185 74.15 66.09 45.38
C SER F 185 73.65 64.78 46.03
N SER F 186 74.06 64.52 47.26
CA SER F 186 73.64 63.35 48.01
C SER F 186 72.50 63.63 49.01
N ASP F 187 72.06 64.88 49.08
CA ASP F 187 71.23 65.37 50.19
C ASP F 187 69.81 64.79 50.29
N SER F 188 69.25 64.86 51.49
CA SER F 188 67.89 64.43 51.77
C SER F 188 67.02 65.61 52.19
N LEU F 189 65.85 65.74 51.57
CA LEU F 189 64.92 66.86 51.80
C LEU F 189 64.41 67.01 53.21
N GLY F 190 63.58 66.07 53.63
CA GLY F 190 63.18 66.03 55.01
C GLY F 190 64.29 65.29 55.72
N PRO F 191 64.56 65.65 56.99
CA PRO F 191 65.51 64.84 57.75
C PRO F 191 65.04 63.39 57.78
N ASP F 192 63.76 63.21 57.46
CA ASP F 192 63.16 61.90 57.35
C ASP F 192 63.74 61.10 56.20
N THR F 193 63.65 61.63 54.99
CA THR F 193 64.10 60.91 53.79
C THR F 193 63.68 59.44 53.90
N SER F 194 62.38 59.18 53.77
CA SER F 194 61.86 57.81 53.80
C SER F 194 61.87 57.03 52.46
N ASN F 195 61.91 57.72 51.33
CA ASN F 195 61.78 57.07 50.03
C ASN F 195 63.07 56.95 49.23
N GLU F 196 63.46 55.73 48.91
CA GLU F 196 64.59 55.47 48.01
C GLU F 196 64.20 55.91 46.61
N ILE F 197 62.92 56.17 46.42
CA ILE F 197 62.39 56.73 45.18
C ILE F 197 62.52 58.25 45.11
N CYS F 198 62.28 58.92 46.23
CA CYS F 198 62.25 60.38 46.27
C CYS F 198 63.62 61.03 46.35
N ASP F 199 64.55 60.40 47.08
CA ASP F 199 65.84 61.02 47.44
C ASP F 199 66.93 61.07 46.35
N LEU F 200 66.66 60.49 45.18
CA LEU F 200 67.54 60.67 44.04
C LEU F 200 67.00 61.75 43.12
N ALA F 201 65.81 62.26 43.42
CA ALA F 201 65.25 63.37 42.68
C ALA F 201 65.79 64.72 43.17
N TYR F 202 66.24 64.76 44.43
CA TYR F 202 66.90 65.93 45.00
C TYR F 202 68.38 65.98 44.58
N GLN F 203 68.92 64.81 44.27
CA GLN F 203 70.28 64.67 43.77
C GLN F 203 70.25 64.85 42.27
N TYR F 204 69.03 65.11 41.78
CA TYR F 204 68.74 65.32 40.37
C TYR F 204 68.49 66.81 40.07
N VAL F 205 67.44 67.37 40.69
CA VAL F 205 67.13 68.78 40.54
C VAL F 205 68.19 69.67 41.17
N ARG F 206 68.71 69.27 42.33
CA ARG F 206 69.74 70.05 43.03
C ARG F 206 71.08 69.98 42.31
N ALA F 207 71.37 68.81 41.73
CA ALA F 207 72.62 68.56 40.98
C ALA F 207 72.49 68.92 39.48
N LEU F 208 71.28 69.30 39.08
CA LEU F 208 71.02 69.92 37.78
C LEU F 208 71.09 71.43 37.99
N GLU F 209 71.35 71.81 39.24
CA GLU F 209 71.45 73.20 39.68
C GLU F 209 70.19 73.96 39.36
N LEU F 210 69.05 73.41 39.75
CA LEU F 210 67.76 74.00 39.40
C LEU F 210 66.94 74.33 40.64
N PRO G 14 -24.25 53.01 -32.67
CA PRO G 14 -24.46 53.37 -34.08
C PRO G 14 -24.66 52.15 -34.96
N GLU G 15 -24.42 52.30 -36.26
CA GLU G 15 -24.53 51.17 -37.18
C GLU G 15 -23.47 51.22 -38.29
N TRP G 16 -22.85 50.07 -38.54
CA TRP G 16 -21.76 49.92 -39.53
C TRP G 16 -22.15 49.69 -40.99
N ILE G 17 -23.26 49.00 -41.26
CA ILE G 17 -23.68 48.76 -42.63
C ILE G 17 -23.98 50.08 -43.31
N GLN G 18 -24.08 51.13 -42.48
CA GLN G 18 -24.27 52.52 -42.92
C GLN G 18 -23.13 53.09 -43.76
N VAL G 19 -22.01 53.33 -43.10
CA VAL G 19 -20.85 53.95 -43.73
C VAL G 19 -20.21 53.10 -44.84
N PHE G 20 -20.60 51.83 -44.91
CA PHE G 20 -20.10 50.93 -45.93
C PHE G 20 -20.68 51.32 -47.30
N GLY G 21 -21.99 51.55 -47.35
CA GLY G 21 -22.65 52.10 -48.53
C GLY G 21 -23.07 53.57 -48.48
N LEU G 22 -23.09 54.14 -47.27
CA LEU G 22 -23.53 55.52 -47.09
C LEU G 22 -22.54 56.52 -47.63
N ARG G 23 -21.24 56.30 -47.36
CA ARG G 23 -20.26 57.34 -47.64
C ARG G 23 -20.66 58.57 -46.85
N THR G 24 -20.40 58.54 -45.55
CA THR G 24 -20.90 59.51 -44.59
C THR G 24 -20.86 60.99 -44.99
N GLU G 25 -19.65 61.52 -45.21
CA GLU G 25 -19.41 62.97 -45.28
C GLU G 25 -19.62 63.69 -43.93
N ASN G 26 -20.34 64.81 -43.94
CA ASN G 26 -20.47 65.62 -42.73
C ASN G 26 -21.90 65.87 -42.24
N VAL G 27 -22.63 66.76 -42.93
CA VAL G 27 -24.02 67.10 -42.58
C VAL G 27 -25.05 66.03 -43.01
N LEU G 28 -24.62 65.14 -43.90
CA LEU G 28 -25.37 63.95 -44.27
C LEU G 28 -24.93 62.77 -43.40
N ASP G 29 -24.02 63.04 -42.47
CA ASP G 29 -23.65 62.08 -41.45
C ASP G 29 -24.37 62.36 -40.13
N TYR G 30 -25.23 63.36 -40.15
CA TYR G 30 -25.99 63.71 -38.96
C TYR G 30 -27.10 62.70 -38.80
N PHE G 31 -27.77 62.40 -39.91
CA PHE G 31 -28.90 61.48 -39.94
C PHE G 31 -28.49 60.05 -39.65
N ALA G 32 -27.25 59.72 -40.00
CA ALA G 32 -26.72 58.39 -39.77
C ALA G 32 -26.50 58.18 -38.27
N GLU G 33 -26.83 59.20 -37.48
CA GLU G 33 -26.81 59.12 -36.02
C GLU G 33 -28.18 58.83 -35.39
N SER G 34 -29.13 59.73 -35.60
CA SER G 34 -30.49 59.56 -35.07
C SER G 34 -30.99 58.17 -35.43
N PRO G 35 -30.81 57.77 -36.69
CA PRO G 35 -31.17 56.47 -37.25
C PRO G 35 -30.26 55.33 -36.79
N PHE G 36 -29.00 55.63 -36.50
CA PHE G 36 -28.08 54.58 -36.05
C PHE G 36 -28.26 54.22 -34.58
N PHE G 37 -28.29 55.24 -33.73
CA PHE G 37 -28.41 55.06 -32.31
C PHE G 37 -29.80 54.57 -32.03
N ASP G 38 -30.69 54.87 -32.97
CA ASP G 38 -32.13 54.62 -32.87
C ASP G 38 -32.73 55.35 -31.67
N LYS G 39 -32.01 56.36 -31.16
CA LYS G 39 -32.59 57.22 -30.14
C LYS G 39 -32.73 58.62 -30.66
N THR G 40 -33.93 58.89 -31.17
CA THR G 40 -34.51 60.21 -31.31
C THR G 40 -35.99 59.89 -31.39
N SER G 41 -36.85 60.66 -30.75
CA SER G 41 -38.24 60.23 -30.72
C SER G 41 -39.15 61.17 -31.51
N ASN G 42 -39.42 62.30 -30.89
CA ASN G 42 -40.38 63.28 -31.37
C ASN G 42 -39.75 64.67 -31.56
N ASN G 43 -39.21 65.24 -30.49
CA ASN G 43 -38.54 66.54 -30.53
C ASN G 43 -37.21 66.51 -31.28
N GLN G 44 -36.71 65.31 -31.56
CA GLN G 44 -35.68 65.15 -32.58
C GLN G 44 -36.38 64.80 -33.90
N VAL G 45 -37.68 64.53 -33.79
CA VAL G 45 -38.52 64.24 -34.95
C VAL G 45 -39.27 65.49 -35.41
N ILE G 46 -39.01 66.61 -34.73
CA ILE G 46 -39.44 67.92 -35.20
C ILE G 46 -38.47 68.35 -36.29
N LYS G 47 -37.33 67.67 -36.30
CA LYS G 47 -36.38 67.70 -37.39
C LYS G 47 -36.66 66.53 -38.33
N GLN G 49 -39.99 66.38 -39.15
CA GLN G 49 -41.11 67.03 -39.84
C GLN G 49 -40.60 67.83 -41.03
N ARG G 50 -39.33 68.20 -40.95
CA ARG G 50 -38.62 68.94 -42.00
C ARG G 50 -38.09 68.03 -43.12
N GLN G 51 -37.60 66.85 -42.77
CA GLN G 51 -37.18 65.87 -43.75
C GLN G 51 -38.36 65.00 -44.18
N PHE G 52 -39.47 65.09 -43.41
CA PHE G 52 -40.76 64.54 -43.84
C PHE G 52 -41.62 65.59 -44.54
N SER G 53 -41.27 66.87 -44.40
CA SER G 53 -41.75 67.89 -45.33
C SER G 53 -40.67 68.21 -46.39
N GLN G 54 -39.54 67.52 -46.30
CA GLN G 54 -38.55 67.50 -47.39
C GLN G 54 -38.99 66.48 -48.44
N LEU G 55 -39.45 65.33 -47.98
CA LEU G 55 -40.01 64.29 -48.84
C LEU G 55 -41.48 64.52 -49.21
N ASN G 56 -42.26 65.11 -48.29
CA ASN G 56 -43.67 65.45 -48.56
C ASN G 56 -43.82 66.71 -49.41
N ASP G 57 -42.90 67.67 -49.22
CA ASP G 57 -42.79 68.86 -50.07
C ASP G 57 -42.35 68.58 -51.53
N PRO G 58 -41.48 67.57 -51.73
CA PRO G 58 -40.89 67.09 -52.99
C PRO G 58 -41.91 66.58 -54.02
N ASN G 59 -43.13 66.32 -53.58
CA ASN G 59 -44.19 65.83 -54.46
C ASN G 59 -44.83 66.95 -55.28
N GLU G 80 -27.13 94.10 -38.58
CA GLU G 80 -28.04 93.60 -39.62
C GLU G 80 -28.94 92.48 -39.07
N GLU G 81 -29.14 91.44 -39.88
CA GLU G 81 -29.96 90.30 -39.48
C GLU G 81 -29.15 89.22 -38.74
N GLU G 82 -27.85 89.49 -38.58
CA GLU G 82 -27.01 88.72 -37.68
C GLU G 82 -27.14 89.34 -36.29
N PHE G 83 -27.84 90.47 -36.25
CA PHE G 83 -28.38 91.03 -35.00
C PHE G 83 -29.87 90.72 -34.81
N ALA G 84 -30.48 90.13 -35.83
CA ALA G 84 -31.81 89.54 -35.71
C ALA G 84 -31.71 88.02 -35.51
N TYR G 85 -30.47 87.57 -35.36
CA TYR G 85 -30.11 86.14 -35.34
C TYR G 85 -29.79 85.52 -33.97
N VAL G 86 -28.81 86.07 -33.26
CA VAL G 86 -28.03 85.27 -32.33
C VAL G 86 -28.84 84.45 -31.33
N ASP G 87 -28.66 83.15 -31.49
CA ASP G 87 -29.08 82.05 -30.63
C ASP G 87 -28.46 82.06 -29.25
N PRO G 88 -27.35 82.80 -29.09
CA PRO G 88 -25.92 82.76 -28.74
C PRO G 88 -25.45 81.57 -27.90
N ALA G 89 -26.33 80.89 -27.19
CA ALA G 89 -26.02 79.53 -26.80
C ALA G 89 -25.49 78.79 -28.04
N ARG G 90 -26.24 78.86 -29.14
CA ARG G 90 -25.80 78.32 -30.43
C ARG G 90 -25.05 79.35 -31.30
N ARG G 91 -25.15 80.63 -30.98
CA ARG G 91 -24.40 81.63 -31.74
C ARG G 91 -22.96 81.76 -31.25
N GLN G 92 -22.74 81.48 -29.96
CA GLN G 92 -21.40 81.46 -29.37
C GLN G 92 -20.87 80.04 -29.33
N ILE G 93 -21.63 79.12 -29.94
CA ILE G 93 -21.19 77.74 -30.12
C ILE G 93 -21.33 77.30 -31.57
N LEU G 94 -22.59 77.19 -32.02
CA LEU G 94 -22.90 76.63 -33.33
C LEU G 94 -22.02 77.24 -34.41
N PHE G 95 -21.68 78.51 -34.25
CA PHE G 95 -20.64 79.09 -35.09
C PHE G 95 -20.88 78.80 -36.58
N LYS G 96 -19.98 78.03 -37.18
CA LYS G 96 -19.82 77.98 -38.64
C LYS G 96 -20.61 76.98 -39.51
N TYR G 97 -21.56 76.23 -38.94
CA TYR G 97 -22.33 75.21 -39.69
C TYR G 97 -23.09 75.72 -40.95
N PRO G 98 -22.86 75.07 -42.11
CA PRO G 98 -23.39 75.43 -43.44
C PRO G 98 -24.91 75.37 -43.62
N TYR G 100 -27.47 74.12 -40.66
CA TYR G 100 -28.41 73.74 -39.63
C TYR G 100 -29.48 74.77 -39.85
N GLN G 102 -31.58 75.39 -42.22
CA GLN G 102 -32.88 74.81 -42.53
C GLN G 102 -33.58 74.35 -41.26
N LEU G 103 -32.81 73.77 -40.33
CA LEU G 103 -33.33 73.39 -39.02
C LEU G 103 -33.18 74.52 -38.01
N GLU G 104 -32.51 75.59 -38.43
CA GLU G 104 -32.32 76.79 -37.63
C GLU G 104 -33.50 77.72 -37.75
N GLU G 105 -34.13 77.73 -38.91
CA GLU G 105 -35.35 78.47 -39.09
C GLU G 105 -36.46 77.65 -38.46
N GLU G 106 -36.28 76.33 -38.48
CA GLU G 106 -37.12 75.41 -37.71
C GLU G 106 -36.52 75.30 -36.32
N LEU G 107 -35.33 75.89 -36.16
CA LEU G 107 -34.82 76.22 -34.84
C LEU G 107 -35.21 77.66 -34.50
N LYS G 109 -38.45 78.41 -35.32
CA LYS G 109 -39.68 77.88 -34.75
C LYS G 109 -39.28 76.65 -33.97
N LEU G 110 -39.19 76.82 -32.66
CA LEU G 110 -38.98 75.73 -31.72
C LEU G 110 -39.96 75.87 -30.55
N ASP G 111 -39.73 76.88 -29.71
CA ASP G 111 -40.60 77.15 -28.57
C ASP G 111 -40.80 78.64 -28.34
N ILE G 166 -25.33 60.74 -13.75
CA ILE G 166 -24.42 60.33 -14.81
C ILE G 166 -22.97 60.77 -14.54
N PHE G 167 -22.82 61.76 -13.68
CA PHE G 167 -21.54 61.98 -13.04
C PHE G 167 -21.57 61.04 -11.85
N LYS G 168 -22.73 60.38 -11.68
CA LYS G 168 -22.97 59.32 -10.68
C LYS G 168 -22.53 57.91 -11.11
N ILE G 169 -22.60 57.64 -12.40
CA ILE G 169 -22.19 56.34 -12.99
C ILE G 169 -20.68 56.18 -13.18
N VAL G 170 -19.98 57.31 -13.26
CA VAL G 170 -18.53 57.33 -13.20
C VAL G 170 -18.13 57.04 -11.75
N GLN G 171 -19.04 57.30 -10.80
CA GLN G 171 -18.81 57.04 -9.37
C GLN G 171 -19.43 55.73 -8.86
N SER G 172 -20.15 55.02 -9.73
CA SER G 172 -20.62 53.66 -9.41
C SER G 172 -19.63 52.56 -9.81
N ARG G 173 -18.68 52.90 -10.68
CA ARG G 173 -17.57 52.02 -10.94
C ARG G 173 -16.39 52.33 -10.03
N LEU G 174 -16.46 53.47 -9.34
CA LEU G 174 -15.55 53.80 -8.22
C LEU G 174 -16.21 53.48 -6.88
N SER G 176 -17.30 50.30 -7.34
CA SER G 176 -16.65 49.05 -7.67
C SER G 176 -15.16 49.07 -7.38
N THR G 177 -14.63 50.24 -7.05
CA THR G 177 -13.24 50.39 -6.64
C THR G 177 -13.19 50.07 -5.18
N SER G 178 -14.35 50.17 -4.56
CA SER G 178 -14.52 49.90 -3.15
C SER G 178 -14.68 48.41 -2.87
N TYR G 179 -15.30 47.69 -3.80
CA TYR G 179 -15.58 46.26 -3.61
C TYR G 179 -14.32 45.38 -3.70
N HIS G 180 -13.46 45.69 -4.66
CA HIS G 180 -12.16 45.01 -4.79
C HIS G 180 -11.22 45.29 -3.60
N LEU G 181 -11.47 46.39 -2.89
CA LEU G 181 -10.83 46.67 -1.61
C LEU G 181 -11.63 46.09 -0.47
N ASN G 182 -12.91 45.80 -0.76
CA ASN G 182 -13.86 45.25 0.20
C ASN G 182 -13.65 43.77 0.40
N SER G 183 -13.51 43.05 -0.72
CA SER G 183 -13.17 41.61 -0.77
C SER G 183 -11.67 41.27 -0.60
N THR G 184 -10.80 42.21 -0.97
CA THR G 184 -9.37 42.08 -0.71
C THR G 184 -9.06 42.44 0.73
N LEU G 185 -9.89 43.30 1.32
CA LEU G 185 -9.82 43.57 2.75
C LEU G 185 -10.52 42.44 3.53
N GLU G 186 -11.51 41.81 2.90
CA GLU G 186 -12.24 40.69 3.51
C GLU G 186 -11.45 39.38 3.44
N SER G 187 -10.76 39.18 2.31
CA SER G 187 -9.87 38.03 2.13
C SER G 187 -8.55 38.23 2.88
N LEU G 188 -8.35 39.46 3.36
CA LEU G 188 -7.26 39.77 4.26
C LEU G 188 -7.66 39.32 5.66
N TYR G 189 -8.94 39.53 5.98
CA TYR G 189 -9.51 39.17 7.28
C TYR G 189 -9.32 37.69 7.62
N ASP G 190 -9.17 36.87 6.58
CA ASP G 190 -8.79 35.47 6.74
C ASP G 190 -7.28 35.31 6.61
N TYR H 21 -53.51 -0.67 -31.52
CA TYR H 21 -53.76 -0.55 -30.09
C TYR H 21 -52.58 0.09 -29.41
N ILE H 22 -51.73 0.73 -30.22
CA ILE H 22 -50.63 1.52 -29.70
C ILE H 22 -51.09 2.92 -29.31
N GLN H 23 -52.24 3.33 -29.85
CA GLN H 23 -52.88 4.64 -29.60
C GLN H 23 -53.72 4.79 -28.32
N GLU H 24 -54.46 3.75 -27.95
CA GLU H 24 -55.27 3.76 -26.72
C GLU H 24 -54.37 3.75 -25.48
N ARG H 25 -53.27 2.99 -25.54
CA ARG H 25 -52.35 2.86 -24.41
C ARG H 25 -51.40 4.05 -24.24
N LEU H 26 -51.09 4.73 -25.33
CA LEU H 26 -50.39 6.01 -25.24
C LEU H 26 -51.43 7.12 -25.13
N LYS H 27 -52.69 6.76 -25.27
CA LYS H 27 -53.81 7.68 -25.05
C LYS H 27 -54.13 7.81 -23.57
N SER H 28 -54.08 6.67 -22.88
CA SER H 28 -54.21 6.67 -21.44
C SER H 28 -52.90 7.19 -20.86
N LEU H 29 -51.83 7.11 -21.64
CA LEU H 29 -50.48 7.48 -21.19
C LEU H 29 -50.25 9.01 -21.15
N ASN H 30 -50.88 9.72 -22.06
CA ASN H 30 -50.94 11.18 -21.99
C ASN H 30 -52.26 11.61 -21.34
N ASP H 31 -53.11 10.63 -21.01
CA ASP H 31 -54.30 10.88 -20.20
C ASP H 31 -54.02 10.66 -18.71
N ILE H 32 -52.90 10.03 -18.39
CA ILE H 32 -52.38 10.08 -17.05
C ILE H 32 -51.28 11.12 -16.92
N GLU H 33 -50.77 11.59 -18.05
CA GLU H 33 -49.68 12.55 -18.09
C GLU H 33 -50.18 13.97 -17.82
N THR H 34 -51.40 14.24 -18.25
CA THR H 34 -52.07 15.51 -18.01
C THR H 34 -52.68 15.57 -16.62
N GLN H 35 -52.79 14.42 -15.95
CA GLN H 35 -53.21 14.35 -14.56
C GLN H 35 -52.01 14.55 -13.63
N LEU H 36 -50.83 14.70 -14.22
CA LEU H 36 -49.64 15.14 -13.50
C LEU H 36 -49.37 16.65 -13.59
N CYS H 37 -50.00 17.30 -14.57
CA CYS H 37 -49.86 18.75 -14.73
C CYS H 37 -50.84 19.45 -13.80
N SER H 38 -51.87 18.72 -13.40
CA SER H 38 -52.78 19.18 -12.36
C SER H 38 -52.25 18.69 -11.01
N LEU H 40 -48.25 18.46 -10.33
CA LEU H 40 -47.07 19.28 -10.02
C LEU H 40 -47.38 20.79 -9.93
N GLN H 41 -48.37 21.23 -10.69
CA GLN H 41 -48.72 22.65 -10.75
C GLN H 41 -49.54 23.13 -9.53
N GLU H 42 -50.43 22.28 -9.02
CA GLU H 42 -51.15 22.58 -7.78
C GLU H 42 -50.16 22.61 -6.64
N ALA H 43 -48.91 22.26 -6.95
CA ALA H 43 -47.80 22.37 -6.00
C ALA H 43 -47.15 23.75 -6.15
N SER H 44 -47.78 24.58 -6.98
CA SER H 44 -47.38 25.98 -7.12
C SER H 44 -48.28 26.84 -6.24
N GLN H 45 -49.56 26.88 -6.58
CA GLN H 45 -50.52 27.70 -5.84
C GLN H 45 -50.57 27.25 -4.39
N VAL H 46 -49.86 26.18 -4.11
CA VAL H 46 -49.69 25.72 -2.73
C VAL H 46 -48.62 26.53 -2.01
N THR H 47 -47.58 26.90 -2.74
CA THR H 47 -46.49 27.70 -2.16
C THR H 47 -46.83 29.19 -2.09
N PHE H 48 -47.70 29.63 -3.00
CA PHE H 48 -48.03 31.05 -3.12
C PHE H 48 -48.69 31.67 -1.87
N ILE H 49 -49.84 31.14 -1.48
CA ILE H 49 -50.59 31.69 -0.35
C ILE H 49 -49.87 31.55 1.00
N PHE H 50 -48.73 30.87 0.99
CA PHE H 50 -47.90 30.70 2.20
C PHE H 50 -47.00 31.92 2.42
N GLY H 51 -46.88 32.74 1.38
CA GLY H 51 -46.14 33.99 1.49
C GLY H 51 -47.04 35.20 1.72
N GLU H 52 -48.33 35.05 1.45
CA GLU H 52 -49.31 36.13 1.66
C GLU H 52 -49.78 36.24 3.10
N LEU H 53 -50.12 35.10 3.69
CA LEU H 53 -50.46 35.05 5.10
C LEU H 53 -49.17 35.24 5.88
N LYS H 54 -48.07 35.30 5.13
CA LYS H 54 -46.72 35.31 5.70
C LYS H 54 -46.47 36.63 6.39
N ARG H 55 -45.21 36.85 6.77
CA ARG H 55 -44.89 37.94 7.66
C ARG H 55 -45.59 37.67 8.99
N GLY H 56 -45.07 36.67 9.70
CA GLY H 56 -45.44 36.43 11.07
C GLY H 56 -44.23 35.82 11.73
N ASN H 57 -44.21 35.80 13.05
CA ASN H 57 -43.10 35.16 13.78
C ASN H 57 -42.88 33.74 13.32
N GLU H 58 -43.94 32.96 13.41
CA GLU H 58 -43.85 31.54 13.15
C GLU H 58 -44.14 31.24 11.68
N SER H 59 -44.26 32.25 10.84
CA SER H 59 -44.68 32.07 9.46
C SER H 59 -43.68 31.20 8.70
N VAL H 60 -42.63 30.79 9.41
CA VAL H 60 -41.66 29.80 8.94
C VAL H 60 -42.09 28.33 9.10
N LYS H 61 -43.29 28.13 9.64
CA LYS H 61 -43.93 26.82 9.66
C LYS H 61 -44.09 26.32 8.23
N PRO H 62 -44.87 27.03 7.42
CA PRO H 62 -44.98 26.67 6.00
C PRO H 62 -43.65 26.74 5.27
N GLN H 63 -42.63 27.32 5.87
CA GLN H 63 -41.30 27.34 5.25
C GLN H 63 -40.53 26.00 5.37
N PHE H 64 -40.82 25.21 6.40
CA PHE H 64 -40.25 23.86 6.51
C PHE H 64 -41.06 22.88 5.66
N GLU H 65 -42.34 23.18 5.48
CA GLU H 65 -43.26 22.34 4.74
C GLU H 65 -43.39 22.78 3.30
N ASN H 66 -43.92 23.98 3.06
CA ASN H 66 -44.03 24.49 1.70
C ASN H 66 -42.70 24.34 0.94
N HIS H 67 -41.61 24.75 1.58
CA HIS H 67 -40.27 24.67 0.99
C HIS H 67 -39.72 23.23 0.97
N VAL H 68 -40.34 22.35 1.74
CA VAL H 68 -40.15 20.90 1.55
C VAL H 68 -41.23 20.38 0.61
N LYS H 69 -42.26 21.21 0.41
CA LYS H 69 -43.38 20.89 -0.46
C LYS H 69 -43.14 21.17 -1.92
N GLN H 70 -42.60 22.34 -2.22
CA GLN H 70 -42.27 22.67 -3.60
C GLN H 70 -40.78 22.43 -3.91
N PHE H 71 -40.00 22.00 -2.92
CA PHE H 71 -38.68 21.41 -3.15
C PHE H 71 -38.85 19.93 -3.51
N TYR H 72 -39.78 19.28 -2.83
CA TYR H 72 -40.12 17.87 -3.09
C TYR H 72 -40.89 17.69 -4.38
N GLU H 73 -41.99 18.40 -4.55
CA GLU H 73 -42.86 18.18 -5.70
C GLU H 73 -42.35 18.83 -6.99
N ARG H 74 -41.28 19.61 -6.89
CA ARG H 74 -40.72 20.30 -8.05
C ARG H 74 -39.77 19.38 -8.79
N LEU H 75 -39.54 18.20 -8.23
CA LEU H 75 -38.90 17.12 -8.96
C LEU H 75 -39.96 16.17 -9.54
N ASP H 76 -41.25 16.49 -9.31
CA ASP H 76 -42.39 15.81 -9.93
C ASP H 76 -42.77 16.58 -11.17
N LYS H 77 -42.11 17.72 -11.35
CA LYS H 77 -42.17 18.48 -12.59
C LYS H 77 -40.96 18.13 -13.45
N SER H 78 -40.06 17.32 -12.90
CA SER H 78 -38.98 16.74 -13.68
C SER H 78 -39.57 15.57 -14.45
N THR H 79 -40.44 14.82 -13.77
CA THR H 79 -41.05 13.64 -14.36
C THR H 79 -42.10 13.99 -15.40
N THR H 80 -42.46 15.27 -15.48
CA THR H 80 -43.40 15.74 -16.50
C THR H 80 -42.68 16.13 -17.80
N GLN H 81 -41.35 16.20 -17.74
CA GLN H 81 -40.54 16.44 -18.94
C GLN H 81 -40.11 15.15 -19.66
N LEU H 82 -40.26 14.01 -18.98
CA LEU H 82 -39.97 12.71 -19.58
C LEU H 82 -41.15 12.11 -20.36
N ARG H 83 -42.37 12.57 -20.05
CA ARG H 83 -43.58 12.07 -20.69
C ARG H 83 -43.67 12.43 -22.18
N LYS H 84 -43.47 13.71 -22.48
CA LYS H 84 -43.64 14.21 -23.84
C LYS H 84 -42.55 13.78 -24.82
N GLU H 85 -41.40 13.34 -24.29
CA GLU H 85 -40.33 12.82 -25.12
C GLU H 85 -40.64 11.38 -25.50
N ILE H 86 -41.63 10.81 -24.79
CA ILE H 86 -42.21 9.50 -25.14
C ILE H 86 -43.27 9.62 -26.23
N GLN H 87 -44.03 10.72 -26.20
CA GLN H 87 -44.97 11.07 -27.26
C GLN H 87 -44.28 11.95 -28.32
N LEU H 88 -43.05 12.36 -28.02
CA LEU H 88 -42.13 12.87 -29.04
C LEU H 88 -41.19 11.73 -29.46
N LEU H 89 -41.32 10.58 -28.81
CA LEU H 89 -40.66 9.35 -29.21
C LEU H 89 -41.54 8.62 -30.19
N ASP H 90 -42.80 9.03 -30.26
CA ASP H 90 -43.69 8.58 -31.32
C ASP H 90 -43.44 9.43 -32.57
N GLU H 91 -42.93 10.63 -32.35
CA GLU H 91 -42.41 11.47 -33.42
C GLU H 91 -40.97 11.08 -33.74
N ASN H 92 -40.22 10.70 -32.71
CA ASN H 92 -38.80 10.42 -32.85
C ASN H 92 -38.47 8.93 -33.05
N VAL H 93 -39.51 8.10 -33.03
CA VAL H 93 -39.34 6.66 -33.22
C VAL H 93 -40.62 5.99 -33.71
N GLN H 109 -30.51 -17.13 -35.70
CA GLN H 109 -30.95 -16.96 -34.31
C GLN H 109 -30.27 -15.79 -33.61
N ASP H 110 -30.87 -14.59 -33.67
CA ASP H 110 -32.08 -14.34 -34.44
C ASP H 110 -31.79 -13.74 -35.83
N THR H 111 -30.51 -13.64 -36.16
CA THR H 111 -30.05 -12.74 -37.25
C THR H 111 -30.60 -13.03 -38.66
N GLU H 112 -30.43 -12.04 -39.53
CA GLU H 112 -30.64 -12.19 -40.96
C GLU H 112 -29.33 -12.49 -41.62
N LYS H 113 -28.29 -12.69 -40.80
CA LYS H 113 -26.89 -12.55 -41.22
C LYS H 113 -26.60 -13.40 -42.45
N GLU H 115 -27.84 -12.59 -44.94
CA GLU H 115 -27.59 -11.49 -45.87
C GLU H 115 -26.19 -10.91 -45.68
N GLU H 116 -25.55 -11.30 -44.58
CA GLU H 116 -24.14 -11.00 -44.38
C GLU H 116 -23.34 -12.02 -45.18
N GLN H 117 -24.00 -13.10 -45.59
CA GLN H 117 -23.43 -14.03 -46.55
C GLN H 117 -23.80 -13.53 -47.93
N LEU H 118 -24.61 -12.46 -47.94
CA LEU H 118 -24.72 -11.58 -49.10
C LEU H 118 -23.54 -10.62 -49.07
N ASP H 119 -23.06 -10.33 -47.86
CA ASP H 119 -21.95 -9.40 -47.63
C ASP H 119 -20.60 -10.00 -47.97
N LEU H 120 -20.38 -11.23 -47.53
CA LEU H 120 -19.21 -11.98 -47.95
C LEU H 120 -19.33 -12.28 -49.43
N LEU H 121 -20.55 -12.61 -49.88
CA LEU H 121 -20.80 -12.94 -51.28
C LEU H 121 -20.33 -11.82 -52.21
N SER H 122 -20.77 -10.59 -51.95
CA SER H 122 -20.37 -9.44 -52.75
C SER H 122 -18.85 -9.25 -52.74
N ALA H 123 -18.22 -9.68 -51.65
CA ALA H 123 -16.77 -9.53 -51.47
C ALA H 123 -15.95 -10.49 -52.34
N ILE H 124 -16.46 -11.71 -52.48
CA ILE H 124 -15.82 -12.78 -53.27
C ILE H 124 -16.07 -12.58 -54.76
N LEU H 125 -17.15 -11.89 -55.07
CA LEU H 125 -17.43 -11.39 -56.41
C LEU H 125 -16.65 -10.10 -56.65
N ASP H 126 -16.37 -9.38 -55.56
CA ASP H 126 -15.45 -8.24 -55.54
C ASP H 126 -13.96 -8.58 -55.74
N PRO H 127 -13.47 -9.67 -55.12
CA PRO H 127 -12.11 -10.20 -55.26
C PRO H 127 -11.76 -10.64 -56.69
N SER H 128 -12.68 -11.37 -57.35
CA SER H 128 -12.54 -11.80 -58.76
C SER H 128 -12.93 -10.75 -59.83
N LYS H 129 -13.79 -9.79 -59.45
CA LYS H 129 -14.26 -8.70 -60.36
C LYS H 129 -13.38 -7.44 -60.39
N GLN I 100 -19.79 -1.59 0.63
CA GLN I 100 -19.99 -2.47 1.77
C GLN I 100 -18.96 -2.19 2.86
N GLU I 101 -18.18 -3.22 3.21
CA GLU I 101 -17.18 -3.14 4.30
C GLU I 101 -17.75 -2.96 5.71
N GLN I 102 -17.38 -1.87 6.37
CA GLN I 102 -17.94 -1.50 7.68
C GLN I 102 -19.42 -1.15 7.57
N PHE I 103 -19.80 -0.65 6.41
CA PHE I 103 -21.19 -0.33 6.06
C PHE I 103 -22.19 -1.40 6.54
N VAL I 104 -22.18 -2.59 5.94
CA VAL I 104 -23.09 -3.66 6.35
C VAL I 104 -22.82 -4.08 7.81
N LYS I 105 -21.78 -3.52 8.42
CA LYS I 105 -21.46 -3.69 9.85
C LYS I 105 -22.15 -2.66 10.75
N ARG I 106 -22.65 -1.59 10.14
CA ARG I 106 -23.56 -0.67 10.82
C ARG I 106 -25.00 -1.11 10.53
N ARG I 107 -25.14 -2.05 9.60
CA ARG I 107 -26.43 -2.63 9.23
C ARG I 107 -26.88 -3.67 10.24
N ARG I 108 -25.91 -4.35 10.86
CA ARG I 108 -26.18 -5.26 11.96
C ARG I 108 -26.33 -4.47 13.26
N ASP I 109 -25.66 -3.32 13.34
CA ASP I 109 -25.74 -2.45 14.51
C ASP I 109 -27.09 -1.71 14.58
N LEU I 111 -29.61 -2.78 12.92
CA LEU I 111 -30.55 -3.91 13.00
C LEU I 111 -30.55 -4.45 14.42
N GLU I 112 -29.50 -4.11 15.17
CA GLU I 112 -29.40 -4.47 16.56
C GLU I 112 -30.06 -3.40 17.42
N HIS I 113 -30.42 -2.27 16.81
CA HIS I 113 -31.28 -1.27 17.48
C HIS I 113 -32.75 -1.55 17.18
N ILE I 114 -32.98 -2.48 16.26
CA ILE I 114 -34.32 -2.91 15.90
C ILE I 114 -34.88 -3.95 16.87
N ASN I 115 -34.06 -4.94 17.21
CA ASN I 115 -34.43 -5.96 18.19
C ASN I 115 -34.42 -5.36 19.59
N LEU I 116 -33.95 -4.12 19.66
CA LEU I 116 -33.93 -3.32 20.89
C LEU I 116 -35.25 -2.54 21.07
N ALA I 117 -36.11 -2.62 20.06
CA ALA I 117 -37.49 -2.23 20.21
C ALA I 117 -38.34 -3.49 20.46
N ASN I 119 -37.67 -5.90 23.00
CA ASN I 119 -37.86 -5.98 24.44
C ASN I 119 -38.83 -4.94 24.95
N GLU I 120 -39.06 -3.91 24.14
CA GLU I 120 -39.99 -2.84 24.48
C GLU I 120 -41.41 -3.31 24.25
N SER I 121 -41.55 -4.33 23.40
CA SER I 121 -42.81 -4.98 23.09
C SER I 121 -43.22 -6.00 24.14
N SER I 122 -42.25 -6.80 24.59
CA SER I 122 -42.47 -7.75 25.66
C SER I 122 -42.99 -7.07 26.91
N LEU I 123 -42.61 -5.80 27.08
CA LEU I 123 -43.05 -4.99 28.22
C LEU I 123 -44.57 -4.88 28.20
N ALA I 124 -45.16 -5.05 27.02
CA ALA I 124 -46.62 -5.03 26.84
C ALA I 124 -47.26 -6.36 27.22
N LEU I 125 -46.46 -7.43 27.14
CA LEU I 125 -46.88 -8.76 27.54
C LEU I 125 -46.90 -8.89 29.07
N GLU I 126 -46.15 -8.03 29.74
CA GLU I 126 -46.12 -7.93 31.19
C GLU I 126 -47.26 -7.06 31.63
N PHE I 127 -47.91 -6.48 30.63
CA PHE I 127 -49.15 -5.78 30.82
C PHE I 127 -50.29 -6.79 30.73
N VAL I 128 -50.42 -7.42 29.58
CA VAL I 128 -51.49 -8.38 29.33
C VAL I 128 -51.62 -9.42 30.44
N SER I 129 -50.50 -9.83 31.00
CA SER I 129 -50.52 -10.79 32.09
C SER I 129 -51.08 -10.16 33.35
N LEU I 130 -51.09 -8.84 33.42
CA LEU I 130 -51.49 -8.10 34.62
C LEU I 130 -52.98 -8.13 34.83
N LEU I 131 -53.72 -7.98 33.74
CA LEU I 131 -55.16 -8.11 33.80
C LEU I 131 -55.47 -9.58 34.03
N LEU I 132 -54.68 -10.45 33.40
CA LEU I 132 -54.74 -11.89 33.62
C LEU I 132 -56.18 -12.19 33.94
N SER I 133 -56.37 -12.88 35.05
CA SER I 133 -57.55 -12.85 35.91
C SER I 133 -58.93 -12.68 35.21
N SER I 134 -59.96 -12.43 35.98
CA SER I 134 -61.37 -12.64 35.61
C SER I 134 -61.76 -14.09 35.45
N VAL I 135 -62.39 -14.42 34.32
CA VAL I 135 -62.87 -15.78 34.05
C VAL I 135 -62.43 -16.16 32.65
N LYS I 136 -63.04 -15.35 31.77
CA LYS I 136 -62.86 -15.12 30.34
C LYS I 136 -61.87 -13.95 30.02
N GLU I 137 -61.19 -13.42 31.03
CA GLU I 137 -60.01 -12.59 30.76
C GLU I 137 -58.72 -13.43 30.89
N SER I 138 -58.85 -14.71 31.25
CA SER I 138 -57.65 -15.53 31.30
C SER I 138 -57.60 -16.38 30.02
N THR I 139 -57.09 -15.73 28.98
CA THR I 139 -56.82 -16.31 27.67
C THR I 139 -55.42 -15.78 27.34
N GLY I 140 -55.31 -14.45 27.25
CA GLY I 140 -54.03 -13.77 27.19
C GLY I 140 -53.37 -13.66 28.55
N SER I 142 -53.21 -16.51 30.03
CA SER I 142 -52.54 -17.77 29.70
C SER I 142 -51.36 -17.60 28.74
N SER I 143 -51.17 -16.37 28.27
CA SER I 143 -50.01 -16.00 27.43
C SER I 143 -48.73 -15.72 28.23
N SER I 145 -48.33 -17.66 31.05
CA SER I 145 -48.20 -18.92 31.78
C SER I 145 -46.93 -19.68 31.41
N PRO I 146 -46.57 -19.66 30.11
CA PRO I 146 -45.15 -19.87 29.84
C PRO I 146 -44.39 -18.62 30.30
N PHE I 147 -43.35 -18.78 31.12
CA PHE I 147 -42.74 -17.64 31.79
C PHE I 147 -43.71 -16.82 32.66
N LEU I 148 -44.37 -17.49 33.62
CA LEU I 148 -45.13 -16.82 34.70
C LEU I 148 -45.40 -17.76 35.88
N THR I 168 -58.85 9.45 42.96
CA THR I 168 -59.03 9.17 41.53
C THR I 168 -59.45 10.43 40.77
N LYS I 169 -58.66 11.49 40.88
CA LYS I 169 -58.94 12.77 40.23
C LYS I 169 -58.38 12.86 38.81
N LYS I 170 -59.22 13.25 37.87
CA LYS I 170 -58.85 13.32 36.46
C LYS I 170 -57.61 14.17 36.21
N GLU I 171 -57.75 15.50 36.33
CA GLU I 171 -56.70 16.43 35.89
C GLU I 171 -56.69 17.77 36.59
N TYR I 172 -55.90 18.69 36.05
CA TYR I 172 -55.84 20.03 36.58
C TYR I 172 -55.90 21.01 35.41
N ILE I 173 -56.27 22.27 35.70
CA ILE I 173 -56.33 23.34 34.70
C ILE I 173 -54.98 24.00 34.42
N GLU I 174 -54.15 24.11 35.46
CA GLU I 174 -52.78 24.53 35.26
C GLU I 174 -52.00 23.35 34.73
N LEU I 175 -52.30 22.15 35.21
CA LEU I 175 -51.59 20.97 34.76
C LEU I 175 -51.95 20.59 33.33
N ASP I 176 -53.08 21.10 32.84
CA ASP I 176 -53.42 20.97 31.41
C ASP I 176 -53.08 22.27 30.64
N ILE I 177 -52.64 23.28 31.37
CA ILE I 177 -52.07 24.46 30.77
C ILE I 177 -50.59 24.25 30.41
N LEU I 178 -49.84 23.61 31.32
CA LEU I 178 -48.42 23.24 31.10
C LEU I 178 -48.30 22.05 30.15
N ASN I 179 -49.27 21.12 30.27
CA ASN I 179 -49.43 20.01 29.34
C ASN I 179 -49.96 20.49 28.00
N LYS I 180 -50.20 21.79 27.91
CA LYS I 180 -50.33 22.50 26.63
C LYS I 180 -48.98 23.10 26.27
N GLY I 181 -48.04 23.04 27.20
CA GLY I 181 -46.69 23.49 26.96
C GLY I 181 -45.88 22.39 26.32
N TRP I 182 -46.26 21.15 26.62
CA TRP I 182 -45.58 19.95 26.11
C TRP I 182 -46.04 19.46 24.71
N LYS I 183 -47.25 19.84 24.29
CA LYS I 183 -47.78 19.37 23.02
C LYS I 183 -47.25 20.19 21.85
N LEU I 184 -46.53 21.27 22.16
CA LEU I 184 -45.94 22.12 21.13
C LEU I 184 -44.58 21.64 20.61
N GLN I 185 -43.72 21.18 21.52
CA GLN I 185 -42.33 20.91 21.20
C GLN I 185 -42.12 19.59 20.45
N SER I 186 -43.13 18.74 20.46
CA SER I 186 -43.07 17.52 19.67
C SER I 186 -43.57 17.78 18.27
N LEU I 187 -44.29 18.89 18.12
CA LEU I 187 -44.82 19.35 16.84
C LEU I 187 -43.84 20.22 16.08
N ASN I 188 -43.19 21.13 16.79
CA ASN I 188 -42.23 22.06 16.18
C ASN I 188 -40.94 21.32 15.74
N GLU I 189 -40.82 20.06 16.11
CA GLU I 189 -39.64 19.27 15.81
C GLU I 189 -39.65 18.66 14.42
N SER I 190 -40.78 18.11 13.97
CA SER I 190 -40.84 17.30 12.75
C SER I 190 -40.71 18.12 11.46
N LYS I 191 -40.62 19.43 11.62
CA LYS I 191 -40.62 20.34 10.47
C LYS I 191 -39.34 20.18 9.69
N ASP I 192 -38.21 20.52 10.32
CA ASP I 192 -36.89 20.50 9.70
C ASP I 192 -36.51 19.17 9.04
N LEU I 193 -36.97 18.06 9.62
CA LEU I 193 -36.73 16.72 9.08
C LEU I 193 -37.68 16.43 7.91
N LEU I 194 -38.76 17.20 7.84
CA LEU I 194 -39.61 17.26 6.65
C LEU I 194 -39.00 18.21 5.61
N ARG I 195 -38.34 19.25 6.10
CA ARG I 195 -37.55 20.11 5.26
C ARG I 195 -36.29 19.38 4.87
N ALA I 196 -35.71 18.63 5.81
CA ALA I 196 -34.51 17.82 5.57
C ALA I 196 -34.83 16.46 4.95
N SER I 197 -36.10 16.09 4.96
CA SER I 197 -36.57 14.96 4.18
C SER I 197 -36.79 15.44 2.76
N PHE I 198 -37.37 16.63 2.62
CA PHE I 198 -37.73 17.15 1.32
C PHE I 198 -36.72 18.05 0.66
N ASN I 199 -35.66 18.40 1.40
CA ASN I 199 -34.47 18.99 0.80
C ASN I 199 -33.57 17.91 0.21
N LYS I 200 -33.53 16.77 0.89
CA LYS I 200 -32.73 15.63 0.46
C LYS I 200 -33.53 14.64 -0.38
N LEU I 201 -34.84 14.87 -0.49
CA LEU I 201 -35.69 14.07 -1.36
C LEU I 201 -35.60 14.56 -2.79
N SER I 202 -35.59 15.89 -2.93
CA SER I 202 -35.45 16.49 -4.23
C SER I 202 -34.08 16.18 -4.79
N SER I 203 -33.04 16.39 -3.98
CA SER I 203 -31.64 16.27 -4.41
C SER I 203 -31.21 14.89 -4.93
N ILE I 204 -31.91 13.84 -4.49
CA ILE I 204 -31.76 12.47 -5.01
C ILE I 204 -32.66 12.25 -6.23
N LEU I 205 -33.54 13.23 -6.47
CA LEU I 205 -34.43 13.23 -7.62
C LEU I 205 -33.79 13.73 -8.91
N GLN I 206 -33.01 14.80 -8.82
CA GLN I 206 -32.36 15.38 -10.01
C GLN I 206 -30.99 14.78 -10.29
N ASN I 207 -30.50 13.94 -9.37
CA ASN I 207 -29.33 13.09 -9.61
C ASN I 207 -29.78 11.91 -10.43
N GLU I 208 -30.86 11.29 -9.97
CA GLU I 208 -31.40 10.11 -10.60
C GLU I 208 -32.16 10.44 -11.90
N HIS I 209 -32.89 11.55 -11.90
CA HIS I 209 -33.57 11.96 -13.11
C HIS I 209 -32.53 12.28 -14.16
N ASP I 210 -31.35 12.69 -13.72
CA ASP I 210 -30.28 13.05 -14.65
C ASP I 210 -29.97 11.87 -15.55
N TYR I 211 -29.61 10.74 -14.95
CA TYR I 211 -29.26 9.52 -15.70
C TYR I 211 -30.35 9.10 -16.69
N TRP I 212 -31.60 9.27 -16.29
CA TRP I 212 -32.75 8.75 -17.03
C TRP I 212 -33.03 9.50 -18.32
N ASN I 213 -33.01 10.83 -18.25
CA ASN I 213 -33.30 11.66 -19.43
C ASN I 213 -32.37 11.32 -20.59
N LYS I 214 -31.13 10.98 -20.28
CA LYS I 214 -30.11 10.78 -21.30
C LYS I 214 -30.28 9.54 -22.19
N ILE I 215 -30.98 8.53 -21.66
CA ILE I 215 -31.03 7.20 -22.28
C ILE I 215 -31.57 7.19 -23.72
N GLN I 217 -30.93 7.95 -26.76
CA GLN I 217 -30.19 8.00 -28.03
C GLN I 217 -30.85 7.22 -29.19
N SER I 218 -31.10 5.93 -28.99
CA SER I 218 -31.54 5.01 -30.04
C SER I 218 -33.03 5.15 -30.42
N LYS I 326 -20.01 2.85 -34.02
CA LYS I 326 -19.84 2.42 -32.62
C LYS I 326 -21.04 1.57 -32.15
N ASP I 327 -22.24 1.93 -32.57
CA ASP I 327 -23.39 1.09 -32.35
C ASP I 327 -23.40 -0.01 -33.40
N ILE I 328 -23.14 0.37 -34.65
CA ILE I 328 -23.17 -0.55 -35.78
C ILE I 328 -21.97 -1.48 -35.72
N ARG I 329 -20.87 -1.02 -35.12
CA ARG I 329 -19.70 -1.87 -34.93
C ARG I 329 -19.94 -2.72 -33.69
N LYS I 330 -20.95 -2.32 -32.94
CA LYS I 330 -21.41 -3.09 -31.80
C LYS I 330 -22.29 -4.24 -32.28
N GLN I 331 -23.19 -3.94 -33.22
CA GLN I 331 -23.96 -4.99 -33.88
C GLN I 331 -22.98 -5.97 -34.49
N ILE I 332 -21.87 -5.43 -35.01
CA ILE I 332 -20.80 -6.22 -35.62
C ILE I 332 -19.91 -6.86 -34.54
N GLN I 333 -19.97 -6.31 -33.34
CA GLN I 333 -19.30 -6.95 -32.21
C GLN I 333 -20.01 -8.26 -31.87
N LEU I 334 -21.34 -8.22 -31.84
CA LEU I 334 -22.14 -9.41 -31.61
C LEU I 334 -21.94 -10.41 -32.74
N LEU I 335 -21.32 -9.95 -33.82
CA LEU I 335 -20.95 -10.80 -34.95
C LEU I 335 -19.49 -11.26 -34.85
N LYS I 336 -18.80 -10.78 -33.82
CA LYS I 336 -17.49 -11.31 -33.46
C LYS I 336 -17.70 -12.52 -32.56
N LYS I 337 -18.96 -12.70 -32.16
CA LYS I 337 -19.39 -13.91 -31.48
C LYS I 337 -19.58 -15.04 -32.48
N ILE I 338 -19.43 -14.73 -33.75
CA ILE I 338 -19.52 -15.76 -34.79
C ILE I 338 -18.21 -16.49 -35.02
N ILE I 339 -17.10 -15.89 -34.63
CA ILE I 339 -15.79 -16.52 -34.85
C ILE I 339 -15.38 -17.42 -33.70
N PHE I 340 -16.05 -17.26 -32.56
CA PHE I 340 -15.85 -18.14 -31.41
C PHE I 340 -16.67 -19.44 -31.46
N GLU I 341 -17.90 -19.36 -31.95
CA GLU I 341 -18.78 -20.50 -32.04
C GLU I 341 -18.47 -21.36 -33.26
N LYS I 342 -17.84 -20.73 -34.25
CA LYS I 342 -17.42 -21.43 -35.46
C LYS I 342 -16.11 -22.16 -35.27
N GLU I 343 -15.15 -21.50 -34.64
CA GLU I 343 -13.93 -22.19 -34.33
C GLU I 343 -14.29 -23.42 -33.52
N LEU I 344 -14.76 -23.19 -32.29
CA LEU I 344 -14.95 -24.25 -31.30
C LEU I 344 -15.90 -25.37 -31.72
N TYR I 346 -15.81 -26.11 -35.08
CA TYR I 346 -14.99 -26.61 -36.17
C TYR I 346 -14.06 -27.71 -35.71
N GLN I 347 -13.59 -27.62 -34.47
CA GLN I 347 -12.56 -28.53 -33.95
C GLN I 347 -13.12 -29.91 -33.60
N ILE I 348 -14.42 -29.97 -33.32
CA ILE I 348 -15.08 -31.25 -33.10
C ILE I 348 -15.36 -31.93 -34.45
N LYS I 349 -15.59 -31.12 -35.49
CA LYS I 349 -15.67 -31.64 -36.84
C LYS I 349 -14.29 -32.10 -37.24
N LYS I 350 -13.29 -31.56 -36.55
CA LYS I 350 -11.89 -31.88 -36.80
C LYS I 350 -11.46 -33.03 -35.91
N GLU I 351 -12.40 -33.61 -35.17
CA GLU I 351 -12.19 -34.81 -34.36
C GLU I 351 -12.33 -36.13 -35.12
N CYS I 352 -13.27 -36.17 -36.06
CA CYS I 352 -13.45 -37.35 -36.91
C CYS I 352 -12.43 -37.37 -38.05
N ALA I 353 -11.99 -36.17 -38.45
CA ALA I 353 -11.02 -36.00 -39.52
C ALA I 353 -9.59 -36.29 -39.08
N LEU I 354 -9.18 -35.73 -37.94
CA LEU I 354 -7.83 -35.95 -37.42
C LEU I 354 -7.51 -37.44 -37.42
N LEU I 355 -8.51 -38.26 -37.13
CA LEU I 355 -8.41 -39.70 -37.33
C LEU I 355 -7.81 -39.98 -38.73
N ILE I 356 -8.53 -39.55 -39.78
CA ILE I 356 -8.04 -39.64 -41.15
C ILE I 356 -6.78 -38.79 -41.38
N SER I 357 -6.89 -37.48 -41.14
CA SER I 357 -5.77 -36.54 -41.28
C SER I 357 -5.84 -35.40 -40.25
N TYR I 358 -4.69 -35.02 -39.71
CA TYR I 358 -4.62 -34.13 -38.53
C TYR I 358 -4.21 -32.67 -38.80
N GLY I 359 -5.11 -31.75 -38.46
CA GLY I 359 -4.84 -30.33 -38.49
C GLY I 359 -4.78 -29.55 -37.19
N VAL I 360 -4.69 -30.21 -36.03
CA VAL I 360 -4.83 -29.49 -34.76
C VAL I 360 -3.54 -29.16 -34.03
N SER I 361 -3.31 -27.87 -33.78
CA SER I 361 -2.17 -27.40 -33.00
C SER I 361 -2.60 -26.35 -31.96
N ILE I 362 -2.42 -26.68 -30.69
CA ILE I 362 -2.74 -25.80 -29.56
C ILE I 362 -4.22 -25.40 -29.45
N GLU I 363 -4.44 -24.12 -29.17
CA GLU I 363 -5.79 -23.55 -29.16
C GLU I 363 -6.28 -23.21 -30.57
N ASN I 364 -5.43 -22.52 -31.32
CA ASN I 364 -5.71 -22.16 -32.70
C ASN I 364 -4.81 -22.95 -33.62
N GLU I 365 -5.39 -23.67 -34.58
CA GLU I 365 -4.69 -24.73 -35.26
C GLU I 365 -4.63 -24.57 -36.78
N ASN I 366 -3.75 -25.35 -37.41
CA ASN I 366 -3.64 -25.40 -38.88
C ASN I 366 -3.39 -26.83 -39.42
N LYS I 367 -3.79 -27.05 -40.68
CA LYS I 367 -3.84 -28.40 -41.27
C LYS I 367 -2.90 -28.67 -42.45
N VAL I 368 -2.57 -29.96 -42.65
CA VAL I 368 -1.50 -30.40 -43.57
C VAL I 368 -1.61 -29.93 -45.03
N ILE I 369 -0.51 -29.41 -45.55
CA ILE I 369 -0.39 -29.04 -46.95
C ILE I 369 0.94 -29.57 -47.50
N ILE I 370 0.85 -30.44 -48.51
CA ILE I 370 2.03 -31.11 -49.05
C ILE I 370 2.63 -30.40 -50.25
N GLU I 371 3.81 -29.80 -50.05
CA GLU I 371 4.45 -28.94 -51.05
C GLU I 371 5.87 -29.36 -51.41
N LEU I 372 6.50 -28.62 -52.32
CA LEU I 372 7.84 -28.93 -52.82
C LEU I 372 8.93 -28.47 -51.84
N PRO I 373 10.13 -29.06 -51.95
CA PRO I 373 11.31 -28.77 -51.12
C PRO I 373 12.03 -27.49 -51.52
N ASN I 374 12.62 -26.80 -50.56
CA ASN I 374 12.61 -27.22 -49.16
C ASN I 374 11.26 -26.98 -48.50
N GLU I 375 11.03 -27.65 -47.37
CA GLU I 375 9.73 -27.61 -46.71
C GLU I 375 9.75 -26.70 -45.47
N LYS I 376 8.80 -25.77 -45.40
CA LYS I 376 7.76 -25.57 -46.41
C LYS I 376 6.95 -24.34 -46.02
N PHE I 377 6.14 -23.86 -46.97
CA PHE I 377 5.31 -22.70 -46.71
C PHE I 377 3.93 -22.81 -47.34
N GLU I 378 2.98 -22.09 -46.75
CA GLU I 378 1.60 -22.11 -47.20
C GLU I 378 0.97 -20.79 -46.80
N ILE I 379 -0.34 -20.67 -46.98
CA ILE I 379 -1.04 -19.46 -46.59
C ILE I 379 -2.31 -19.79 -45.80
N GLU I 380 -2.49 -19.12 -44.65
CA GLU I 380 -3.64 -19.33 -43.78
C GLU I 380 -3.90 -18.13 -42.86
N LEU I 381 -5.08 -18.08 -42.26
CA LEU I 381 -5.49 -17.02 -41.35
C LEU I 381 -5.69 -17.50 -39.90
N LEU I 382 -6.58 -18.47 -39.74
CA LEU I 382 -7.02 -18.98 -38.45
C LEU I 382 -7.84 -18.04 -37.58
N SER I 383 -7.52 -17.98 -36.29
CA SER I 383 -8.41 -17.34 -35.31
C SER I 383 -8.41 -15.84 -35.47
N LEU I 384 -9.16 -15.16 -34.59
CA LEU I 384 -8.88 -13.77 -34.36
C LEU I 384 -8.11 -13.82 -33.08
N ASP I 385 -6.79 -13.75 -33.22
CA ASP I 385 -5.92 -13.81 -32.08
C ASP I 385 -5.97 -12.40 -31.56
N ASP I 386 -6.11 -11.48 -32.51
CA ASP I 386 -5.85 -10.06 -32.32
C ASP I 386 -4.33 -9.79 -32.15
N ASP I 387 -3.52 -10.69 -32.72
CA ASP I 387 -2.07 -10.59 -32.63
C ASP I 387 -1.49 -9.93 -33.88
N SER I 388 -0.62 -8.95 -33.68
CA SER I 388 -0.08 -8.14 -34.78
C SER I 388 1.24 -8.67 -35.37
N ILE I 389 1.70 -9.81 -34.88
CA ILE I 389 2.92 -10.43 -35.40
C ILE I 389 2.82 -10.70 -36.91
N VAL I 390 1.59 -10.75 -37.42
CA VAL I 390 1.34 -10.91 -38.84
C VAL I 390 1.06 -9.59 -39.56
N ASN I 391 1.10 -8.49 -38.80
CA ASN I 391 0.83 -7.15 -39.34
C ASN I 391 2.00 -6.55 -40.11
N HIS I 392 3.21 -6.78 -39.62
CA HIS I 392 4.42 -6.34 -40.31
C HIS I 392 4.72 -7.26 -41.49
N GLU I 393 4.15 -8.45 -41.44
CA GLU I 393 4.22 -9.43 -42.52
C GLU I 393 3.11 -9.21 -43.53
N GLN I 394 2.09 -8.43 -43.15
CA GLN I 394 0.99 -8.10 -44.04
C GLN I 394 1.42 -6.99 -44.99
N ASP I 395 2.50 -6.32 -44.62
CA ASP I 395 3.15 -5.32 -45.48
C ASP I 395 4.06 -5.98 -46.50
N LEU I 396 4.73 -7.05 -46.08
CA LEU I 396 5.52 -7.90 -46.96
C LEU I 396 4.68 -8.78 -47.91
N PRO I 397 3.73 -9.47 -47.34
CA PRO I 397 2.77 -10.26 -48.11
C PRO I 397 1.95 -9.32 -48.92
N LYS I 398 1.69 -8.16 -48.35
CA LYS I 398 0.61 -7.35 -48.80
C LYS I 398 1.06 -7.31 -50.21
N ILE I 399 2.35 -7.12 -50.36
CA ILE I 399 2.93 -7.35 -51.63
C ILE I 399 3.07 -8.85 -51.59
N ASN I 400 2.38 -9.53 -52.50
CA ASN I 400 2.77 -10.89 -52.84
C ASN I 400 1.78 -12.04 -53.01
N ASP I 401 0.85 -12.23 -52.10
CA ASP I 401 0.05 -13.42 -52.19
C ASP I 401 -1.41 -13.11 -52.30
N LYS I 402 -2.05 -13.62 -53.33
CA LYS I 402 -3.48 -13.64 -53.32
C LYS I 402 -3.86 -15.02 -52.95
N ARG I 403 -3.15 -16.05 -53.45
CA ARG I 403 -3.68 -17.35 -53.04
C ARG I 403 -3.67 -17.44 -51.52
N ALA I 404 -3.05 -16.46 -50.89
CA ALA I 404 -3.22 -16.23 -49.46
C ALA I 404 -4.53 -15.49 -49.22
N ASN I 405 -4.75 -14.43 -50.00
CA ASN I 405 -5.93 -13.58 -49.84
C ASN I 405 -7.20 -14.16 -50.47
N LEU I 406 -7.10 -14.60 -51.72
CA LEU I 406 -8.22 -15.17 -52.46
C LEU I 406 -8.67 -16.47 -51.85
N LEU I 408 -8.23 -17.44 -49.12
CA LEU I 408 -8.65 -17.18 -47.75
C LEU I 408 -10.15 -17.08 -47.66
N VAL I 409 -10.75 -16.44 -48.66
CA VAL I 409 -12.19 -16.17 -48.71
C VAL I 409 -13.05 -17.41 -48.96
N LEU I 411 -12.67 -19.82 -47.34
CA LEU I 411 -12.76 -20.33 -45.99
C LEU I 411 -13.99 -19.77 -45.28
N ARG I 412 -14.29 -18.50 -45.54
CA ARG I 412 -15.38 -17.79 -44.86
C ARG I 412 -16.73 -18.44 -45.16
N LEU I 413 -16.78 -19.13 -46.30
CA LEU I 413 -18.02 -19.69 -46.80
C LEU I 413 -18.51 -20.92 -46.03
N LEU I 414 -17.59 -21.82 -45.69
CA LEU I 414 -17.95 -23.01 -44.94
C LEU I 414 -18.70 -22.58 -43.70
N LEU I 415 -18.37 -21.37 -43.25
CA LEU I 415 -18.86 -20.86 -41.97
C LEU I 415 -20.37 -20.68 -41.93
N VAL I 416 -20.88 -19.84 -42.81
CA VAL I 416 -22.33 -19.65 -42.90
C VAL I 416 -22.94 -20.94 -43.43
N VAL I 417 -22.16 -21.66 -44.22
CA VAL I 417 -22.66 -22.87 -44.85
C VAL I 417 -23.19 -23.81 -43.78
N ILE I 418 -22.27 -24.45 -43.07
CA ILE I 418 -22.68 -25.47 -42.12
C ILE I 418 -23.65 -24.89 -41.11
N PHE I 419 -23.54 -23.58 -40.86
CA PHE I 419 -24.30 -22.96 -39.78
C PHE I 419 -25.71 -22.64 -40.23
N LYS I 420 -25.91 -22.59 -41.53
CA LYS I 420 -27.24 -22.34 -42.05
C LYS I 420 -28.01 -23.64 -41.97
N LYS I 421 -27.27 -24.74 -42.03
CA LYS I 421 -27.87 -26.07 -41.87
C LYS I 421 -28.32 -26.21 -40.42
N THR I 422 -28.02 -25.17 -39.63
CA THR I 422 -28.59 -25.02 -38.31
C THR I 422 -30.01 -24.49 -38.46
N LEU I 423 -30.17 -23.55 -39.38
CA LEU I 423 -31.48 -22.97 -39.68
C LEU I 423 -32.44 -24.05 -40.15
N ARG I 424 -32.02 -24.81 -41.15
CA ARG I 424 -32.90 -25.77 -41.82
C ARG I 424 -33.38 -26.88 -40.92
N SER I 425 -32.45 -27.60 -40.32
CA SER I 425 -32.84 -28.67 -39.43
C SER I 425 -33.84 -28.14 -38.44
N ARG I 426 -33.51 -26.98 -37.89
CA ARG I 426 -34.21 -26.41 -36.74
C ARG I 426 -35.62 -25.83 -37.02
N ILE I 427 -35.73 -24.95 -38.01
CA ILE I 427 -37.04 -24.52 -38.47
C ILE I 427 -37.81 -25.75 -38.93
N SER I 428 -37.07 -26.84 -39.17
CA SER I 428 -37.63 -28.12 -39.59
C SER I 428 -38.06 -28.98 -38.40
N SER I 429 -37.77 -28.51 -37.19
CA SER I 429 -38.44 -29.07 -36.03
C SER I 429 -39.39 -27.99 -35.53
N PRO I 430 -40.68 -28.13 -35.86
CA PRO I 430 -41.99 -27.57 -35.45
C PRO I 430 -42.40 -28.12 -34.07
N HIS I 431 -41.73 -29.21 -33.66
CA HIS I 431 -41.90 -29.80 -32.34
C HIS I 431 -40.66 -29.60 -31.46
N PRO I 447 -23.31 -35.66 -38.33
CA PRO I 447 -23.80 -34.29 -38.10
C PRO I 447 -22.73 -33.23 -38.38
N ILE I 448 -21.57 -33.67 -38.87
CA ILE I 448 -20.32 -32.89 -38.87
C ILE I 448 -19.93 -32.12 -40.14
N LEU I 449 -20.82 -32.07 -41.12
CA LEU I 449 -20.46 -31.75 -42.52
C LEU I 449 -19.82 -30.40 -42.87
N GLY I 450 -19.68 -29.49 -41.92
CA GLY I 450 -19.12 -28.19 -42.23
C GLY I 450 -17.82 -28.26 -43.03
N LYS I 451 -16.85 -28.99 -42.50
CA LYS I 451 -15.51 -29.11 -43.09
C LYS I 451 -15.39 -30.07 -44.27
N VAL I 452 -16.07 -31.21 -44.18
CA VAL I 452 -15.87 -32.38 -45.05
C VAL I 452 -16.17 -32.16 -46.55
N ARG I 453 -16.65 -30.97 -46.89
CA ARG I 453 -16.72 -30.53 -48.28
C ARG I 453 -15.31 -30.18 -48.80
N PHE I 454 -14.36 -30.04 -47.87
CA PHE I 454 -12.92 -29.92 -48.18
C PHE I 454 -12.13 -31.26 -48.10
N ALA I 455 -12.83 -32.30 -47.60
CA ALA I 455 -12.32 -33.67 -47.51
C ALA I 455 -12.40 -34.39 -48.84
N ASN I 456 -13.56 -34.30 -49.48
CA ASN I 456 -13.73 -34.78 -50.85
C ASN I 456 -13.43 -33.71 -51.91
N TYR I 457 -12.99 -32.52 -51.48
CA TYR I 457 -12.50 -31.40 -52.35
C TYR I 457 -11.04 -31.44 -52.80
N LYS I 458 -10.15 -31.58 -51.82
CA LYS I 458 -8.73 -31.80 -52.06
C LYS I 458 -8.43 -33.29 -52.35
N LEU I 459 -9.42 -34.13 -52.08
CA LEU I 459 -9.39 -35.54 -52.41
C LEU I 459 -9.76 -35.78 -53.87
N LEU I 460 -10.73 -35.04 -54.37
CA LEU I 460 -11.00 -35.06 -55.81
C LEU I 460 -9.89 -34.28 -56.51
N LEU I 461 -9.01 -33.67 -55.71
CA LEU I 461 -7.79 -33.01 -56.21
C LEU I 461 -6.72 -34.04 -56.57
N LYS I 462 -6.50 -35.00 -55.66
CA LYS I 462 -5.61 -36.13 -55.92
C LYS I 462 -6.22 -37.09 -56.96
N LYS I 463 -7.53 -37.04 -57.10
CA LYS I 463 -8.24 -37.92 -58.00
C LYS I 463 -8.05 -37.52 -59.46
N ILE I 464 -8.34 -36.28 -59.79
CA ILE I 464 -8.31 -35.88 -61.18
C ILE I 464 -6.96 -36.22 -61.74
N ILE I 465 -5.98 -36.30 -60.85
CA ILE I 465 -4.61 -36.62 -61.22
C ILE I 465 -4.34 -38.12 -61.39
N LYS I 466 -5.13 -38.93 -60.68
CA LYS I 466 -5.08 -40.38 -60.80
C LYS I 466 -5.90 -40.90 -61.99
N ASP I 467 -6.91 -40.14 -62.38
CA ASP I 467 -7.64 -40.38 -63.62
C ASP I 467 -6.87 -39.76 -64.77
N TYR I 468 -6.01 -38.79 -64.42
CA TYR I 468 -5.08 -38.15 -65.36
C TYR I 468 -3.82 -38.99 -65.59
N VAL I 469 -3.40 -39.73 -64.57
CA VAL I 469 -2.38 -40.75 -64.72
C VAL I 469 -3.05 -42.06 -65.18
N LEU I 470 -4.37 -42.11 -65.02
CA LEU I 470 -5.20 -43.15 -65.62
C LEU I 470 -5.48 -42.79 -67.07
N ASP I 471 -5.43 -41.49 -67.36
CA ASP I 471 -5.55 -41.00 -68.71
C ASP I 471 -4.24 -41.13 -69.45
N ILE I 472 -3.13 -40.86 -68.75
CA ILE I 472 -1.78 -40.89 -69.34
C ILE I 472 -1.23 -42.29 -69.57
N VAL I 473 -1.77 -43.26 -68.82
CA VAL I 473 -1.57 -44.68 -69.09
C VAL I 473 -2.31 -45.11 -70.34
N PRO I 474 -3.60 -44.75 -70.43
CA PRO I 474 -4.66 -44.98 -71.43
C PRO I 474 -4.43 -44.25 -72.74
N GLY I 475 -3.50 -43.30 -72.72
CA GLY I 475 -3.37 -42.30 -73.77
C GLY I 475 -2.96 -42.68 -75.20
N SER I 476 -2.26 -43.80 -75.36
CA SER I 476 -1.83 -44.26 -76.69
C SER I 476 -2.86 -45.18 -77.36
N SER I 477 -4.02 -45.29 -76.72
CA SER I 477 -5.14 -46.04 -77.25
C SER I 477 -5.45 -45.71 -78.71
N ILE I 478 -5.24 -44.45 -79.09
CA ILE I 478 -5.51 -44.00 -80.45
C ILE I 478 -7.01 -43.86 -80.72
N ASN I 503 -6.80 -56.61 -79.06
CA ASN I 503 -8.03 -55.86 -79.17
C ASN I 503 -8.36 -55.09 -77.88
N LYS I 504 -9.65 -55.04 -77.54
CA LYS I 504 -10.08 -54.52 -76.25
C LYS I 504 -9.83 -55.59 -75.21
N GLU I 505 -9.52 -56.79 -75.71
CA GLU I 505 -9.20 -57.96 -74.89
C GLU I 505 -7.80 -57.83 -74.28
N ILE I 506 -6.88 -57.25 -75.04
CA ILE I 506 -5.59 -56.80 -74.51
C ILE I 506 -5.78 -55.44 -73.88
N ARG I 507 -6.82 -54.74 -74.31
CA ARG I 507 -7.19 -53.43 -73.76
C ARG I 507 -7.81 -53.52 -72.38
N ALA I 508 -8.90 -54.27 -72.29
CA ALA I 508 -9.53 -54.42 -71.00
C ALA I 508 -8.54 -55.08 -70.05
N PHE I 509 -7.70 -55.96 -70.60
CA PHE I 509 -6.70 -56.72 -69.81
C PHE I 509 -5.43 -55.89 -69.55
N ASP I 510 -5.09 -55.01 -70.46
CA ASP I 510 -4.04 -54.07 -70.14
C ASP I 510 -4.63 -52.98 -69.26
N LYS I 511 -5.96 -52.84 -69.31
CA LYS I 511 -6.69 -51.79 -68.58
C LYS I 511 -7.00 -52.12 -67.12
N LEU I 512 -7.25 -53.40 -66.86
CA LEU I 512 -7.47 -53.89 -65.52
C LEU I 512 -6.14 -54.25 -64.85
N LEU I 513 -5.03 -53.97 -65.55
CA LEU I 513 -3.69 -54.08 -64.99
C LEU I 513 -3.29 -52.86 -64.16
N ASN I 514 -3.66 -51.67 -64.65
CA ASN I 514 -3.54 -50.43 -63.88
C ASN I 514 -4.69 -50.26 -62.91
N ILE I 515 -5.83 -50.87 -63.25
CA ILE I 515 -7.00 -51.00 -62.39
C ILE I 515 -6.77 -51.90 -61.16
N PRO I 516 -5.97 -52.98 -61.32
CA PRO I 516 -5.48 -53.99 -60.38
C PRO I 516 -4.58 -53.45 -59.25
N ARG I 517 -3.54 -52.69 -59.59
CA ARG I 517 -2.91 -51.84 -58.60
C ARG I 517 -3.32 -50.43 -58.95
N ARG I 518 -4.39 -50.00 -58.27
CA ARG I 518 -4.88 -48.63 -58.24
C ARG I 518 -5.22 -48.36 -56.78
N GLU I 519 -6.28 -49.05 -56.32
CA GLU I 519 -6.83 -48.94 -54.96
C GLU I 519 -6.56 -50.16 -54.08
N UNK I 520 -16.12 -42.19 -57.36
CA UNK I 520 -15.33 -42.15 -58.59
C UNK I 520 -16.22 -42.20 -59.81
N UNK I 521 -15.62 -42.31 -61.00
CA UNK I 521 -16.36 -42.15 -62.26
C UNK I 521 -16.37 -43.37 -63.18
N UNK I 522 -17.50 -43.60 -63.84
CA UNK I 522 -17.67 -44.79 -64.67
C UNK I 522 -18.36 -44.59 -66.04
N UNK I 523 -17.61 -44.85 -67.12
CA UNK I 523 -18.19 -44.99 -68.47
C UNK I 523 -17.34 -45.88 -69.41
N UNK I 524 -17.99 -46.68 -70.26
CA UNK I 524 -17.31 -47.41 -71.36
C UNK I 524 -18.28 -47.94 -72.45
N UNK I 525 -17.74 -48.34 -73.61
CA UNK I 525 -18.55 -48.94 -74.67
C UNK I 525 -17.75 -49.81 -75.65
N UNK I 526 -18.42 -50.64 -76.44
CA UNK I 526 -17.72 -51.42 -77.47
C UNK I 526 -18.58 -51.82 -78.69
N UNK I 527 -17.92 -51.95 -79.85
CA UNK I 527 -18.59 -52.26 -81.12
C UNK I 527 -17.75 -53.13 -82.05
N UNK I 528 -15.80 -39.09 -47.12
CA UNK I 528 -14.35 -38.95 -47.26
C UNK I 528 -13.88 -39.28 -48.67
N UNK I 529 -14.84 -39.64 -49.52
CA UNK I 529 -14.60 -39.82 -50.95
C UNK I 529 -15.88 -39.58 -51.72
N UNK I 530 -15.75 -39.14 -52.97
CA UNK I 530 -16.90 -38.70 -53.76
C UNK I 530 -16.87 -39.27 -55.18
N UNK I 531 -17.97 -39.07 -55.92
CA UNK I 531 -18.10 -39.53 -57.30
C UNK I 531 -18.73 -38.48 -58.22
N UNK I 532 -17.98 -38.13 -59.26
CA UNK I 532 -18.42 -37.24 -60.30
C UNK I 532 -17.98 -37.87 -61.61
N UNK I 533 -18.93 -38.24 -62.45
CA UNK I 533 -18.62 -39.30 -63.38
C UNK I 533 -18.99 -39.09 -64.84
N UNK I 534 -18.05 -39.48 -65.71
CA UNK I 534 -18.34 -39.69 -67.13
C UNK I 534 -17.12 -40.12 -67.97
N UNK I 535 -17.38 -40.57 -69.20
CA UNK I 535 -16.36 -41.00 -70.15
C UNK I 535 -17.04 -41.47 -71.45
N UNK I 536 -16.23 -41.81 -72.45
CA UNK I 536 -16.74 -42.26 -73.75
C UNK I 536 -15.70 -43.12 -74.46
N UNK I 537 -16.02 -43.57 -75.68
CA UNK I 537 -15.09 -44.41 -76.44
C UNK I 537 -15.35 -44.37 -77.94
N UNK I 538 -14.52 -45.07 -78.71
CA UNK I 538 -14.70 -45.15 -80.17
C UNK I 538 -13.89 -46.29 -80.80
N UNK I 539 -10.77 -43.33 -79.64
CA UNK I 539 -10.52 -43.31 -78.21
C UNK I 539 -10.72 -41.93 -77.58
N UNK I 540 -11.98 -41.53 -77.39
CA UNK I 540 -12.31 -40.22 -76.81
C UNK I 540 -13.30 -40.30 -75.63
N UNK I 541 -12.83 -39.94 -74.44
CA UNK I 541 -13.66 -39.98 -73.24
C UNK I 541 -13.90 -38.60 -72.62
N UNK I 542 -15.14 -38.14 -72.65
CA UNK I 542 -15.49 -36.85 -72.07
C UNK I 542 -16.26 -37.04 -70.77
N UNK I 543 -15.60 -36.71 -69.67
CA UNK I 543 -16.12 -36.98 -68.33
C UNK I 543 -16.69 -35.76 -67.63
N UNK I 544 -18.01 -35.71 -67.48
CA UNK I 544 -18.68 -34.59 -66.83
C UNK I 544 -19.05 -34.92 -65.37
N UNK I 545 -18.40 -34.22 -64.44
CA UNK I 545 -18.59 -34.46 -63.00
C UNK I 545 -19.97 -34.09 -62.49
N UNK I 546 -20.64 -35.04 -61.85
CA UNK I 546 -21.99 -34.85 -61.34
C UNK I 546 -22.58 -36.13 -60.73
N UNK I 547 -12.84 -46.27 -57.64
CA UNK I 547 -14.15 -46.82 -57.38
C UNK I 547 -14.84 -47.28 -58.66
N UNK I 548 -16.16 -47.13 -58.70
CA UNK I 548 -16.97 -47.73 -59.74
C UNK I 548 -16.49 -47.43 -61.15
N UNK I 549 -16.62 -48.44 -62.01
CA UNK I 549 -16.42 -48.30 -63.46
C UNK I 549 -17.30 -49.36 -64.12
N UNK I 550 -17.53 -49.25 -65.43
CA UNK I 550 -18.28 -50.29 -66.16
C UNK I 550 -17.93 -50.33 -67.65
N UNK I 551 -18.10 -51.50 -68.28
CA UNK I 551 -17.92 -51.62 -69.73
C UNK I 551 -18.74 -52.76 -70.31
N UNK I 552 -19.27 -52.56 -71.50
CA UNK I 552 -20.09 -53.58 -72.15
C UNK I 552 -19.57 -53.87 -73.53
N UNK I 553 -19.13 -55.10 -73.75
CA UNK I 553 -18.55 -55.51 -75.03
C UNK I 553 -19.47 -56.48 -75.74
N UNK I 554 -19.38 -56.53 -77.06
CA UNK I 554 -20.29 -57.34 -77.89
C UNK I 554 -19.57 -58.22 -78.92
N UNK I 555 -20.08 -59.44 -79.09
CA UNK I 555 -19.55 -60.38 -80.07
C UNK I 555 -18.05 -60.55 -79.95
N UNK I 556 -13.52 -49.81 -56.68
CA UNK I 556 -13.32 -50.11 -58.10
C UNK I 556 -14.25 -51.23 -58.63
N UNK I 557 -15.56 -50.96 -58.65
CA UNK I 557 -16.53 -51.96 -59.14
C UNK I 557 -16.84 -51.81 -60.62
N UNK I 558 -16.37 -52.76 -61.43
CA UNK I 558 -16.37 -52.63 -62.90
C UNK I 558 -16.72 -53.90 -63.70
N UNK I 559 -18.02 -54.18 -63.89
CA UNK I 559 -18.64 -55.31 -64.59
C UNK I 559 -18.49 -55.40 -66.11
N UNK I 560 -18.04 -56.60 -66.45
CA UNK I 560 -18.31 -57.51 -67.56
C UNK I 560 -18.17 -56.92 -68.94
N UNK I 561 -18.77 -57.54 -69.96
CA UNK I 561 -19.08 -58.98 -70.02
C UNK I 561 -18.56 -59.50 -71.34
N UNK I 562 -17.86 -60.63 -71.29
CA UNK I 562 -17.21 -61.26 -72.45
C UNK I 562 -18.15 -61.71 -73.58
N UNK I 563 -17.59 -61.86 -74.77
CA UNK I 563 -18.33 -62.38 -75.92
C UNK I 563 -17.65 -63.56 -76.62
N UNK I 564 -18.23 -64.02 -77.73
CA UNK I 564 -17.66 -65.15 -78.48
C UNK I 564 -16.39 -64.78 -79.27
N GLU I 565 -21.16 -32.77 -54.04
CA GLU I 565 -21.16 -32.91 -52.58
C GLU I 565 -21.28 -31.55 -51.84
N VAL I 566 -20.29 -30.68 -52.00
CA VAL I 566 -20.30 -29.33 -51.45
C VAL I 566 -21.32 -28.43 -52.17
N GLU I 567 -21.24 -28.39 -53.50
CA GLU I 567 -22.11 -27.57 -54.32
C GLU I 567 -23.54 -28.10 -54.39
N ASP I 568 -23.76 -29.33 -53.90
CA ASP I 568 -25.11 -29.87 -53.73
C ASP I 568 -25.71 -29.22 -52.47
N PHE I 569 -24.81 -28.72 -51.63
CA PHE I 569 -25.16 -28.02 -50.41
C PHE I 569 -25.59 -26.57 -50.66
N LEU I 570 -25.24 -26.03 -51.83
CA LEU I 570 -25.73 -24.72 -52.27
C LEU I 570 -27.14 -24.80 -52.90
N HIS I 571 -27.48 -26.00 -53.39
CA HIS I 571 -28.79 -26.27 -53.98
C HIS I 571 -29.77 -26.55 -52.86
N PHE I 572 -29.24 -27.13 -51.78
CA PHE I 572 -30.05 -27.41 -50.60
C PHE I 572 -30.44 -26.14 -49.84
N ILE I 573 -29.74 -25.05 -50.13
CA ILE I 573 -29.96 -23.75 -49.50
C ILE I 573 -31.15 -23.08 -50.15
N VAL I 574 -31.24 -23.21 -51.47
CA VAL I 574 -32.45 -22.83 -52.14
C VAL I 574 -33.53 -23.75 -51.63
N ALA I 575 -33.23 -25.05 -51.60
CA ALA I 575 -34.17 -26.10 -51.19
C ALA I 575 -34.74 -25.88 -49.79
N GLU I 576 -33.91 -25.38 -48.89
CA GLU I 576 -34.39 -24.91 -47.60
C GLU I 576 -34.92 -23.48 -47.65
N TYR I 577 -34.27 -22.62 -48.41
CA TYR I 577 -34.73 -21.25 -48.56
C TYR I 577 -36.16 -21.25 -49.04
N ILE I 578 -36.46 -22.10 -50.01
CA ILE I 578 -37.80 -22.21 -50.56
C ILE I 578 -38.69 -23.00 -49.63
N GLN I 579 -38.14 -24.02 -48.98
CA GLN I 579 -38.88 -24.78 -47.98
C GLN I 579 -39.25 -23.85 -46.81
N GLN I 580 -38.54 -22.73 -46.70
CA GLN I 580 -38.89 -21.68 -45.74
C GLN I 580 -40.05 -20.86 -46.26
N LYS I 581 -40.34 -20.98 -47.56
CA LYS I 581 -41.44 -20.26 -48.22
C LYS I 581 -42.80 -20.92 -48.02
N LYS I 582 -42.81 -22.24 -47.79
CA LYS I 582 -44.05 -23.02 -47.59
C LYS I 582 -44.54 -22.90 -46.15
N PRO J 29 -63.13 -3.53 39.46
CA PRO J 29 -62.30 -2.47 38.91
C PRO J 29 -62.02 -2.64 37.40
N GLY J 30 -62.72 -1.86 36.59
CA GLY J 30 -62.55 -1.90 35.15
C GLY J 30 -63.09 -3.15 34.47
N GLN J 31 -64.36 -3.46 34.70
CA GLN J 31 -65.01 -4.59 34.04
C GLN J 31 -64.76 -4.52 32.53
N ALA J 32 -64.69 -3.30 32.01
CA ALA J 32 -64.37 -3.07 30.60
C ALA J 32 -62.88 -2.75 30.37
N LEU J 33 -62.10 -2.70 31.45
CA LEU J 33 -60.68 -2.38 31.40
C LEU J 33 -59.86 -3.51 30.82
N ASP J 34 -60.41 -4.71 30.91
CA ASP J 34 -59.77 -5.90 30.33
C ASP J 34 -60.00 -6.02 28.83
N ALA J 35 -61.13 -5.48 28.35
CA ALA J 35 -61.42 -5.43 26.92
C ALA J 35 -60.51 -4.41 26.24
N VAL J 36 -59.88 -3.56 27.07
CA VAL J 36 -58.86 -2.64 26.59
C VAL J 36 -57.52 -3.34 26.47
N ARG J 37 -57.33 -4.36 27.30
CA ARG J 37 -56.09 -5.13 27.30
C ARG J 37 -56.03 -6.16 26.18
N ARG J 39 -57.27 -5.49 23.50
CA ARG J 39 -56.98 -4.56 22.39
C ARG J 39 -55.56 -3.99 22.49
N LEU J 40 -54.91 -4.27 23.62
CA LEU J 40 -53.46 -4.11 23.75
C LEU J 40 -52.74 -5.36 23.23
N ALA J 41 -53.46 -6.48 23.26
CA ALA J 41 -52.99 -7.77 22.76
C ALA J 41 -53.09 -7.87 21.24
N GLN J 42 -54.12 -7.23 20.68
CA GLN J 42 -54.26 -7.14 19.24
C GLN J 42 -53.15 -6.27 18.66
N LEU J 43 -52.81 -5.20 19.38
CA LEU J 43 -51.76 -4.26 18.96
C LEU J 43 -50.36 -4.78 19.27
N THR J 44 -50.25 -5.56 20.34
CA THR J 44 -48.99 -6.19 20.69
C THR J 44 -48.65 -7.27 19.69
N HIS J 45 -49.70 -7.87 19.11
CA HIS J 45 -49.54 -8.88 18.06
C HIS J 45 -48.93 -8.26 16.81
N SER J 46 -48.84 -6.94 16.80
CA SER J 46 -48.18 -6.19 15.72
C SER J 46 -46.68 -6.22 15.91
N LEU J 47 -46.27 -6.43 17.16
CA LEU J 47 -44.88 -6.59 17.51
C LEU J 47 -44.45 -8.00 17.19
N ARG J 48 -45.30 -8.97 17.51
CA ARG J 48 -44.98 -10.37 17.33
C ARG J 48 -44.37 -10.61 15.96
N ARG J 49 -45.19 -10.50 14.94
CA ARG J 49 -44.73 -10.66 13.56
C ARG J 49 -43.52 -9.80 13.22
N ILE J 50 -43.58 -8.52 13.60
CA ILE J 50 -42.48 -7.62 13.29
C ILE J 50 -41.12 -8.17 13.75
N ARG J 51 -41.01 -8.47 15.03
CA ARG J 51 -39.73 -8.89 15.61
C ARG J 51 -39.22 -10.25 15.13
N ASP J 52 -40.14 -11.13 14.74
CA ASP J 52 -39.73 -12.43 14.21
C ASP J 52 -39.30 -12.32 12.76
N GLU J 53 -39.63 -11.18 12.14
CA GLU J 53 -39.09 -10.81 10.83
C GLU J 53 -37.71 -10.16 10.94
N SER J 55 -35.36 -11.08 13.09
CA SER J 55 -34.52 -12.27 13.14
C SER J 55 -34.48 -12.95 11.78
N LYS J 56 -35.48 -12.67 10.95
CA LYS J 56 -35.60 -13.25 9.61
C LYS J 56 -34.53 -12.69 8.67
N ALA J 57 -33.75 -11.73 9.18
CA ALA J 57 -32.54 -11.27 8.51
C ALA J 57 -31.46 -12.34 8.72
N GLU J 58 -30.27 -12.18 8.11
CA GLU J 58 -29.88 -11.04 7.29
C GLU J 58 -30.18 -11.20 5.79
N LEU J 59 -30.73 -12.34 5.39
CA LEU J 59 -31.16 -12.55 4.00
C LEU J 59 -32.40 -11.69 3.70
N PRO J 60 -32.29 -10.79 2.70
CA PRO J 60 -33.18 -9.69 2.26
C PRO J 60 -34.53 -10.10 1.64
N GLN J 61 -35.63 -9.49 2.08
CA GLN J 61 -36.96 -9.82 1.52
C GLN J 61 -38.01 -8.69 1.41
N TRP J 62 -38.62 -8.54 0.24
CA TRP J 62 -39.88 -7.80 0.09
C TRP J 62 -39.95 -6.52 0.92
N TYR J 63 -39.19 -5.51 0.52
CA TYR J 63 -39.21 -4.23 1.24
C TYR J 63 -40.60 -3.58 1.20
N THR J 64 -41.17 -3.49 0.01
CA THR J 64 -42.52 -2.93 -0.16
C THR J 64 -43.51 -3.66 0.74
N LEU J 65 -43.57 -4.97 0.60
CA LEU J 65 -44.53 -5.78 1.34
C LEU J 65 -44.35 -5.65 2.85
N GLN J 66 -43.14 -5.92 3.32
CA GLN J 66 -42.86 -5.89 4.75
C GLN J 66 -42.98 -4.47 5.29
N SER J 67 -42.32 -3.52 4.63
CA SER J 67 -42.35 -2.13 5.09
C SER J 67 -43.78 -1.66 5.27
N GLN J 68 -44.61 -1.91 4.27
CA GLN J 68 -46.03 -1.61 4.38
C GLN J 68 -46.71 -2.47 5.45
N LEU J 69 -46.22 -3.68 5.65
CA LEU J 69 -46.79 -4.61 6.63
C LEU J 69 -46.25 -4.40 8.03
N ASN J 70 -45.13 -3.69 8.11
CA ASN J 70 -44.63 -3.15 9.37
C ASN J 70 -45.23 -1.78 9.77
N VAL J 71 -45.35 -0.88 8.80
CA VAL J 71 -45.97 0.42 9.00
C VAL J 71 -47.43 0.24 9.43
N THR J 72 -48.18 -0.54 8.66
CA THR J 72 -49.58 -0.82 8.95
C THR J 72 -49.81 -1.39 10.36
N LEU J 73 -48.88 -2.20 10.85
CA LEU J 73 -48.98 -2.82 12.16
C LEU J 73 -48.53 -1.86 13.26
N SER J 74 -47.81 -0.83 12.86
CA SER J 74 -47.39 0.20 13.78
C SER J 74 -48.52 1.18 14.04
N GLN J 75 -49.17 1.61 12.96
CA GLN J 75 -50.20 2.61 13.05
C GLN J 75 -51.16 2.25 14.19
N LEU J 76 -51.64 1.00 14.17
CA LEU J 76 -52.68 0.57 15.09
C LEU J 76 -52.26 0.68 16.56
N VAL J 77 -50.97 0.76 16.79
CA VAL J 77 -50.48 0.89 18.14
C VAL J 77 -50.92 2.23 18.66
N SER J 78 -50.87 3.21 17.78
CA SER J 78 -51.28 4.57 18.09
C SER J 78 -52.80 4.70 18.18
N VAL J 79 -53.52 3.89 17.38
CA VAL J 79 -54.98 3.88 17.37
C VAL J 79 -55.55 3.10 18.56
N THR J 80 -54.80 2.12 19.06
CA THR J 80 -55.06 1.58 20.38
C THR J 80 -54.41 2.52 21.40
N SER J 81 -53.43 3.30 20.94
CA SER J 81 -52.92 4.39 21.73
C SER J 81 -53.99 5.47 21.76
N THR J 82 -54.82 5.54 20.74
CA THR J 82 -55.92 6.52 20.69
C THR J 82 -57.11 6.13 21.55
N LEU J 83 -57.56 4.89 21.38
CA LEU J 83 -58.72 4.39 22.09
C LEU J 83 -58.44 4.39 23.59
N GLN J 84 -57.18 4.62 23.93
CA GLN J 84 -56.82 4.75 25.34
C GLN J 84 -57.09 6.16 25.87
N HIS J 85 -56.97 7.16 25.00
CA HIS J 85 -57.16 8.56 25.40
C HIS J 85 -58.62 8.94 25.72
N PHE J 86 -59.56 8.11 25.25
CA PHE J 86 -60.98 8.23 25.61
C PHE J 86 -61.14 7.66 27.02
N GLN J 87 -60.28 6.70 27.34
CA GLN J 87 -60.23 6.07 28.65
C GLN J 87 -59.21 6.76 29.54
N GLU J 88 -58.68 7.89 29.05
CA GLU J 88 -57.61 8.63 29.72
C GLU J 88 -57.95 9.08 31.15
N THR J 89 -59.23 9.05 31.50
CA THR J 89 -59.64 9.38 32.87
C THR J 89 -59.27 8.26 33.86
N LEU J 90 -59.06 7.04 33.34
CA LEU J 90 -58.66 5.90 34.18
C LEU J 90 -57.15 5.58 34.19
N ASP J 91 -56.37 6.31 33.39
CA ASP J 91 -54.93 6.27 33.48
C ASP J 91 -54.47 7.48 34.30
N SER J 92 -55.46 8.29 34.72
CA SER J 92 -55.27 9.53 35.50
C SER J 92 -55.76 9.33 36.93
N THR J 93 -57.05 9.04 37.07
CA THR J 93 -57.52 8.38 38.26
C THR J 93 -56.54 7.22 38.33
N VAL J 94 -56.17 6.77 37.13
CA VAL J 94 -55.05 5.86 36.86
C VAL J 94 -55.38 4.42 37.17
N VAL J 95 -56.43 4.22 37.95
CA VAL J 95 -56.89 2.88 38.23
C VAL J 95 -55.78 2.12 38.96
N TYR J 96 -54.67 2.81 39.17
CA TYR J 96 -53.36 2.19 39.34
C TYR J 96 -53.21 1.20 40.49
N PRO J 97 -51.97 0.71 40.70
CA PRO J 97 -51.65 -0.63 41.21
C PRO J 97 -52.16 -0.97 42.61
N LEU J 98 -53.49 -1.01 42.72
CA LEU J 98 -54.20 -1.73 43.75
C LEU J 98 -53.86 -3.20 43.57
N PRO J 99 -53.68 -3.60 42.31
CA PRO J 99 -53.49 -4.68 41.34
C PRO J 99 -52.46 -5.76 41.65
N LYS J 100 -51.46 -5.53 42.51
CA LYS J 100 -50.43 -6.55 42.64
C LYS J 100 -50.68 -7.46 43.82
N PHE J 101 -51.29 -8.60 43.51
CA PHE J 101 -51.55 -9.71 44.44
C PHE J 101 -50.39 -10.66 44.79
N PRO J 102 -49.77 -11.23 43.76
CA PRO J 102 -49.10 -12.55 43.70
C PRO J 102 -48.19 -12.93 44.87
N THR J 103 -47.50 -11.97 45.46
CA THR J 103 -46.45 -12.30 46.43
C THR J 103 -45.36 -13.14 45.74
N THR J 104 -44.62 -12.52 44.81
CA THR J 104 -43.65 -13.25 43.98
C THR J 104 -42.24 -12.96 44.48
N SER J 105 -41.81 -13.84 45.39
CA SER J 105 -41.37 -13.41 46.72
C SER J 105 -40.37 -12.28 46.78
N HIS J 106 -39.26 -12.47 46.07
CA HIS J 106 -38.48 -11.35 45.54
C HIS J 106 -38.60 -11.23 44.01
N GLU J 107 -38.26 -12.32 43.31
CA GLU J 107 -37.91 -12.39 41.88
C GLU J 107 -38.80 -11.57 40.97
N SER J 108 -39.90 -11.08 41.53
CA SER J 108 -40.78 -10.10 40.90
C SER J 108 -40.24 -8.66 40.96
N LEU J 109 -39.09 -8.44 41.61
CA LEU J 109 -38.40 -7.17 41.52
C LEU J 109 -38.11 -6.83 40.05
N VAL J 110 -37.90 -7.86 39.25
CA VAL J 110 -37.74 -7.73 37.80
C VAL J 110 -39.11 -7.58 37.18
N THR J 111 -40.13 -7.94 37.93
CA THR J 111 -41.47 -7.68 37.53
C THR J 111 -41.80 -6.36 38.15
N THR J 112 -40.92 -5.90 39.03
CA THR J 112 -41.08 -4.61 39.71
C THR J 112 -40.60 -3.42 38.88
N LEU J 113 -39.44 -3.57 38.24
CA LEU J 113 -39.05 -2.63 37.20
C LEU J 113 -40.00 -2.83 36.01
N LEU J 114 -40.58 -4.03 35.93
CA LEU J 114 -41.55 -4.42 34.90
C LEU J 114 -42.96 -3.95 35.20
N ARG J 115 -43.35 -4.03 36.47
CA ARG J 115 -44.60 -3.47 36.92
C ARG J 115 -44.47 -1.94 36.97
N LYS J 116 -43.24 -1.58 37.28
CA LYS J 116 -42.78 -0.24 37.50
C LYS J 116 -42.89 0.62 36.28
N LYS J 117 -42.59 0.09 35.12
CA LYS J 117 -42.72 1.00 34.02
C LYS J 117 -41.80 2.17 34.31
N ASN J 118 -42.39 3.36 34.38
CA ASN J 118 -41.63 4.58 34.59
C ASN J 118 -40.96 4.95 33.30
N ILE J 119 -40.00 5.84 33.34
CA ILE J 119 -39.45 6.30 32.09
C ILE J 119 -38.01 5.95 31.87
N PRO J 120 -37.79 5.39 30.71
CA PRO J 120 -36.45 4.98 30.28
C PRO J 120 -35.68 6.16 29.80
N GLU J 121 -34.60 5.89 29.10
CA GLU J 121 -33.81 6.97 28.66
C GLU J 121 -34.90 7.64 27.88
N VAL J 122 -35.77 6.87 27.22
CA VAL J 122 -36.72 7.69 26.46
C VAL J 122 -37.01 9.00 27.21
N ASP J 123 -36.87 8.98 28.53
CA ASP J 123 -36.93 10.20 29.36
C ASP J 123 -35.73 11.08 29.09
N GLU J 124 -34.57 10.46 28.93
CA GLU J 124 -33.37 11.15 28.49
C GLU J 124 -33.65 11.77 27.15
N TRP J 125 -34.57 11.18 26.41
CA TRP J 125 -35.02 11.73 25.14
C TRP J 125 -36.25 12.62 25.31
N LYS J 127 -36.29 14.99 27.78
CA LYS J 127 -35.66 16.27 28.07
C LYS J 127 -35.07 16.85 26.79
N TYR J 128 -34.73 15.98 25.84
CA TYR J 128 -34.35 16.40 24.49
C TYR J 128 -35.59 16.95 23.83
N VAL J 129 -36.74 16.55 24.38
CA VAL J 129 -38.01 17.14 24.05
C VAL J 129 -38.15 18.41 24.87
N ARG J 130 -37.45 18.46 26.00
CA ARG J 130 -37.42 19.63 26.87
C ARG J 130 -36.47 20.74 26.39
N GLU J 131 -35.36 20.36 25.74
CA GLU J 131 -34.46 21.33 25.13
C GLU J 131 -34.89 21.66 23.70
N THR J 132 -35.73 20.81 23.12
CA THR J 132 -36.41 21.13 21.86
C THR J 132 -37.54 22.05 22.23
N SER J 133 -38.10 21.81 23.42
CA SER J 133 -39.00 22.76 24.06
C SER J 133 -38.30 24.10 24.01
N GLY J 134 -36.97 24.07 24.13
CA GLY J 134 -36.13 25.21 23.81
C GLY J 134 -36.58 26.53 24.41
N VAL J 135 -36.86 27.52 23.60
CA VAL J 135 -37.56 28.70 24.15
C VAL J 135 -38.44 29.42 23.17
N THR J 136 -39.48 30.05 23.69
CA THR J 136 -39.94 29.79 25.04
C THR J 136 -39.11 30.48 26.09
N THR J 137 -39.47 30.25 27.35
CA THR J 137 -40.70 29.59 27.69
C THR J 137 -40.80 29.87 29.15
N ALA J 138 -41.91 29.51 29.77
CA ALA J 138 -42.00 29.74 31.20
C ALA J 138 -40.94 28.93 31.93
N LEU J 139 -40.38 29.57 32.93
CA LEU J 139 -40.86 30.90 33.23
C LEU J 139 -40.58 31.71 32.01
N LEU J 140 -41.62 32.35 31.49
CA LEU J 140 -41.53 33.13 30.28
C LEU J 140 -42.53 34.26 30.33
N LYS J 141 -43.79 33.87 30.27
CA LYS J 141 -44.91 34.77 30.42
C LYS J 141 -45.91 34.03 31.26
N ASP J 142 -46.85 34.73 31.84
CA ASP J 142 -47.97 34.07 32.46
C ASP J 142 -49.09 34.51 31.60
N GLU J 143 -49.84 33.59 31.04
CA GLU J 143 -50.92 34.09 30.25
C GLU J 143 -50.36 35.03 29.21
N GLU J 144 -51.00 36.17 29.08
CA GLU J 144 -51.04 36.79 27.74
C GLU J 144 -49.97 36.38 26.72
N ILE J 145 -48.92 35.71 27.15
CA ILE J 145 -48.01 35.09 26.21
C ILE J 145 -48.62 33.79 25.73
N GLU J 146 -49.20 33.03 26.66
CA GLU J 146 -49.90 31.79 26.33
C GLU J 146 -51.11 32.08 25.42
N LYS J 147 -51.87 33.11 25.74
CA LYS J 147 -53.00 33.51 24.90
C LYS J 147 -52.50 34.01 23.55
N LEU J 148 -51.19 34.20 23.41
CA LEU J 148 -50.57 34.43 22.11
C LEU J 148 -49.98 33.14 21.51
N LEU J 149 -50.03 32.04 22.28
CA LEU J 149 -49.75 30.68 21.79
C LEU J 149 -50.97 30.03 21.19
N GLN J 150 -52.12 30.28 21.82
CA GLN J 150 -53.38 29.74 21.37
C GLN J 150 -53.89 30.58 20.21
N GLN J 151 -53.69 31.87 20.29
CA GLN J 151 -54.04 32.75 19.19
C GLN J 151 -53.00 32.60 18.09
N ASP J 152 -51.90 31.92 18.43
CA ASP J 152 -50.85 31.52 17.47
C ASP J 152 -51.15 30.19 16.71
N ARG J 153 -51.88 29.29 17.35
CA ARG J 153 -52.29 28.06 16.69
C ARG J 153 -53.49 28.32 15.81
N GLU J 154 -54.46 29.06 16.35
CA GLU J 154 -55.74 29.26 15.70
C GLU J 154 -55.63 29.93 14.34
N ILE J 155 -54.52 30.62 14.09
CA ILE J 155 -54.30 31.32 12.81
C ILE J 155 -53.61 30.44 11.78
N THR J 156 -53.11 29.30 12.26
CA THR J 156 -52.58 28.26 11.40
C THR J 156 -53.78 27.50 10.84
N ASN J 157 -54.89 27.59 11.55
CA ASN J 157 -56.13 26.90 11.20
C ASN J 157 -56.81 27.51 9.99
N TRP J 158 -56.87 28.84 9.95
CA TRP J 158 -57.60 29.53 8.89
C TRP J 158 -56.85 29.45 7.57
N ALA J 159 -55.53 29.35 7.66
CA ALA J 159 -54.71 29.20 6.47
C ALA J 159 -55.06 27.89 5.78
N ARG J 160 -55.66 26.96 6.52
CA ARG J 160 -56.09 25.65 5.99
C ARG J 160 -57.48 25.59 5.30
N THR J 161 -58.34 26.57 5.62
CA THR J 161 -59.62 26.72 4.93
C THR J 161 -59.46 27.60 3.70
N THR J 162 -58.31 28.25 3.63
CA THR J 162 -57.86 28.88 2.42
C THR J 162 -57.15 27.85 1.55
N PHE J 163 -56.68 26.78 2.20
CA PHE J 163 -56.01 25.67 1.50
C PHE J 163 -56.93 24.67 0.83
N ARG J 164 -57.90 24.16 1.57
CA ARG J 164 -58.82 23.19 1.00
C ARG J 164 -59.68 23.83 -0.08
N ASN J 165 -59.79 25.16 -0.03
CA ASN J 165 -60.63 25.90 -0.97
C ASN J 165 -59.97 26.08 -2.33
N GLU J 166 -58.64 26.10 -2.35
CA GLU J 166 -57.87 26.17 -3.59
C GLU J 166 -57.47 24.78 -4.08
N TYR J 167 -57.74 23.77 -3.24
CA TYR J 167 -57.41 22.39 -3.56
C TYR J 167 -58.45 21.77 -4.48
N GLY J 168 -59.73 22.03 -4.20
CA GLY J 168 -60.84 21.52 -4.98
C GLY J 168 -60.80 22.16 -6.35
N LYS J 169 -59.78 22.98 -6.56
CA LYS J 169 -59.52 23.66 -7.82
C LYS J 169 -59.39 22.71 -8.99
N HIS J 170 -58.34 21.88 -9.01
CA HIS J 170 -58.13 20.93 -10.10
C HIS J 170 -58.62 19.48 -9.82
N ASP J 171 -59.09 19.24 -8.60
CA ASP J 171 -59.52 17.90 -8.18
C ASP J 171 -60.64 17.36 -9.05
N PRO J 195 -67.35 -14.92 -30.80
CA PRO J 195 -68.80 -15.02 -31.04
C PRO J 195 -69.28 -16.45 -31.27
N PHE J 196 -68.46 -17.28 -31.91
CA PHE J 196 -68.78 -18.69 -32.15
C PHE J 196 -68.96 -19.43 -30.82
N ASN J 197 -69.84 -20.42 -30.81
CA ASN J 197 -70.27 -21.03 -29.55
C ASN J 197 -69.09 -21.50 -28.70
N VAL J 198 -69.24 -21.44 -27.39
CA VAL J 198 -68.15 -21.82 -26.51
C VAL J 198 -67.65 -23.16 -27.02
N ASP J 199 -66.33 -23.30 -27.08
CA ASP J 199 -65.66 -24.44 -27.71
C ASP J 199 -66.14 -25.81 -27.25
N ASP J 200 -66.73 -25.86 -26.05
CA ASP J 200 -67.39 -27.07 -25.60
C ASP J 200 -68.31 -27.61 -26.69
N VAL J 201 -69.39 -26.89 -26.99
CA VAL J 201 -70.32 -27.30 -28.02
C VAL J 201 -69.65 -27.58 -29.38
N LEU J 202 -68.48 -27.01 -29.59
CA LEU J 202 -67.68 -27.29 -30.77
C LEU J 202 -66.92 -28.61 -30.60
N LYS J 203 -66.56 -28.93 -29.36
CA LYS J 203 -66.02 -30.24 -29.00
C LYS J 203 -67.17 -31.24 -28.86
N PHE J 204 -68.36 -30.70 -28.59
CA PHE J 204 -69.60 -31.45 -28.72
C PHE J 204 -69.97 -31.43 -30.19
N THR J 205 -69.33 -30.52 -30.94
CA THR J 205 -69.38 -30.54 -32.39
C THR J 205 -68.21 -31.38 -32.92
N PHE J 206 -67.28 -31.72 -32.01
CA PHE J 206 -66.30 -32.76 -32.29
C PHE J 206 -66.94 -34.03 -31.79
N THR J 207 -68.08 -33.88 -31.14
CA THR J 207 -69.02 -34.96 -30.86
C THR J 207 -70.19 -34.96 -31.86
N GLY J 208 -70.15 -34.01 -32.78
CA GLY J 208 -71.17 -33.90 -33.82
C GLY J 208 -72.28 -32.93 -33.48
N GLU J 209 -72.48 -32.71 -32.18
CA GLU J 209 -73.57 -31.87 -31.72
C GLU J 209 -73.57 -30.58 -32.50
N LYS J 210 -74.75 -30.13 -32.87
CA LYS J 210 -74.91 -28.88 -33.60
C LYS J 210 -75.06 -27.74 -32.62
N GLN K 4 -52.94 -3.31 -20.66
CA GLN K 4 -52.98 -3.19 -19.21
C GLN K 4 -54.11 -2.26 -18.77
N ALA K 5 -55.21 -2.85 -18.32
CA ALA K 5 -56.29 -2.10 -17.70
C ALA K 5 -56.13 -2.07 -16.17
N LEU K 6 -55.18 -2.86 -15.68
CA LEU K 6 -54.86 -2.94 -14.25
C LEU K 6 -53.76 -1.96 -13.79
N TYR K 7 -53.02 -1.39 -14.74
CA TYR K 7 -52.10 -0.33 -14.43
C TYR K 7 -52.94 0.90 -14.27
N GLU K 8 -54.11 0.88 -14.90
CA GLU K 8 -55.08 1.96 -14.76
C GLU K 8 -55.84 1.87 -13.43
N LYS K 9 -56.15 0.64 -13.01
CA LYS K 9 -56.92 0.43 -11.79
C LYS K 9 -56.10 0.63 -10.52
N LEU K 10 -54.82 0.25 -10.57
CA LEU K 10 -53.83 0.51 -9.48
C LEU K 10 -53.12 1.88 -9.49
N GLU K 11 -52.72 2.32 -10.68
CA GLU K 11 -52.01 3.57 -10.81
C GLU K 11 -52.98 4.71 -11.13
N GLN K 12 -54.26 4.42 -11.27
CA GLN K 12 -55.28 5.45 -11.12
C GLN K 12 -55.89 5.37 -9.72
N THR K 13 -55.53 4.34 -8.97
CA THR K 13 -55.76 4.32 -7.54
C THR K 13 -54.48 4.82 -6.93
N ARG K 14 -53.44 4.89 -7.76
CA ARG K 14 -52.21 5.63 -7.46
C ARG K 14 -52.38 7.10 -7.86
N THR K 15 -53.23 7.34 -8.84
CA THR K 15 -53.62 8.70 -9.19
C THR K 15 -54.50 9.19 -8.06
N ILE K 16 -55.42 8.34 -7.64
CA ILE K 16 -56.15 8.58 -6.41
C ILE K 16 -55.14 8.59 -5.26
N LEU K 17 -53.97 7.99 -5.49
CA LEU K 17 -52.89 7.96 -4.48
C LEU K 17 -52.07 9.24 -4.47
N SER K 18 -51.94 9.86 -5.63
CA SER K 18 -51.41 11.20 -5.67
C SER K 18 -52.47 12.06 -5.04
N VAL K 19 -53.72 11.65 -5.23
CA VAL K 19 -54.88 12.34 -4.67
C VAL K 19 -55.01 12.06 -3.19
N LYS K 20 -54.61 10.86 -2.79
CA LYS K 20 -54.56 10.50 -1.38
C LYS K 20 -53.28 11.02 -0.74
N LEU K 21 -52.20 11.15 -1.51
CA LEU K 21 -50.89 11.52 -1.00
C LEU K 21 -50.75 13.01 -0.67
N ALA K 22 -51.50 13.83 -1.40
CA ALA K 22 -51.59 15.24 -1.08
C ALA K 22 -52.64 15.47 0.00
N GLU K 23 -53.50 14.47 0.20
CA GLU K 23 -54.63 14.57 1.12
C GLU K 23 -54.26 14.61 2.61
N LEU K 24 -53.55 13.57 3.06
CA LEU K 24 -53.29 13.37 4.48
C LEU K 24 -51.95 13.93 4.87
N ILE K 25 -51.24 14.47 3.89
CA ILE K 25 -49.89 15.02 4.11
C ILE K 25 -49.93 16.51 4.50
N ASN K 26 -50.36 17.35 3.57
CA ASN K 26 -50.63 18.72 3.93
C ASN K 26 -51.56 18.70 5.12
N THR K 28 -51.29 17.48 7.48
CA THR K 28 -50.46 17.36 8.64
C THR K 28 -51.10 18.30 9.63
N THR K 29 -51.53 17.72 10.74
CA THR K 29 -52.41 18.40 11.67
C THR K 29 -51.64 19.41 12.48
N ILE K 30 -52.36 20.36 13.07
CA ILE K 30 -51.79 21.29 14.01
C ILE K 30 -51.20 20.57 15.22
N SER K 46 -54.00 14.34 23.82
CA SER K 46 -53.34 13.48 24.81
C SER K 46 -51.88 13.88 25.01
N GLU K 47 -51.27 13.35 26.06
CA GLU K 47 -49.89 13.69 26.43
C GLU K 47 -48.87 12.79 25.74
N LEU K 48 -48.97 11.49 26.02
CA LEU K 48 -48.08 10.50 25.43
C LEU K 48 -48.37 10.30 23.95
N ALA K 49 -49.65 10.33 23.58
CA ALA K 49 -50.02 10.03 22.19
C ALA K 49 -50.04 11.23 21.26
N VAL K 50 -49.89 12.43 21.83
CA VAL K 50 -49.74 13.66 21.01
C VAL K 50 -48.28 14.12 20.85
N ALA K 51 -47.37 13.41 21.50
CA ALA K 51 -45.99 13.31 21.07
C ALA K 51 -45.93 12.23 20.00
N THR K 52 -46.78 11.22 20.13
CA THR K 52 -46.90 10.14 19.16
C THR K 52 -47.23 10.67 17.77
N THR K 53 -48.43 11.21 17.60
CA THR K 53 -48.93 11.59 16.28
C THR K 53 -48.03 12.59 15.52
N SER K 54 -47.06 13.21 16.20
CA SER K 54 -46.23 14.26 15.62
C SER K 54 -45.05 13.81 14.76
N VAL K 55 -44.49 12.65 15.10
CA VAL K 55 -43.60 11.89 14.20
C VAL K 55 -44.32 10.74 13.50
N VAL K 58 -44.57 12.41 10.29
CA VAL K 58 -43.28 12.73 9.71
C VAL K 58 -42.85 11.50 8.96
N ASN K 59 -43.17 10.34 9.54
CA ASN K 59 -43.03 9.03 8.89
C ASN K 59 -44.16 8.62 7.94
N ASN K 60 -45.42 8.73 8.35
CA ASN K 60 -46.56 8.28 7.53
C ASN K 60 -47.18 9.31 6.57
N GLN K 61 -46.83 10.59 6.73
CA GLN K 61 -47.06 11.60 5.70
C GLN K 61 -45.94 11.61 4.68
N THR K 62 -44.71 11.46 5.16
CA THR K 62 -43.55 11.36 4.28
C THR K 62 -43.27 9.93 3.81
N GLN K 64 -45.91 7.80 2.96
CA GLN K 64 -46.86 7.86 1.86
C GLN K 64 -46.42 8.92 0.86
N LEU K 65 -45.49 9.77 1.28
CA LEU K 65 -44.91 10.76 0.40
C LEU K 65 -43.81 10.18 -0.48
N ILE K 66 -43.09 9.19 0.03
CA ILE K 66 -42.12 8.44 -0.77
C ILE K 66 -42.87 7.27 -1.37
N LYS K 67 -44.13 7.14 -0.98
CA LYS K 67 -45.07 6.13 -1.53
C LYS K 67 -45.70 6.58 -2.84
N ASN K 68 -45.98 7.86 -2.94
CA ASN K 68 -46.35 8.45 -4.22
C ASN K 68 -45.10 9.02 -4.88
N VAL K 69 -44.00 9.03 -4.13
CA VAL K 69 -42.67 9.30 -4.70
C VAL K 69 -42.19 8.02 -5.34
N GLN K 70 -42.58 6.91 -4.74
CA GLN K 70 -42.31 5.59 -5.28
C GLN K 70 -43.27 5.28 -6.42
N ASP K 71 -44.50 5.76 -6.30
CA ASP K 71 -45.44 5.65 -7.40
C ASP K 71 -45.15 6.75 -8.40
N LEU K 72 -44.20 7.64 -8.07
CA LEU K 72 -43.65 8.63 -9.00
C LEU K 72 -42.59 7.98 -9.90
N LEU K 73 -41.77 7.16 -9.26
CA LEU K 73 -40.71 6.39 -9.91
C LEU K 73 -41.27 5.21 -10.65
N ILE K 74 -42.12 4.45 -9.98
CA ILE K 74 -42.80 3.33 -10.63
C ILE K 74 -43.42 3.81 -11.94
N LEU K 75 -44.07 4.95 -11.91
CA LEU K 75 -44.72 5.51 -13.08
C LEU K 75 -43.82 6.46 -13.86
N THR K 76 -42.68 6.81 -13.31
CA THR K 76 -41.72 7.59 -14.09
C THR K 76 -40.90 6.75 -15.09
N ARG K 77 -40.37 5.61 -14.64
CA ARG K 77 -39.62 4.68 -15.50
C ARG K 77 -40.44 3.50 -16.03
N SER K 78 -41.71 3.39 -15.63
CA SER K 78 -42.65 2.44 -16.22
C SER K 78 -43.46 3.12 -17.30
N ILE K 79 -43.18 4.39 -17.53
CA ILE K 79 -43.61 5.07 -18.74
C ILE K 79 -42.62 4.67 -19.81
N LYS K 80 -41.47 4.18 -19.36
CA LYS K 80 -40.39 3.69 -20.21
C LYS K 80 -40.61 2.27 -20.73
N GLU K 81 -41.27 1.43 -19.93
CA GLU K 81 -41.67 0.09 -20.35
C GLU K 81 -42.77 0.17 -21.40
N LYS K 82 -43.17 1.40 -21.73
CA LYS K 82 -44.07 1.67 -22.87
C LYS K 82 -43.28 1.78 -24.17
N TRP K 83 -41.97 1.62 -24.05
CA TRP K 83 -41.10 1.40 -25.20
C TRP K 83 -41.45 0.12 -25.94
N LEU K 84 -41.20 -1.04 -25.30
CA LEU K 84 -41.38 -2.35 -25.93
C LEU K 84 -40.98 -2.37 -27.40
N PHE K 99 -34.63 -10.40 -52.13
CA PHE K 99 -33.23 -10.83 -52.16
C PHE K 99 -32.66 -10.87 -53.59
N ASP K 100 -31.33 -10.67 -53.71
CA ASP K 100 -30.66 -10.45 -55.00
C ASP K 100 -30.21 -11.72 -55.75
N GLU K 101 -30.54 -12.88 -55.18
CA GLU K 101 -30.01 -14.15 -55.65
C GLU K 101 -30.09 -14.32 -57.15
N LYS K 102 -31.12 -13.76 -57.76
CA LYS K 102 -31.40 -14.08 -59.14
C LYS K 102 -31.63 -15.60 -59.24
N GLN K 103 -32.33 -16.14 -58.24
CA GLN K 103 -32.51 -17.59 -58.03
C GLN K 103 -31.20 -18.34 -57.75
N ILE K 104 -30.94 -19.41 -58.50
CA ILE K 104 -29.65 -20.10 -58.44
C ILE K 104 -28.65 -19.61 -59.52
N GLU K 105 -29.17 -18.82 -60.46
CA GLU K 105 -28.37 -18.24 -61.52
C GLU K 105 -27.19 -17.52 -60.90
N GLU K 106 -27.46 -16.48 -60.12
CA GLU K 106 -26.40 -15.71 -59.48
C GLU K 106 -26.00 -16.46 -58.21
N LEU K 107 -26.53 -17.66 -58.06
CA LEU K 107 -26.09 -18.54 -56.98
C LEU K 107 -25.08 -19.54 -57.49
N LEU K 108 -25.51 -20.49 -58.31
CA LEU K 108 -24.61 -21.52 -58.83
C LEU K 108 -23.66 -21.04 -59.94
N ASP K 109 -23.87 -19.83 -60.47
CA ASP K 109 -22.94 -19.26 -61.46
C ASP K 109 -21.73 -18.70 -60.76
N ASN K 110 -21.96 -18.12 -59.59
CA ASN K 110 -20.87 -17.73 -58.71
C ASN K 110 -20.58 -18.76 -57.61
N CYS K 111 -21.26 -19.91 -57.66
CA CYS K 111 -20.97 -21.00 -56.73
C CYS K 111 -19.98 -21.97 -57.33
N ILE K 112 -19.60 -21.70 -58.58
CA ILE K 112 -18.60 -22.48 -59.26
C ILE K 112 -17.34 -21.64 -59.32
N GLU K 113 -17.44 -20.49 -59.98
CA GLU K 113 -16.30 -19.58 -60.16
C GLU K 113 -15.79 -19.11 -58.80
N THR K 114 -16.44 -19.52 -57.72
CA THR K 114 -15.86 -19.38 -56.41
C THR K 114 -14.87 -20.51 -56.14
N PHE K 115 -15.37 -21.74 -56.15
CA PHE K 115 -14.57 -22.96 -55.88
C PHE K 115 -13.78 -23.61 -57.05
N VAL K 116 -14.27 -23.49 -58.29
CA VAL K 116 -13.52 -24.01 -59.44
C VAL K 116 -12.61 -22.94 -60.05
N ALA K 117 -12.82 -21.71 -59.65
CA ALA K 117 -11.82 -20.68 -59.82
C ALA K 117 -11.08 -20.60 -58.51
N GLU K 118 -11.41 -21.51 -57.59
CA GLU K 118 -10.63 -21.66 -56.38
C GLU K 118 -9.51 -22.68 -56.63
N LYS K 119 -9.89 -23.93 -56.88
CA LYS K 119 -8.91 -24.98 -57.22
C LYS K 119 -9.04 -25.40 -58.68
N THR K 120 -8.05 -25.06 -59.50
CA THR K 120 -8.02 -25.46 -60.91
C THR K 120 -6.79 -24.90 -61.62
N VAL L 2 -50.85 -43.01 -24.53
CA VAL L 2 -50.14 -41.80 -24.19
C VAL L 2 -51.09 -40.69 -23.79
N GLN L 3 -50.94 -40.19 -22.56
CA GLN L 3 -51.79 -39.14 -22.02
C GLN L 3 -51.30 -37.75 -22.40
N GLN L 4 -52.12 -37.04 -23.18
CA GLN L 4 -51.81 -35.68 -23.63
C GLN L 4 -52.84 -34.69 -23.08
N LEU L 5 -52.45 -33.43 -22.94
CA LEU L 5 -53.32 -32.38 -22.39
C LEU L 5 -53.44 -31.20 -23.35
N SER L 6 -54.58 -30.49 -23.33
CA SER L 6 -54.82 -29.31 -24.22
C SER L 6 -55.94 -28.29 -23.87
N LEU L 7 -55.84 -27.08 -24.46
CA LEU L 7 -56.83 -25.97 -24.36
C LEU L 7 -56.69 -24.87 -25.47
N PHE L 8 -57.69 -23.99 -25.61
CA PHE L 8 -57.73 -23.01 -26.73
C PHE L 8 -58.56 -21.72 -26.54
N GLY L 9 -58.37 -20.75 -27.46
CA GLY L 9 -59.10 -19.47 -27.50
C GLY L 9 -59.10 -18.79 -28.87
N SER L 10 -59.77 -17.63 -29.00
CA SER L 10 -59.94 -16.96 -30.30
C SER L 10 -59.96 -15.41 -30.30
N ILE L 11 -59.68 -14.81 -31.47
CA ILE L 11 -59.67 -13.34 -31.63
C ILE L 11 -59.97 -12.89 -33.07
N GLY L 12 -60.30 -11.61 -33.24
CA GLY L 12 -60.85 -11.14 -34.50
C GLY L 12 -59.89 -11.44 -35.61
N ASP L 13 -60.32 -11.22 -36.83
CA ASP L 13 -59.44 -11.45 -37.95
C ASP L 13 -58.35 -10.40 -38.06
N ASP L 14 -58.72 -9.14 -37.73
CA ASP L 14 -57.87 -7.95 -37.88
C ASP L 14 -56.72 -7.90 -36.87
N GLY L 15 -57.04 -8.16 -35.60
CA GLY L 15 -56.06 -8.30 -34.53
C GLY L 15 -55.43 -9.67 -34.51
N TYR L 16 -55.50 -10.37 -35.64
CA TYR L 16 -54.72 -11.57 -35.91
C TYR L 16 -53.47 -11.27 -36.74
N ASP L 17 -53.33 -10.01 -37.17
CA ASP L 17 -52.13 -9.54 -37.88
C ASP L 17 -50.97 -9.43 -36.90
N LEU L 18 -51.24 -8.76 -35.79
CA LEU L 18 -50.34 -8.75 -34.67
C LEU L 18 -50.04 -10.16 -34.21
N LEU L 19 -51.05 -10.82 -33.64
CA LEU L 19 -50.88 -12.11 -32.98
C LEU L 19 -50.05 -13.09 -33.79
N ILE L 20 -50.16 -13.01 -35.12
CA ILE L 20 -49.40 -13.87 -36.03
C ILE L 20 -47.90 -13.57 -36.04
N SER L 21 -47.54 -12.29 -36.03
CA SER L 21 -46.13 -11.89 -35.90
C SER L 21 -45.77 -11.58 -34.45
N THR L 22 -46.77 -11.65 -33.57
CA THR L 22 -46.57 -11.64 -32.13
C THR L 22 -46.50 -13.08 -31.61
N LEU L 23 -46.82 -14.02 -32.49
CA LEU L 23 -46.49 -15.41 -32.26
C LEU L 23 -45.18 -15.70 -32.95
N THR L 24 -44.74 -14.74 -33.76
CA THR L 24 -43.38 -14.68 -34.31
C THR L 24 -42.35 -14.01 -33.39
N THR L 25 -42.79 -12.96 -32.69
CA THR L 25 -41.92 -12.28 -31.74
C THR L 25 -41.75 -13.07 -30.45
N ILE L 26 -42.88 -13.51 -29.89
CA ILE L 26 -42.94 -14.18 -28.60
C ILE L 26 -42.61 -15.67 -28.64
N SER L 27 -42.96 -16.34 -29.75
CA SER L 27 -42.65 -17.76 -29.94
C SER L 27 -41.26 -18.05 -30.51
N GLY L 28 -40.69 -17.08 -31.20
CA GLY L 28 -39.41 -17.29 -31.83
C GLY L 28 -39.57 -18.01 -33.15
N ASN L 29 -40.79 -18.41 -33.45
CA ASN L 29 -41.11 -18.91 -34.78
C ASN L 29 -42.47 -18.42 -35.27
N PRO L 30 -42.55 -18.10 -36.57
CA PRO L 30 -43.77 -17.64 -37.22
C PRO L 30 -44.69 -18.82 -37.53
N PRO L 31 -45.99 -18.55 -37.71
CA PRO L 31 -46.95 -19.62 -38.04
C PRO L 31 -46.72 -20.17 -39.45
N LEU L 32 -46.90 -21.49 -39.61
CA LEU L 32 -46.66 -22.17 -40.89
C LEU L 32 -47.81 -23.14 -41.27
N LEU L 33 -48.14 -23.18 -42.56
CA LEU L 33 -49.38 -23.80 -43.04
C LEU L 33 -49.35 -25.32 -43.28
N TYR L 34 -50.20 -26.04 -42.56
CA TYR L 34 -50.38 -27.46 -42.77
C TYR L 34 -51.86 -27.84 -42.80
N ASN L 35 -52.32 -28.30 -43.97
CA ASN L 35 -53.74 -28.61 -44.17
C ASN L 35 -54.15 -29.95 -43.58
N SER L 36 -55.23 -29.94 -42.80
CA SER L 36 -55.67 -31.15 -42.12
C SER L 36 -57.17 -31.37 -42.25
N LEU L 37 -57.56 -32.48 -42.86
CA LEU L 37 -58.97 -32.80 -43.00
C LEU L 37 -59.33 -34.04 -42.21
N CYS L 38 -60.06 -33.86 -41.11
CA CYS L 38 -60.45 -34.98 -40.26
C CYS L 38 -61.87 -35.44 -40.57
N THR L 39 -62.02 -36.71 -40.90
CA THR L 39 -63.30 -37.25 -41.37
C THR L 39 -63.85 -38.21 -40.34
N VAL L 40 -65.16 -38.45 -40.39
CA VAL L 40 -65.80 -39.32 -39.40
C VAL L 40 -66.43 -40.58 -39.98
N TRP L 41 -66.48 -41.61 -39.15
CA TRP L 41 -67.31 -42.77 -39.44
C TRP L 41 -67.82 -43.28 -38.12
N LYS L 42 -69.10 -43.57 -38.05
CA LYS L 42 -69.61 -44.22 -36.87
C LYS L 42 -69.15 -45.65 -37.05
N PRO L 43 -69.18 -46.45 -35.98
CA PRO L 43 -69.16 -47.85 -36.39
C PRO L 43 -70.42 -48.07 -37.23
N ASN L 44 -70.49 -49.12 -38.03
CA ASN L 44 -71.65 -49.25 -38.92
C ASN L 44 -72.86 -49.12 -38.02
N PRO L 45 -73.65 -48.07 -38.25
CA PRO L 45 -74.65 -47.68 -37.26
C PRO L 45 -75.71 -48.76 -37.03
N SER L 46 -75.85 -49.66 -38.00
CA SER L 46 -76.90 -50.66 -37.98
C SER L 46 -76.49 -51.96 -37.28
N TYR L 47 -75.26 -52.01 -36.79
CA TYR L 47 -74.72 -53.22 -36.16
C TYR L 47 -75.48 -53.75 -34.93
N ASP L 48 -75.42 -53.01 -33.84
CA ASP L 48 -76.17 -53.34 -32.62
C ASP L 48 -75.87 -54.71 -31.97
N VAL L 49 -74.69 -54.86 -31.36
CA VAL L 49 -74.34 -56.07 -30.62
C VAL L 49 -73.23 -55.82 -29.60
N PRO L 61 -69.39 -42.96 -26.61
CA PRO L 61 -68.69 -43.84 -27.56
C PRO L 61 -67.80 -43.07 -28.54
N ASN L 62 -66.77 -43.73 -29.06
CA ASN L 62 -65.88 -43.11 -30.05
C ASN L 62 -66.22 -43.49 -31.49
N ARG L 63 -66.58 -42.48 -32.28
CA ARG L 63 -66.84 -42.67 -33.70
C ARG L 63 -65.52 -42.80 -34.46
N ILE L 64 -65.56 -43.46 -35.61
CA ILE L 64 -64.35 -43.65 -36.41
C ILE L 64 -63.85 -42.32 -37.02
N LYS L 65 -62.53 -42.13 -37.02
CA LYS L 65 -61.91 -40.90 -37.52
C LYS L 65 -60.89 -41.17 -38.64
N LEU L 66 -60.57 -40.14 -39.42
CA LEU L 66 -59.59 -40.25 -40.51
C LEU L 66 -58.96 -38.90 -40.87
N SER L 67 -57.82 -38.91 -41.56
CA SER L 67 -57.13 -37.67 -41.93
C SER L 67 -56.19 -37.79 -43.14
N LYS L 68 -55.59 -36.66 -43.52
CA LYS L 68 -54.64 -36.58 -44.64
C LYS L 68 -54.20 -35.13 -44.93
N GLU L 69 -53.14 -34.99 -45.72
CA GLU L 69 -52.65 -33.70 -46.18
C GLU L 69 -52.15 -33.85 -47.62
N VAL L 70 -52.41 -32.82 -48.42
CA VAL L 70 -52.94 -32.99 -49.75
C VAL L 70 -52.43 -31.98 -50.76
N PRO L 71 -52.49 -32.35 -52.05
CA PRO L 71 -51.90 -31.53 -53.11
C PRO L 71 -52.40 -30.09 -53.04
N PHE L 72 -51.47 -29.15 -53.06
CA PHE L 72 -51.80 -27.75 -52.91
C PHE L 72 -52.57 -27.25 -54.13
N SER L 73 -52.43 -27.96 -55.23
CA SER L 73 -53.19 -27.67 -56.43
C SER L 73 -54.62 -28.19 -56.28
N TYR L 74 -54.80 -29.24 -55.47
CA TYR L 74 -56.08 -29.89 -55.26
C TYR L 74 -56.99 -29.19 -54.24
N LEU L 75 -56.40 -28.63 -53.20
CA LEU L 75 -57.17 -27.87 -52.22
C LEU L 75 -57.86 -26.68 -52.89
N ILE L 76 -57.08 -25.69 -53.34
CA ILE L 76 -57.63 -24.58 -54.11
C ILE L 76 -57.32 -24.78 -55.58
N ASP L 77 -58.37 -24.92 -56.39
CA ASP L 77 -58.23 -25.29 -57.81
C ASP L 77 -58.31 -24.12 -58.80
N GLU L 78 -58.50 -22.90 -58.29
CA GLU L 78 -58.71 -21.76 -59.17
C GLU L 78 -57.40 -21.01 -59.44
N THR L 79 -56.89 -21.16 -60.66
CA THR L 79 -55.61 -20.60 -61.06
C THR L 79 -54.49 -20.92 -60.07
N ASP L 82 -54.94 -18.39 -57.47
CA ASP L 82 -54.49 -17.02 -57.72
C ASP L 82 -53.01 -16.78 -57.37
N LYS L 83 -52.11 -17.44 -58.08
CA LYS L 83 -50.65 -17.30 -57.85
C LYS L 83 -50.22 -17.90 -56.51
N PRO L 84 -48.91 -18.19 -56.38
CA PRO L 84 -48.35 -18.86 -55.19
C PRO L 84 -48.16 -17.96 -53.96
N LEU L 85 -48.11 -18.58 -52.79
CA LEU L 85 -47.82 -17.90 -51.53
C LEU L 85 -47.91 -18.87 -50.35
N ASN L 86 -47.57 -18.40 -49.16
CA ASN L 86 -47.61 -19.24 -47.97
C ASN L 86 -48.79 -18.91 -47.03
N PHE L 87 -48.79 -17.69 -46.51
CA PHE L 87 -49.84 -17.16 -45.63
C PHE L 87 -50.92 -16.33 -46.34
N ARG L 88 -50.90 -16.35 -47.68
CA ARG L 88 -51.90 -15.63 -48.49
C ARG L 88 -53.29 -16.25 -48.46
N ILE L 89 -53.43 -17.40 -47.82
CA ILE L 89 -54.74 -18.06 -47.70
C ILE L 89 -55.47 -17.58 -46.45
N LEU L 90 -54.82 -16.68 -45.72
CA LEU L 90 -55.37 -16.15 -44.48
C LEU L 90 -56.54 -15.17 -44.68
N LYS L 91 -56.33 -14.20 -45.57
CA LYS L 91 -57.30 -13.15 -45.76
C LYS L 91 -58.30 -13.49 -46.86
N SER L 92 -58.10 -14.63 -47.51
CA SER L 92 -58.89 -15.00 -48.67
C SER L 92 -60.26 -15.65 -48.41
N PHE L 93 -60.37 -16.47 -47.36
CA PHE L 93 -61.55 -17.34 -47.23
C PHE L 93 -62.39 -17.17 -45.95
N THR L 94 -63.66 -16.80 -46.13
CA THR L 94 -64.63 -16.80 -45.04
C THR L 94 -65.95 -17.49 -45.47
N ASN L 95 -66.71 -16.86 -46.35
CA ASN L 95 -67.92 -17.46 -46.91
C ASN L 95 -67.69 -18.13 -48.29
N ASP L 96 -66.45 -18.08 -48.74
CA ASP L 96 -66.02 -18.64 -50.02
C ASP L 96 -65.73 -20.10 -49.76
N LYS L 97 -66.21 -20.58 -48.62
CA LYS L 97 -65.67 -21.72 -47.87
C LYS L 97 -65.42 -23.04 -48.62
N ILE L 98 -66.00 -23.24 -49.79
CA ILE L 98 -65.71 -24.45 -50.54
C ILE L 98 -64.69 -24.22 -51.67
N PRO L 99 -63.43 -24.66 -51.44
CA PRO L 99 -62.31 -24.95 -52.34
C PRO L 99 -62.61 -26.23 -53.11
N LEU L 100 -63.24 -27.17 -52.40
CA LEU L 100 -63.83 -28.37 -52.97
C LEU L 100 -65.11 -28.77 -52.23
N ASN L 101 -66.12 -29.19 -52.98
CA ASN L 101 -67.41 -29.60 -52.42
C ASN L 101 -67.29 -30.83 -51.53
N TYR L 102 -66.05 -31.35 -51.47
CA TYR L 102 -65.68 -32.64 -50.89
C TYR L 102 -65.69 -33.76 -51.92
N ALA L 103 -66.21 -33.47 -53.11
CA ALA L 103 -66.38 -34.47 -54.14
C ALA L 103 -67.02 -35.69 -53.49
N THR L 105 -67.77 -38.48 -50.84
CA THR L 105 -66.99 -39.25 -49.86
C THR L 105 -65.51 -39.49 -50.22
N ARG L 106 -65.22 -39.61 -51.51
CA ARG L 106 -63.87 -39.92 -51.96
C ARG L 106 -63.35 -41.19 -51.27
N ASN L 107 -62.07 -41.15 -50.87
CA ASN L 107 -61.41 -42.34 -50.32
C ASN L 107 -60.05 -42.05 -49.69
N GLU L 127 -59.51 -51.48 -55.52
CA GLU L 127 -59.61 -50.16 -54.91
C GLU L 127 -58.61 -49.97 -53.77
N SER L 128 -57.54 -49.20 -54.03
CA SER L 128 -56.51 -48.96 -53.03
C SER L 128 -56.76 -47.69 -52.20
N CYS L 129 -56.62 -47.82 -50.88
CA CYS L 129 -56.67 -46.66 -49.99
C CYS L 129 -55.29 -46.02 -49.93
N SER L 130 -55.24 -44.71 -49.80
CA SER L 130 -53.96 -44.01 -49.67
C SER L 130 -53.59 -43.92 -48.20
N PRO L 131 -52.44 -43.31 -47.91
CA PRO L 131 -52.07 -43.20 -46.49
C PRO L 131 -53.17 -42.54 -45.69
N TRP L 132 -53.56 -43.18 -44.57
CA TRP L 132 -54.62 -42.68 -43.70
C TRP L 132 -54.35 -43.10 -42.25
N SER L 133 -54.81 -42.32 -41.27
CA SER L 133 -54.43 -42.54 -39.85
C SER L 133 -55.53 -42.25 -38.80
N LEU L 134 -55.32 -42.71 -37.56
CA LEU L 134 -56.27 -42.50 -36.46
C LEU L 134 -55.67 -42.69 -35.06
N GLN L 135 -56.52 -42.67 -34.04
CA GLN L 135 -56.09 -42.77 -32.64
C GLN L 135 -57.29 -42.76 -31.69
N ILE L 136 -57.03 -42.95 -30.40
CA ILE L 136 -58.10 -42.96 -29.41
C ILE L 136 -57.73 -42.26 -28.10
N SER L 137 -58.63 -41.39 -27.64
CA SER L 137 -58.40 -40.63 -26.41
C SER L 137 -59.64 -40.57 -25.53
N ASP L 138 -59.45 -40.86 -24.25
CA ASP L 138 -60.53 -40.93 -23.28
C ASP L 138 -60.22 -40.05 -22.08
N ILE L 139 -61.27 -39.56 -21.43
CA ILE L 139 -61.10 -38.70 -20.27
C ILE L 139 -60.64 -39.46 -19.04
N ARG L 146 -57.72 -29.27 -9.13
CA ARG L 146 -58.10 -29.74 -10.46
C ARG L 146 -57.88 -28.67 -11.50
N SER L 147 -56.66 -28.62 -12.04
CA SER L 147 -56.30 -27.59 -13.02
C SER L 147 -56.79 -27.93 -14.42
N VAL L 148 -56.14 -28.91 -15.05
CA VAL L 148 -56.33 -29.15 -16.48
C VAL L 148 -56.79 -30.57 -16.82
N SER L 149 -56.98 -30.83 -18.12
CA SER L 149 -57.51 -32.10 -18.63
C SER L 149 -56.64 -32.81 -19.67
N GLN L 151 -56.33 -36.54 -21.87
CA GLN L 151 -56.95 -37.78 -22.29
C GLN L 151 -55.86 -38.77 -22.65
N THR L 152 -56.12 -40.04 -22.40
CA THR L 152 -55.17 -41.03 -22.80
C THR L 152 -55.33 -41.24 -24.30
N ILE L 153 -54.29 -40.91 -25.06
CA ILE L 153 -54.34 -40.97 -26.51
C ILE L 153 -53.30 -41.95 -27.01
N ALA L 154 -53.78 -43.04 -27.59
CA ALA L 154 -52.92 -44.06 -28.18
C ALA L 154 -53.18 -44.10 -29.69
N GLU L 155 -52.12 -44.17 -30.49
CA GLU L 155 -52.22 -43.90 -31.93
C GLU L 155 -51.78 -45.03 -32.88
N THR L 156 -51.84 -44.72 -34.18
CA THR L 156 -51.45 -45.65 -35.26
C THR L 156 -51.40 -44.93 -36.63
N ILE L 157 -51.13 -45.67 -37.71
CA ILE L 157 -51.00 -45.11 -39.07
C ILE L 157 -51.49 -46.08 -40.15
N ILE L 158 -51.20 -45.80 -41.42
CA ILE L 158 -51.57 -46.72 -42.52
C ILE L 158 -50.81 -46.59 -43.84
N LEU L 159 -51.11 -47.46 -44.80
CA LEU L 159 -50.49 -47.42 -46.12
C LEU L 159 -51.47 -47.55 -47.32
N SER L 160 -52.05 -48.74 -47.50
CA SER L 160 -52.95 -48.98 -48.64
C SER L 160 -53.90 -50.18 -48.52
N SER L 161 -54.94 -50.19 -49.35
CA SER L 161 -55.99 -51.21 -49.30
C SER L 161 -56.30 -51.83 -50.68
N ALA L 162 -57.08 -52.91 -50.69
CA ALA L 162 -57.43 -53.60 -51.94
C ALA L 162 -58.34 -54.80 -51.70
N GLY L 163 -58.76 -55.46 -52.77
CA GLY L 163 -59.62 -56.63 -52.67
C GLY L 163 -61.12 -56.47 -52.96
N LYS L 164 -61.93 -57.39 -52.42
CA LYS L 164 -63.41 -57.40 -52.56
C LYS L 164 -64.09 -56.07 -52.21
N ASN L 165 -64.05 -55.69 -50.95
CA ASN L 165 -64.32 -54.30 -50.60
C ASN L 165 -62.96 -53.71 -50.35
N SER L 166 -62.44 -53.03 -51.36
CA SER L 166 -61.10 -52.51 -51.28
C SER L 166 -61.00 -51.11 -50.67
N SER L 167 -61.89 -50.23 -51.14
CA SER L 167 -61.66 -48.80 -51.05
C SER L 167 -61.69 -48.32 -49.62
N VAL L 168 -61.55 -47.01 -49.43
CA VAL L 168 -61.50 -46.45 -48.09
C VAL L 168 -62.87 -46.31 -47.42
N SER L 169 -63.91 -46.06 -48.22
CA SER L 169 -65.28 -46.00 -47.70
C SER L 169 -65.77 -47.40 -47.38
N SER L 170 -65.42 -48.35 -48.24
CA SER L 170 -65.85 -49.75 -48.12
C SER L 170 -65.04 -50.56 -47.08
N LEU L 171 -63.73 -50.34 -47.01
CA LEU L 171 -62.88 -51.03 -46.03
C LEU L 171 -62.97 -50.29 -44.72
N ASN L 173 -66.59 -49.09 -43.63
CA ASN L 173 -67.82 -49.77 -43.22
C ASN L 173 -67.68 -51.29 -43.33
N GLY L 174 -66.69 -51.72 -44.10
CA GLY L 174 -66.38 -53.13 -44.23
C GLY L 174 -65.58 -53.59 -43.03
N LEU L 175 -64.90 -52.67 -42.36
CA LEU L 175 -64.23 -52.97 -41.11
C LEU L 175 -65.29 -53.00 -40.01
N GLY L 176 -66.51 -52.60 -40.38
CA GLY L 176 -67.63 -52.59 -39.46
C GLY L 176 -68.02 -51.19 -39.01
N TYR L 177 -67.37 -50.17 -39.57
CA TYR L 177 -67.64 -48.79 -39.19
C TYR L 177 -68.07 -47.91 -40.36
N VAL L 178 -69.32 -47.46 -40.34
CA VAL L 178 -69.91 -46.69 -41.42
C VAL L 178 -69.95 -45.20 -41.10
N PHE L 179 -69.82 -44.39 -42.14
CA PHE L 179 -69.71 -42.94 -42.00
C PHE L 179 -70.81 -42.27 -41.18
N GLU L 180 -70.37 -41.48 -40.21
CA GLU L 180 -71.21 -40.52 -39.50
C GLU L 180 -71.09 -39.17 -40.19
N PHE L 181 -69.87 -38.64 -40.23
CA PHE L 181 -69.64 -37.34 -40.86
C PHE L 181 -68.27 -37.18 -41.51
N GLN L 182 -67.93 -35.94 -41.85
CA GLN L 182 -66.59 -35.55 -42.30
C GLN L 182 -66.23 -34.09 -41.93
N TYR L 183 -64.94 -33.82 -41.74
CA TYR L 183 -64.46 -32.49 -41.32
C TYR L 183 -63.11 -32.12 -41.97
N LEU L 184 -62.77 -30.82 -41.95
CA LEU L 184 -61.52 -30.37 -42.55
C LEU L 184 -61.03 -29.02 -42.01
N THR L 185 -59.76 -28.71 -42.26
CA THR L 185 -59.19 -27.45 -41.78
C THR L 185 -57.84 -27.11 -42.43
N ILE L 186 -57.21 -26.05 -41.93
CA ILE L 186 -55.84 -25.70 -42.26
C ILE L 186 -55.17 -25.32 -40.94
N GLY L 187 -53.96 -24.77 -40.98
CA GLY L 187 -53.30 -24.33 -39.76
C GLY L 187 -52.03 -23.52 -39.95
N VAL L 188 -51.69 -22.69 -38.97
CA VAL L 188 -50.42 -21.98 -38.97
C VAL L 188 -49.71 -22.09 -37.62
N LYS L 189 -48.58 -22.78 -37.60
CA LYS L 189 -47.95 -23.16 -36.33
C LYS L 189 -46.62 -22.48 -36.06
N PHE L 190 -46.32 -22.27 -34.78
CA PHE L 190 -45.09 -21.60 -34.38
C PHE L 190 -44.33 -22.48 -33.38
N PHE L 191 -43.10 -22.87 -33.73
CA PHE L 191 -42.31 -23.79 -32.89
C PHE L 191 -42.04 -23.17 -31.52
N LYS L 193 -40.30 -23.97 -27.13
CA LYS L 193 -39.43 -24.69 -26.22
C LYS L 193 -40.11 -25.98 -25.77
N HIS L 194 -39.30 -27.01 -25.47
CA HIS L 194 -39.83 -28.28 -24.95
C HIS L 194 -40.80 -28.95 -25.91
N GLY L 195 -40.52 -28.84 -27.19
CA GLY L 195 -41.36 -29.47 -28.20
C GLY L 195 -42.77 -28.97 -28.12
N LEU L 196 -42.93 -27.65 -28.09
CA LEU L 196 -44.25 -27.04 -28.07
C LEU L 196 -44.50 -26.32 -29.39
N ILE L 197 -45.72 -26.50 -29.93
CA ILE L 197 -46.08 -25.92 -31.22
C ILE L 197 -47.52 -25.40 -31.21
N LEU L 198 -47.76 -24.28 -31.87
CA LEU L 198 -49.11 -23.69 -31.87
C LEU L 198 -49.64 -23.35 -33.26
N GLU L 199 -50.66 -24.08 -33.69
CA GLU L 199 -51.19 -23.94 -35.04
C GLU L 199 -52.53 -23.20 -35.05
N LEU L 200 -52.51 -21.98 -35.58
CA LEU L 200 -53.73 -21.20 -35.72
C LEU L 200 -54.53 -21.76 -36.88
N GLN L 201 -55.79 -22.11 -36.65
CA GLN L 201 -56.55 -22.88 -37.64
C GLN L 201 -57.93 -22.35 -38.00
N LYS L 202 -58.44 -22.84 -39.13
CA LYS L 202 -59.80 -22.56 -39.60
C LYS L 202 -60.38 -23.81 -40.29
N ILE L 203 -61.65 -24.11 -40.02
CA ILE L 203 -62.21 -25.38 -40.46
C ILE L 203 -63.41 -25.26 -41.40
N TRP L 204 -63.68 -26.34 -42.12
CA TRP L 204 -64.84 -26.44 -42.99
C TRP L 204 -65.53 -27.81 -42.82
N GLN L 205 -66.78 -27.90 -43.26
CA GLN L 205 -67.55 -29.14 -43.15
C GLN L 205 -68.24 -29.46 -44.47
N ILE L 206 -67.90 -30.60 -45.06
CA ILE L 206 -68.46 -30.98 -46.35
C ILE L 206 -69.39 -32.20 -46.25
N GLU L 207 -70.54 -32.12 -46.93
CA GLU L 207 -71.64 -33.08 -46.73
C GLU L 207 -72.61 -33.16 -47.91
N GLU L 208 -73.76 -33.76 -47.65
CA GLU L 208 -74.80 -33.93 -48.67
C GLU L 208 -75.48 -32.63 -49.13
N ALA L 209 -75.61 -31.67 -48.23
CA ALA L 209 -76.29 -30.40 -48.54
C ALA L 209 -75.35 -29.26 -48.99
N GLY L 210 -74.07 -29.59 -49.16
CA GLY L 210 -73.07 -28.60 -49.53
C GLY L 210 -72.17 -28.29 -48.35
N ASN L 211 -70.95 -27.86 -48.66
CA ASN L 211 -69.95 -27.63 -47.62
C ASN L 211 -69.75 -26.16 -47.26
N SER L 212 -69.57 -25.88 -45.97
CA SER L 212 -69.32 -24.51 -45.49
C SER L 212 -68.40 -24.43 -44.27
N GLN L 213 -67.56 -23.40 -44.22
CA GLN L 213 -66.54 -23.26 -43.18
C GLN L 213 -67.07 -22.64 -41.90
N ILE L 214 -66.76 -23.30 -40.79
CA ILE L 214 -67.20 -22.84 -39.48
C ILE L 214 -66.19 -21.89 -38.88
N THR L 215 -65.13 -21.60 -39.63
CA THR L 215 -64.08 -20.68 -39.17
C THR L 215 -64.67 -19.28 -38.99
N SER L 216 -65.92 -19.11 -39.40
CA SER L 216 -66.61 -17.82 -39.43
C SER L 216 -66.62 -17.05 -38.12
N GLY L 217 -66.23 -15.78 -38.21
CA GLY L 217 -66.18 -14.89 -37.06
C GLY L 217 -64.80 -14.51 -36.58
N GLY L 218 -63.76 -15.14 -37.14
CA GLY L 218 -62.41 -14.90 -36.70
C GLY L 218 -61.44 -16.03 -36.97
N PHE L 219 -60.41 -16.13 -36.13
CA PHE L 219 -59.41 -17.18 -36.24
C PHE L 219 -59.27 -17.98 -34.94
N LEU L 220 -58.71 -19.19 -35.06
CA LEU L 220 -58.55 -20.12 -33.96
C LEU L 220 -57.08 -20.52 -33.77
N LEU L 221 -56.77 -21.12 -32.62
CA LEU L 221 -55.42 -21.60 -32.33
C LEU L 221 -55.42 -22.89 -31.52
N LYS L 222 -54.34 -23.65 -31.64
CA LYS L 222 -54.23 -24.94 -30.95
C LYS L 222 -52.78 -25.29 -30.58
N ALA L 223 -52.61 -25.93 -29.42
CA ALA L 223 -51.30 -26.39 -28.97
C ALA L 223 -51.46 -27.61 -28.06
N TYR L 224 -50.47 -28.51 -28.04
CA TYR L 224 -50.56 -29.75 -27.27
C TYR L 224 -49.21 -30.39 -26.94
N ILE L 225 -49.21 -31.27 -25.93
CA ILE L 225 -48.06 -32.12 -25.65
C ILE L 225 -48.52 -33.56 -25.46
N ASN L 226 -48.13 -34.44 -26.37
CA ASN L 226 -48.52 -35.83 -26.26
C ASN L 226 -47.42 -36.57 -25.51
N VAL L 227 -47.74 -36.91 -24.27
CA VAL L 227 -46.78 -37.48 -23.33
C VAL L 227 -46.47 -38.93 -23.63
N SER L 228 -45.36 -39.42 -23.10
CA SER L 228 -45.13 -40.85 -23.04
C SER L 228 -46.34 -41.39 -22.30
N ARG L 229 -46.87 -42.52 -22.74
CA ARG L 229 -48.11 -43.02 -22.16
C ARG L 229 -47.98 -43.01 -20.65
N GLY L 230 -48.94 -42.38 -19.99
CA GLY L 230 -48.88 -42.25 -18.54
C GLY L 230 -47.51 -41.79 -18.07
N THR L 231 -47.00 -40.72 -18.69
CA THR L 231 -45.70 -40.14 -18.30
C THR L 231 -45.76 -39.39 -16.96
N ASP L 232 -44.59 -39.19 -16.35
CA ASP L 232 -44.52 -38.71 -14.97
C ASP L 232 -45.42 -37.50 -14.76
N ILE L 233 -46.20 -37.56 -13.70
CA ILE L 233 -47.15 -36.49 -13.38
C ILE L 233 -46.43 -35.28 -12.80
N ASP L 234 -45.18 -35.49 -12.38
CA ASP L 234 -44.36 -34.37 -11.94
C ASP L 234 -43.88 -33.61 -13.16
N ARG L 235 -44.03 -34.24 -14.33
CA ARG L 235 -43.95 -33.53 -15.60
C ARG L 235 -45.35 -33.13 -16.04
N ILE L 236 -46.36 -33.64 -15.33
CA ILE L 236 -47.74 -33.21 -15.51
C ILE L 236 -48.12 -32.08 -14.55
N ASN L 237 -47.24 -31.81 -13.59
CA ASN L 237 -47.24 -30.51 -12.88
C ASN L 237 -46.27 -29.44 -13.44
N TYR L 238 -45.30 -29.86 -14.27
CA TYR L 238 -44.41 -28.93 -14.99
C TYR L 238 -44.83 -28.72 -16.43
N THR L 239 -45.85 -29.45 -16.85
CA THR L 239 -46.47 -29.25 -18.14
C THR L 239 -47.50 -28.14 -18.07
N GLU L 240 -48.18 -28.02 -16.92
CA GLU L 240 -49.19 -26.99 -16.71
C GLU L 240 -48.55 -25.61 -16.48
N THR L 241 -47.50 -25.60 -15.66
CA THR L 241 -46.84 -24.36 -15.22
C THR L 241 -45.98 -23.66 -16.28
N ALA L 242 -45.64 -24.37 -17.34
CA ALA L 242 -45.04 -23.73 -18.50
C ALA L 242 -46.18 -23.12 -19.31
N LEU L 243 -47.36 -23.72 -19.15
CA LEU L 243 -48.55 -23.27 -19.85
C LEU L 243 -49.27 -22.20 -19.06
N ASN L 245 -47.53 -19.75 -17.52
CA ASN L 245 -46.81 -18.60 -18.04
C ASN L 245 -47.63 -17.97 -19.15
N LEU L 246 -47.78 -18.73 -20.23
CA LEU L 246 -48.57 -18.32 -21.37
C LEU L 246 -50.08 -18.14 -21.08
N LYS L 247 -50.67 -18.96 -20.22
CA LYS L 247 -52.10 -18.85 -19.95
C LYS L 247 -52.48 -17.49 -19.36
N LYS L 248 -51.73 -17.03 -18.37
CA LYS L 248 -51.93 -15.70 -17.80
C LYS L 248 -50.99 -14.65 -18.40
N GLU L 249 -50.09 -15.08 -19.28
CA GLU L 249 -49.45 -14.14 -20.19
C GLU L 249 -50.36 -13.92 -21.39
N LEU L 250 -50.90 -15.02 -21.91
CA LEU L 250 -51.81 -14.98 -23.05
C LEU L 250 -53.15 -14.43 -22.59
N GLN L 251 -53.48 -14.65 -21.33
CA GLN L 251 -54.66 -13.99 -20.79
C GLN L 251 -54.45 -12.49 -21.01
N GLY L 252 -55.44 -11.85 -21.64
CA GLY L 252 -55.41 -10.43 -21.91
C GLY L 252 -55.21 -9.96 -23.35
N TYR L 253 -54.64 -10.78 -24.21
CA TYR L 253 -54.89 -10.66 -25.66
C TYR L 253 -56.14 -11.47 -26.05
N ILE L 254 -56.21 -12.67 -25.47
CA ILE L 254 -57.43 -13.44 -25.31
C ILE L 254 -57.23 -14.37 -24.12
N GLU L 255 -58.25 -14.59 -23.32
CA GLU L 255 -58.07 -15.34 -22.08
C GLU L 255 -57.63 -16.79 -22.34
N LEU L 256 -56.96 -17.38 -21.36
CA LEU L 256 -56.58 -18.79 -21.43
C LEU L 256 -57.52 -19.63 -20.59
N SER L 257 -58.33 -20.43 -21.27
CA SER L 257 -59.33 -21.28 -20.61
C SER L 257 -59.63 -22.57 -21.40
N VAL L 258 -59.91 -23.65 -20.67
CA VAL L 258 -60.23 -24.96 -21.23
C VAL L 258 -61.73 -25.30 -21.21
N PRO L 259 -62.27 -25.78 -22.35
CA PRO L 259 -63.65 -26.12 -22.76
C PRO L 259 -64.29 -27.31 -22.02
N ASP L 260 -65.62 -27.43 -22.14
CA ASP L 260 -66.41 -28.38 -21.33
C ASP L 260 -66.17 -29.85 -21.64
N ARG L 261 -66.39 -30.68 -20.63
CA ARG L 261 -66.21 -32.12 -20.75
C ARG L 261 -67.39 -32.81 -21.45
N GLN L 262 -68.60 -32.33 -21.19
CA GLN L 262 -69.79 -32.88 -21.83
C GLN L 262 -69.61 -32.84 -23.33
N SER L 263 -68.84 -31.87 -23.78
CA SER L 263 -68.52 -31.71 -25.18
C SER L 263 -67.19 -32.36 -25.53
N ASP L 265 -66.02 -35.67 -24.59
CA ASP L 265 -66.11 -37.11 -24.92
C ASP L 265 -66.44 -37.35 -26.39
N SER L 266 -65.77 -38.33 -26.99
CA SER L 266 -65.99 -38.67 -28.39
C SER L 266 -67.41 -39.16 -28.57
N ARG L 267 -68.09 -39.32 -27.44
CA ARG L 267 -69.42 -39.91 -27.41
C ARG L 267 -70.37 -39.23 -28.40
N VAL L 268 -71.20 -40.05 -29.04
CA VAL L 268 -72.25 -39.58 -29.92
C VAL L 268 -73.61 -39.95 -29.34
N GLY M 2 -41.98 -61.78 -57.97
CA GLY M 2 -41.61 -62.96 -57.19
C GLY M 2 -40.57 -62.67 -56.12
N LYS M 3 -40.86 -61.66 -55.30
CA LYS M 3 -39.95 -61.27 -54.21
C LYS M 3 -40.28 -61.79 -52.81
N SER M 4 -41.31 -62.64 -52.66
CA SER M 4 -41.68 -63.15 -51.33
C SER M 4 -42.46 -64.47 -51.29
N ALA M 5 -42.43 -65.12 -50.12
CA ALA M 5 -43.14 -66.36 -49.82
C ALA M 5 -42.89 -66.82 -48.38
N VAL M 6 -43.77 -67.66 -47.84
CA VAL M 6 -43.61 -68.15 -46.44
C VAL M 6 -44.40 -69.44 -46.11
N ILE M 7 -43.98 -70.16 -45.06
CA ILE M 7 -44.56 -71.48 -44.70
C ILE M 7 -44.39 -71.91 -43.23
N PHE M 8 -45.25 -72.83 -42.79
CA PHE M 8 -45.30 -73.27 -41.38
C PHE M 8 -45.46 -74.79 -41.18
N VAL M 9 -45.24 -75.26 -39.95
CA VAL M 9 -45.37 -76.68 -39.62
C VAL M 9 -46.10 -76.90 -38.30
N GLU M 10 -47.10 -77.79 -38.29
CA GLU M 10 -47.83 -78.15 -37.08
C GLU M 10 -47.23 -79.38 -36.41
N ARG M 11 -46.32 -80.03 -37.10
CA ARG M 11 -45.58 -81.14 -36.53
C ARG M 11 -44.10 -80.82 -36.61
N ALA M 12 -43.49 -80.59 -35.44
CA ALA M 12 -42.06 -80.31 -35.36
C ALA M 12 -41.69 -80.04 -33.90
N THR M 13 -40.41 -79.87 -33.64
CA THR M 13 -39.95 -79.51 -32.30
C THR M 13 -38.82 -78.48 -32.36
N PRO M 14 -38.60 -77.77 -31.25
CA PRO M 14 -37.50 -76.80 -31.28
C PRO M 14 -36.16 -77.49 -31.50
N ALA M 15 -36.12 -78.79 -31.26
CA ALA M 15 -34.91 -79.62 -31.40
C ALA M 15 -34.74 -80.19 -32.81
N THR M 16 -35.74 -79.95 -33.65
CA THR M 16 -35.59 -80.14 -35.09
C THR M 16 -35.34 -78.80 -35.76
N LEU M 17 -35.30 -77.74 -34.96
CA LEU M 17 -35.09 -76.38 -35.46
C LEU M 17 -33.64 -76.05 -35.83
N THR M 18 -32.70 -76.53 -35.02
CA THR M 18 -31.27 -76.26 -35.21
C THR M 18 -30.57 -77.16 -36.25
N GLU M 19 -31.19 -78.29 -36.59
CA GLU M 19 -30.54 -79.31 -37.42
C GLU M 19 -30.14 -78.89 -38.83
N LEU M 20 -31.09 -78.39 -39.63
CA LEU M 20 -30.86 -78.19 -41.06
C LEU M 20 -29.70 -77.26 -41.37
N LYS M 21 -29.18 -76.63 -40.33
CA LYS M 21 -27.98 -75.80 -40.44
C LYS M 21 -26.87 -76.50 -41.21
N ASP M 22 -26.40 -77.62 -40.69
CA ASP M 22 -25.23 -78.34 -41.25
C ASP M 22 -25.26 -78.52 -42.78
N ALA M 23 -26.40 -78.94 -43.33
CA ALA M 23 -26.54 -79.13 -44.77
C ALA M 23 -26.92 -77.85 -45.53
N LEU M 24 -27.39 -76.85 -44.80
CA LEU M 24 -27.60 -75.52 -45.35
C LEU M 24 -26.43 -74.55 -45.05
N SER M 25 -25.40 -75.05 -44.36
CA SER M 25 -24.24 -74.22 -43.97
C SER M 25 -23.28 -74.00 -45.14
N ASN M 26 -23.59 -74.63 -46.27
CA ASN M 26 -22.88 -74.39 -47.51
C ASN M 26 -23.38 -73.13 -48.24
N SER M 27 -24.66 -72.79 -48.03
CA SER M 27 -25.25 -71.61 -48.65
C SER M 27 -25.33 -70.36 -47.77
N ILE M 28 -24.93 -70.44 -46.51
CA ILE M 28 -25.08 -69.30 -45.61
C ILE M 28 -23.82 -68.46 -45.47
N LEU M 29 -23.83 -67.27 -46.06
CA LEU M 29 -22.73 -66.31 -45.94
C LEU M 29 -22.73 -65.40 -44.70
N SER M 30 -23.91 -64.90 -44.31
CA SER M 30 -24.02 -63.93 -43.21
C SER M 30 -25.20 -64.14 -42.28
N VAL M 31 -24.96 -64.03 -40.99
CA VAL M 31 -26.03 -64.13 -40.01
C VAL M 31 -26.44 -62.74 -39.55
N ARG M 32 -27.60 -62.29 -40.02
CA ARG M 32 -28.07 -60.93 -39.77
C ARG M 32 -28.81 -60.84 -38.43
N ASP M 33 -29.33 -59.64 -38.15
CA ASP M 33 -30.01 -59.38 -36.88
C ASP M 33 -31.29 -60.20 -36.68
N PRO M 34 -31.62 -60.49 -35.40
CA PRO M 34 -32.76 -61.23 -34.83
C PRO M 34 -34.14 -60.54 -34.89
N TRP M 35 -35.13 -61.33 -35.30
CA TRP M 35 -36.52 -60.90 -35.37
C TRP M 35 -37.25 -61.28 -34.09
N SER M 36 -38.56 -61.08 -34.10
CA SER M 36 -39.45 -61.49 -33.02
C SER M 36 -40.86 -61.44 -33.56
N ILE M 37 -41.86 -61.82 -32.77
CA ILE M 37 -43.21 -61.87 -33.32
C ILE M 37 -44.38 -62.11 -32.37
N ASP M 38 -45.58 -62.12 -32.95
CA ASP M 38 -46.82 -62.48 -32.29
C ASP M 38 -47.88 -62.84 -33.35
N PHE M 39 -48.95 -63.51 -32.92
CA PHE M 39 -50.19 -63.63 -33.72
C PHE M 39 -51.38 -63.86 -32.82
N ARG M 40 -52.52 -63.31 -33.18
CA ARG M 40 -53.71 -63.43 -32.35
C ARG M 40 -55.01 -63.25 -33.12
N THR M 41 -56.11 -63.76 -32.59
CA THR M 41 -57.37 -63.68 -33.30
C THR M 41 -58.38 -62.83 -32.54
N TYR M 42 -58.89 -61.80 -33.20
CA TYR M 42 -59.87 -60.94 -32.57
C TYR M 42 -61.25 -61.51 -32.87
N ARG M 43 -61.88 -62.04 -31.83
CA ARG M 43 -63.23 -62.52 -31.97
C ARG M 43 -64.21 -61.40 -31.61
N CYS M 44 -64.89 -60.88 -32.62
CA CYS M 44 -65.95 -59.90 -32.43
C CYS M 44 -67.05 -60.53 -31.59
N SER M 45 -67.53 -59.80 -30.58
CA SER M 45 -68.57 -60.31 -29.70
C SER M 45 -69.96 -60.03 -30.26
N ILE M 46 -70.01 -59.45 -31.46
CA ILE M 46 -71.27 -59.10 -32.09
C ILE M 46 -72.11 -60.33 -32.39
N LYS M 47 -73.41 -60.14 -32.57
CA LYS M 47 -74.29 -61.26 -32.79
C LYS M 47 -74.51 -61.57 -34.27
N ASN M 48 -74.21 -62.82 -34.65
CA ASN M 48 -74.56 -63.41 -35.96
C ASN M 48 -74.10 -62.72 -37.25
N LEU M 49 -75.06 -62.42 -38.12
CA LEU M 49 -74.81 -61.78 -39.42
C LEU M 49 -74.35 -62.76 -40.50
N SER M 54 -65.67 -64.15 -44.16
CA SER M 54 -65.03 -64.90 -43.08
C SER M 54 -65.21 -64.16 -41.77
N LYS M 55 -66.02 -64.73 -40.88
CA LYS M 55 -66.37 -64.08 -39.62
C LYS M 55 -65.24 -64.05 -38.57
N LEU M 56 -64.10 -64.69 -38.88
CA LEU M 56 -62.97 -64.72 -37.94
C LEU M 56 -61.91 -63.65 -38.23
N TYR M 58 -58.43 -61.83 -37.77
CA TYR M 58 -57.07 -62.29 -37.45
C TYR M 58 -56.02 -61.17 -37.39
N SER M 59 -55.15 -61.23 -36.38
CA SER M 59 -54.07 -60.25 -36.23
C SER M 59 -52.68 -60.88 -36.11
N ILE M 60 -51.66 -60.08 -36.41
CA ILE M 60 -50.25 -60.49 -36.34
C ILE M 60 -49.33 -59.28 -36.20
N THR M 61 -48.09 -59.54 -35.77
CA THR M 61 -47.09 -58.50 -35.61
C THR M 61 -45.67 -59.04 -35.83
N PHE M 62 -44.78 -58.27 -36.45
CA PHE M 62 -43.40 -58.74 -36.71
C PHE M 62 -42.28 -57.69 -36.60
N HIS M 63 -41.27 -57.96 -35.78
CA HIS M 63 -40.21 -56.98 -35.62
C HIS M 63 -38.91 -57.41 -36.28
N HIS M 64 -38.60 -56.80 -37.43
CA HIS M 64 -37.24 -56.87 -37.97
C HIS M 64 -36.80 -55.43 -38.27
N HIS M 65 -35.88 -54.90 -37.46
CA HIS M 65 -35.60 -53.47 -37.42
C HIS M 65 -36.86 -52.56 -37.29
N GLY M 66 -37.66 -52.82 -36.26
CA GLY M 66 -38.92 -52.11 -36.03
C GLY M 66 -40.17 -52.94 -36.30
N ARG M 67 -41.34 -52.33 -36.12
CA ARG M 67 -42.60 -53.06 -36.27
C ARG M 67 -43.71 -52.26 -36.97
N GLN M 68 -44.69 -52.98 -37.50
CA GLN M 68 -45.92 -52.40 -38.07
C GLN M 68 -47.00 -53.48 -38.16
N THR M 69 -48.26 -53.07 -38.27
CA THR M 69 -49.39 -54.02 -38.17
C THR M 69 -50.45 -53.90 -39.28
N VAL M 70 -51.16 -54.99 -39.53
CA VAL M 70 -52.23 -55.02 -40.53
C VAL M 70 -53.23 -56.17 -40.27
N LEU M 71 -54.42 -56.07 -40.85
CA LEU M 71 -55.44 -57.10 -40.65
C LEU M 71 -56.15 -57.48 -41.94
N ILE M 72 -56.60 -58.73 -42.04
CA ILE M 72 -57.31 -59.21 -43.22
C ILE M 72 -58.55 -60.06 -42.89
N LYS M 73 -59.70 -59.60 -43.34
CA LYS M 73 -60.93 -60.35 -43.16
C LYS M 73 -61.71 -60.36 -44.47
N ASP M 74 -61.99 -61.56 -44.97
CA ASP M 74 -62.80 -61.75 -46.19
C ASP M 74 -62.32 -60.93 -47.40
N ASN M 75 -61.01 -60.96 -47.66
CA ASN M 75 -60.39 -60.30 -48.82
C ASN M 75 -60.40 -58.77 -48.84
N SER M 76 -60.46 -58.16 -47.67
CA SER M 76 -60.38 -56.71 -47.55
C SER M 76 -59.36 -56.37 -46.46
N ALA M 77 -58.30 -55.65 -46.83
CA ALA M 77 -57.21 -55.38 -45.90
C ALA M 77 -56.57 -54.00 -46.07
N VAL M 79 -52.84 -51.63 -44.27
CA VAL M 79 -51.61 -51.69 -43.50
C VAL M 79 -51.54 -50.54 -42.51
N THR M 80 -50.75 -50.71 -41.45
CA THR M 80 -50.62 -49.71 -40.39
C THR M 80 -49.20 -49.60 -39.84
N THR M 81 -49.04 -48.91 -38.72
CA THR M 81 -47.78 -48.88 -38.01
C THR M 81 -47.90 -48.41 -36.54
N ALA M 82 -46.89 -48.73 -35.73
CA ALA M 82 -46.60 -48.00 -34.49
C ALA M 82 -45.42 -46.98 -34.61
N ALA M 83 -44.82 -46.89 -35.79
CA ALA M 83 -43.53 -46.19 -35.97
C ALA M 83 -43.64 -44.81 -36.63
N ALA M 84 -42.73 -43.91 -36.23
CA ALA M 84 -42.56 -42.57 -36.80
C ALA M 84 -41.71 -42.48 -38.08
N ALA M 85 -40.71 -43.36 -38.21
CA ALA M 85 -39.87 -43.40 -39.41
C ALA M 85 -40.62 -43.98 -40.62
N ASP M 86 -41.21 -45.17 -40.44
CA ASP M 86 -42.04 -45.85 -41.44
C ASP M 86 -43.29 -45.06 -41.77
N ILE M 87 -43.51 -44.00 -40.97
CA ILE M 87 -44.55 -42.99 -41.22
C ILE M 87 -43.90 -41.69 -41.70
N PRO M 88 -44.25 -41.26 -42.92
CA PRO M 88 -43.57 -40.05 -43.38
C PRO M 88 -43.65 -39.02 -42.28
N PRO M 89 -42.55 -38.31 -42.02
CA PRO M 89 -42.56 -37.25 -41.01
C PRO M 89 -43.53 -36.16 -41.43
N ALA M 90 -43.86 -36.15 -42.72
CA ALA M 90 -44.81 -35.19 -43.26
C ALA M 90 -46.21 -35.47 -42.73
N LEU M 91 -46.41 -36.69 -42.25
CA LEU M 91 -47.66 -37.04 -41.59
C LEU M 91 -47.77 -36.25 -40.30
N VAL M 92 -46.62 -35.99 -39.68
CA VAL M 92 -46.54 -35.19 -38.46
C VAL M 92 -46.34 -33.73 -38.80
N PHE M 93 -46.08 -33.49 -40.09
CA PHE M 93 -45.93 -32.15 -40.60
C PHE M 93 -47.29 -31.47 -40.71
N ASN M 94 -48.30 -32.24 -41.10
CA ASN M 94 -49.66 -31.76 -40.98
C ASN M 94 -49.98 -31.61 -39.51
N GLY M 95 -49.05 -32.08 -38.67
CA GLY M 95 -49.28 -32.14 -37.23
C GLY M 95 -50.26 -33.24 -36.96
N SER M 96 -50.82 -33.79 -38.04
CA SER M 96 -51.82 -34.83 -37.96
C SER M 96 -51.33 -35.98 -37.08
N SER M 97 -50.03 -36.24 -37.10
CA SER M 97 -49.47 -37.35 -36.33
C SER M 97 -49.51 -37.12 -34.81
N THR M 98 -49.89 -38.16 -34.09
CA THR M 98 -50.04 -38.08 -32.64
C THR M 98 -48.70 -38.00 -31.91
N GLY M 99 -47.72 -38.78 -32.37
CA GLY M 99 -46.43 -38.84 -31.70
C GLY M 99 -46.59 -39.67 -30.45
N VAL M 100 -47.83 -40.05 -30.21
CA VAL M 100 -48.19 -40.91 -29.11
C VAL M 100 -48.78 -42.13 -29.77
N PRO M 101 -47.92 -42.91 -30.44
CA PRO M 101 -48.18 -44.17 -31.13
C PRO M 101 -48.65 -45.23 -30.14
N GLU M 102 -49.52 -46.13 -30.59
CA GLU M 102 -50.13 -47.14 -29.73
C GLU M 102 -49.92 -48.56 -30.22
N SER M 103 -49.72 -49.50 -29.29
CA SER M 103 -49.86 -50.89 -29.64
C SER M 103 -51.28 -51.04 -30.15
N ILE M 104 -51.42 -51.65 -31.32
CA ILE M 104 -52.73 -51.91 -31.88
C ILE M 104 -53.41 -52.98 -31.06
N ASP M 105 -52.59 -53.86 -30.49
CA ASP M 105 -53.10 -54.91 -29.62
C ASP M 105 -53.30 -54.43 -28.19
N THR M 106 -52.77 -53.25 -27.87
CA THR M 106 -53.17 -52.56 -26.65
C THR M 106 -54.30 -51.56 -26.93
N ILE M 107 -54.56 -51.33 -28.21
CA ILE M 107 -55.69 -50.53 -28.65
C ILE M 107 -56.96 -51.36 -28.70
N LEU M 108 -56.88 -52.53 -29.32
CA LEU M 108 -58.05 -53.37 -29.52
C LEU M 108 -58.41 -54.20 -28.30
N SER M 109 -57.41 -54.76 -27.63
CA SER M 109 -57.68 -55.64 -26.50
C SER M 109 -58.21 -54.87 -25.29
N SER M 110 -57.53 -53.79 -24.92
CA SER M 110 -57.88 -52.98 -23.74
C SER M 110 -58.99 -51.94 -23.94
N LYS M 111 -58.98 -51.28 -25.10
CA LYS M 111 -60.02 -50.31 -25.43
C LYS M 111 -61.30 -50.98 -25.89
N LEU M 112 -61.15 -52.02 -26.72
CA LEU M 112 -62.27 -52.67 -27.39
C LEU M 112 -62.84 -53.89 -26.66
N SER M 113 -62.42 -54.11 -25.42
CA SER M 113 -62.70 -55.37 -24.72
C SER M 113 -64.17 -55.85 -24.73
N ASN M 114 -65.13 -54.95 -24.89
CA ASN M 114 -66.53 -55.34 -24.88
C ASN M 114 -66.91 -56.31 -26.01
N ILE M 115 -66.60 -55.94 -27.24
CA ILE M 115 -66.93 -56.78 -28.39
C ILE M 115 -65.76 -57.67 -28.84
N TRP M 116 -64.77 -57.08 -29.50
CA TRP M 116 -63.66 -57.88 -29.99
C TRP M 116 -62.58 -57.88 -28.94
N GLN M 118 -59.30 -60.40 -27.66
CA GLN M 118 -58.45 -61.37 -28.34
C GLN M 118 -58.87 -62.79 -27.95
N ARG M 119 -59.26 -63.57 -28.95
CA ARG M 119 -59.71 -64.95 -28.77
C ARG M 119 -58.63 -66.03 -28.95
N GLN M 120 -57.45 -65.62 -29.44
CA GLN M 120 -56.32 -66.54 -29.55
C GLN M 120 -54.99 -65.81 -29.46
N LEU M 121 -53.98 -66.49 -28.92
CA LEU M 121 -52.63 -65.96 -28.87
C LEU M 121 -51.56 -67.06 -29.06
N ILE M 122 -50.59 -66.82 -29.96
CA ILE M 122 -49.40 -67.68 -30.05
C ILE M 122 -48.25 -66.96 -30.78
N LYS M 123 -47.01 -67.40 -30.53
CA LYS M 123 -45.85 -66.81 -31.18
C LYS M 123 -44.53 -67.54 -30.91
N GLY M 124 -43.44 -67.02 -31.46
CA GLY M 124 -42.10 -67.48 -31.16
C GLY M 124 -41.06 -66.39 -31.38
N ASP M 125 -39.95 -66.46 -30.65
CA ASP M 125 -39.09 -65.29 -30.50
C ASP M 125 -37.62 -65.49 -30.88
N ALA M 126 -36.85 -64.40 -30.75
CA ALA M 126 -35.42 -64.38 -31.02
C ALA M 126 -35.05 -65.03 -32.36
N GLY M 127 -35.76 -64.67 -33.43
CA GLY M 127 -35.43 -65.18 -34.76
C GLY M 127 -34.06 -64.71 -35.20
N GLU M 128 -33.58 -65.26 -36.32
CA GLU M 128 -32.29 -64.85 -36.86
C GLU M 128 -32.37 -64.69 -38.37
N THR M 129 -31.24 -64.37 -38.98
CA THR M 129 -31.18 -64.32 -40.42
C THR M 129 -30.01 -65.17 -40.92
N LEU M 130 -30.07 -65.53 -42.21
CA LEU M 130 -28.94 -66.11 -42.93
C LEU M 130 -29.17 -65.77 -44.40
N ILE M 131 -28.11 -65.61 -45.17
CA ILE M 131 -28.29 -65.08 -46.51
C ILE M 131 -28.25 -66.14 -47.61
N LEU M 132 -29.42 -66.41 -48.18
CA LEU M 132 -29.52 -67.22 -49.39
C LEU M 132 -29.53 -66.28 -50.59
N ASP M 133 -28.67 -66.55 -51.58
CA ASP M 133 -28.41 -65.57 -52.63
C ASP M 133 -29.67 -65.12 -53.35
N GLY M 134 -29.92 -63.82 -53.30
CA GLY M 134 -31.04 -63.19 -53.98
C GLY M 134 -32.34 -63.36 -53.21
N LEU M 135 -32.41 -64.37 -52.36
CA LEU M 135 -33.53 -64.54 -51.44
C LEU M 135 -33.05 -64.93 -50.05
N THR M 136 -33.26 -64.04 -49.10
CA THR M 136 -32.79 -64.24 -47.73
C THR M 136 -33.54 -65.40 -47.12
N VAL M 137 -33.02 -65.95 -46.02
CA VAL M 137 -33.78 -66.91 -45.21
C VAL M 137 -33.65 -66.64 -43.72
N ARG M 138 -34.76 -66.32 -43.07
CA ARG M 138 -34.78 -66.08 -41.62
C ARG M 138 -35.56 -67.22 -40.95
N LEU M 139 -35.22 -67.55 -39.71
CA LEU M 139 -35.91 -68.68 -39.06
C LEU M 139 -36.26 -68.49 -37.57
N VAL M 140 -37.42 -69.03 -37.16
CA VAL M 140 -37.86 -68.99 -35.76
C VAL M 140 -38.92 -70.06 -35.45
N ASN M 141 -39.13 -70.37 -34.17
CA ASN M 141 -40.07 -71.40 -33.75
C ASN M 141 -41.26 -70.88 -32.95
N LEU M 142 -42.35 -71.64 -32.91
CA LEU M 142 -43.55 -71.26 -32.18
C LEU M 142 -43.84 -72.21 -31.02
N PHE M 143 -44.55 -71.70 -30.00
CA PHE M 143 -45.01 -72.53 -28.88
C PHE M 143 -46.47 -72.22 -28.47
N SER M 144 -47.36 -73.20 -28.57
CA SER M 144 -48.78 -72.99 -28.28
C SER M 144 -49.08 -73.04 -26.78
N SER M 145 -50.35 -73.10 -26.44
CA SER M 145 -50.76 -73.41 -25.08
C SER M 145 -50.72 -74.93 -24.97
N THR M 146 -50.58 -75.55 -26.13
CA THR M 146 -50.63 -77.00 -26.26
C THR M 146 -49.26 -77.64 -26.03
N GLY M 147 -48.31 -76.82 -25.56
CA GLY M 147 -46.92 -77.20 -25.55
C GLY M 147 -46.24 -76.68 -26.80
N PHE M 148 -45.21 -77.37 -27.28
CA PHE M 148 -44.55 -76.93 -28.50
C PHE M 148 -45.46 -77.13 -29.71
N LYS M 149 -45.75 -76.03 -30.41
CA LYS M 149 -46.63 -76.03 -31.58
C LYS M 149 -45.98 -75.97 -32.99
N GLY M 150 -44.66 -75.94 -33.09
CA GLY M 150 -44.07 -75.99 -34.43
C GLY M 150 -42.73 -75.36 -34.74
N LEU M 151 -42.57 -74.98 -36.01
CA LEU M 151 -41.50 -74.09 -36.48
C LEU M 151 -41.90 -73.35 -37.79
N LEU M 152 -41.23 -72.21 -38.09
CA LEU M 152 -41.50 -71.39 -39.29
C LEU M 152 -40.30 -70.54 -39.81
N ILE M 153 -40.22 -70.32 -41.13
CA ILE M 153 -39.08 -69.62 -41.77
C ILE M 153 -39.45 -68.81 -43.05
N GLU M 154 -38.57 -67.92 -43.52
CA GLU M 154 -38.90 -67.02 -44.64
C GLU M 154 -37.85 -66.85 -45.78
N LEU M 155 -38.28 -66.34 -46.92
CA LEU M 155 -37.39 -66.04 -48.03
C LEU M 155 -37.86 -64.87 -48.90
N GLN M 156 -36.94 -64.05 -49.37
CA GLN M 156 -37.29 -62.91 -50.24
C GLN M 156 -36.31 -62.68 -51.40
N ALA M 157 -36.82 -62.73 -52.61
CA ALA M 157 -35.99 -62.64 -53.81
C ALA M 157 -35.88 -61.22 -54.42
N ASP M 158 -34.64 -60.86 -54.79
CA ASP M 158 -34.38 -59.61 -55.47
C ASP M 158 -35.02 -59.62 -56.84
N GLU M 159 -34.62 -60.58 -57.67
CA GLU M 159 -35.11 -60.66 -59.02
C GLU M 159 -36.47 -61.34 -59.04
N ALA M 160 -37.37 -60.77 -59.83
CA ALA M 160 -38.72 -61.30 -59.96
C ALA M 160 -38.77 -62.59 -60.79
N GLY M 161 -38.12 -62.57 -61.95
CA GLY M 161 -38.19 -63.67 -62.89
C GLY M 161 -37.54 -64.98 -62.44
N GLU M 162 -36.69 -64.90 -61.43
CA GLU M 162 -35.98 -66.07 -60.90
C GLU M 162 -36.78 -66.71 -59.78
N PHE M 163 -38.02 -66.24 -59.62
CA PHE M 163 -38.93 -66.75 -58.60
C PHE M 163 -39.44 -68.18 -58.86
N GLU M 164 -39.28 -68.67 -60.09
CA GLU M 164 -39.64 -70.06 -60.44
C GLU M 164 -38.55 -71.08 -60.05
N THR M 165 -37.30 -70.65 -60.15
CA THR M 165 -36.16 -71.46 -59.75
C THR M 165 -35.94 -71.37 -58.24
N LYS M 166 -36.48 -70.32 -57.63
CA LYS M 166 -36.38 -70.08 -56.19
C LYS M 166 -37.37 -70.89 -55.38
N ILE M 167 -38.59 -71.03 -55.90
CA ILE M 167 -39.59 -71.90 -55.29
C ILE M 167 -39.34 -73.38 -55.63
N ALA M 168 -38.54 -73.60 -56.68
CA ALA M 168 -38.08 -74.93 -57.07
C ALA M 168 -36.88 -75.36 -56.22
N GLY M 169 -36.12 -74.40 -55.72
CA GLY M 169 -34.92 -74.71 -54.97
C GLY M 169 -35.18 -74.84 -53.50
N ILE M 170 -36.41 -74.51 -53.10
CA ILE M 170 -36.78 -74.55 -51.69
C ILE M 170 -37.15 -75.95 -51.24
N GLU M 171 -37.85 -76.66 -52.10
CA GLU M 171 -38.29 -78.03 -51.78
C GLU M 171 -37.25 -79.07 -52.17
N GLY M 172 -36.21 -78.64 -52.89
CA GLY M 172 -35.11 -79.51 -53.29
C GLY M 172 -34.06 -79.67 -52.20
N HIS M 173 -33.93 -78.63 -51.38
CA HIS M 173 -33.17 -78.71 -50.15
C HIS M 173 -34.10 -79.20 -49.05
N LEU M 174 -35.41 -79.19 -49.34
CA LEU M 174 -36.47 -79.69 -48.44
C LEU M 174 -36.99 -81.11 -48.73
N ALA M 175 -36.53 -81.70 -49.82
CA ALA M 175 -36.76 -83.12 -50.09
C ALA M 175 -35.75 -83.89 -49.26
N GLU M 176 -34.54 -83.33 -49.15
CA GLU M 176 -33.48 -83.86 -48.28
C GLU M 176 -33.95 -83.77 -46.83
N ILE M 177 -35.11 -83.17 -46.65
CA ILE M 177 -35.75 -83.13 -45.35
C ILE M 177 -35.77 -84.49 -44.70
N ARG M 178 -36.00 -85.52 -45.50
CA ARG M 178 -36.19 -86.88 -44.98
C ARG M 178 -37.17 -86.78 -43.83
N ALA M 179 -38.16 -85.89 -44.00
CA ALA M 179 -39.16 -85.61 -42.98
C ALA M 179 -40.56 -85.52 -43.60
N LYS M 180 -41.56 -85.30 -42.75
CA LYS M 180 -42.96 -85.42 -43.17
C LYS M 180 -43.68 -84.09 -43.38
N GLU M 181 -44.61 -84.10 -44.32
CA GLU M 181 -45.14 -82.90 -44.94
C GLU M 181 -45.63 -81.80 -44.01
N TYR M 182 -45.38 -80.56 -44.45
CA TYR M 182 -46.02 -79.35 -43.95
C TYR M 182 -46.07 -78.49 -45.20
N LYS M 183 -47.14 -77.74 -45.40
CA LYS M 183 -47.35 -77.07 -46.69
C LYS M 183 -47.50 -75.54 -46.65
N THR M 184 -47.70 -74.92 -47.83
CA THR M 184 -47.78 -73.47 -47.97
C THR M 184 -48.74 -72.96 -49.07
N SER M 185 -49.02 -71.66 -49.05
CA SER M 185 -49.74 -71.01 -50.14
C SER M 185 -48.90 -69.93 -50.87
N SER M 186 -48.97 -69.92 -52.20
CA SER M 186 -48.25 -68.94 -53.01
C SER M 186 -49.15 -67.77 -53.48
N ASP M 187 -50.42 -67.80 -53.10
CA ASP M 187 -51.45 -66.93 -53.71
C ASP M 187 -51.32 -65.43 -53.46
N SER M 188 -51.93 -64.66 -54.35
CA SER M 188 -51.99 -63.21 -54.25
C SER M 188 -53.43 -62.74 -54.07
N LEU M 189 -53.65 -61.88 -53.06
CA LEU M 189 -54.99 -61.37 -52.70
C LEU M 189 -55.73 -60.62 -53.79
N GLY M 190 -55.24 -59.43 -54.11
CA GLY M 190 -55.75 -58.72 -55.25
C GLY M 190 -55.03 -59.30 -56.44
N PRO M 191 -55.70 -59.35 -57.60
CA PRO M 191 -54.97 -59.75 -58.80
C PRO M 191 -53.79 -58.80 -59.01
N ASP M 192 -53.86 -57.66 -58.33
CA ASP M 192 -52.80 -56.69 -58.33
C ASP M 192 -51.53 -57.21 -57.68
N THR M 193 -51.64 -57.61 -56.41
CA THR M 193 -50.47 -58.06 -55.65
C THR M 193 -49.28 -57.13 -55.96
N SER M 194 -49.35 -55.89 -55.45
CA SER M 194 -48.26 -54.93 -55.63
C SER M 194 -47.10 -55.01 -54.60
N ASN M 195 -47.35 -55.55 -53.41
CA ASN M 195 -46.36 -55.52 -52.34
C ASN M 195 -45.65 -56.85 -52.07
N GLU M 196 -44.33 -56.84 -52.20
CA GLU M 196 -43.50 -57.98 -51.82
C GLU M 196 -43.54 -58.14 -50.31
N ILE M 197 -44.06 -57.11 -49.64
CA ILE M 197 -44.28 -57.14 -48.20
C ILE M 197 -45.60 -57.80 -47.82
N CYS M 198 -46.64 -57.55 -48.60
CA CYS M 198 -47.98 -58.02 -48.28
C CYS M 198 -48.25 -59.47 -48.67
N ASP M 199 -47.68 -59.92 -49.79
CA ASP M 199 -48.02 -61.21 -50.41
C ASP M 199 -47.41 -62.48 -49.77
N LEU M 200 -46.58 -62.31 -48.75
CA LEU M 200 -46.13 -63.45 -47.97
C LEU M 200 -46.93 -63.56 -46.68
N ALA M 201 -47.81 -62.59 -46.46
CA ALA M 201 -48.73 -62.66 -45.32
C ALA M 201 -49.97 -63.50 -45.64
N TYR M 202 -50.30 -63.61 -46.91
CA TYR M 202 -51.38 -64.50 -47.38
C TYR M 202 -50.89 -65.94 -47.49
N GLN M 203 -49.59 -66.10 -47.67
CA GLN M 203 -48.94 -67.41 -47.70
C GLN M 203 -48.62 -67.80 -46.28
N TYR M 204 -49.00 -66.91 -45.36
CA TYR M 204 -48.81 -67.06 -43.93
C TYR M 204 -50.12 -67.42 -43.22
N VAL M 205 -51.12 -66.53 -43.31
CA VAL M 205 -52.43 -66.77 -42.73
C VAL M 205 -53.16 -67.90 -43.46
N ARG M 206 -53.04 -67.94 -44.78
CA ARG M 206 -53.71 -68.98 -45.57
C ARG M 206 -53.06 -70.35 -45.39
N ALA M 207 -51.73 -70.34 -45.23
CA ALA M 207 -50.93 -71.56 -45.02
C ALA M 207 -50.79 -71.93 -43.54
N LEU M 208 -51.32 -71.06 -42.67
CA LEU M 208 -51.52 -71.37 -41.25
C LEU M 208 -52.94 -71.90 -41.11
N GLU M 209 -53.63 -71.97 -42.25
CA GLU M 209 -55.01 -72.45 -42.37
C GLU M 209 -55.93 -71.66 -41.46
N LEU M 210 -55.86 -70.33 -41.56
CA LEU M 210 -56.61 -69.45 -40.67
C LEU M 210 -57.54 -68.53 -41.45
N PRO N 14 -37.93 3.60 51.06
CA PRO N 14 -37.86 3.32 52.50
C PRO N 14 -36.50 3.70 53.08
N GLU N 15 -36.15 3.13 54.22
CA GLU N 15 -34.85 3.41 54.83
C GLU N 15 -34.26 2.16 55.50
N TRP N 16 -32.96 1.94 55.25
CA TRP N 16 -32.21 0.77 55.74
C TRP N 16 -31.63 0.84 57.16
N ILE N 17 -31.21 2.03 57.61
CA ILE N 17 -30.64 2.16 58.95
C ILE N 17 -31.69 1.79 59.98
N GLN N 18 -32.94 1.72 59.50
CA GLN N 18 -34.10 1.31 60.30
C GLN N 18 -34.05 -0.13 60.81
N VAL N 19 -34.18 -1.07 59.89
CA VAL N 19 -34.23 -2.49 60.23
C VAL N 19 -32.94 -3.04 60.82
N PHE N 20 -31.86 -2.26 60.71
CA PHE N 20 -30.57 -2.65 61.27
C PHE N 20 -30.62 -2.60 62.79
N GLY N 21 -31.16 -1.50 63.33
CA GLY N 21 -31.45 -1.38 64.77
C GLY N 21 -32.90 -1.50 65.21
N LEU N 22 -33.82 -1.39 64.25
CA LEU N 22 -35.25 -1.44 64.55
C LEU N 22 -35.71 -2.82 64.95
N ARG N 23 -35.27 -3.84 64.21
CA ARG N 23 -35.86 -5.17 64.39
C ARG N 23 -37.34 -5.05 64.09
N THR N 24 -37.67 -4.96 62.81
CA THR N 24 -39.01 -4.61 62.32
C THR N 24 -40.21 -5.26 63.03
N GLU N 25 -40.29 -6.59 62.95
CA GLU N 25 -41.51 -7.34 63.27
C GLU N 25 -42.67 -7.08 62.28
N ASN N 26 -43.87 -6.82 62.80
CA ASN N 26 -45.05 -6.69 61.92
C ASN N 26 -45.81 -5.37 62.02
N VAL N 27 -46.57 -5.18 63.10
CA VAL N 27 -47.37 -3.96 63.33
C VAL N 27 -46.52 -2.76 63.82
N LEU N 28 -45.32 -3.06 64.27
CA LEU N 28 -44.31 -2.04 64.59
C LEU N 28 -43.42 -1.81 63.37
N ASP N 29 -43.72 -2.50 62.28
CA ASP N 29 -43.09 -2.26 60.99
C ASP N 29 -43.97 -1.38 60.11
N TYR N 30 -45.10 -0.96 60.64
CA TYR N 30 -46.01 -0.11 59.89
C TYR N 30 -45.44 1.29 59.88
N PHE N 31 -44.97 1.73 61.06
CA PHE N 31 -44.43 3.06 61.24
C PHE N 31 -43.12 3.26 60.49
N ALA N 32 -42.38 2.17 60.33
CA ALA N 32 -41.11 2.22 59.62
C ALA N 32 -41.36 2.46 58.14
N GLU N 33 -42.63 2.58 57.77
CA GLU N 33 -43.05 2.95 56.42
C GLU N 33 -43.34 4.45 56.24
N SER N 34 -44.35 4.95 56.95
CA SER N 34 -44.71 6.36 56.89
C SER N 34 -43.48 7.21 57.06
N PRO N 35 -42.65 6.88 58.05
CA PRO N 35 -41.37 7.53 58.37
C PRO N 35 -40.26 7.21 57.38
N PHE N 36 -40.29 6.05 56.75
CA PHE N 36 -39.25 5.69 55.79
C PHE N 36 -39.45 6.34 54.43
N PHE N 37 -40.67 6.21 53.91
CA PHE N 37 -41.00 6.73 52.61
C PHE N 37 -41.02 8.23 52.70
N ASP N 38 -41.22 8.70 53.93
CA ASP N 38 -41.41 10.12 54.27
C ASP N 38 -42.61 10.69 53.55
N LYS N 39 -43.51 9.81 53.09
CA LYS N 39 -44.78 10.28 52.55
C LYS N 39 -45.92 9.78 53.40
N THR N 40 -46.31 10.65 54.33
CA THR N 40 -47.61 10.68 54.97
C THR N 40 -47.68 12.12 55.46
N SER N 41 -48.81 12.78 55.34
CA SER N 41 -48.79 14.19 55.68
C SER N 41 -49.63 14.49 56.93
N ASN N 42 -50.94 14.49 56.72
CA ASN N 42 -51.92 14.90 57.72
C ASN N 42 -52.95 13.78 58.00
N ASN N 43 -53.67 13.37 56.97
CA ASN N 43 -54.66 12.30 57.11
C ASN N 43 -54.05 10.92 57.32
N GLN N 44 -52.73 10.82 57.13
CA GLN N 44 -51.97 9.69 57.67
C GLN N 44 -51.41 10.13 59.03
N VAL N 45 -51.53 11.43 59.32
CA VAL N 45 -51.11 12.00 60.58
C VAL N 45 -52.30 12.13 61.54
N ILE N 46 -53.47 11.67 61.10
CA ILE N 46 -54.61 11.49 61.98
C ILE N 46 -54.38 10.20 62.75
N LYS N 47 -53.46 9.40 62.21
CA LYS N 47 -52.88 8.26 62.90
C LYS N 47 -51.57 8.70 63.57
N GLN N 49 -52.06 11.57 65.41
CA GLN N 49 -52.70 12.19 66.56
C GLN N 49 -52.91 11.15 67.67
N ARG N 50 -52.93 9.89 67.26
CA ARG N 50 -53.06 8.74 68.14
C ARG N 50 -51.73 8.31 68.78
N GLN N 51 -50.65 8.36 68.01
CA GLN N 51 -49.32 8.08 68.53
C GLN N 51 -48.71 9.36 69.12
N PHE N 52 -49.33 10.51 68.82
CA PHE N 52 -49.04 11.77 69.51
C PHE N 52 -49.98 12.01 70.68
N SER N 53 -51.09 11.27 70.73
CA SER N 53 -51.83 11.12 71.98
C SER N 53 -51.49 9.78 72.66
N GLN N 54 -50.60 9.01 72.05
CA GLN N 54 -49.96 7.87 72.70
C GLN N 54 -48.80 8.36 73.57
N LEU N 55 -48.03 9.30 73.03
CA LEU N 55 -46.95 9.96 73.76
C LEU N 55 -47.43 11.12 74.65
N ASN N 56 -48.46 11.85 74.21
CA ASN N 56 -49.06 12.93 75.00
C ASN N 56 -49.97 12.42 76.13
N ASP N 57 -50.64 11.30 75.88
CA ASP N 57 -51.41 10.57 76.90
C ASP N 57 -50.56 9.91 78.00
N PRO N 58 -49.35 9.44 77.65
CA PRO N 58 -48.35 8.77 78.49
C PRO N 58 -47.81 9.61 79.66
N ASN N 59 -48.05 10.92 79.61
CA ASN N 59 -47.59 11.84 80.66
C ASN N 59 -48.49 11.82 81.87
N GLU N 80 -73.97 -9.66 67.09
CA GLU N 80 -73.43 -8.91 68.22
C GLU N 80 -72.83 -7.57 67.76
N GLU N 81 -71.66 -7.22 68.32
CA GLU N 81 -70.98 -5.98 67.96
C GLU N 81 -70.04 -6.17 66.76
N GLU N 82 -69.99 -7.39 66.24
CA GLU N 82 -69.37 -7.66 64.95
C GLU N 82 -70.42 -7.41 63.88
N PHE N 83 -71.65 -7.16 64.34
CA PHE N 83 -72.71 -6.58 63.51
C PHE N 83 -72.88 -5.08 63.77
N ALA N 84 -72.18 -4.57 64.76
CA ALA N 84 -72.03 -3.12 64.97
C ALA N 84 -70.69 -2.64 64.39
N TYR N 85 -70.00 -3.56 63.72
CA TYR N 85 -68.62 -3.38 63.26
C TYR N 85 -68.43 -3.12 61.75
N VAL N 86 -68.91 -4.03 60.91
CA VAL N 86 -68.28 -4.22 59.60
C VAL N 86 -68.09 -2.96 58.77
N ASP N 87 -66.79 -2.71 58.56
CA ASP N 87 -66.20 -1.73 57.66
C ASP N 87 -66.50 -1.96 56.19
N PRO N 88 -66.94 -3.18 55.84
CA PRO N 88 -66.63 -4.38 55.04
C PRO N 88 -65.71 -4.18 53.83
N ALA N 89 -65.57 -2.97 53.33
CA ALA N 89 -64.38 -2.68 52.54
C ALA N 89 -63.15 -3.20 53.32
N ARG N 90 -63.05 -2.81 54.59
CA ARG N 90 -62.02 -3.34 55.49
C ARG N 90 -62.47 -4.59 56.28
N ARG N 91 -63.76 -4.88 56.32
CA ARG N 91 -64.23 -6.09 56.99
C ARG N 91 -64.13 -7.32 56.09
N GLN N 92 -64.25 -7.10 54.78
CA GLN N 92 -64.07 -8.15 53.78
C GLN N 92 -62.65 -8.13 53.24
N ILE N 93 -61.82 -7.28 53.83
CA ILE N 93 -60.39 -7.24 53.52
C ILE N 93 -59.55 -7.29 54.79
N LEU N 94 -59.63 -6.23 55.59
CA LEU N 94 -58.77 -6.07 56.76
C LEU N 94 -58.73 -7.34 57.60
N PHE N 95 -59.84 -8.06 57.64
CA PHE N 95 -59.83 -9.40 58.19
C PHE N 95 -59.14 -9.45 59.56
N LYS N 96 -58.00 -10.14 59.62
CA LYS N 96 -57.43 -10.63 60.89
C LYS N 96 -56.43 -9.77 61.70
N TYR N 97 -56.20 -8.51 61.33
CA TYR N 97 -55.23 -7.64 62.04
C TYR N 97 -55.48 -7.44 63.56
N PRO N 98 -54.44 -7.69 64.39
CA PRO N 98 -54.47 -7.67 65.86
C PRO N 98 -54.75 -6.31 66.53
N TYR N 100 -55.28 -2.84 64.39
CA TYR N 100 -55.51 -1.61 63.68
C TYR N 100 -56.66 -1.06 64.48
N GLN N 102 -56.99 0.05 67.51
CA GLN N 102 -56.70 1.36 68.08
C GLN N 102 -56.89 2.46 67.05
N LEU N 103 -56.47 2.19 65.81
CA LEU N 103 -56.69 3.12 64.70
C LEU N 103 -58.01 2.82 63.99
N GLU N 104 -58.68 1.74 64.40
CA GLU N 104 -59.98 1.34 63.89
C GLU N 104 -61.08 2.07 64.62
N GLU N 105 -60.86 2.34 65.89
CA GLU N 105 -61.81 3.14 66.64
C GLU N 105 -61.57 4.58 66.24
N GLU N 106 -60.32 4.88 65.88
CA GLU N 106 -59.96 6.15 65.25
C GLU N 106 -60.15 5.98 63.76
N LEU N 107 -60.43 4.74 63.36
CA LEU N 107 -61.04 4.48 62.06
C LEU N 107 -62.56 4.42 62.21
N LYS N 109 -63.80 6.88 64.22
CA LYS N 109 -63.84 8.31 63.99
C LYS N 109 -62.88 8.57 62.86
N LEU N 110 -63.45 8.77 61.67
CA LEU N 110 -62.72 9.18 60.49
C LEU N 110 -63.49 10.30 59.78
N ASP N 111 -64.62 9.94 59.18
CA ASP N 111 -65.47 10.91 58.49
C ASP N 111 -66.95 10.61 58.72
N ILE N 166 -51.48 6.46 35.99
CA ILE N 166 -50.52 5.51 36.56
C ILE N 166 -50.63 4.13 35.93
N PHE N 167 -51.77 3.85 35.31
CA PHE N 167 -51.85 2.77 34.35
C PHE N 167 -51.40 3.42 33.06
N LYS N 168 -51.16 4.73 33.14
CA LYS N 168 -50.59 5.57 32.07
C LYS N 168 -49.06 5.57 31.97
N ILE N 169 -48.40 5.40 33.11
CA ILE N 169 -46.93 5.36 33.20
C ILE N 169 -46.32 4.00 32.84
N VAL N 170 -47.13 2.95 32.93
CA VAL N 170 -46.80 1.65 32.40
C VAL N 170 -46.90 1.73 30.87
N GLN N 171 -47.68 2.69 30.38
CA GLN N 171 -47.86 2.93 28.94
C GLN N 171 -47.01 4.07 28.36
N SER N 172 -46.27 4.76 29.23
CA SER N 172 -45.26 5.74 28.79
C SER N 172 -43.88 5.14 28.56
N ARG N 173 -43.64 3.95 29.11
CA ARG N 173 -42.46 3.19 28.77
C ARG N 173 -42.74 2.24 27.61
N LEU N 174 -44.03 2.07 27.27
CA LEU N 174 -44.45 1.40 26.02
C LEU N 174 -44.78 2.44 24.95
N SER N 176 -42.04 4.43 24.99
CA SER N 176 -40.62 4.20 24.77
C SER N 176 -40.34 2.91 24.02
N THR N 177 -41.38 2.09 23.81
CA THR N 177 -41.28 0.89 23.00
C THR N 177 -41.47 1.31 21.58
N SER N 178 -42.06 2.48 21.43
CA SER N 178 -42.32 3.06 20.14
C SER N 178 -41.12 3.80 19.58
N TYR N 179 -40.31 4.40 20.47
CA TYR N 179 -39.15 5.19 20.05
C TYR N 179 -38.00 4.34 19.51
N HIS N 180 -37.73 3.21 20.17
CA HIS N 180 -36.73 2.26 19.69
C HIS N 180 -37.12 1.59 18.35
N LEU N 181 -38.42 1.60 18.05
CA LEU N 181 -38.94 1.23 16.74
C LEU N 181 -38.99 2.45 15.82
N ASN N 182 -38.97 3.63 16.45
CA ASN N 182 -39.04 4.92 15.76
C ASN N 182 -37.71 5.30 15.16
N SER N 183 -36.65 5.15 15.97
CA SER N 183 -35.25 5.34 15.57
C SER N 183 -34.60 4.13 14.83
N THR N 184 -35.10 2.93 15.09
CA THR N 184 -34.69 1.75 14.35
C THR N 184 -35.41 1.69 13.00
N LEU N 185 -36.60 2.28 12.95
CA LEU N 185 -37.30 2.47 11.69
C LEU N 185 -36.72 3.68 10.94
N GLU N 186 -36.21 4.66 11.70
CA GLU N 186 -35.58 5.86 11.13
C GLU N 186 -34.17 5.58 10.62
N SER N 187 -33.42 4.75 11.37
CA SER N 187 -32.09 4.31 10.96
C SER N 187 -32.18 3.22 9.89
N LEU N 188 -33.40 2.73 9.68
CA LEU N 188 -33.69 1.86 8.55
C LEU N 188 -33.85 2.73 7.30
N TYR N 189 -34.48 3.87 7.49
CA TYR N 189 -34.74 4.83 6.41
C TYR N 189 -33.46 5.26 5.69
N ASP N 190 -32.33 5.17 6.40
CA ASP N 190 -31.01 5.36 5.79
C ASP N 190 -30.42 4.02 5.36
N TYR O 21 36.93 -15.01 9.84
CA TYR O 21 37.25 -14.58 8.48
C TYR O 21 36.23 -13.57 8.01
N ILE O 22 35.52 -13.01 8.97
CA ILE O 22 34.60 -11.91 8.71
C ILE O 22 35.33 -10.57 8.67
N GLN O 23 36.52 -10.55 9.27
CA GLN O 23 37.41 -9.37 9.36
C GLN O 23 38.30 -9.07 8.13
N GLU O 24 38.84 -10.10 7.49
CA GLU O 24 39.65 -9.93 6.29
C GLU O 24 38.81 -9.45 5.11
N ARG O 25 37.59 -9.96 5.00
CA ARG O 25 36.68 -9.62 3.91
C ARG O 25 35.98 -8.26 4.06
N LEU O 26 35.79 -7.83 5.30
CA LEU O 26 35.35 -6.47 5.56
C LEU O 26 36.59 -5.59 5.71
N LYS O 27 37.77 -6.21 5.73
CA LYS O 27 39.04 -5.50 5.71
C LYS O 27 39.42 -5.08 4.31
N SER O 28 39.16 -5.96 3.35
CA SER O 28 39.33 -5.61 1.96
C SER O 28 38.17 -4.71 1.57
N LEU O 29 37.07 -4.79 2.33
CA LEU O 29 35.84 -4.04 2.03
C LEU O 29 35.91 -2.56 2.38
N ASN O 30 36.65 -2.23 3.43
CA ASN O 30 37.00 -0.85 3.73
C ASN O 30 38.39 -0.53 3.18
N ASP O 31 39.03 -1.54 2.60
CA ASP O 31 40.27 -1.33 1.84
C ASP O 31 40.00 -1.10 0.36
N ILE O 32 38.78 -1.41 -0.09
CA ILE O 32 38.31 -0.90 -1.36
C ILE O 32 37.44 0.33 -1.19
N GLU O 33 37.02 0.59 0.05
CA GLU O 33 36.13 1.70 0.35
C GLU O 33 36.90 3.02 0.45
N THR O 34 38.15 2.91 0.90
CA THR O 34 39.05 4.06 0.98
C THR O 34 39.71 4.36 -0.37
N GLN O 35 39.59 3.40 -1.31
CA GLN O 35 40.03 3.62 -2.69
C GLN O 35 38.92 4.28 -3.50
N LEU O 36 37.77 4.50 -2.86
CA LEU O 36 36.72 5.34 -3.42
C LEU O 36 36.74 6.79 -2.93
N CYS O 37 37.47 7.03 -1.83
CA CYS O 37 37.61 8.40 -1.30
C CYS O 37 38.73 9.11 -2.04
N SER O 38 39.61 8.32 -2.64
CA SER O 38 40.61 8.84 -3.56
C SER O 38 40.03 8.83 -4.98
N LEU O 40 36.08 9.56 -5.59
CA LEU O 40 35.11 10.66 -5.64
C LEU O 40 35.70 12.03 -5.35
N GLN O 41 36.74 12.07 -4.52
CA GLN O 41 37.37 13.33 -4.12
C GLN O 41 38.29 13.94 -5.19
N GLU O 42 39.01 13.09 -5.93
CA GLU O 42 39.81 13.56 -7.06
C GLU O 42 38.86 14.07 -8.14
N ALA O 43 37.57 13.90 -7.91
CA ALA O 43 36.53 14.47 -8.75
C ALA O 43 36.15 15.86 -8.24
N SER O 44 36.91 16.32 -7.24
CA SER O 44 36.80 17.67 -6.74
C SER O 44 37.87 18.54 -7.38
N GLN O 45 39.13 18.24 -7.09
CA GLN O 45 40.25 19.02 -7.61
C GLN O 45 40.25 18.96 -9.13
N VAL O 46 39.35 18.15 -9.67
CA VAL O 46 39.12 18.11 -11.10
C VAL O 46 38.25 19.27 -11.56
N THR O 47 37.28 19.64 -10.74
CA THR O 47 36.38 20.75 -11.06
C THR O 47 37.01 22.12 -10.75
N PHE O 48 37.92 22.13 -9.79
CA PHE O 48 38.53 23.37 -9.31
C PHE O 48 39.33 24.14 -10.37
N ILE O 49 40.36 23.53 -10.92
CA ILE O 49 41.24 24.20 -11.89
C ILE O 49 40.54 24.55 -13.21
N PHE O 50 39.28 24.13 -13.35
CA PHE O 50 38.47 24.44 -14.53
C PHE O 50 37.83 25.83 -14.42
N GLY O 51 37.85 26.37 -13.20
CA GLY O 51 37.38 27.72 -12.96
C GLY O 51 38.50 28.74 -12.90
N GLU O 52 39.73 28.28 -12.71
CA GLU O 52 40.91 29.15 -12.66
C GLU O 52 41.43 29.55 -14.04
N LEU O 53 41.56 28.55 -14.91
CA LEU O 53 41.91 28.80 -16.30
C LEU O 53 40.70 29.43 -16.96
N LYS O 54 39.62 29.51 -16.19
CA LYS O 54 38.32 29.93 -16.70
C LYS O 54 38.33 31.41 -17.03
N ARG O 55 37.16 31.96 -17.30
CA ARG O 55 37.09 33.28 -17.88
C ARG O 55 37.75 33.23 -19.24
N GLY O 56 37.06 32.57 -20.17
CA GLY O 56 37.42 32.63 -21.57
C GLY O 56 36.13 32.45 -22.33
N ASN O 57 36.13 32.78 -23.62
CA ASN O 57 34.94 32.59 -24.45
C ASN O 57 34.43 31.16 -24.36
N GLU O 58 35.32 30.24 -24.69
CA GLU O 58 34.96 28.85 -24.79
C GLU O 58 35.13 28.11 -23.47
N SER O 59 35.43 28.84 -22.39
CA SER O 59 35.76 28.23 -21.10
C SER O 59 34.60 27.42 -20.58
N VAL O 60 33.51 27.41 -21.34
CA VAL O 60 32.35 26.54 -21.11
C VAL O 60 32.48 25.12 -21.66
N LYS O 61 33.64 24.83 -22.25
CA LYS O 61 34.01 23.47 -22.63
C LYS O 61 34.02 22.59 -21.39
N PRO O 62 34.91 22.90 -20.44
CA PRO O 62 34.92 22.18 -19.17
C PRO O 62 33.61 22.32 -18.41
N GLN O 63 32.73 23.22 -18.82
CA GLN O 63 31.42 23.34 -18.18
C GLN O 63 30.41 22.26 -18.61
N PHE O 64 30.56 21.72 -19.83
CA PHE O 64 29.75 20.57 -20.26
C PHE O 64 30.32 19.27 -19.71
N GLU O 65 31.63 19.27 -19.51
CA GLU O 65 32.35 18.09 -19.01
C GLU O 65 32.52 18.11 -17.52
N ASN O 66 33.26 19.08 -16.99
CA ASN O 66 33.44 19.20 -15.55
C ASN O 66 32.10 19.12 -14.82
N HIS O 67 31.13 19.89 -15.30
CA HIS O 67 29.77 19.92 -14.71
C HIS O 67 28.95 18.67 -15.05
N VAL O 68 29.41 17.89 -16.04
CA VAL O 68 28.93 16.53 -16.22
C VAL O 68 29.86 15.58 -15.47
N LYS O 69 31.03 16.10 -15.11
CA LYS O 69 32.05 15.36 -14.37
C LYS O 69 31.83 15.29 -12.88
N GLN O 70 31.53 16.43 -12.27
CA GLN O 70 31.22 16.46 -10.85
C GLN O 70 29.71 16.45 -10.57
N PHE O 71 28.89 16.45 -11.62
CA PHE O 71 27.47 16.09 -11.52
C PHE O 71 27.34 14.56 -11.54
N TYR O 72 28.14 13.93 -12.40
CA TYR O 72 28.19 12.47 -12.52
C TYR O 72 28.87 11.81 -11.34
N GLU O 73 30.09 12.23 -11.02
CA GLU O 73 30.86 11.54 -9.99
C GLU O 73 30.46 11.93 -8.57
N ARG O 74 29.56 12.91 -8.43
CA ARG O 74 29.13 13.37 -7.12
C ARG O 74 28.00 12.51 -6.61
N LEU O 75 27.55 11.58 -7.45
CA LEU O 75 26.69 10.49 -7.02
C LEU O 75 27.53 9.23 -6.73
N ASP O 76 28.86 9.34 -6.91
CA ASP O 76 29.84 8.32 -6.50
C ASP O 76 30.33 8.65 -5.12
N LYS O 77 29.90 9.81 -4.63
CA LYS O 77 30.06 10.20 -3.24
C LYS O 77 28.79 9.88 -2.47
N SER O 78 27.76 9.44 -3.19
CA SER O 78 26.58 8.90 -2.55
C SER O 78 26.91 7.48 -2.13
N THR O 79 27.62 6.77 -2.99
CA THR O 79 27.99 5.38 -2.75
C THR O 79 29.06 5.24 -1.67
N THR O 80 29.66 6.36 -1.29
CA THR O 80 30.65 6.36 -0.20
C THR O 80 29.98 6.54 1.18
N GLN O 81 28.69 6.88 1.17
CA GLN O 81 27.91 6.97 2.41
C GLN O 81 27.23 5.64 2.79
N LEU O 82 27.16 4.71 1.84
CA LEU O 82 26.60 3.38 2.09
C LEU O 82 27.62 2.38 2.67
N ARG O 83 28.91 2.65 2.45
CA ARG O 83 29.99 1.77 2.90
C ARG O 83 30.11 1.72 4.43
N LYS O 84 30.16 2.88 5.05
CA LYS O 84 30.39 2.98 6.50
C LYS O 84 29.21 2.53 7.36
N GLU O 85 28.02 2.48 6.76
CA GLU O 85 26.84 1.98 7.46
C GLU O 85 26.85 0.46 7.45
N ILE O 86 27.71 -0.08 6.59
CA ILE O 86 28.03 -1.53 6.57
C ILE O 86 29.06 -1.91 7.64
N GLN O 87 30.03 -1.01 7.86
CA GLN O 87 30.99 -1.13 8.96
C GLN O 87 30.46 -0.44 10.22
N LEU O 88 29.33 0.27 10.07
CA LEU O 88 28.51 0.67 11.21
C LEU O 88 27.36 -0.33 11.35
N LEU O 89 27.29 -1.27 10.43
CA LEU O 89 26.37 -2.41 10.52
C LEU O 89 27.07 -3.53 11.25
N ASP O 90 28.38 -3.41 11.39
CA ASP O 90 29.14 -4.27 12.28
C ASP O 90 29.02 -3.75 13.71
N GLU O 91 28.77 -2.45 13.81
CA GLU O 91 28.40 -1.83 15.08
C GLU O 91 26.90 -2.01 15.33
N ASN O 92 26.12 -1.94 14.26
CA ASN O 92 24.66 -1.98 14.36
C ASN O 92 24.05 -3.37 14.17
N VAL O 93 24.91 -4.35 13.90
CA VAL O 93 24.45 -5.73 13.73
C VAL O 93 25.56 -6.75 14.00
N GLN O 109 11.05 -27.13 10.25
CA GLN O 109 11.56 -26.72 8.94
C GLN O 109 11.14 -25.29 8.58
N ASP O 110 11.96 -24.30 8.93
CA ASP O 110 13.18 -24.48 9.71
C ASP O 110 12.97 -24.21 11.21
N THR O 111 11.73 -23.95 11.59
CA THR O 111 11.42 -23.30 12.88
C THR O 111 11.86 -24.05 14.15
N GLU O 112 11.88 -23.29 15.25
CA GLU O 112 12.02 -23.84 16.59
C GLU O 112 10.65 -24.04 17.18
N LYS O 113 9.62 -23.81 16.36
CA LYS O 113 8.26 -23.51 16.85
C LYS O 113 7.78 -24.57 17.82
N GLU O 115 9.10 -24.70 20.41
CA GLU O 115 9.05 -23.85 21.60
C GLU O 115 7.79 -22.98 21.59
N GLU O 116 7.11 -22.93 20.45
CA GLU O 116 5.79 -22.32 20.37
C GLU O 116 4.78 -23.33 20.90
N GLN O 117 5.21 -24.59 21.01
CA GLN O 117 4.45 -25.61 21.70
C GLN O 117 4.88 -25.55 23.16
N LEU O 118 5.86 -24.71 23.42
CA LEU O 118 6.12 -24.20 24.77
C LEU O 118 5.16 -23.04 25.01
N ASP O 119 4.77 -22.37 23.93
CA ASP O 119 3.88 -21.21 23.98
C ASP O 119 2.42 -21.59 24.19
N LEU O 120 1.98 -22.61 23.46
CA LEU O 120 0.67 -23.20 23.70
C LEU O 120 0.70 -23.89 25.05
N LEU O 121 1.81 -24.56 25.36
CA LEU O 121 1.96 -25.27 26.62
C LEU O 121 1.70 -24.36 27.82
N SER O 122 2.37 -23.22 27.88
CA SER O 122 2.19 -22.26 28.96
C SER O 122 0.74 -21.79 29.03
N ALA O 123 0.06 -21.77 27.88
CA ALA O 123 -1.33 -21.30 27.79
C ALA O 123 -2.33 -22.28 28.40
N ILE O 124 -2.08 -23.57 28.22
CA ILE O 124 -2.93 -24.66 28.72
C ILE O 124 -2.69 -24.90 30.21
N LEU O 125 -1.51 -24.53 30.65
CA LEU O 125 -1.18 -24.46 32.07
C LEU O 125 -1.68 -23.15 32.66
N ASP O 126 -1.79 -22.14 31.79
CA ASP O 126 -2.47 -20.87 32.09
C ASP O 126 -4.00 -20.95 32.25
N PRO O 127 -4.67 -21.72 31.38
CA PRO O 127 -6.12 -22.00 31.40
C PRO O 127 -6.58 -22.71 32.69
N SER O 128 -5.84 -23.76 33.11
CA SER O 128 -6.10 -24.50 34.36
C SER O 128 -5.55 -23.85 35.65
N LYS O 129 -4.51 -23.02 35.51
CA LYS O 129 -3.86 -22.32 36.66
C LYS O 129 -4.47 -20.96 37.03
N GLN P 100 4.54 -1.00 -20.58
CA GLN P 100 4.58 -1.58 -21.91
C GLN P 100 3.66 -0.82 -22.87
N GLU P 101 2.70 -1.55 -23.45
CA GLU P 101 1.77 -1.01 -24.45
C GLU P 101 2.39 -0.59 -25.79
N GLN P 102 2.26 0.69 -26.13
CA GLN P 102 2.91 1.26 -27.32
C GLN P 102 4.43 1.27 -27.17
N PHE P 103 4.88 1.38 -25.92
CA PHE P 103 6.28 1.31 -25.53
C PHE P 103 7.07 0.23 -26.29
N VAL P 104 6.81 -1.05 -26.02
CA VAL P 104 7.50 -2.13 -26.73
C VAL P 104 7.20 -2.11 -28.23
N LYS P 105 6.29 -1.21 -28.65
CA LYS P 105 5.99 -0.95 -30.07
C LYS P 105 6.90 0.13 -30.70
N ARG P 106 7.59 0.88 -29.84
CA ARG P 106 8.68 1.75 -30.29
C ARG P 106 9.99 0.98 -30.15
N ARG P 107 9.91 -0.17 -29.51
CA ARG P 107 11.05 -1.07 -29.32
C ARG P 107 11.32 -1.89 -30.60
N ARG P 108 10.25 -2.18 -31.34
CA ARG P 108 10.37 -2.81 -32.64
C ARG P 108 10.70 -1.76 -33.69
N ASP P 109 10.27 -0.52 -33.46
CA ASP P 109 10.55 0.58 -34.37
C ASP P 109 12.02 1.04 -34.28
N LEU P 111 14.23 -0.90 -33.02
CA LEU P 111 14.94 -2.13 -33.41
C LEU P 111 14.86 -2.27 -34.92
N GLU P 112 13.93 -1.55 -35.52
CA GLU P 112 13.79 -1.51 -36.97
C GLU P 112 14.67 -0.41 -37.54
N HIS P 113 15.23 0.43 -36.67
CA HIS P 113 16.28 1.38 -37.08
C HIS P 113 17.66 0.76 -36.90
N ILE P 114 17.69 -0.41 -36.25
CA ILE P 114 18.91 -1.17 -36.05
C ILE P 114 19.28 -2.02 -37.27
N ASN P 115 18.28 -2.71 -37.83
CA ASN P 115 18.47 -3.50 -39.05
C ASN P 115 18.61 -2.56 -40.24
N LEU P 116 18.40 -1.27 -39.98
CA LEU P 116 18.57 -0.20 -40.97
C LEU P 116 20.02 0.32 -40.98
N ALA P 117 20.81 -0.18 -40.05
CA ALA P 117 22.26 -0.05 -40.13
C ALA P 117 22.84 -1.34 -40.70
N ASN P 119 21.79 -2.84 -43.77
CA ASN P 119 21.99 -2.58 -45.18
C ASN P 119 23.17 -1.66 -45.43
N GLU P 120 23.57 -0.93 -44.39
CA GLU P 120 24.70 -0.02 -44.47
C GLU P 120 26.00 -0.80 -44.41
N SER P 121 25.90 -2.01 -43.86
CA SER P 121 27.01 -2.96 -43.75
C SER P 121 27.23 -3.74 -45.04
N SER P 122 26.13 -4.17 -45.65
CA SER P 122 26.18 -4.85 -46.94
C SER P 122 26.86 -3.97 -47.99
N LEU P 123 26.75 -2.66 -47.82
CA LEU P 123 27.37 -1.69 -48.71
C LEU P 123 28.88 -1.89 -48.71
N ALA P 124 29.39 -2.47 -47.64
CA ALA P 124 30.81 -2.78 -47.49
C ALA P 124 31.19 -4.08 -48.21
N LEU P 125 30.21 -4.94 -48.39
CA LEU P 125 30.37 -6.19 -49.14
C LEU P 125 30.41 -5.93 -50.64
N GLU P 126 29.85 -4.79 -51.05
CA GLU P 126 29.88 -4.31 -52.42
C GLU P 126 31.17 -3.59 -52.66
N PHE P 127 31.90 -3.43 -51.56
CA PHE P 127 33.27 -2.97 -51.60
C PHE P 127 34.18 -4.17 -51.81
N VAL P 128 34.15 -5.09 -50.84
CA VAL P 128 35.00 -6.28 -50.87
C VAL P 128 34.96 -6.99 -52.22
N SER P 129 33.79 -7.02 -52.85
CA SER P 129 33.65 -7.66 -54.14
C SER P 129 34.35 -6.85 -55.22
N LEU P 130 34.62 -5.57 -54.94
CA LEU P 130 35.19 -4.65 -55.92
C LEU P 130 36.66 -4.90 -56.18
N LEU P 131 37.38 -5.21 -55.10
CA LEU P 131 38.77 -5.59 -55.23
C LEU P 131 38.79 -6.98 -55.84
N LEU P 132 37.83 -7.81 -55.43
CA LEU P 132 37.61 -9.13 -56.01
C LEU P 132 38.97 -9.61 -56.44
N SER P 133 39.05 -10.02 -57.70
CA SER P 133 40.23 -10.00 -58.54
C SER P 133 41.60 -10.29 -57.87
N SER P 134 42.69 -10.06 -58.57
CA SER P 134 44.02 -10.62 -58.31
C SER P 134 44.10 -12.13 -58.53
N VAL P 135 44.63 -12.85 -57.54
CA VAL P 135 44.83 -14.30 -57.65
C VAL P 135 44.29 -14.92 -56.37
N LYS P 136 45.01 -14.51 -55.33
CA LYS P 136 44.85 -14.62 -53.89
C LYS P 136 44.10 -13.41 -53.26
N GLU P 137 43.57 -12.51 -54.08
CA GLU P 137 42.56 -11.56 -53.57
C GLU P 137 41.13 -12.07 -53.87
N SER P 138 41.03 -13.21 -54.57
CA SER P 138 39.69 -13.74 -54.78
C SER P 138 39.44 -14.87 -53.77
N THR P 139 39.04 -14.42 -52.58
CA THR P 139 38.62 -15.25 -51.45
C THR P 139 37.35 -14.56 -50.96
N GLY P 140 37.50 -13.30 -50.54
CA GLY P 140 36.38 -12.43 -50.27
C GLY P 140 35.79 -11.83 -51.54
N SER P 142 35.11 -14.13 -53.69
CA SER P 142 34.19 -15.27 -53.69
C SER P 142 33.04 -15.11 -52.68
N SER P 143 33.09 -14.04 -51.90
CA SER P 143 32.01 -13.68 -50.98
C SER P 143 30.83 -12.95 -51.64
N SER P 145 30.13 -13.99 -54.85
CA SER P 145 29.77 -14.98 -55.88
C SER P 145 28.37 -15.54 -55.67
N PRO P 146 27.98 -15.78 -54.41
CA PRO P 146 26.54 -15.77 -54.16
C PRO P 146 26.05 -14.33 -54.27
N PHE P 147 25.03 -14.05 -55.08
CA PHE P 147 24.66 -12.68 -55.41
C PHE P 147 25.80 -11.87 -56.07
N LEU P 148 26.35 -12.39 -57.18
CA LEU P 148 27.25 -11.64 -58.07
C LEU P 148 27.35 -12.27 -59.45
N THR P 168 46.06 12.65 -59.67
CA THR P 168 46.15 11.99 -58.37
C THR P 168 46.80 12.89 -57.31
N LYS P 169 46.24 14.08 -57.13
CA LYS P 169 46.74 15.07 -56.17
C LYS P 169 46.18 14.91 -54.77
N LYS P 170 47.06 14.87 -53.78
CA LYS P 170 46.66 14.64 -52.40
C LYS P 170 45.61 15.63 -51.90
N GLU P 171 46.02 16.88 -51.67
CA GLU P 171 45.15 17.85 -50.98
C GLU P 171 45.44 19.31 -51.31
N TYR P 172 44.82 20.20 -50.54
CA TYR P 172 45.04 21.63 -50.70
C TYR P 172 45.26 22.24 -49.32
N ILE P 173 45.87 23.43 -49.28
CA ILE P 173 46.12 24.17 -48.06
C ILE P 173 44.92 24.98 -47.58
N GLU P 174 44.15 25.51 -48.52
CA GLU P 174 42.89 26.14 -48.19
C GLU P 174 41.87 25.03 -47.97
N LEU P 175 41.95 23.97 -48.74
CA LEU P 175 41.00 22.88 -48.59
C LEU P 175 41.25 22.07 -47.32
N ASP P 176 42.45 22.20 -46.73
CA ASP P 176 42.71 21.66 -45.40
C ASP P 176 42.61 22.75 -44.31
N ILE P 177 42.41 23.98 -44.75
CA ILE P 177 42.06 25.06 -43.85
C ILE P 177 40.56 25.06 -43.52
N LEU P 178 39.72 24.82 -44.54
CA LEU P 178 38.26 24.71 -44.39
C LEU P 178 37.89 23.35 -43.77
N ASN P 179 38.65 22.31 -44.16
CA ASN P 179 38.57 20.99 -43.54
C ASN P 179 39.14 21.00 -42.14
N LYS P 180 39.63 22.16 -41.73
CA LYS P 180 39.87 22.48 -40.31
C LYS P 180 38.66 23.22 -39.77
N GLY P 181 37.75 23.59 -40.67
CA GLY P 181 36.50 24.22 -40.28
C GLY P 181 35.47 23.17 -39.93
N TRP P 182 35.62 21.99 -40.54
CA TRP P 182 34.69 20.86 -40.32
C TRP P 182 35.02 19.95 -39.13
N LYS P 183 36.26 19.97 -38.65
CA LYS P 183 36.67 19.10 -37.56
C LYS P 183 36.27 19.67 -36.20
N LEU P 184 35.79 20.91 -36.20
CA LEU P 184 35.35 21.57 -34.98
C LEU P 184 33.91 21.25 -34.56
N GLN P 185 33.01 21.22 -35.54
CA GLN P 185 31.57 21.15 -35.26
C GLN P 185 31.08 19.76 -34.88
N SER P 186 31.92 18.75 -35.12
CA SER P 186 31.60 17.41 -34.68
C SER P 186 32.09 17.20 -33.26
N LEU P 187 33.02 18.07 -32.87
CA LEU P 187 33.59 18.08 -31.52
C LEU P 187 32.80 18.88 -30.52
N ASN P 188 32.35 20.06 -30.96
CA ASN P 188 31.57 20.97 -30.13
C ASN P 188 30.16 20.42 -29.85
N GLU P 189 29.80 19.33 -30.53
CA GLU P 189 28.48 18.75 -30.40
C GLU P 189 28.32 17.81 -29.22
N SER P 190 29.32 16.95 -28.96
CA SER P 190 29.18 15.85 -27.99
C SER P 190 29.19 16.32 -26.53
N LYS P 191 29.37 17.63 -26.34
CA LYS P 191 29.51 18.19 -25.01
C LYS P 191 28.20 18.09 -24.25
N ASP P 192 27.18 18.80 -24.75
CA ASP P 192 25.87 18.88 -24.11
C ASP P 192 25.22 17.53 -23.81
N LEU P 193 25.46 16.53 -24.67
CA LEU P 193 24.95 15.17 -24.48
C LEU P 193 25.80 14.42 -23.45
N LEU P 194 27.01 14.92 -23.21
CA LEU P 194 27.82 14.50 -22.07
C LEU P 194 27.38 15.24 -20.80
N ARG P 195 26.95 16.48 -21.00
CA ARG P 195 26.33 17.24 -19.95
C ARG P 195 24.93 16.69 -19.72
N ALA P 196 24.24 16.35 -20.80
CA ALA P 196 22.90 15.75 -20.75
C ALA P 196 22.92 14.24 -20.51
N SER P 197 24.11 13.64 -20.65
CA SER P 197 24.33 12.27 -20.19
C SER P 197 24.59 12.32 -18.70
N PHE P 198 25.40 13.30 -18.29
CA PHE P 198 25.82 13.39 -16.90
C PHE P 198 24.99 14.27 -16.02
N ASN P 199 24.04 14.99 -16.60
CA ASN P 199 22.97 15.64 -15.84
C ASN P 199 21.86 14.64 -15.53
N LYS P 200 21.61 13.75 -16.47
CA LYS P 200 20.60 12.71 -16.34
C LYS P 200 21.16 11.41 -15.81
N LEU P 201 22.49 11.34 -15.66
CA LEU P 201 23.14 10.18 -15.05
C LEU P 201 23.11 10.31 -13.55
N SER P 202 23.36 11.52 -13.07
CA SER P 202 23.31 11.78 -11.64
C SER P 202 21.88 11.61 -11.15
N SER P 203 20.93 12.23 -11.86
CA SER P 203 19.52 12.29 -11.44
C SER P 203 18.82 10.92 -11.27
N ILE P 204 19.32 9.91 -11.98
CA ILE P 204 18.88 8.51 -11.83
C ILE P 204 19.69 7.81 -10.74
N LEU P 205 20.73 8.50 -10.27
CA LEU P 205 21.59 8.03 -9.19
C LEU P 205 21.01 8.30 -7.80
N GLN P 206 20.48 9.49 -7.59
CA GLN P 206 19.92 9.85 -6.27
C GLN P 206 18.44 9.49 -6.12
N ASN P 207 17.82 9.03 -7.22
CA ASN P 207 16.51 8.39 -7.17
C ASN P 207 16.69 6.97 -6.69
N GLU P 208 17.64 6.30 -7.32
CA GLU P 208 17.92 4.90 -7.02
C GLU P 208 18.70 4.75 -5.72
N HIS P 209 19.63 5.65 -5.44
CA HIS P 209 20.35 5.59 -4.19
C HIS P 209 19.36 5.82 -3.06
N ASP P 210 18.29 6.57 -3.35
CA ASP P 210 17.30 6.87 -2.34
C ASP P 210 16.73 5.58 -1.76
N TYR P 211 16.18 4.74 -2.63
CA TYR P 211 15.58 3.47 -2.20
C TYR P 211 16.53 2.59 -1.38
N TRP P 212 17.81 2.61 -1.76
CA TRP P 212 18.81 1.71 -1.20
C TRP P 212 19.21 2.02 0.22
N ASN P 213 19.44 3.31 0.51
CA ASN P 213 19.86 3.73 1.84
C ASN P 213 18.87 3.29 2.91
N LYS P 214 17.58 3.29 2.54
CA LYS P 214 16.52 3.05 3.52
C LYS P 214 16.42 1.61 4.04
N ILE P 215 16.92 0.65 3.27
CA ILE P 215 16.70 -0.77 3.52
C ILE P 215 17.17 -1.26 4.90
N GLN P 217 16.62 -1.21 8.04
CA GLN P 217 15.87 -1.33 9.29
C GLN P 217 16.34 -2.50 10.20
N SER P 218 16.34 -3.71 9.66
CA SER P 218 16.57 -4.94 10.44
C SER P 218 18.04 -5.20 10.80
N LYS P 326 4.73 -5.74 14.02
CA LYS P 326 4.52 -5.75 12.57
C LYS P 326 5.53 -6.67 11.86
N ASP P 327 6.77 -6.67 12.34
CA ASP P 327 7.74 -7.65 11.87
C ASP P 327 7.51 -8.96 12.60
N ILE P 328 7.30 -8.87 13.92
CA ILE P 328 7.11 -10.03 14.76
C ILE P 328 5.75 -10.67 14.51
N ARG P 329 4.78 -9.86 14.08
CA ARG P 329 3.48 -10.37 13.70
C ARG P 329 3.58 -10.92 12.28
N LYS P 330 4.67 -10.54 11.63
CA LYS P 330 4.99 -11.07 10.32
C LYS P 330 5.62 -12.45 10.47
N GLN P 331 6.54 -12.60 11.43
CA GLN P 331 7.06 -13.90 11.77
C GLN P 331 5.88 -14.79 12.14
N ILE P 332 4.90 -14.20 12.81
CA ILE P 332 3.67 -14.89 13.22
C ILE P 332 2.72 -15.04 12.05
N GLN P 333 2.90 -14.23 11.01
CA GLN P 333 2.15 -14.41 9.79
C GLN P 333 2.60 -15.70 9.10
N LEU P 334 3.92 -15.92 9.05
CA LEU P 334 4.47 -17.14 8.50
C LEU P 334 4.06 -18.34 9.34
N LEU P 335 3.50 -18.06 10.52
CA LEU P 335 2.95 -19.08 11.38
C LEU P 335 1.44 -19.20 11.22
N LYS P 336 0.87 -18.35 10.37
CA LYS P 336 -0.51 -18.50 9.92
C LYS P 336 -0.51 -19.45 8.73
N LYS P 337 0.69 -19.77 8.28
CA LYS P 337 0.89 -20.82 7.28
C LYS P 337 0.83 -22.19 7.94
N ILE P 338 0.71 -22.20 9.27
CA ILE P 338 0.57 -23.45 10.01
C ILE P 338 -0.86 -23.95 10.08
N ILE P 339 -1.82 -23.06 9.88
CA ILE P 339 -3.23 -23.46 9.96
C ILE P 339 -3.78 -23.93 8.63
N PHE P 340 -3.06 -23.62 7.55
CA PHE P 340 -3.40 -24.12 6.23
C PHE P 340 -2.86 -25.53 5.91
N GLU P 341 -1.65 -25.81 6.38
CA GLU P 341 -1.01 -27.09 6.14
C GLU P 341 -1.51 -28.15 7.12
N LYS P 342 -2.03 -27.69 8.25
CA LYS P 342 -2.61 -28.57 9.25
C LYS P 342 -4.03 -28.96 8.91
N GLU P 343 -4.83 -27.98 8.50
CA GLU P 343 -6.16 -28.32 8.05
C GLU P 343 -6.02 -29.34 6.95
N LEU P 344 -5.49 -28.91 5.81
CA LEU P 344 -5.48 -29.69 4.56
C LEU P 344 -4.79 -31.05 4.67
N TYR P 346 -5.10 -32.59 7.72
CA TYR P 346 -6.03 -33.19 8.67
C TYR P 346 -7.15 -33.93 7.97
N GLN P 347 -7.57 -33.42 6.81
CA GLN P 347 -8.73 -33.96 6.10
C GLN P 347 -8.44 -35.27 5.38
N ILE P 348 -7.18 -35.52 5.07
CA ILE P 348 -6.78 -36.80 4.52
C ILE P 348 -6.67 -37.84 5.63
N LYS P 349 -6.31 -37.39 6.84
CA LYS P 349 -6.37 -38.25 8.01
C LYS P 349 -7.83 -38.52 8.31
N LYS P 350 -8.68 -37.62 7.81
CA LYS P 350 -10.13 -37.72 8.00
C LYS P 350 -10.75 -38.50 6.86
N GLU P 351 -9.91 -39.04 5.98
CA GLU P 351 -10.34 -39.92 4.88
C GLU P 351 -10.49 -41.40 5.28
N CYS P 352 -9.60 -41.87 6.16
CA CYS P 352 -9.67 -43.24 6.67
C CYS P 352 -10.71 -43.35 7.80
N ALA P 353 -10.91 -42.23 8.49
CA ALA P 353 -11.86 -42.15 9.59
C ALA P 353 -13.31 -42.03 9.14
N LEU P 354 -13.57 -41.13 8.19
CA LEU P 354 -14.91 -40.94 7.66
C LEU P 354 -15.52 -42.28 7.30
N LEU P 355 -14.70 -43.19 6.77
CA LEU P 355 -15.09 -44.58 6.61
C LEU P 355 -15.76 -45.08 7.90
N ILE P 356 -15.00 -45.09 9.00
CA ILE P 356 -15.54 -45.43 10.32
C ILE P 356 -16.61 -44.44 10.79
N SER P 357 -16.24 -43.16 10.89
CA SER P 357 -17.15 -42.09 11.30
C SER P 357 -16.83 -40.76 10.59
N TYR P 358 -17.87 -40.02 10.20
CA TYR P 358 -17.74 -38.87 9.30
C TYR P 358 -17.86 -37.48 9.93
N GLY P 359 -16.79 -36.69 9.82
CA GLY P 359 -16.77 -35.30 10.23
C GLY P 359 -16.64 -34.22 9.16
N VAL P 360 -16.83 -34.52 7.89
CA VAL P 360 -16.52 -33.55 6.84
C VAL P 360 -17.71 -32.81 6.25
N SER P 361 -17.68 -31.47 6.35
CA SER P 361 -18.67 -30.59 5.74
C SER P 361 -18.03 -29.43 4.99
N ILE P 362 -18.23 -29.37 3.68
CA ILE P 362 -17.71 -28.31 2.81
C ILE P 362 -16.18 -28.20 2.77
N GLU P 363 -15.69 -26.96 2.82
CA GLU P 363 -14.27 -26.69 2.92
C GLU P 363 -13.75 -26.81 4.36
N ASN P 364 -14.48 -26.20 5.28
CA ASN P 364 -14.16 -26.27 6.70
C ASN P 364 -15.23 -27.07 7.41
N GLU P 365 -14.82 -28.10 8.13
CA GLU P 365 -15.74 -29.15 8.55
C GLU P 365 -15.80 -29.38 10.06
N ASN P 366 -16.84 -30.11 10.48
CA ASN P 366 -16.99 -30.50 11.89
C ASN P 366 -17.52 -31.95 12.06
N LYS P 367 -17.22 -32.56 13.21
CA LYS P 367 -17.44 -34.00 13.43
C LYS P 367 -18.46 -34.38 14.52
N VAL P 368 -19.03 -35.57 14.40
CA VAL P 368 -20.18 -36.03 15.20
C VAL P 368 -20.03 -35.98 16.71
N ILE P 369 -21.02 -35.40 17.38
CA ILE P 369 -21.10 -35.39 18.84
C ILE P 369 -22.51 -35.77 19.28
N ILE P 370 -22.63 -36.87 20.02
CA ILE P 370 -23.93 -37.41 20.40
C ILE P 370 -24.41 -36.92 21.77
N GLU P 371 -25.44 -36.08 21.75
CA GLU P 371 -25.92 -35.40 22.96
C GLU P 371 -27.42 -35.62 23.24
N LEU P 372 -27.90 -35.01 24.32
CA LEU P 372 -29.30 -35.17 24.75
C LEU P 372 -30.24 -34.27 23.96
N PRO P 373 -31.54 -34.62 23.93
CA PRO P 373 -32.62 -33.91 23.25
C PRO P 373 -33.08 -32.65 23.99
N ASN P 374 -33.52 -31.64 23.24
CA ASN P 374 -33.54 -31.68 21.79
C ASN P 374 -32.15 -31.54 21.17
N GLU P 375 -32.02 -31.94 19.91
CA GLU P 375 -30.73 -31.98 19.24
C GLU P 375 -30.53 -30.81 18.28
N LYS P 376 -29.42 -30.09 18.43
CA LYS P 376 -28.39 -30.35 19.43
C LYS P 376 -27.35 -29.26 19.36
N PHE P 377 -26.49 -29.20 20.36
CA PHE P 377 -25.43 -28.20 20.39
C PHE P 377 -24.12 -28.74 20.94
N GLU P 378 -23.03 -28.09 20.53
CA GLU P 378 -21.69 -28.50 20.91
C GLU P 378 -20.81 -27.26 20.85
N ILE P 379 -19.51 -27.46 21.03
CA ILE P 379 -18.56 -26.35 20.94
C ILE P 379 -17.37 -26.71 20.05
N GLU P 380 -17.03 -25.82 19.11
CA GLU P 380 -15.91 -26.03 18.19
C GLU P 380 -15.41 -24.70 17.61
N LEU P 381 -14.22 -24.74 17.01
CA LEU P 381 -13.59 -23.56 16.39
C LEU P 381 -13.46 -23.69 14.86
N LEU P 382 -12.77 -24.75 14.43
CA LEU P 382 -12.41 -24.99 13.03
C LEU P 382 -11.39 -24.03 12.42
N SER P 383 -11.66 -23.58 11.20
CA SER P 383 -10.65 -22.90 10.40
C SER P 383 -10.34 -21.51 10.93
N LEU P 384 -9.46 -20.80 10.24
CA LEU P 384 -9.45 -19.37 10.39
C LEU P 384 -10.19 -18.94 9.16
N ASP P 385 -11.46 -18.65 9.35
CA ASP P 385 -12.31 -18.24 8.25
C ASP P 385 -11.96 -16.78 8.11
N ASP P 386 -11.66 -16.19 9.26
CA ASP P 386 -11.65 -14.73 9.44
C ASP P 386 -13.07 -14.15 9.39
N ASP P 387 -14.05 -14.98 9.72
CA ASP P 387 -15.46 -14.58 9.71
C ASP P 387 -15.93 -14.16 11.10
N SER P 388 -16.59 -13.01 11.18
CA SER P 388 -16.98 -12.43 12.46
C SER P 388 -18.38 -12.81 12.94
N ILE P 389 -19.06 -13.68 12.18
CA ILE P 389 -20.39 -14.16 12.56
C ILE P 389 -20.39 -14.83 13.94
N VAL P 390 -19.20 -15.23 14.39
CA VAL P 390 -19.02 -15.82 15.71
C VAL P 390 -18.51 -14.79 16.74
N ASN P 391 -18.31 -13.56 16.30
CA ASN P 391 -17.79 -12.48 17.15
C ASN P 391 -18.84 -11.88 18.08
N HIS P 392 -20.06 -11.74 17.58
CA HIS P 392 -21.18 -11.26 18.38
C HIS P 392 -21.68 -12.38 19.30
N GLU P 393 -21.35 -13.60 18.93
CA GLU P 393 -21.65 -14.78 19.72
C GLU P 393 -20.54 -15.06 20.73
N GLN P 394 -19.38 -14.42 20.54
CA GLN P 394 -18.26 -14.55 21.45
C GLN P 394 -18.48 -13.66 22.66
N ASP P 395 -19.41 -12.71 22.51
CA ASP P 395 -19.86 -11.87 23.61
C ASP P 395 -20.91 -12.58 24.46
N LEU P 396 -21.77 -13.35 23.79
CA LEU P 396 -22.74 -14.22 24.45
C LEU P 396 -22.11 -15.47 25.11
N PRO P 397 -21.29 -16.24 24.36
CA PRO P 397 -20.59 -17.44 24.81
C PRO P 397 -19.41 -17.17 25.75
N LYS P 398 -19.01 -15.91 25.83
CA LYS P 398 -17.74 -15.57 26.36
C LYS P 398 -17.87 -16.25 27.67
N ILE P 399 -19.06 -16.12 28.24
CA ILE P 399 -19.39 -16.93 29.37
C ILE P 399 -19.42 -18.38 28.89
N ASN P 400 -18.78 -19.25 29.66
CA ASN P 400 -19.03 -20.69 29.71
C ASN P 400 -18.86 -21.53 28.43
N ASP P 401 -17.99 -21.10 27.53
CA ASP P 401 -17.72 -21.88 26.32
C ASP P 401 -16.60 -22.76 26.78
N LYS P 402 -16.38 -22.66 28.08
CA LYS P 402 -15.14 -23.05 28.66
C LYS P 402 -14.97 -24.47 28.28
N ARG P 403 -16.01 -25.31 28.39
CA ARG P 403 -15.74 -26.53 27.64
C ARG P 403 -15.72 -26.24 26.15
N ALA P 404 -16.13 -25.02 25.81
CA ALA P 404 -15.88 -24.47 24.49
C ALA P 404 -14.44 -23.97 24.41
N ASN P 405 -14.03 -23.21 25.42
CA ASN P 405 -12.71 -22.59 25.46
C ASN P 405 -11.59 -23.54 25.89
N LEU P 406 -11.82 -24.26 26.99
CA LEU P 406 -10.83 -25.21 27.52
C LEU P 406 -10.63 -26.39 26.59
N LEU P 408 -11.20 -26.51 23.71
CA LEU P 408 -10.70 -25.99 22.45
C LEU P 408 -9.19 -26.17 22.35
N VAL P 409 -8.51 -25.93 23.46
CA VAL P 409 -7.04 -25.98 23.54
C VAL P 409 -6.46 -27.39 23.44
N LEU P 411 -7.26 -29.17 21.27
CA LEU P 411 -7.23 -29.33 19.83
C LEU P 411 -5.90 -28.85 19.26
N ARG P 412 -5.37 -27.78 19.83
CA ARG P 412 -4.14 -27.16 19.32
C ARG P 412 -2.96 -28.11 19.40
N LEU P 413 -3.06 -29.05 20.33
CA LEU P 413 -1.97 -29.97 20.63
C LEU P 413 -1.72 -31.02 19.57
N LEU P 414 -2.79 -31.62 19.04
CA LEU P 414 -2.65 -32.62 17.99
C LEU P 414 -1.80 -32.04 16.89
N LEU P 415 -1.87 -30.72 16.76
CA LEU P 415 -1.26 -30.00 15.65
C LEU P 415 0.25 -30.12 15.61
N VAL P 416 0.90 -29.64 16.67
CA VAL P 416 2.34 -29.77 16.77
C VAL P 416 2.68 -31.24 16.93
N VAL P 417 1.76 -31.98 17.54
CA VAL P 417 2.00 -33.39 17.81
C VAL P 417 2.36 -34.10 16.53
N ILE P 418 1.36 -34.34 15.69
CA ILE P 418 1.57 -35.14 14.50
C ILE P 418 2.66 -34.53 13.65
N PHE P 419 2.82 -33.21 13.75
CA PHE P 419 3.71 -32.49 12.86
C PHE P 419 5.15 -32.57 13.33
N LYS P 420 5.32 -32.90 14.60
CA LYS P 420 6.66 -33.07 15.13
C LYS P 420 7.16 -34.43 14.69
N LYS P 421 6.22 -35.34 14.49
CA LYS P 421 6.55 -36.67 13.97
C LYS P 421 7.01 -36.51 12.53
N THR P 422 6.93 -35.27 12.04
CA THR P 422 7.56 -34.91 10.79
C THR P 422 9.06 -34.71 11.03
N LEU P 423 9.37 -34.09 12.16
CA LEU P 423 10.75 -33.88 12.55
C LEU P 423 11.48 -35.21 12.71
N ARG P 424 10.88 -36.12 13.49
CA ARG P 424 11.53 -37.36 13.87
C ARG P 424 11.82 -38.27 12.71
N SER P 425 10.79 -38.62 11.96
CA SER P 425 10.97 -39.48 10.82
C SER P 425 12.08 -38.91 9.98
N ARG P 426 12.00 -37.61 9.76
CA ARG P 426 12.83 -36.92 8.77
C ARG P 426 14.31 -36.72 9.15
N ILE P 427 14.57 -36.16 10.32
CA ILE P 427 15.93 -36.13 10.85
C ILE P 427 16.43 -37.57 10.96
N SER P 428 15.49 -38.51 10.93
CA SER P 428 15.78 -39.94 10.99
C SER P 428 16.05 -40.53 9.60
N SER P 429 15.90 -39.72 8.56
CA SER P 429 16.48 -40.08 7.29
C SER P 429 17.62 -39.12 7.06
N PRO P 430 18.86 -39.59 7.30
CA PRO P 430 20.25 -39.22 7.02
C PRO P 430 20.58 -39.45 5.54
N HIS P 431 19.73 -40.25 4.87
CA HIS P 431 19.81 -40.51 3.44
C HIS P 431 18.66 -39.85 2.68
N PRO P 447 0.29 -43.94 8.21
CA PRO P 447 1.04 -42.67 8.33
C PRO P 447 0.21 -41.53 8.90
N ILE P 448 -1.04 -41.86 9.29
CA ILE P 448 -2.10 -40.87 9.52
C ILE P 448 -2.37 -40.39 10.97
N LEU P 449 -1.52 -40.76 11.91
CA LEU P 449 -1.85 -40.75 13.34
C LEU P 449 -2.22 -39.44 14.04
N GLY P 450 -2.16 -38.31 13.35
CA GLY P 450 -2.45 -37.04 14.01
C GLY P 450 -3.76 -37.06 14.79
N LYS P 451 -4.85 -37.44 14.13
CA LYS P 451 -6.20 -37.43 14.69
C LYS P 451 -6.52 -38.62 15.60
N VAL P 452 -6.08 -39.81 15.20
CA VAL P 452 -6.53 -41.11 15.75
C VAL P 452 -6.23 -41.35 17.23
N ARG P 453 -5.53 -40.39 17.86
CA ARG P 453 -5.42 -40.35 19.31
C ARG P 453 -6.75 -39.87 19.94
N PHE P 454 -7.63 -39.32 19.10
CA PHE P 454 -9.03 -39.00 19.48
C PHE P 454 -10.05 -40.09 19.08
N ALA P 455 -9.57 -41.08 18.30
CA ALA P 455 -10.33 -42.25 17.88
C ALA P 455 -10.42 -43.30 18.98
N ASN P 456 -9.28 -43.60 19.59
CA ASN P 456 -9.25 -44.44 20.78
C ASN P 456 -9.35 -43.65 22.10
N TYR P 457 -9.56 -42.32 22.00
CA TYR P 457 -9.83 -41.40 23.13
C TYR P 457 -11.29 -41.25 23.59
N LYS P 458 -12.16 -40.96 22.64
CA LYS P 458 -13.60 -40.94 22.86
C LYS P 458 -14.18 -42.37 22.77
N LEU P 459 -13.37 -43.29 22.25
CA LEU P 459 -13.69 -44.72 22.21
C LEU P 459 -13.42 -45.38 23.55
N LEU P 460 -12.33 -45.00 24.21
CA LEU P 460 -12.11 -45.45 25.58
C LEU P 460 -13.07 -44.67 26.47
N LEU P 461 -13.79 -43.72 25.89
CA LEU P 461 -14.86 -42.99 26.57
C LEU P 461 -16.12 -43.84 26.68
N LYS P 462 -16.51 -44.46 25.56
CA LYS P 462 -17.61 -45.43 25.56
C LYS P 462 -17.24 -46.73 26.28
N LYS P 463 -15.93 -46.97 26.40
CA LYS P 463 -15.43 -48.17 27.04
C LYS P 463 -15.59 -48.13 28.54
N ILE P 464 -15.07 -47.10 29.18
CA ILE P 464 -15.04 -47.07 30.63
C ILE P 464 -16.45 -47.28 31.12
N ILE P 465 -17.40 -46.94 30.26
CA ILE P 465 -18.82 -47.05 30.57
C ILE P 465 -19.38 -48.46 30.35
N LYS P 466 -18.75 -49.20 29.44
CA LYS P 466 -19.08 -50.60 29.19
C LYS P 466 -18.42 -51.55 30.19
N ASP P 467 -17.28 -51.13 30.73
CA ASP P 467 -16.65 -51.83 31.85
C ASP P 467 -17.31 -51.38 33.14
N TYR P 468 -17.95 -50.21 33.08
CA TYR P 468 -18.76 -49.66 34.17
C TYR P 468 -20.17 -50.26 34.20
N VAL P 469 -20.70 -50.61 33.03
CA VAL P 469 -21.90 -51.43 32.95
C VAL P 469 -21.51 -52.91 33.03
N LEU P 470 -20.22 -53.18 32.83
CA LEU P 470 -19.63 -54.49 33.13
C LEU P 470 -19.32 -54.57 34.61
N ASP P 471 -19.12 -53.40 35.23
CA ASP P 471 -18.94 -53.31 36.66
C ASP P 471 -20.29 -53.36 37.37
N ILE P 472 -21.30 -52.71 36.80
CA ILE P 472 -22.64 -52.63 37.40
C ILE P 472 -23.46 -53.91 37.27
N VAL P 473 -23.11 -54.74 36.28
CA VAL P 473 -23.58 -56.11 36.18
C VAL P 473 -22.96 -56.99 37.26
N PRO P 474 -21.63 -56.93 37.41
CA PRO P 474 -20.67 -57.60 38.29
C PRO P 474 -20.78 -57.19 39.75
N GLY P 475 -21.51 -56.11 40.00
CA GLY P 475 -21.48 -55.42 41.27
C GLY P 475 -21.98 -56.05 42.56
N SER P 476 -22.89 -57.02 42.45
CA SER P 476 -23.44 -57.71 43.62
C SER P 476 -22.63 -58.96 44.00
N SER P 477 -21.49 -59.13 43.33
CA SER P 477 -20.56 -60.19 43.63
C SER P 477 -20.23 -60.31 45.11
N ILE P 478 -20.19 -59.19 45.81
CA ILE P 478 -19.88 -59.15 47.24
C ILE P 478 -18.39 -59.39 47.49
N ASN P 503 -21.06 -70.98 42.61
CA ASN P 503 -19.70 -70.54 42.88
C ASN P 503 -19.19 -69.56 41.83
N LYS P 504 -17.91 -69.67 41.48
CA LYS P 504 -17.36 -68.93 40.35
C LYS P 504 -17.80 -69.63 39.07
N GLU P 505 -18.34 -70.83 39.26
CA GLU P 505 -18.87 -71.66 38.17
C GLU P 505 -20.19 -71.11 37.65
N ILE P 506 -21.00 -70.57 38.57
CA ILE P 506 -22.16 -69.76 38.20
C ILE P 506 -21.69 -68.35 37.94
N ARG P 507 -20.54 -68.00 38.51
CA ARG P 507 -19.92 -66.69 38.30
C ARG P 507 -19.29 -66.55 36.93
N ALA P 508 -18.36 -67.44 36.61
CA ALA P 508 -17.74 -67.38 35.31
C ALA P 508 -18.82 -67.56 34.26
N PHE P 509 -19.83 -68.39 34.58
CA PHE P 509 -20.94 -68.69 33.65
C PHE P 509 -22.01 -67.60 33.65
N ASP P 510 -22.20 -66.92 34.76
CA ASP P 510 -23.04 -65.76 34.71
C ASP P 510 -22.22 -64.62 34.13
N LYS P 511 -20.89 -64.75 34.18
CA LYS P 511 -19.94 -63.71 33.72
C LYS P 511 -19.67 -63.71 32.22
N LEU P 512 -19.67 -64.90 31.65
CA LEU P 512 -19.51 -65.07 30.21
C LEU P 512 -20.88 -64.97 29.51
N LEU P 513 -21.92 -64.67 30.28
CA LEU P 513 -23.26 -64.37 29.75
C LEU P 513 -23.38 -62.92 29.26
N ASN P 514 -22.80 -61.99 30.04
CA ASN P 514 -22.65 -60.59 29.62
C ASN P 514 -21.46 -60.41 28.70
N ILE P 515 -20.48 -61.31 28.84
CA ILE P 515 -19.34 -61.43 27.94
C ILE P 515 -19.70 -61.92 26.53
N PRO P 516 -20.70 -62.83 26.43
CA PRO P 516 -21.35 -63.44 25.26
C PRO P 516 -22.10 -62.47 24.34
N ARG P 517 -22.98 -61.64 24.90
CA ARG P 517 -23.42 -60.45 24.17
C ARG P 517 -22.73 -59.28 24.86
N ARG P 518 -21.59 -58.90 24.28
CA ARG P 518 -20.83 -57.70 24.60
C ARG P 518 -20.41 -57.14 23.25
N GLU P 519 -19.50 -57.89 22.60
CA GLU P 519 -18.91 -57.54 21.30
C GLU P 519 -19.40 -58.40 20.14
N UNK P 520 -8.53 -53.59 25.11
CA UNK P 520 -9.33 -53.71 26.33
C UNK P 520 -8.50 -54.25 27.48
N UNK P 521 -9.14 -54.54 28.61
CA UNK P 521 -8.42 -54.85 29.85
C UNK P 521 -8.67 -56.26 30.41
N UNK P 522 -7.63 -56.87 30.97
CA UNK P 522 -7.71 -58.24 31.47
C UNK P 522 -7.03 -58.53 32.82
N UNK P 523 -7.83 -58.91 33.81
CA UNK P 523 -7.33 -59.51 35.07
C UNK P 523 -8.37 -60.42 35.77
N UNK P 524 -7.91 -61.53 36.37
CA UNK P 524 -8.75 -62.37 37.26
C UNK P 524 -7.94 -63.34 38.15
N UNK P 525 -8.57 -63.91 39.18
CA UNK P 525 -7.91 -64.92 40.03
C UNK P 525 -8.90 -65.82 40.77
N UNK P 526 -8.43 -66.94 41.32
CA UNK P 526 -9.28 -67.81 42.12
C UNK P 526 -8.57 -68.67 43.18
N UNK P 527 -9.26 -68.96 44.27
CA UNK P 527 -8.69 -69.71 45.40
C UNK P 527 -9.72 -70.62 46.12
N UNK P 528 -7.97 -47.97 16.02
CA UNK P 528 -9.36 -47.59 16.23
C UNK P 528 -9.94 -48.18 17.52
N UNK P 529 -9.08 -48.93 18.23
CA UNK P 529 -9.39 -49.41 19.57
C UNK P 529 -8.11 -49.63 20.34
N UNK P 530 -8.18 -49.51 21.66
CA UNK P 530 -7.00 -49.53 22.51
C UNK P 530 -7.16 -50.42 23.73
N UNK P 531 -6.06 -50.64 24.47
CA UNK P 531 -6.07 -51.46 25.67
C UNK P 531 -5.27 -50.82 26.83
N UNK P 532 -5.96 -50.61 27.94
CA UNK P 532 -5.37 -50.12 29.16
C UNK P 532 -5.97 -50.97 30.28
N UNK P 533 -5.14 -51.72 30.96
CA UNK P 533 -5.67 -52.91 31.60
C UNK P 533 -5.30 -53.15 33.06
N UNK P 534 -6.32 -53.55 33.82
CA UNK P 534 -6.11 -54.18 35.14
C UNK P 534 -7.42 -54.56 35.86
N UNK P 535 -7.27 -55.35 36.93
CA UNK P 535 -8.39 -55.81 37.77
C UNK P 535 -7.85 -56.72 38.89
N UNK P 536 -8.73 -57.13 39.79
CA UNK P 536 -8.35 -57.99 40.91
C UNK P 536 -9.57 -58.79 41.40
N UNK P 537 -9.37 -59.59 42.45
CA UNK P 537 -10.47 -60.40 43.00
C UNK P 537 -10.24 -60.79 44.45
N UNK P 538 -11.21 -61.49 45.04
CA UNK P 538 -11.10 -61.98 46.43
C UNK P 538 -12.13 -63.05 46.76
N UNK P 539 -14.57 -59.35 46.48
CA UNK P 539 -14.78 -58.92 45.10
C UNK P 539 -14.29 -57.48 44.84
N UNK P 540 -12.98 -57.30 44.74
CA UNK P 540 -12.38 -55.99 44.50
C UNK P 540 -11.39 -55.94 43.32
N UNK P 541 -11.75 -55.21 42.27
CA UNK P 541 -10.91 -55.11 41.08
C UNK P 541 -10.40 -53.68 40.84
N UNK P 542 -9.09 -53.50 40.94
CA UNK P 542 -8.46 -52.21 40.71
C UNK P 542 -7.72 -52.20 39.38
N UNK P 543 -8.28 -51.47 38.42
CA UNK P 543 -7.78 -51.49 37.05
C UNK P 543 -6.97 -50.25 36.67
N UNK P 544 -5.66 -50.44 36.50
CA UNK P 544 -4.78 -49.34 36.14
C UNK P 544 -4.44 -49.35 34.63
N UNK P 545 -4.90 -48.33 33.93
CA UNK P 545 -4.74 -48.21 32.48
C UNK P 545 -3.29 -48.00 32.04
N UNK P 546 -2.81 -48.88 31.16
CA UNK P 546 -1.44 -48.82 30.69
C UNK P 546 -1.10 -50.00 29.76
N UNK P 547 -12.56 -56.88 24.42
CA UNK P 547 -11.37 -57.61 23.98
C UNK P 547 -10.83 -58.49 25.09
N UNK P 548 -9.51 -58.63 25.13
CA UNK P 548 -8.85 -59.62 25.96
C UNK P 548 -9.30 -59.60 27.41
N UNK P 549 -9.39 -60.80 27.99
CA UNK P 549 -9.59 -61.00 29.42
C UNK P 549 -8.97 -62.35 29.77
N UNK P 550 -8.74 -62.63 31.05
CA UNK P 550 -8.23 -63.94 31.46
C UNK P 550 -8.62 -64.30 32.91
N UNK P 551 -8.70 -65.60 33.21
CA UNK P 551 -8.94 -66.06 34.58
C UNK P 551 -8.36 -67.44 34.82
N UNK P 552 -7.84 -67.67 36.02
CA UNK P 552 -7.26 -68.96 36.35
C UNK P 552 -7.85 -69.48 37.64
N UNK P 553 -8.53 -70.62 37.55
CA UNK P 553 -9.22 -71.22 38.69
C UNK P 553 -8.52 -72.51 39.11
N UNK P 554 -8.66 -72.86 40.38
CA UNK P 554 -7.95 -74.02 40.94
C UNK P 554 -8.85 -74.98 41.72
N UNK P 555 -8.59 -76.28 41.56
CA UNK P 555 -9.32 -77.32 42.29
C UNK P 555 -10.83 -77.16 42.16
N UNK P 556 -12.56 -60.12 22.56
CA UNK P 556 -12.84 -60.73 23.85
C UNK P 556 -12.17 -62.10 24.06
N UNK P 557 -10.84 -62.12 24.11
CA UNK P 557 -10.09 -63.37 24.31
C UNK P 557 -9.80 -63.67 25.77
N UNK P 558 -10.47 -64.70 26.32
CA UNK P 558 -10.48 -64.95 27.78
C UNK P 558 -10.41 -66.43 28.20
N UNK P 559 -9.19 -66.99 28.29
CA UNK P 559 -8.82 -68.36 28.66
C UNK P 559 -9.02 -68.82 30.10
N UNK P 560 -9.72 -69.94 30.14
CA UNK P 560 -9.66 -71.15 30.97
C UNK P 560 -9.72 -70.93 32.46
N UNK P 561 -9.28 -71.89 33.27
CA UNK P 561 -9.26 -73.31 32.95
C UNK P 561 -9.90 -74.05 34.09
N UNK P 562 -10.81 -74.96 33.78
CA UNK P 562 -11.59 -75.73 34.76
C UNK P 562 -10.80 -76.63 35.70
N UNK P 563 -11.40 -76.97 36.83
CA UNK P 563 -10.80 -77.89 37.80
C UNK P 563 -11.73 -79.06 38.18
N UNK P 564 -11.28 -79.89 39.12
CA UNK P 564 -12.08 -81.05 39.57
C UNK P 564 -13.26 -80.65 40.46
N GLU P 565 -1.66 -44.82 24.18
CA GLU P 565 -1.65 -44.57 22.75
C GLU P 565 -1.24 -43.13 22.36
N VAL P 566 -2.05 -42.15 22.78
CA VAL P 566 -1.75 -40.72 22.59
C VAL P 566 -0.59 -40.27 23.49
N GLU P 567 -0.71 -40.55 24.78
CA GLU P 567 0.30 -40.16 25.78
C GLU P 567 1.59 -40.96 25.65
N ASP P 568 1.58 -42.03 24.87
CA ASP P 568 2.80 -42.77 24.53
C ASP P 568 3.54 -41.95 23.47
N PHE P 569 2.78 -41.08 22.81
CA PHE P 569 3.29 -40.18 21.80
C PHE P 569 3.98 -38.96 22.40
N LEU P 570 3.72 -38.68 23.68
CA LEU P 570 4.45 -37.64 24.44
C LEU P 570 5.80 -38.16 24.97
N HIS P 571 5.89 -39.49 25.14
CA HIS P 571 7.11 -40.15 25.61
C HIS P 571 8.03 -40.32 24.43
N PHE P 572 7.44 -40.49 23.25
CA PHE P 572 8.20 -40.61 22.00
C PHE P 572 8.86 -39.29 21.59
N ILE P 573 8.37 -38.19 22.17
CA ILE P 573 8.87 -36.85 21.90
C ILE P 573 10.14 -36.62 22.66
N VAL P 574 10.17 -37.09 23.89
CA VAL P 574 11.41 -37.13 24.62
C VAL P 574 12.30 -38.09 23.85
N ALA P 575 11.75 -39.25 23.51
CA ALA P 575 12.47 -40.33 22.81
C ALA P 575 13.12 -39.88 21.50
N GLU P 576 12.43 -39.01 20.78
CA GLU P 576 13.02 -38.33 19.63
C GLU P 576 13.83 -37.10 20.04
N TYR P 577 13.33 -36.33 21.02
CA TYR P 577 14.05 -35.18 21.49
C TYR P 577 15.44 -35.58 21.92
N ILE P 578 15.54 -36.70 22.63
CA ILE P 578 16.82 -37.20 23.11
C ILE P 578 17.57 -37.88 21.97
N GLN P 579 16.83 -38.57 21.10
CA GLN P 579 17.44 -39.17 19.91
C GLN P 579 18.01 -38.07 19.03
N GLN P 580 17.55 -36.84 19.22
CA GLN P 580 18.12 -35.68 18.55
C GLN P 580 19.41 -35.27 19.24
N LYS P 581 19.62 -35.76 20.45
CA LYS P 581 20.82 -35.47 21.24
C LYS P 581 22.04 -36.32 20.85
N LYS P 582 21.79 -37.51 20.28
CA LYS P 582 22.86 -38.43 19.87
C LYS P 582 23.40 -38.05 18.50
N PRO Q 29 47.63 -1.37 -59.73
CA PRO Q 29 47.00 -0.33 -58.90
C PRO Q 29 46.66 -0.84 -57.48
N GLY Q 30 47.48 -0.45 -56.51
CA GLY Q 30 47.27 -0.82 -55.13
C GLY Q 30 47.53 -2.28 -54.81
N GLN Q 31 48.73 -2.77 -55.14
CA GLN Q 31 49.12 -4.14 -54.81
C GLN Q 31 48.85 -4.40 -53.33
N ALA Q 32 49.01 -3.37 -52.51
CA ALA Q 32 48.70 -3.46 -51.09
C ALA Q 32 47.30 -2.91 -50.74
N LEU Q 33 46.57 -2.44 -51.76
CA LEU Q 33 45.24 -1.86 -51.57
C LEU Q 33 44.20 -2.93 -51.30
N ASP Q 34 44.50 -4.15 -51.70
CA ASP Q 34 43.64 -5.29 -51.43
C ASP Q 34 43.80 -5.84 -50.01
N ALA Q 35 45.00 -5.68 -49.45
CA ALA Q 35 45.25 -6.05 -48.05
C ALA Q 35 44.54 -5.07 -47.12
N VAL Q 36 44.12 -3.95 -47.68
CA VAL Q 36 43.28 -2.99 -46.96
C VAL Q 36 41.84 -3.42 -46.98
N ARG Q 37 41.47 -4.14 -48.03
CA ARG Q 37 40.09 -4.62 -48.21
C ARG Q 37 39.81 -5.87 -47.39
N ARG Q 39 41.08 -6.17 -44.65
CA ARG Q 39 40.95 -5.52 -43.34
C ARG Q 39 39.68 -4.68 -43.26
N LEU Q 40 39.01 -4.51 -44.40
CA LEU Q 40 37.63 -4.06 -44.45
C LEU Q 40 36.66 -5.22 -44.25
N ALA Q 41 37.15 -6.42 -44.59
CA ALA Q 41 36.42 -7.68 -44.42
C ALA Q 41 36.47 -8.18 -42.98
N GLN Q 42 37.59 -7.93 -42.30
CA GLN Q 42 37.71 -8.23 -40.89
C GLN Q 42 36.78 -7.35 -40.08
N LEU Q 43 36.67 -6.08 -40.49
CA LEU Q 43 35.81 -5.10 -39.82
C LEU Q 43 34.34 -5.23 -40.21
N THR Q 44 34.11 -5.67 -41.44
CA THR Q 44 32.76 -5.93 -41.92
C THR Q 44 32.19 -7.15 -41.21
N HIS Q 45 33.08 -8.06 -40.83
CA HIS Q 45 32.69 -9.25 -40.08
C HIS Q 45 32.19 -8.88 -38.68
N SER Q 46 32.36 -7.61 -38.34
CA SER Q 46 31.85 -7.05 -37.08
C SER Q 46 30.37 -6.74 -37.24
N LEU Q 47 29.97 -6.53 -38.48
CA LEU Q 47 28.58 -6.32 -38.82
C LEU Q 47 27.86 -7.65 -38.87
N ARG Q 48 28.52 -8.65 -39.45
CA ARG Q 48 27.92 -9.97 -39.63
C ARG Q 48 27.24 -10.41 -38.36
N ARG Q 49 28.04 -10.74 -37.35
CA ARG Q 49 27.53 -11.16 -36.06
C ARG Q 49 26.50 -10.19 -35.48
N ILE Q 50 26.81 -8.90 -35.51
CA ILE Q 50 25.91 -7.90 -34.95
C ILE Q 50 24.48 -8.04 -35.50
N ARG Q 51 24.34 -7.98 -36.82
CA ARG Q 51 23.02 -7.96 -37.45
C ARG Q 51 22.25 -9.28 -37.32
N ASP Q 52 22.96 -10.39 -37.19
CA ASP Q 52 22.29 -11.69 -37.01
C ASP Q 52 21.86 -11.86 -35.57
N GLU Q 53 22.39 -11.01 -34.68
CA GLU Q 53 21.90 -10.89 -33.32
C GLU Q 53 20.67 -9.98 -33.21
N SER Q 55 18.25 -9.83 -35.47
CA SER Q 55 17.18 -10.78 -35.79
C SER Q 55 16.98 -11.76 -34.66
N LYS Q 56 18.00 -11.90 -33.81
CA LYS Q 56 17.96 -12.82 -32.67
C LYS Q 56 17.00 -12.32 -31.58
N ALA Q 57 16.44 -11.14 -31.82
CA ALA Q 57 15.33 -10.63 -31.02
C ALA Q 57 14.06 -11.38 -31.46
N GLU Q 58 12.91 -11.15 -30.81
CA GLU Q 58 12.73 -10.21 -29.71
C GLU Q 58 12.96 -10.80 -28.30
N LEU Q 59 13.26 -12.09 -28.23
CA LEU Q 59 13.62 -12.73 -26.96
C LEU Q 59 14.99 -12.24 -26.46
N PRO Q 60 15.03 -11.63 -25.27
CA PRO Q 60 16.10 -10.87 -24.58
C PRO Q 60 17.33 -11.68 -24.13
N GLN Q 61 18.54 -11.21 -24.42
CA GLN Q 61 19.76 -11.93 -24.00
C GLN Q 61 21.02 -11.08 -23.64
N TRP Q 62 21.61 -11.38 -22.48
CA TRP Q 62 22.99 -10.96 -22.19
C TRP Q 62 23.33 -9.55 -22.66
N TYR Q 63 22.77 -8.55 -22.00
CA TYR Q 63 23.06 -7.16 -22.36
C TYR Q 63 24.56 -6.83 -22.19
N THR Q 64 25.10 -7.16 -21.03
CA THR Q 64 26.52 -6.94 -20.76
C THR Q 64 27.38 -7.58 -21.84
N LEU Q 65 27.18 -8.87 -22.05
CA LEU Q 65 27.98 -9.64 -22.99
C LEU Q 65 27.86 -9.09 -24.41
N GLN Q 66 26.63 -8.98 -24.91
CA GLN Q 66 26.40 -8.54 -26.27
C GLN Q 66 26.80 -7.08 -26.43
N SER Q 67 26.34 -6.22 -25.53
CA SER Q 67 26.65 -4.80 -25.61
C SER Q 67 28.15 -4.58 -25.71
N GLN Q 68 28.89 -5.23 -24.82
CA GLN Q 68 30.34 -5.19 -24.89
C GLN Q 68 30.87 -5.88 -26.17
N LEU Q 69 30.15 -6.88 -26.66
CA LEU Q 69 30.56 -7.62 -27.86
C LEU Q 69 30.11 -6.95 -29.15
N ASN Q 70 29.15 -6.04 -29.01
CA ASN Q 70 28.80 -5.09 -30.07
C ASN Q 70 29.67 -3.82 -30.12
N VAL Q 71 29.94 -3.25 -28.96
CA VAL Q 71 30.81 -2.09 -28.84
C VAL Q 71 32.21 -2.43 -29.34
N THR Q 72 32.77 -3.52 -28.82
CA THR Q 72 34.09 -3.98 -29.21
C THR Q 72 34.25 -4.20 -30.72
N LEU Q 73 33.18 -4.66 -31.37
CA LEU Q 73 33.19 -4.93 -32.81
C LEU Q 73 32.98 -3.65 -33.60
N SER Q 74 32.47 -2.63 -32.93
CA SER Q 74 32.27 -1.35 -33.54
C SER Q 74 33.58 -0.57 -33.58
N GLN Q 75 34.27 -0.57 -32.45
CA GLN Q 75 35.49 0.19 -32.30
C GLN Q 75 36.38 -0.05 -33.51
N LEU Q 76 36.61 -1.32 -33.83
CA LEU Q 76 37.57 -1.70 -34.86
C LEU Q 76 37.20 -1.14 -36.24
N VAL Q 77 35.96 -0.74 -36.41
CA VAL Q 77 35.55 -0.18 -37.67
C VAL Q 77 36.26 1.14 -37.84
N SER Q 78 36.38 1.85 -36.72
CA SER Q 78 37.05 3.14 -36.70
C SER Q 78 38.57 2.98 -36.78
N VAL Q 79 39.09 1.87 -36.24
CA VAL Q 79 40.53 1.57 -36.28
C VAL Q 79 40.97 1.02 -37.64
N THR Q 80 40.04 0.38 -38.34
CA THR Q 80 40.23 0.15 -39.77
C THR Q 80 39.81 1.43 -40.49
N SER Q 81 38.99 2.24 -39.83
CA SER Q 81 38.72 3.58 -40.30
C SER Q 81 39.98 4.40 -40.08
N THR Q 82 40.79 4.03 -39.09
CA THR Q 82 42.05 4.73 -38.82
C THR Q 82 43.16 4.35 -39.79
N LEU Q 83 43.36 3.05 -39.95
CA LEU Q 83 44.42 2.54 -40.79
C LEU Q 83 44.17 2.97 -42.24
N GLN Q 84 43.00 3.52 -42.48
CA GLN Q 84 42.71 4.08 -43.79
C GLN Q 84 43.26 5.49 -43.95
N HIS Q 85 43.32 6.24 -42.86
CA HIS Q 85 43.78 7.63 -42.89
C HIS Q 85 45.30 7.78 -43.13
N PHE Q 86 46.05 6.69 -42.91
CA PHE Q 86 47.47 6.63 -43.28
C PHE Q 86 47.56 6.42 -44.77
N GLN Q 87 46.54 5.76 -45.31
CA GLN Q 87 46.40 5.51 -46.74
C GLN Q 87 45.55 6.60 -47.39
N GLU Q 88 45.23 7.62 -46.62
CA GLU Q 88 44.35 8.72 -47.05
C GLU Q 88 44.81 9.44 -48.33
N THR Q 89 46.07 9.26 -48.71
CA THR Q 89 46.57 9.84 -49.95
C THR Q 89 46.01 9.10 -51.19
N LEU Q 90 45.56 7.86 -51.00
CA LEU Q 90 44.96 7.08 -52.09
C LEU Q 90 43.42 7.08 -52.15
N ASP Q 91 42.78 7.71 -51.16
CA ASP Q 91 41.36 7.98 -51.22
C ASP Q 91 41.17 9.42 -51.69
N SER Q 92 42.30 10.11 -51.91
CA SER Q 92 42.39 11.52 -52.34
C SER Q 92 42.86 11.60 -53.79
N THR Q 93 44.07 11.11 -54.02
CA THR Q 93 44.43 10.69 -55.36
C THR Q 93 43.25 9.81 -55.70
N VAL Q 94 42.77 9.14 -54.65
CA VAL Q 94 41.49 8.44 -54.59
C VAL Q 94 41.53 7.09 -55.27
N VAL Q 95 42.54 6.90 -56.11
CA VAL Q 95 42.74 5.60 -56.72
C VAL Q 95 41.52 5.30 -57.60
N TYR Q 96 40.56 6.22 -57.60
CA TYR Q 96 39.16 5.93 -57.90
C TYR Q 96 38.86 5.31 -59.25
N PRO Q 97 37.56 5.16 -59.55
CA PRO Q 97 36.99 4.08 -60.37
C PRO Q 97 37.46 4.02 -61.82
N LEU Q 98 38.75 3.75 -61.97
CA LEU Q 98 39.33 3.19 -63.18
C LEU Q 98 38.71 1.82 -63.38
N PRO Q 99 38.42 1.16 -62.25
CA PRO Q 99 38.00 -0.08 -61.59
C PRO Q 99 36.79 -0.83 -62.14
N LYS Q 100 35.88 -0.19 -62.88
CA LYS Q 100 34.66 -0.91 -63.24
C LYS Q 100 34.76 -1.51 -64.63
N PHE Q 101 35.12 -2.80 -64.64
CA PHE Q 101 35.18 -3.66 -65.82
C PHE Q 101 33.87 -4.24 -66.38
N PRO Q 102 33.12 -4.93 -65.51
CA PRO Q 102 32.21 -6.05 -65.77
C PRO Q 102 31.28 -5.94 -66.97
N THR Q 103 30.79 -4.74 -67.29
CA THR Q 103 29.73 -4.59 -68.27
C THR Q 103 28.49 -5.36 -67.80
N THR Q 104 27.85 -4.86 -66.72
CA THR Q 104 26.74 -5.57 -66.08
C THR Q 104 25.43 -4.90 -66.45
N SER Q 105 24.85 -5.40 -67.54
CA SER Q 105 24.53 -4.58 -68.71
C SER Q 105 23.78 -3.30 -68.45
N HIS Q 106 22.64 -3.43 -67.78
CA HIS Q 106 22.08 -2.36 -66.96
C HIS Q 106 22.18 -2.67 -65.46
N GLU Q 107 21.62 -3.81 -65.06
CA GLU Q 107 21.22 -4.17 -63.69
C GLU Q 107 22.23 -3.81 -62.61
N SER Q 108 23.42 -3.42 -63.06
CA SER Q 108 24.46 -2.83 -62.21
C SER Q 108 24.23 -1.34 -61.90
N LEU Q 109 23.16 -0.74 -62.43
CA LEU Q 109 22.72 0.59 -62.01
C LEU Q 109 22.47 0.59 -60.50
N VAL Q 110 22.05 -0.56 -59.97
CA VAL Q 110 21.87 -0.78 -58.54
C VAL Q 110 23.23 -1.07 -57.94
N THR Q 111 24.17 -1.42 -58.79
CA THR Q 111 25.53 -1.53 -58.36
C THR Q 111 26.13 -0.20 -58.63
N THR Q 112 25.38 0.63 -59.34
CA THR Q 112 25.81 2.00 -59.67
C THR Q 112 25.55 3.02 -58.55
N LEU Q 113 24.36 2.94 -57.94
CA LEU Q 113 24.14 3.63 -56.68
C LEU Q 113 25.00 2.95 -55.61
N LEU Q 114 25.33 1.68 -55.86
CA LEU Q 114 26.19 0.86 -54.98
C LEU Q 114 27.67 1.10 -55.19
N ARG Q 115 28.06 1.27 -56.44
CA ARG Q 115 29.41 1.68 -56.77
C ARG Q 115 29.58 3.16 -56.43
N LYS Q 116 28.46 3.83 -56.59
CA LYS Q 116 28.28 5.24 -56.46
C LYS Q 116 28.52 5.72 -55.06
N LYS Q 117 28.09 4.99 -54.06
CA LYS Q 117 28.36 5.54 -52.77
C LYS Q 117 27.70 6.90 -52.72
N ASN Q 118 28.51 7.92 -52.51
CA ASN Q 118 28.03 9.28 -52.38
C ASN Q 118 27.41 9.43 -51.01
N ILE Q 119 26.64 10.47 -50.80
CA ILE Q 119 26.16 10.69 -49.46
C ILE Q 119 24.67 10.58 -49.31
N PRO Q 120 24.31 9.80 -48.32
CA PRO Q 120 22.91 9.57 -47.98
C PRO Q 120 22.37 10.72 -47.18
N GLU Q 121 21.24 10.49 -46.55
CA GLU Q 121 20.67 11.55 -45.82
C GLU Q 121 21.85 11.77 -44.94
N VAL Q 122 22.54 10.70 -44.51
CA VAL Q 122 23.61 11.10 -43.60
C VAL Q 122 24.18 12.47 -43.98
N ASP Q 123 24.06 12.83 -45.27
CA ASP Q 123 24.39 14.17 -45.76
C ASP Q 123 23.38 15.17 -45.25
N GLU Q 124 22.11 14.78 -45.21
CA GLU Q 124 21.05 15.55 -44.59
C GLU Q 124 21.42 15.74 -43.13
N TRP Q 125 22.20 14.81 -42.60
CA TRP Q 125 22.71 14.91 -41.23
C TRP Q 125 24.08 15.56 -41.21
N LYS Q 127 24.66 18.43 -42.98
CA LYS Q 127 24.30 19.84 -42.91
C LYS Q 127 23.81 20.17 -41.51
N TYR Q 128 23.28 19.17 -40.81
CA TYR Q 128 22.94 19.30 -39.40
C TYR Q 128 24.26 19.41 -38.64
N VAL Q 129 25.32 18.94 -39.30
CA VAL Q 129 26.68 19.16 -38.87
C VAL Q 129 27.08 20.55 -39.34
N ARG Q 130 26.43 21.02 -40.40
CA ARG Q 130 26.65 22.36 -40.94
C ARG Q 130 25.92 23.48 -40.17
N GLU Q 131 24.76 23.17 -39.61
CA GLU Q 131 24.05 24.11 -38.74
C GLU Q 131 24.49 23.97 -37.29
N THR Q 132 25.14 22.84 -36.97
CA THR Q 132 25.83 22.69 -35.69
C THR Q 132 27.13 23.43 -35.84
N SER Q 133 27.66 23.41 -37.07
CA SER Q 133 28.75 24.29 -37.46
C SER Q 133 28.32 25.69 -37.06
N GLY Q 134 27.02 25.95 -37.14
CA GLY Q 134 26.41 27.10 -36.51
C GLY Q 134 27.12 28.42 -36.77
N VAL Q 135 27.59 29.10 -35.74
CA VAL Q 135 28.50 30.21 -35.99
C VAL Q 135 29.48 30.48 -34.87
N THR Q 136 30.64 31.00 -35.25
CA THR Q 136 31.08 31.01 -36.63
C THR Q 136 30.42 32.09 -37.45
N THR Q 137 30.76 32.13 -38.73
CA THR Q 137 31.85 31.35 -39.27
C THR Q 137 32.03 31.97 -40.62
N ALA Q 138 33.06 31.58 -41.32
CA ALA Q 138 33.24 32.15 -42.65
C ALA Q 138 32.07 31.77 -43.54
N LEU Q 139 31.66 32.75 -44.32
CA LEU Q 139 32.40 33.98 -44.28
C LEU Q 139 32.26 34.49 -42.87
N LEU Q 140 33.39 34.76 -42.25
CA LEU Q 140 33.42 35.21 -40.88
C LEU Q 140 34.64 36.10 -40.65
N LYS Q 141 35.79 35.47 -40.74
CA LYS Q 141 37.07 36.14 -40.67
C LYS Q 141 37.91 35.44 -41.71
N ASP Q 142 39.00 36.08 -42.11
CA ASP Q 142 39.98 35.39 -42.91
C ASP Q 142 41.14 35.37 -41.99
N GLU Q 143 41.67 34.21 -41.70
CA GLU Q 143 42.81 34.26 -40.85
C GLU Q 143 42.43 34.99 -39.58
N GLU Q 144 43.28 35.92 -39.18
CA GLU Q 144 43.40 36.15 -37.73
C GLU Q 144 42.24 35.70 -36.82
N ILE Q 145 41.10 35.38 -37.39
CA ILE Q 145 40.05 34.74 -36.61
C ILE Q 145 40.39 33.27 -36.50
N GLU Q 146 40.83 32.68 -37.60
CA GLU Q 146 41.27 31.28 -37.61
C GLU Q 146 42.48 31.07 -36.70
N LYS Q 147 43.43 31.99 -36.76
CA LYS Q 147 44.61 31.93 -35.89
C LYS Q 147 44.18 32.15 -34.43
N LEU Q 148 42.92 32.55 -34.22
CA LEU Q 148 42.33 32.57 -32.88
C LEU Q 148 41.47 31.30 -32.63
N LEU Q 149 41.34 30.45 -33.65
CA LEU Q 149 40.78 29.10 -33.51
C LEU Q 149 41.83 28.08 -33.14
N GLN Q 150 43.02 28.26 -33.71
CA GLN Q 150 44.14 27.37 -33.45
C GLN Q 150 44.78 27.77 -32.12
N GLN Q 151 44.84 29.06 -31.87
CA GLN Q 151 45.33 29.54 -30.58
C GLN Q 151 44.25 29.32 -29.53
N ASP Q 152 43.05 28.98 -30.00
CA ASP Q 152 41.92 28.55 -29.16
C ASP Q 152 41.92 27.05 -28.77
N ARG Q 153 42.48 26.21 -29.64
CA ARG Q 153 42.63 24.80 -29.33
C ARG Q 153 43.83 24.60 -28.44
N GLU Q 154 44.93 25.24 -28.80
CA GLU Q 154 46.22 25.00 -28.15
C GLU Q 154 46.21 25.31 -26.66
N ILE Q 155 45.25 26.11 -26.22
CA ILE Q 155 45.14 26.50 -24.81
C ILE Q 155 44.26 25.53 -24.02
N THR Q 156 43.55 24.68 -24.76
CA THR Q 156 42.82 23.57 -24.17
C THR Q 156 43.82 22.48 -23.85
N ASN Q 157 44.95 22.53 -24.55
CA ASN Q 157 46.02 21.55 -24.43
C ASN Q 157 46.78 21.68 -23.12
N TRP Q 158 47.10 22.90 -22.74
CA TRP Q 158 47.92 23.15 -21.56
C TRP Q 158 47.14 22.88 -20.28
N ALA Q 159 45.83 23.07 -20.36
CA ALA Q 159 44.97 22.78 -19.23
C ALA Q 159 45.03 21.29 -18.90
N ARG Q 160 45.46 20.48 -19.88
CA ARG Q 160 45.59 19.02 -19.71
C ARG Q 160 46.93 18.53 -19.10
N THR Q 161 47.97 19.35 -19.18
CA THR Q 161 49.25 19.07 -18.50
C THR Q 161 49.23 19.62 -17.09
N THR Q 162 48.24 20.45 -16.82
CA THR Q 162 47.88 20.82 -15.47
C THR Q 162 46.96 19.77 -14.89
N PHE Q 163 46.31 19.00 -15.77
CA PHE Q 163 45.41 17.91 -15.37
C PHE Q 163 46.11 16.60 -15.00
N ARG Q 164 46.97 16.12 -15.87
CA ARG Q 164 47.67 14.88 -15.60
C ARG Q 164 48.60 15.05 -14.40
N ASN Q 165 48.99 16.29 -14.12
CA ASN Q 165 49.92 16.59 -13.04
C ASN Q 165 49.27 16.53 -11.66
N GLU Q 166 47.98 16.82 -11.61
CA GLU Q 166 47.19 16.71 -10.37
C GLU Q 166 46.53 15.34 -10.25
N TYR Q 167 46.61 14.55 -11.32
CA TYR Q 167 46.01 13.22 -11.36
C TYR Q 167 46.89 12.20 -10.65
N GLY Q 168 48.20 12.27 -10.90
CA GLY Q 168 49.17 11.36 -10.30
C GLY Q 168 49.22 11.63 -8.81
N LYS Q 169 48.37 12.55 -8.38
CA LYS Q 169 48.23 12.93 -6.98
C LYS Q 169 47.87 11.74 -6.08
N HIS Q 170 46.68 11.16 -6.25
CA HIS Q 170 46.27 10.02 -5.44
C HIS Q 170 46.46 8.64 -6.10
N ASP Q 171 46.91 8.63 -7.35
CA ASP Q 171 47.08 7.38 -8.11
C ASP Q 171 48.05 6.42 -7.43
N PRO Q 195 47.72 -31.04 5.11
CA PRO Q 195 49.12 -31.47 5.28
C PRO Q 195 49.30 -32.98 5.11
N PHE Q 196 48.32 -33.77 5.55
CA PHE Q 196 48.36 -35.22 5.40
C PHE Q 196 48.42 -35.61 3.93
N ASN Q 197 49.09 -36.73 3.63
CA ASN Q 197 49.42 -37.07 2.25
C ASN Q 197 48.19 -37.05 1.36
N VAL Q 198 48.38 -36.69 0.09
CA VAL Q 198 47.26 -36.61 -0.82
C VAL Q 198 46.49 -37.92 -0.66
N ASP Q 199 45.16 -37.80 -0.61
CA ASP Q 199 44.26 -38.91 -0.27
C ASP Q 199 44.49 -40.19 -1.09
N ASP Q 200 45.09 -40.05 -2.27
CA ASP Q 200 45.51 -41.20 -3.04
C ASP Q 200 46.28 -42.17 -2.15
N VAL Q 201 47.47 -41.78 -1.70
CA VAL Q 201 48.27 -42.62 -0.84
C VAL Q 201 47.52 -43.10 0.42
N LEU Q 202 46.49 -42.38 0.80
CA LEU Q 202 45.62 -42.80 1.90
C LEU Q 202 44.61 -43.85 1.41
N LYS Q 203 44.24 -43.76 0.14
CA LYS Q 203 43.45 -44.81 -0.54
C LYS Q 203 44.38 -45.94 -0.96
N PHE Q 204 45.66 -45.60 -1.10
CA PHE Q 204 46.74 -46.58 -1.21
C PHE Q 204 47.07 -47.00 0.21
N THR Q 205 46.59 -46.21 1.18
CA THR Q 205 46.59 -46.61 2.58
C THR Q 205 45.27 -47.31 2.90
N PHE Q 206 44.33 -47.23 1.97
CA PHE Q 206 43.15 -48.08 1.99
C PHE Q 206 43.53 -49.30 1.16
N THR Q 207 44.71 -49.20 0.55
CA THR Q 207 45.42 -50.34 -0.04
C THR Q 207 46.53 -50.82 0.90
N GLY Q 208 46.67 -50.16 2.05
CA GLY Q 208 47.66 -50.51 3.05
C GLY Q 208 48.95 -49.73 2.94
N GLU Q 209 49.22 -49.22 1.74
CA GLU Q 209 50.47 -48.52 1.47
C GLU Q 209 50.69 -47.50 2.56
N LYS Q 210 51.93 -47.41 3.01
CA LYS Q 210 52.31 -46.45 4.02
C LYS Q 210 52.71 -45.14 3.36
N GLN R 4 36.14 -14.61 -1.32
CA GLN R 4 36.25 -14.13 -2.69
C GLN R 4 37.54 -13.35 -2.90
N ALA R 5 38.51 -14.01 -3.53
CA ALA R 5 39.74 -13.36 -3.97
C ALA R 5 39.63 -12.91 -5.43
N LEU R 6 38.55 -13.35 -6.08
CA LEU R 6 38.26 -12.98 -7.47
C LEU R 6 37.38 -11.72 -7.64
N TYR R 7 36.76 -11.29 -6.55
CA TYR R 7 36.06 -10.02 -6.55
C TYR R 7 37.14 -8.98 -6.42
N GLU R 8 38.26 -9.39 -5.85
CA GLU R 8 39.43 -8.53 -5.73
C GLU R 8 40.18 -8.43 -7.06
N LYS R 9 40.26 -9.53 -7.79
CA LYS R 9 41.01 -9.56 -9.04
C LYS R 9 40.28 -8.89 -10.19
N LEU R 10 38.94 -9.01 -10.21
CA LEU R 10 38.06 -8.30 -11.16
C LEU R 10 37.62 -6.86 -10.78
N GLU R 11 37.29 -6.67 -9.51
CA GLU R 11 36.84 -5.39 -9.05
C GLU R 11 37.99 -4.58 -8.47
N GLN R 12 39.20 -5.14 -8.44
CA GLN R 12 40.41 -4.32 -8.35
C GLN R 12 41.02 -4.16 -9.74
N THR R 13 40.47 -4.88 -10.72
CA THR R 13 40.74 -4.56 -12.11
C THR R 13 39.60 -3.68 -12.54
N ARG R 14 38.58 -3.64 -11.69
CA ARG R 14 37.52 -2.62 -11.76
C ARG R 14 37.96 -1.35 -11.00
N THR R 15 38.83 -1.55 -10.01
CA THR R 15 39.46 -0.43 -9.34
C THR R 15 40.45 0.16 -10.32
N ILE R 16 41.19 -0.73 -10.97
CA ILE R 16 41.99 -0.33 -12.12
C ILE R 16 41.03 0.18 -13.20
N LEU R 17 39.76 -0.22 -13.10
CA LEU R 17 38.72 0.22 -14.06
C LEU R 17 38.17 1.60 -13.72
N SER R 18 38.13 1.92 -12.44
CA SER R 18 37.87 3.27 -12.04
C SER R 18 39.11 4.05 -12.46
N VAL R 19 40.24 3.36 -12.42
CA VAL R 19 41.53 3.92 -12.80
C VAL R 19 41.64 4.02 -14.32
N LYS R 20 41.02 3.07 -14.99
CA LYS R 20 40.94 3.10 -16.44
C LYS R 20 39.79 4.00 -16.91
N LEU R 21 38.75 4.14 -16.09
CA LEU R 21 37.55 4.88 -16.46
C LEU R 21 37.71 6.40 -16.39
N ALA R 22 38.59 6.85 -15.49
CA ALA R 22 38.96 8.24 -15.43
C ALA R 22 40.07 8.54 -16.45
N GLU R 23 40.72 7.47 -16.93
CA GLU R 23 41.88 7.58 -17.82
C GLU R 23 41.55 8.06 -19.24
N LEU R 24 40.67 7.34 -19.92
CA LEU R 24 40.41 7.58 -21.34
C LEU R 24 39.20 8.46 -21.54
N ILE R 25 38.58 8.85 -20.43
CA ILE R 25 37.39 9.69 -20.46
C ILE R 25 37.73 11.19 -20.46
N ASN R 26 38.29 11.68 -19.36
CA ASN R 26 38.84 13.02 -19.36
C ASN R 26 39.77 13.12 -20.55
N THR R 28 39.33 12.63 -23.12
CA THR R 28 38.52 12.96 -24.26
C THR R 28 39.36 13.98 -24.99
N THR R 29 39.70 13.64 -26.22
CA THR R 29 40.71 14.35 -26.96
C THR R 29 40.18 15.66 -27.47
N ILE R 30 41.10 16.56 -27.81
CA ILE R 30 40.73 17.82 -28.47
C ILE R 30 40.04 17.54 -29.81
N SER R 46 41.78 13.32 -39.79
CA SER R 46 41.00 12.89 -40.94
C SER R 46 39.66 13.60 -41.00
N GLU R 47 38.97 13.49 -42.14
CA GLU R 47 37.69 14.17 -42.37
C GLU R 47 36.51 13.34 -41.91
N LEU R 48 36.35 12.18 -42.51
CA LEU R 48 35.27 11.26 -42.19
C LEU R 48 35.48 10.64 -40.81
N ALA R 49 36.73 10.32 -40.46
CA ALA R 49 37.00 9.60 -39.22
C ALA R 49 37.23 10.49 -38.01
N VAL R 50 37.33 11.80 -38.24
CA VAL R 50 37.41 12.79 -37.14
C VAL R 50 36.06 13.47 -36.82
N ALA R 51 35.05 13.14 -37.62
CA ALA R 51 33.66 13.22 -37.19
C ALA R 51 33.36 11.92 -36.42
N THR R 52 34.00 10.84 -36.84
CA THR R 52 33.88 9.53 -36.17
C THR R 52 34.27 9.62 -34.71
N THR R 53 35.56 9.85 -34.43
CA THR R 53 36.08 9.78 -33.08
C THR R 53 35.39 10.69 -32.06
N SER R 54 34.58 11.65 -32.54
CA SER R 54 33.95 12.67 -31.68
C SER R 54 32.69 12.24 -30.93
N VAL R 55 31.91 11.34 -31.54
CA VAL R 55 30.86 10.57 -30.85
C VAL R 55 31.34 9.16 -30.49
N VAL R 58 31.81 9.86 -26.97
CA VAL R 58 30.60 10.28 -26.29
C VAL R 58 29.91 9.00 -25.87
N ASN R 59 30.01 7.99 -26.73
CA ASN R 59 29.61 6.61 -26.44
C ASN R 59 30.61 5.75 -25.66
N ASN R 60 31.88 5.73 -26.06
CA ASN R 60 32.89 4.86 -25.41
C ASN R 60 33.67 5.46 -24.24
N GLN R 61 33.58 6.78 -24.06
CA GLN R 61 33.98 7.43 -22.81
C GLN R 61 32.86 7.39 -21.79
N THR R 62 31.63 7.62 -22.26
CA THR R 62 30.45 7.52 -21.40
C THR R 62 29.89 6.10 -21.31
N GLN R 64 32.04 3.35 -21.11
CA GLN R 64 32.95 2.94 -20.05
C GLN R 64 32.70 3.77 -18.81
N LEU R 65 31.97 4.87 -18.96
CA LEU R 65 31.58 5.70 -17.85
C LEU R 65 30.36 5.14 -17.12
N ILE R 66 29.47 4.47 -17.85
CA ILE R 66 28.35 3.75 -17.25
C ILE R 66 28.84 2.34 -16.97
N LYS R 67 30.07 2.07 -17.43
CA LYS R 67 30.77 0.79 -17.18
C LYS R 67 31.44 0.74 -15.81
N ASN R 68 31.97 1.88 -15.39
CA ASN R 68 32.41 2.04 -14.02
C ASN R 68 31.28 2.66 -13.19
N VAL R 69 30.22 3.07 -13.88
CA VAL R 69 28.97 3.45 -13.23
C VAL R 69 28.22 2.17 -12.93
N GLN R 70 28.41 1.19 -13.81
CA GLN R 70 27.86 -0.15 -13.61
C GLN R 70 28.72 -0.92 -12.62
N ASP R 71 30.02 -0.67 -12.65
CA ASP R 71 30.90 -1.24 -11.64
C ASP R 71 30.80 -0.40 -10.38
N LEU R 72 30.05 0.70 -10.45
CA LEU R 72 29.67 1.50 -9.28
C LEU R 72 28.49 0.87 -8.55
N LEU R 73 27.53 0.42 -9.36
CA LEU R 73 26.33 -0.27 -8.89
C LEU R 73 26.63 -1.68 -8.49
N ILE R 74 27.33 -2.40 -9.36
CA ILE R 74 27.77 -3.76 -9.04
C ILE R 74 28.43 -3.77 -7.66
N LEU R 75 29.30 -2.80 -7.42
CA LEU R 75 30.01 -2.70 -6.16
C LEU R 75 29.30 -1.82 -5.14
N THR R 76 28.26 -1.12 -5.55
CA THR R 76 27.45 -0.40 -4.59
C THR R 76 26.46 -1.29 -3.80
N ARG R 77 25.73 -2.15 -4.52
CA ARG R 77 24.79 -3.10 -3.91
C ARG R 77 25.35 -4.52 -3.71
N SER R 78 26.59 -4.76 -4.18
CA SER R 78 27.30 -6.00 -3.86
C SER R 78 28.21 -5.79 -2.67
N ILE R 79 28.16 -4.60 -2.10
CA ILE R 79 28.69 -4.36 -0.78
C ILE R 79 27.61 -4.81 0.19
N LYS R 80 26.41 -4.93 -0.35
CA LYS R 80 25.23 -5.39 0.37
C LYS R 80 25.15 -6.92 0.50
N GLU R 81 25.65 -7.64 -0.50
CA GLU R 81 25.77 -9.11 -0.46
C GLU R 81 26.84 -9.50 0.55
N LYS R 82 27.47 -8.51 1.18
CA LYS R 82 28.37 -8.72 2.31
C LYS R 82 27.58 -8.79 3.63
N TRP R 83 26.26 -8.65 3.50
CA TRP R 83 25.35 -8.98 4.58
C TRP R 83 25.42 -10.47 4.96
N LEU R 84 24.96 -11.34 4.06
CA LEU R 84 24.87 -12.78 4.32
C LEU R 84 24.43 -13.10 5.75
N PHE R 99 15.99 -25.81 27.73
CA PHE R 99 14.54 -25.95 27.69
C PHE R 99 13.93 -26.24 29.07
N ASP R 100 12.67 -25.82 29.27
CA ASP R 100 12.01 -25.81 30.60
C ASP R 100 11.31 -27.12 31.01
N GLU R 101 11.42 -28.14 30.16
CA GLU R 101 10.63 -29.35 30.29
C GLU R 101 10.64 -29.92 31.70
N LYS R 102 11.75 -29.75 32.40
CA LYS R 102 11.93 -30.46 33.64
C LYS R 102 11.86 -31.96 33.35
N GLN R 103 12.46 -32.35 32.22
CA GLN R 103 12.35 -33.71 31.64
C GLN R 103 10.92 -34.08 31.21
N ILE R 104 10.45 -35.24 31.68
CA ILE R 104 9.04 -35.63 31.48
C ILE R 104 8.14 -35.25 32.66
N GLU R 105 8.77 -34.85 33.76
CA GLU R 105 8.07 -34.41 34.96
C GLU R 105 7.07 -33.34 34.58
N GLU R 106 7.56 -32.21 34.09
CA GLU R 106 6.69 -31.10 33.69
C GLU R 106 6.19 -31.41 32.29
N LEU R 107 6.48 -32.61 31.82
CA LEU R 107 5.91 -33.07 30.56
C LEU R 107 4.69 -33.95 30.82
N LEU R 108 4.92 -35.15 31.35
CA LEU R 108 3.82 -36.08 31.61
C LEU R 108 2.95 -35.73 32.84
N ASP R 109 3.38 -34.75 33.65
CA ASP R 109 2.57 -34.29 34.79
C ASP R 109 1.49 -33.34 34.27
N ASN R 110 1.86 -32.53 33.29
CA ASN R 110 0.90 -31.72 32.56
C ASN R 110 0.44 -32.37 31.25
N CYS R 111 0.88 -33.60 30.99
CA CYS R 111 0.42 -34.33 29.80
C CYS R 111 -0.77 -35.21 30.17
N ILE R 112 -1.12 -35.20 31.46
CA ILE R 112 -2.27 -35.92 31.95
C ILE R 112 -3.34 -34.90 32.25
N GLU R 113 -3.03 -34.00 33.18
CA GLU R 113 -3.98 -32.96 33.61
C GLU R 113 -4.36 -32.06 32.43
N THR R 114 -3.76 -32.30 31.28
CA THR R 114 -4.28 -31.71 30.06
C THR R 114 -5.46 -32.52 29.54
N PHE R 115 -5.21 -33.79 29.21
CA PHE R 115 -6.23 -34.72 28.67
C PHE R 115 -7.16 -35.48 29.64
N VAL R 116 -6.70 -35.77 30.85
CA VAL R 116 -7.55 -36.41 31.86
C VAL R 116 -8.25 -35.40 32.75
N ALA R 117 -7.80 -34.16 32.66
CA ALA R 117 -8.57 -33.03 33.12
C ALA R 117 -9.26 -32.48 31.90
N GLU R 118 -9.09 -33.16 30.77
CA GLU R 118 -9.85 -32.84 29.58
C GLU R 118 -11.16 -33.65 29.60
N LYS R 119 -11.05 -34.97 29.50
CA LYS R 119 -12.21 -35.85 29.58
C LYS R 119 -12.20 -36.65 30.88
N THR R 120 -13.13 -36.35 31.79
CA THR R 120 -13.27 -37.07 33.05
C THR R 120 -14.39 -36.49 33.91
N VAL S 2 26.20 -52.76 -7.72
CA VAL S 2 25.74 -51.39 -7.72
C VAL S 2 26.90 -50.41 -7.85
N GLN S 3 26.88 -49.60 -8.91
CA GLN S 3 27.94 -48.64 -9.19
C GLN S 3 27.72 -47.32 -8.45
N GLN S 4 28.64 -47.00 -7.54
CA GLN S 4 28.60 -45.78 -6.75
C GLN S 4 29.81 -44.90 -7.05
N LEU S 5 29.68 -43.59 -6.84
CA LEU S 5 30.75 -42.63 -7.13
C LEU S 5 31.08 -41.79 -5.91
N SER S 6 32.34 -41.33 -5.78
CA SER S 6 32.77 -40.50 -4.62
C SER S 6 34.09 -39.66 -4.72
N LEU S 7 34.21 -38.65 -3.83
CA LEU S 7 35.40 -37.77 -3.68
C LEU S 7 35.46 -36.98 -2.32
N PHE S 8 36.61 -36.38 -1.98
CA PHE S 8 36.81 -35.75 -0.65
C PHE S 8 37.88 -34.64 -0.52
N GLY S 9 37.85 -33.92 0.62
CA GLY S 9 38.82 -32.87 0.96
C GLY S 9 38.92 -32.57 2.47
N SER S 10 39.80 -31.64 2.87
CA SER S 10 40.08 -31.37 4.31
C SER S 10 40.40 -29.92 4.70
N ILE S 11 40.21 -29.59 5.98
CA ILE S 11 40.48 -28.25 6.52
C ILE S 11 40.82 -28.23 8.02
N GLY S 12 41.40 -27.14 8.50
CA GLY S 12 42.00 -27.12 9.81
C GLY S 12 40.97 -27.51 10.85
N ASP S 13 41.41 -27.70 12.07
CA ASP S 13 40.47 -28.03 13.12
C ASP S 13 39.60 -26.85 13.53
N ASP S 14 40.22 -25.65 13.51
CA ASP S 14 39.62 -24.39 13.99
C ASP S 14 38.53 -23.86 13.06
N GLY S 15 38.81 -23.85 11.75
CA GLY S 15 37.86 -23.50 10.71
C GLY S 15 36.97 -24.67 10.35
N TYR S 16 36.88 -25.64 11.27
CA TYR S 16 35.87 -26.70 11.24
C TYR S 16 34.69 -26.37 12.15
N ASP S 17 34.79 -25.27 12.89
CA ASP S 17 33.68 -24.76 13.72
C ASP S 17 32.59 -24.18 12.84
N LEU S 18 33.01 -23.32 11.94
CA LEU S 18 32.16 -22.83 10.88
C LEU S 18 31.60 -24.00 10.09
N LEU S 19 32.48 -24.68 9.34
CA LEU S 19 32.08 -25.70 8.37
C LEU S 19 31.05 -26.66 8.93
N ILE S 20 31.14 -26.96 10.22
CA ILE S 20 30.20 -27.86 10.91
C ILE S 20 28.79 -27.27 11.03
N SER S 21 28.69 -25.99 11.36
CA SER S 21 27.39 -25.31 11.37
C SER S 21 27.13 -24.56 10.06
N THR S 22 28.12 -24.60 9.17
CA THR S 22 27.96 -24.18 7.78
C THR S 22 27.63 -25.40 6.92
N LEU S 23 27.74 -26.58 7.51
CA LEU S 23 27.14 -27.77 6.94
C LEU S 23 25.79 -27.97 7.57
N THR S 24 25.52 -27.18 8.61
CA THR S 24 24.18 -27.00 9.19
C THR S 24 23.32 -25.93 8.50
N THR S 25 23.98 -24.84 8.08
CA THR S 25 23.29 -23.77 7.36
C THR S 25 23.00 -24.17 5.92
N ILE S 26 24.04 -24.66 5.24
CA ILE S 26 23.99 -24.97 3.82
C ILE S 26 23.37 -26.33 3.48
N SER S 27 23.56 -27.31 4.37
CA SER S 27 22.99 -28.65 4.20
C SER S 27 21.54 -28.80 4.70
N GLY S 28 21.15 -27.94 5.64
CA GLY S 28 19.84 -28.05 6.23
C GLY S 28 19.82 -29.10 7.32
N ASN S 29 20.94 -29.79 7.47
CA ASN S 29 21.12 -30.68 8.61
C ASN S 29 22.53 -30.60 9.18
N PRO S 30 22.64 -30.65 10.52
CA PRO S 30 23.92 -30.62 11.23
C PRO S 30 24.58 -32.00 11.20
N PRO S 31 25.90 -32.05 11.41
CA PRO S 31 26.61 -33.32 11.43
C PRO S 31 26.25 -34.18 12.67
N LEU S 32 26.16 -35.49 12.47
CA LEU S 32 25.76 -36.43 13.53
C LEU S 32 26.68 -37.66 13.63
N LEU S 33 26.97 -38.09 14.85
CA LEU S 33 28.06 -39.05 15.12
C LEU S 33 27.72 -40.54 14.97
N TYR S 34 28.43 -41.20 14.06
CA TYR S 34 28.32 -42.64 13.89
C TYR S 34 29.69 -43.30 13.79
N ASN S 35 30.02 -44.13 14.78
CA ASN S 35 31.35 -44.75 14.87
C ASN S 35 31.50 -45.95 13.93
N SER S 36 32.58 -45.95 13.15
CA SER S 36 32.80 -47.01 12.18
C SER S 36 34.23 -47.53 12.21
N LEU S 37 34.36 -48.82 12.51
CA LEU S 37 35.68 -49.44 12.53
C LEU S 37 35.82 -50.49 11.43
N CYS S 38 36.59 -50.17 10.40
CA CYS S 38 36.77 -51.08 9.28
C CYS S 38 38.07 -51.88 9.42
N THR S 39 37.95 -53.21 9.41
CA THR S 39 39.09 -54.07 9.70
C THR S 39 39.48 -54.83 8.43
N VAL S 40 40.71 -55.32 8.39
CA VAL S 40 41.19 -56.02 7.19
C VAL S 40 41.54 -57.49 7.42
N TRP S 41 41.41 -58.26 6.35
CA TRP S 41 41.98 -59.59 6.30
C TRP S 41 42.41 -59.84 4.88
N LYS S 42 43.62 -60.34 4.71
CA LYS S 42 44.02 -60.77 3.38
C LYS S 42 43.28 -62.07 3.21
N PRO S 43 43.20 -62.56 1.96
CA PRO S 43 42.89 -63.98 2.01
C PRO S 43 44.05 -64.65 2.72
N ASN S 44 43.90 -65.87 3.23
CA ASN S 44 44.98 -66.45 4.02
C ASN S 44 46.22 -66.33 3.15
N PRO S 45 47.20 -65.55 3.62
CA PRO S 45 48.27 -65.12 2.74
C PRO S 45 49.11 -66.29 2.22
N SER S 46 49.04 -67.42 2.91
CA SER S 46 49.87 -68.57 2.61
C SER S 46 49.23 -69.53 1.61
N TYR S 47 48.03 -69.22 1.16
CA TYR S 47 47.28 -70.10 0.26
C TYR S 47 47.96 -70.43 -1.08
N ASP S 48 48.07 -69.43 -1.95
CA ASP S 48 48.77 -69.58 -3.25
C ASP S 48 48.23 -70.65 -4.21
N VAL S 49 47.05 -70.41 -4.79
CA VAL S 49 46.49 -71.29 -5.82
C VAL S 49 45.48 -70.58 -6.72
N PRO S 61 44.32 -56.88 -6.19
CA PRO S 61 43.44 -57.82 -5.49
C PRO S 61 42.69 -57.17 -4.31
N ASN S 62 41.54 -57.73 -3.95
CA ASN S 62 40.76 -57.21 -2.83
C ASN S 62 40.99 -58.02 -1.53
N ARG S 63 41.52 -57.33 -0.52
CA ARG S 63 41.70 -57.93 0.80
C ARG S 63 40.36 -57.98 1.53
N ILE S 64 40.23 -58.92 2.47
CA ILE S 64 38.99 -59.06 3.23
C ILE S 64 38.75 -57.87 4.17
N LYS S 65 37.49 -57.44 4.26
CA LYS S 65 37.11 -56.28 5.07
C LYS S 65 36.03 -56.62 6.10
N LEU S 66 35.90 -55.78 7.14
CA LEU S 66 34.89 -55.96 8.19
C LEU S 66 34.52 -54.65 8.90
N SER S 67 33.39 -54.63 9.59
CA SER S 67 32.95 -53.42 10.29
C SER S 67 31.97 -53.65 11.45
N LYS S 68 31.59 -52.56 12.12
CA LYS S 68 30.65 -52.59 13.24
C LYS S 68 30.50 -51.21 13.91
N GLU S 69 29.46 -51.07 14.73
CA GLU S 69 29.23 -49.87 15.54
C GLU S 69 28.68 -50.28 16.89
N VAL S 70 29.11 -49.56 17.92
CA VAL S 70 29.57 -50.17 19.15
C VAL S 70 29.24 -49.37 20.40
N PRO S 71 29.20 -50.06 21.55
CA PRO S 71 28.75 -49.44 22.80
C PRO S 71 29.51 -48.17 23.09
N PHE S 72 28.79 -47.10 23.36
CA PHE S 72 29.40 -45.79 23.57
C PHE S 72 30.22 -45.78 24.87
N SER S 73 29.91 -46.72 25.75
CA SER S 73 30.69 -46.90 26.97
C SER S 73 31.98 -47.64 26.65
N TYR S 74 31.97 -48.45 25.60
CA TYR S 74 33.11 -49.27 25.19
C TYR S 74 34.16 -48.52 24.36
N LEU S 75 33.72 -47.61 23.50
CA LEU S 75 34.65 -46.79 22.75
C LEU S 75 35.54 -45.97 23.68
N ILE S 76 34.97 -45.00 24.38
CA ILE S 76 35.70 -44.25 25.41
C ILE S 76 35.32 -44.76 26.78
N ASP S 77 36.30 -45.31 27.50
CA ASP S 77 36.05 -45.99 28.78
C ASP S 77 36.33 -45.15 30.02
N GLU S 78 36.78 -43.91 29.84
CA GLU S 78 37.17 -43.10 30.99
C GLU S 78 36.04 -42.20 31.47
N THR S 79 35.48 -42.56 32.62
CA THR S 79 34.33 -41.86 33.19
C THR S 79 33.19 -41.71 32.19
N ASP S 82 34.19 -38.73 30.31
CA ASP S 82 34.01 -37.40 30.92
C ASP S 82 32.62 -36.80 30.67
N LYS S 83 31.58 -37.44 31.21
CA LYS S 83 30.20 -36.96 31.08
C LYS S 83 29.68 -37.09 29.64
N PRO S 84 28.35 -37.08 29.46
CA PRO S 84 27.70 -37.29 28.17
C PRO S 84 27.72 -36.09 27.22
N LEU S 85 27.59 -36.37 25.92
CA LEU S 85 27.46 -35.34 24.88
C LEU S 85 27.40 -35.98 23.49
N ASN S 86 27.18 -35.15 22.48
CA ASN S 86 27.09 -35.65 21.10
C ASN S 86 28.33 -35.33 20.26
N PHE S 87 28.58 -34.04 20.06
CA PHE S 87 29.74 -33.52 19.32
C PHE S 87 30.94 -33.13 20.19
N ARG S 88 30.89 -33.49 21.48
CA ARG S 88 31.97 -33.20 22.42
C ARG S 88 33.23 -34.07 22.20
N ILE S 89 33.16 -35.02 21.28
CA ILE S 89 34.31 -35.86 20.96
C ILE S 89 35.15 -35.24 19.86
N LEU S 90 34.72 -34.06 19.40
CA LEU S 90 35.39 -33.35 18.32
C LEU S 90 36.72 -32.71 18.74
N LYS S 91 36.69 -31.99 19.85
CA LYS S 91 37.84 -31.22 20.29
C LYS S 91 38.71 -32.02 21.23
N SER S 92 38.28 -33.24 21.56
CA SER S 92 38.96 -34.04 22.57
C SER S 92 40.18 -34.86 22.12
N PHE S 93 40.16 -35.39 20.89
CA PHE S 93 41.14 -36.40 20.51
C PHE S 93 42.03 -36.09 19.30
N THR S 94 43.34 -36.03 19.54
CA THR S 94 44.32 -35.94 18.46
C THR S 94 45.47 -36.96 18.65
N ASN S 95 46.31 -36.73 19.66
CA ASN S 95 47.37 -37.69 20.01
C ASN S 95 46.99 -38.62 21.17
N ASP S 96 45.76 -38.45 21.65
CA ASP S 96 45.20 -39.22 22.75
C ASP S 96 44.63 -40.49 22.14
N LYS S 97 45.03 -40.73 20.90
CA LYS S 97 44.30 -41.51 19.91
C LYS S 97 43.79 -42.92 20.29
N ILE S 98 44.29 -43.52 21.35
CA ILE S 98 43.73 -44.80 21.77
C ILE S 98 42.75 -44.66 22.95
N PRO S 99 41.45 -44.78 22.65
CA PRO S 99 40.26 -45.07 23.47
C PRO S 99 40.28 -46.53 23.88
N LEU S 100 40.73 -47.37 22.94
CA LEU S 100 41.06 -48.78 23.17
C LEU S 100 42.25 -49.20 22.32
N ASN S 101 43.15 -49.99 22.90
CA ASN S 101 44.35 -50.48 22.22
C ASN S 101 44.00 -51.41 21.05
N TYR S 102 42.69 -51.63 20.89
CA TYR S 102 42.09 -52.64 20.01
C TYR S 102 41.85 -53.96 20.71
N ALA S 103 42.39 -54.09 21.93
CA ALA S 103 42.33 -55.34 22.65
C ALA S 103 42.74 -56.45 21.69
N THR S 105 42.99 -58.56 18.40
CA THR S 105 42.09 -58.88 17.29
C THR S 105 40.59 -58.91 17.61
N ARG S 106 40.26 -59.30 18.83
CA ARG S 106 38.86 -59.45 19.22
C ARG S 106 38.11 -60.37 18.24
N ASN S 107 36.88 -59.98 17.89
CA ASN S 107 36.01 -60.83 17.08
C ASN S 107 34.75 -60.13 16.58
N GLU S 127 32.23 -70.44 19.81
CA GLU S 127 32.60 -69.05 19.55
C GLU S 127 31.68 -68.37 18.53
N SER S 128 30.79 -67.50 19.00
CA SER S 128 29.85 -66.82 18.12
C SER S 128 30.35 -65.46 17.64
N CYS S 129 30.23 -65.21 16.33
CA CYS S 129 30.52 -63.90 15.77
C CYS S 129 29.30 -63.00 15.92
N SER S 130 29.52 -61.71 16.13
CA SER S 130 28.40 -60.78 16.22
C SER S 130 28.10 -60.24 14.83
N PRO S 131 27.10 -59.35 14.74
CA PRO S 131 26.78 -58.82 13.41
C PRO S 131 28.02 -58.21 12.76
N TRP S 132 28.30 -58.60 11.52
CA TRP S 132 29.46 -58.12 10.77
C TRP S 132 29.15 -58.09 9.27
N SER S 133 29.78 -57.19 8.51
CA SER S 133 29.40 -56.95 7.09
C SER S 133 30.56 -56.62 6.13
N LEU S 134 30.29 -56.71 4.82
CA LEU S 134 31.30 -56.40 3.79
C LEU S 134 30.70 -56.11 2.40
N GLN S 135 31.58 -56.00 1.40
CA GLN S 135 31.17 -55.65 0.03
C GLN S 135 32.37 -55.63 -0.92
N ILE S 136 32.11 -55.42 -2.21
CA ILE S 136 33.19 -55.39 -3.21
C ILE S 136 32.99 -54.31 -4.26
N SER S 137 34.05 -53.54 -4.51
CA SER S 137 34.01 -52.48 -5.50
C SER S 137 35.26 -52.43 -6.37
N ASP S 138 35.04 -52.34 -7.68
CA ASP S 138 36.12 -52.37 -8.66
C ASP S 138 36.02 -51.18 -9.58
N ILE S 139 37.16 -50.75 -10.12
CA ILE S 139 37.20 -49.60 -11.01
C ILE S 139 36.62 -49.91 -12.38
N ARG S 146 36.03 -37.15 -19.26
CA ARG S 146 36.26 -38.02 -18.11
C ARG S 146 36.23 -37.22 -16.82
N SER S 147 35.03 -37.07 -16.25
CA SER S 147 34.86 -36.28 -15.04
C SER S 147 35.23 -37.06 -13.77
N VAL S 148 34.38 -38.02 -13.40
CA VAL S 148 34.49 -38.65 -12.08
C VAL S 148 34.65 -40.17 -12.14
N SER S 149 34.76 -40.79 -10.95
CA SER S 149 35.02 -42.23 -10.81
C SER S 149 33.99 -42.99 -9.96
N GLN S 151 32.90 -47.02 -8.79
CA GLN S 151 33.25 -48.43 -8.71
C GLN S 151 31.99 -49.25 -8.58
N THR S 152 31.99 -50.43 -9.17
CA THR S 152 30.85 -51.30 -9.01
C THR S 152 30.94 -51.91 -7.62
N ILE S 153 29.97 -51.58 -6.77
CA ILE S 153 29.96 -52.02 -5.39
C ILE S 153 28.74 -52.87 -5.12
N ALA S 154 28.98 -54.15 -4.86
CA ALA S 154 27.92 -55.10 -4.53
C ALA S 154 28.13 -55.57 -3.09
N GLU S 155 27.05 -55.63 -2.30
CA GLU S 155 27.17 -55.77 -0.85
C GLU S 155 26.49 -56.99 -0.20
N THR S 156 26.58 -57.06 1.12
CA THR S 156 25.98 -58.12 1.93
C THR S 156 26.04 -57.79 3.45
N ILE S 157 25.59 -58.71 4.31
CA ILE S 157 25.54 -58.51 5.77
C ILE S 157 25.81 -59.80 6.55
N ILE S 158 25.55 -59.80 7.86
CA ILE S 158 25.71 -61.03 8.67
C ILE S 158 24.94 -61.09 10.00
N LEU S 159 25.05 -62.23 10.70
CA LEU S 159 24.42 -62.41 12.01
C LEU S 159 25.32 -63.02 13.09
N SER S 160 25.66 -64.31 12.95
CA SER S 160 26.46 -65.01 13.98
C SER S 160 27.16 -66.31 13.51
N SER S 161 28.15 -66.74 14.30
CA SER S 161 28.99 -67.90 13.96
C SER S 161 29.12 -68.89 15.12
N ALA S 162 29.67 -70.07 14.84
CA ALA S 162 29.86 -71.12 15.85
C ALA S 162 30.52 -72.37 15.28
N GLY S 163 30.77 -73.35 16.15
CA GLY S 163 31.39 -74.60 15.73
C GLY S 163 32.88 -74.81 16.01
N LYS S 164 33.51 -75.71 15.23
CA LYS S 164 34.95 -76.05 15.32
C LYS S 164 35.89 -74.84 15.30
N ASN S 165 35.97 -74.13 14.18
CA ASN S 165 36.51 -72.79 14.20
C ASN S 165 35.29 -71.90 14.15
N SER S 166 34.89 -71.41 15.31
CA SER S 166 33.67 -70.64 15.40
C SER S 166 33.88 -69.14 15.17
N SER S 167 34.91 -68.60 15.82
CA SER S 167 34.97 -67.17 16.12
C SER S 167 35.13 -66.35 14.86
N VAL S 168 35.26 -65.05 15.02
CA VAL S 168 35.34 -64.15 13.87
C VAL S 168 36.74 -64.13 13.22
N SER S 169 37.78 -64.30 14.02
CA SER S 169 39.14 -64.38 13.50
C SER S 169 39.37 -65.71 12.82
N SER S 170 38.81 -66.77 13.42
CA SER S 170 38.97 -68.14 12.93
C SER S 170 38.05 -68.49 11.73
N LEU S 171 36.80 -68.00 11.77
CA LEU S 171 35.86 -68.23 10.67
C LEU S 171 36.12 -67.21 9.58
N ASN S 173 39.93 -66.51 8.74
CA ASN S 173 41.02 -67.29 8.14
C ASN S 173 40.59 -68.73 7.86
N GLY S 174 39.50 -69.14 8.52
CA GLY S 174 38.92 -70.45 8.28
C GLY S 174 38.07 -70.42 7.03
N LEU S 175 37.61 -69.24 6.64
CA LEU S 175 36.93 -69.07 5.37
C LEU S 175 37.98 -69.02 4.28
N GLY S 176 39.25 -68.98 4.70
CA GLY S 176 40.37 -68.95 3.79
C GLY S 176 41.04 -67.60 3.71
N TYR S 177 40.58 -66.64 4.53
CA TYR S 177 41.13 -65.30 4.50
C TYR S 177 41.70 -64.85 5.86
N VAL S 178 43.01 -64.66 5.91
CA VAL S 178 43.72 -64.32 7.15
C VAL S 178 44.05 -62.84 7.21
N PHE S 179 44.06 -62.31 8.43
CA PHE S 179 44.23 -60.88 8.66
C PHE S 179 45.47 -60.26 8.01
N GLU S 180 45.22 -59.17 7.29
CA GLU S 180 46.25 -58.25 6.84
C GLU S 180 46.38 -57.13 7.86
N PHE S 181 45.29 -56.39 8.06
CA PHE S 181 45.31 -55.27 9.01
C PHE S 181 43.98 -55.03 9.72
N GLN S 182 43.88 -53.87 10.37
CA GLN S 182 42.62 -53.36 10.94
C GLN S 182 42.57 -51.82 10.96
N TYR S 183 41.37 -51.25 10.88
CA TYR S 183 41.17 -49.79 10.84
C TYR S 183 39.91 -49.34 11.59
N LEU S 184 39.82 -48.04 11.91
CA LEU S 184 38.66 -47.52 12.65
C LEU S 184 38.47 -46.02 12.49
N THR S 185 37.28 -45.53 12.84
CA THR S 185 36.98 -44.11 12.72
C THR S 185 35.71 -43.69 13.47
N ILE S 186 35.31 -42.43 13.26
CA ILE S 186 34.03 -41.90 13.72
C ILE S 186 33.48 -41.08 12.55
N GLY S 187 32.40 -40.34 12.76
CA GLY S 187 31.88 -39.48 11.72
C GLY S 187 30.78 -38.51 12.14
N VAL S 188 30.64 -37.41 11.41
CA VAL S 188 29.53 -36.48 11.64
C VAL S 188 28.85 -36.10 10.32
N LYS S 189 27.60 -36.53 10.15
CA LYS S 189 26.95 -36.44 8.85
C LYS S 189 25.78 -35.46 8.79
N PHE S 190 25.57 -34.87 7.62
CA PHE S 190 24.50 -33.91 7.44
C PHE S 190 23.61 -34.32 6.26
N PHE S 191 22.31 -34.55 6.53
CA PHE S 191 21.40 -35.03 5.51
C PHE S 191 21.27 -34.05 4.36
N LYS S 193 19.53 -33.33 -0.05
CA LYS S 193 18.55 -33.61 -1.09
C LYS S 193 18.97 -34.85 -1.87
N HIS S 194 18.00 -35.59 -2.41
CA HIS S 194 18.27 -36.75 -3.25
C HIS S 194 19.07 -37.83 -2.53
N GLY S 195 18.78 -38.01 -1.24
CA GLY S 195 19.45 -39.03 -0.46
C GLY S 195 20.94 -38.81 -0.44
N LEU S 196 21.35 -37.59 -0.14
CA LEU S 196 22.77 -37.26 -0.03
C LEU S 196 23.13 -36.97 1.42
N ILE S 197 24.27 -37.51 1.87
CA ILE S 197 24.70 -37.37 3.25
C ILE S 197 26.21 -37.17 3.34
N LEU S 198 26.67 -36.31 4.25
CA LEU S 198 28.10 -36.03 4.37
C LEU S 198 28.64 -36.15 5.79
N GLU S 199 29.49 -37.16 5.99
CA GLU S 199 30.01 -37.48 7.31
C GLU S 199 31.45 -37.04 7.47
N LEU S 200 31.67 -36.03 8.31
CA LEU S 200 33.02 -35.56 8.61
C LEU S 200 33.65 -36.55 9.57
N GLN S 201 34.83 -37.07 9.22
CA GLN S 201 35.39 -38.20 9.95
C GLN S 201 36.85 -38.06 10.40
N LYS S 202 37.22 -38.92 11.35
CA LYS S 202 38.59 -39.04 11.85
C LYS S 202 38.90 -40.52 12.18
N ILE S 203 40.09 -40.98 11.80
CA ILE S 203 40.39 -42.41 11.89
C ILE S 203 41.56 -42.77 12.79
N TRP S 204 41.59 -44.02 13.22
CA TRP S 204 42.69 -44.58 14.00
C TRP S 204 43.09 -45.96 13.46
N GLN S 205 44.30 -46.40 13.82
CA GLN S 205 44.81 -47.69 13.38
C GLN S 205 45.39 -48.47 14.57
N ILE S 206 44.82 -49.65 14.84
CA ILE S 206 45.26 -50.45 15.97
C ILE S 206 45.94 -51.76 15.55
N GLU S 207 47.06 -52.07 16.18
CA GLU S 207 47.95 -53.14 15.71
C GLU S 207 48.85 -53.72 16.81
N GLU S 208 49.87 -54.45 16.39
CA GLU S 208 50.84 -55.07 17.29
C GLU S 208 51.73 -54.10 18.06
N ALA S 209 52.08 -52.97 17.43
CA ALA S 209 52.98 -51.99 18.03
C ALA S 209 52.28 -50.85 18.78
N GLY S 210 50.96 -50.95 18.91
CA GLY S 210 50.16 -49.92 19.54
C GLY S 210 49.36 -49.15 18.50
N ASN S 211 48.26 -48.57 18.94
CA ASN S 211 47.34 -47.89 18.02
C ASN S 211 47.44 -46.36 18.05
N SER S 212 47.36 -45.73 16.88
CA SER S 212 47.40 -44.27 16.79
C SER S 212 46.54 -43.70 15.65
N GLN S 213 45.91 -42.55 15.89
CA GLN S 213 44.97 -41.94 14.96
C GLN S 213 45.65 -41.14 13.85
N ILE S 214 45.23 -41.41 12.62
CA ILE S 214 45.79 -40.73 11.47
C ILE S 214 45.00 -39.47 11.16
N THR S 215 44.00 -39.18 11.97
CA THR S 215 43.18 -37.98 11.81
C THR S 215 44.03 -36.74 11.97
N SER S 216 45.27 -36.93 12.37
CA SER S 216 46.20 -35.86 12.72
C SER S 216 46.40 -34.78 11.66
N GLY S 217 46.26 -33.53 12.08
CA GLY S 217 46.42 -32.39 11.20
C GLY S 217 45.14 -31.62 10.87
N GLY S 218 44.01 -32.17 11.27
CA GLY S 218 42.73 -31.56 10.94
C GLY S 218 41.56 -32.50 10.93
N PHE S 219 40.55 -32.17 10.13
CA PHE S 219 39.36 -33.00 9.98
C PHE S 219 39.10 -33.41 8.53
N LEU S 220 38.31 -34.47 8.36
CA LEU S 220 37.99 -35.04 7.05
C LEU S 220 36.48 -35.08 6.80
N LEU S 221 36.10 -35.29 5.55
CA LEU S 221 34.69 -35.40 5.19
C LEU S 221 34.45 -36.41 4.07
N LYS S 222 33.23 -36.95 4.01
CA LYS S 222 32.88 -37.97 3.02
C LYS S 222 31.40 -37.93 2.62
N ALA S 223 31.15 -38.20 1.34
CA ALA S 223 29.78 -38.27 0.81
C ALA S 223 29.73 -39.21 -0.39
N TYR S 224 28.58 -39.85 -0.59
CA TYR S 224 28.44 -40.86 -1.67
C TYR S 224 27.00 -41.12 -2.13
N ILE S 225 26.85 -41.68 -3.31
CA ILE S 225 25.57 -42.18 -3.78
C ILE S 225 25.74 -43.59 -4.34
N ASN S 226 25.16 -44.59 -3.68
CA ASN S 226 25.27 -45.95 -4.16
C ASN S 226 24.08 -46.23 -5.04
N VAL S 227 24.35 -46.31 -6.35
CA VAL S 227 23.32 -46.41 -7.36
C VAL S 227 22.72 -47.80 -7.44
N SER S 228 21.54 -47.91 -8.04
CA SER S 228 21.05 -49.20 -8.47
C SER S 228 22.14 -49.76 -9.35
N ARG S 229 22.42 -51.05 -9.23
CA ARG S 229 23.56 -51.61 -9.95
C ARG S 229 23.48 -51.20 -11.40
N GLY S 230 24.55 -50.63 -11.91
CA GLY S 230 24.57 -50.12 -13.27
C GLY S 230 23.33 -49.29 -13.57
N THR S 231 23.02 -48.34 -12.69
CA THR S 231 21.86 -47.44 -12.88
C THR S 231 22.11 -46.39 -13.98
N ASP S 232 21.02 -45.81 -14.49
CA ASP S 232 21.07 -44.99 -15.69
C ASP S 232 22.19 -43.97 -15.61
N ILE S 233 22.98 -43.89 -16.68
CA ILE S 233 24.13 -42.99 -16.73
C ILE S 233 23.68 -41.56 -16.96
N ASP S 234 22.43 -41.40 -17.38
CA ASP S 234 21.84 -40.07 -17.51
C ASP S 234 21.49 -39.57 -16.12
N ARG S 235 21.49 -40.50 -15.15
CA ARG S 235 21.52 -40.14 -13.75
C ARG S 235 22.95 -40.15 -13.25
N ILE S 236 23.86 -40.64 -14.09
CA ILE S 236 25.31 -40.55 -13.84
C ILE S 236 25.93 -39.32 -14.49
N ASN S 237 25.14 -38.63 -15.33
CA ASN S 237 25.40 -37.23 -15.68
C ASN S 237 24.64 -36.16 -14.84
N TYR S 238 23.60 -36.59 -14.12
CA TYR S 238 22.88 -35.72 -13.16
C TYR S 238 23.30 -35.97 -11.72
N THR S 239 24.16 -36.97 -11.54
CA THR S 239 24.77 -37.23 -10.26
C THR S 239 26.00 -36.36 -10.07
N GLU S 240 26.71 -36.09 -11.16
CA GLU S 240 27.91 -35.25 -11.13
C GLU S 240 27.56 -33.78 -10.98
N THR S 241 26.56 -33.34 -11.74
CA THR S 241 26.17 -31.93 -11.83
C THR S 241 25.44 -31.37 -10.61
N ALA S 242 24.93 -32.25 -9.75
CA ALA S 242 24.44 -31.82 -8.46
C ALA S 242 25.66 -31.68 -7.54
N LEU S 243 26.70 -32.43 -7.88
CA LEU S 243 27.94 -32.43 -7.12
C LEU S 243 28.88 -31.35 -7.62
N ASN S 245 27.69 -28.30 -8.44
CA ASN S 245 27.20 -27.20 -7.63
C ASN S 245 28.08 -27.05 -6.41
N LEU S 246 28.07 -28.08 -5.58
CA LEU S 246 28.89 -28.12 -4.38
C LEU S 246 30.42 -28.18 -4.65
N LYS S 247 30.85 -28.86 -5.71
CA LYS S 247 32.28 -28.96 -5.97
C LYS S 247 32.94 -27.60 -6.22
N LYS S 248 32.31 -26.76 -7.04
CA LYS S 248 32.79 -25.40 -7.24
C LYS S 248 32.06 -24.38 -6.37
N GLU S 249 31.07 -24.83 -5.61
CA GLU S 249 30.61 -24.05 -4.47
C GLU S 249 31.51 -24.32 -3.28
N LEU S 250 31.81 -25.60 -3.07
CA LEU S 250 32.67 -26.05 -1.98
C LEU S 250 34.10 -25.66 -2.32
N GLN S 251 34.43 -25.61 -3.60
CA GLN S 251 35.72 -25.08 -3.99
C GLN S 251 35.81 -23.68 -3.39
N GLY S 252 36.88 -23.43 -2.64
CA GLY S 252 37.13 -22.15 -2.01
C GLY S 252 36.98 -22.04 -0.49
N TYR S 253 36.24 -22.93 0.14
CA TYR S 253 36.48 -23.23 1.56
C TYR S 253 37.53 -24.34 1.70
N ILE S 254 37.38 -25.34 0.83
CA ILE S 254 38.44 -26.27 0.44
C ILE S 254 38.08 -26.81 -0.94
N GLU S 255 39.07 -27.01 -1.80
CA GLU S 255 38.76 -27.38 -3.18
C GLU S 255 38.05 -28.72 -3.28
N LEU S 256 37.30 -28.89 -4.36
CA LEU S 256 36.65 -30.16 -4.65
C LEU S 256 37.42 -30.93 -5.71
N SER S 257 38.05 -32.02 -5.27
CA SER S 257 38.87 -32.86 -6.15
C SER S 257 38.89 -34.34 -5.73
N VAL S 258 38.98 -35.22 -6.72
CA VAL S 258 39.02 -36.68 -6.53
C VAL S 258 40.43 -37.28 -6.67
N PRO S 259 40.83 -38.14 -5.72
CA PRO S 259 42.10 -38.83 -5.44
C PRO S 259 42.52 -39.90 -6.48
N ASP S 260 43.79 -40.30 -6.43
CA ASP S 260 44.40 -41.15 -7.46
C ASP S 260 43.87 -42.57 -7.54
N ARG S 261 43.94 -43.14 -8.74
CA ARG S 261 43.49 -44.51 -8.99
C ARG S 261 44.48 -45.56 -8.53
N GLN S 262 45.78 -45.28 -8.68
CA GLN S 262 46.82 -46.20 -8.24
C GLN S 262 46.61 -46.52 -6.77
N SER S 263 46.03 -45.55 -6.07
CA SER S 263 45.72 -45.70 -4.67
C SER S 263 44.28 -46.14 -4.45
N ASP S 265 42.50 -48.81 -6.18
CA ASP S 265 42.30 -50.26 -6.24
C ASP S 265 42.53 -50.94 -4.89
N SER S 266 41.67 -51.90 -4.55
CA SER S 266 41.78 -52.61 -3.29
C SER S 266 43.08 -53.41 -3.28
N ARG S 267 43.74 -53.40 -4.43
CA ARG S 267 44.93 -54.20 -4.64
C ARG S 267 45.97 -54.01 -3.54
N VAL S 268 46.60 -55.12 -3.14
CA VAL S 268 47.71 -55.09 -2.20
C VAL S 268 48.98 -55.57 -2.90
N GLY T 2 12.95 -77.37 19.98
CA GLY T 2 12.37 -78.21 18.94
C GLY T 2 11.44 -77.46 18.00
N LYS T 3 11.93 -76.34 17.47
CA LYS T 3 11.16 -75.52 16.55
C LYS T 3 11.42 -75.72 15.04
N SER T 4 12.26 -76.69 14.65
CA SER T 4 12.55 -76.89 13.22
C SER T 4 13.06 -78.30 12.82
N ALA T 5 12.93 -78.59 11.53
CA ALA T 5 13.40 -79.84 10.91
C ALA T 5 13.09 -79.85 9.40
N VAL T 6 13.81 -80.68 8.63
CA VAL T 6 13.59 -80.76 7.17
C VAL T 6 14.11 -82.05 6.49
N ILE T 7 13.59 -82.38 5.30
CA ILE T 7 13.92 -83.64 4.60
C ILE T 7 13.70 -83.64 3.08
N PHE T 8 14.37 -84.57 2.39
CA PHE T 8 14.38 -84.63 0.92
C PHE T 8 14.24 -86.05 0.33
N VAL T 9 13.96 -86.13 -0.97
CA VAL T 9 13.82 -87.41 -1.65
C VAL T 9 14.53 -87.43 -3.01
N GLU T 10 15.32 -88.46 -3.27
CA GLU T 10 16.00 -88.64 -4.55
C GLU T 10 15.19 -89.51 -5.50
N ARG T 11 14.14 -90.12 -4.98
CA ARG T 11 13.22 -90.88 -5.80
C ARG T 11 11.83 -90.31 -5.60
N ALA T 12 11.30 -89.68 -6.65
CA ALA T 12 9.96 -89.10 -6.62
C ALA T 12 9.69 -88.41 -7.95
N THR T 13 8.47 -87.92 -8.12
CA THR T 13 8.14 -87.16 -9.31
C THR T 13 7.23 -85.97 -8.96
N PRO T 14 7.17 -84.97 -9.84
CA PRO T 14 6.29 -83.84 -9.54
C PRO T 14 4.84 -84.29 -9.46
N ALA T 15 4.55 -85.45 -10.03
CA ALA T 15 3.19 -86.02 -10.08
C ALA T 15 2.88 -86.90 -8.87
N THR T 16 3.88 -87.08 -8.01
CA THR T 16 3.67 -87.61 -6.67
C THR T 16 3.66 -86.46 -5.67
N LEU T 17 3.85 -85.23 -6.17
CA LEU T 17 3.90 -84.05 -5.33
C LEU T 17 2.53 -83.54 -4.85
N THR T 18 1.53 -83.61 -5.74
CA THR T 18 0.18 -83.12 -5.45
C THR T 18 -0.70 -84.10 -4.65
N GLU T 19 -0.33 -85.37 -4.63
CA GLU T 19 -1.18 -86.43 -4.07
C GLU T 19 -1.52 -86.31 -2.59
N LEU T 20 -0.53 -86.23 -1.72
CA LEU T 20 -0.73 -86.36 -0.28
C LEU T 20 -1.70 -85.33 0.29
N LYS T 21 -2.06 -84.37 -0.54
CA LYS T 21 -3.07 -83.38 -0.19
C LYS T 21 -4.32 -84.02 0.41
N ASP T 22 -5.00 -84.85 -0.37
CA ASP T 22 -6.29 -85.45 0.02
C ASP T 22 -6.34 -86.02 1.45
N ALA T 23 -5.32 -86.78 1.84
CA ALA T 23 -5.26 -87.37 3.17
C ALA T 23 -4.65 -86.42 4.23
N LEU T 24 -3.98 -85.37 3.77
CA LEU T 24 -3.53 -84.31 4.64
C LEU T 24 -4.46 -83.08 4.63
N SER T 25 -5.56 -83.16 3.86
CA SER T 25 -6.53 -82.06 3.73
C SER T 25 -7.45 -81.96 4.94
N ASN T 26 -7.30 -82.90 5.86
CA ASN T 26 -7.97 -82.86 7.14
C ASN T 26 -7.26 -81.96 8.15
N SER T 27 -5.94 -81.83 8.00
CA SER T 27 -5.14 -80.99 8.90
C SER T 27 -4.79 -79.59 8.37
N ILE T 28 -5.17 -79.27 7.14
CA ILE T 28 -4.78 -77.99 6.55
C ILE T 28 -5.85 -76.91 6.67
N LEU T 29 -5.62 -75.93 7.54
CA LEU T 29 -6.51 -74.78 7.70
C LEU T 29 -6.29 -73.60 6.73
N SER T 30 -5.03 -73.26 6.46
CA SER T 30 -4.70 -72.08 5.65
C SER T 30 -3.55 -72.28 4.67
N VAL T 31 -3.74 -71.79 3.44
CA VAL T 31 -2.68 -71.85 2.45
C VAL T 31 -2.00 -70.49 2.36
N ARG T 32 -0.78 -70.41 2.89
CA ARG T 32 -0.06 -69.15 2.98
C ARG T 32 0.72 -68.87 1.70
N ASP T 33 1.48 -67.76 1.71
CA ASP T 33 2.23 -67.32 0.54
C ASP T 33 3.32 -68.31 0.11
N PRO T 34 3.63 -68.31 -1.21
CA PRO T 34 4.61 -69.09 -1.98
C PRO T 34 6.10 -68.73 -1.79
N TRP T 35 6.91 -69.77 -1.61
CA TRP T 35 8.35 -69.66 -1.47
C TRP T 35 9.02 -69.83 -2.83
N SER T 36 10.34 -69.90 -2.80
CA SER T 36 11.16 -70.19 -3.98
C SER T 36 12.54 -70.56 -3.47
N ILE T 37 13.47 -70.91 -4.37
CA ILE T 37 14.77 -71.36 -3.88
C ILE T 37 15.89 -71.57 -4.90
N ASP T 38 17.06 -71.96 -4.36
CA ASP T 38 18.22 -72.38 -5.13
C ASP T 38 19.15 -73.21 -4.23
N PHE T 39 20.09 -73.94 -4.84
CA PHE T 39 21.25 -74.50 -4.14
C PHE T 39 22.39 -74.73 -5.10
N ARG T 40 23.62 -74.51 -4.63
CA ARG T 40 24.78 -74.65 -5.51
C ARG T 40 26.07 -74.93 -4.74
N THR T 41 27.05 -75.49 -5.42
CA THR T 41 28.29 -75.85 -4.74
C THR T 41 29.47 -75.05 -5.28
N TYR T 42 30.15 -74.34 -4.39
CA TYR T 42 31.30 -73.57 -4.81
C TYR T 42 32.52 -74.44 -4.71
N ARG T 43 33.07 -74.81 -5.85
CA ARG T 43 34.30 -75.56 -5.88
C ARG T 43 35.49 -74.60 -5.97
N CYS T 44 36.23 -74.50 -4.87
CA CYS T 44 37.47 -73.74 -4.84
C CYS T 44 38.45 -74.33 -5.84
N SER T 45 39.08 -73.48 -6.63
CA SER T 45 40.03 -73.94 -7.65
C SER T 45 41.43 -74.08 -7.08
N ILE T 46 41.56 -73.85 -5.77
CA ILE T 46 42.85 -73.93 -5.09
C ILE T 46 43.42 -75.34 -5.15
N LYS T 47 44.73 -75.46 -4.96
CA LYS T 47 45.37 -76.76 -5.06
C LYS T 47 45.48 -77.47 -3.71
N ASN T 48 44.93 -78.69 -3.65
CA ASN T 48 45.13 -79.65 -2.56
C ASN T 48 44.78 -79.24 -1.12
N LEU T 49 45.76 -79.37 -0.22
CA LEU T 49 45.60 -79.05 1.19
C LEU T 49 44.94 -80.16 2.00
N SER T 54 36.06 -80.71 5.41
CA SER T 54 35.31 -81.03 4.20
C SER T 54 35.66 -80.02 3.12
N LYS T 55 36.37 -80.48 2.09
CA LYS T 55 36.87 -79.62 1.04
C LYS T 55 35.80 -79.11 0.05
N LEU T 56 34.55 -79.56 0.21
CA LEU T 56 33.46 -79.12 -0.67
C LEU T 56 32.62 -77.98 -0.09
N TYR T 58 29.58 -75.47 0.03
CA TYR T 58 28.17 -75.55 -0.37
C TYR T 58 27.36 -74.26 -0.12
N SER T 59 26.51 -73.90 -1.07
CA SER T 59 25.66 -72.71 -0.94
C SER T 59 24.17 -73.00 -1.18
N ILE T 60 23.33 -72.12 -0.66
CA ILE T 60 21.87 -72.22 -0.79
C ILE T 60 21.19 -70.86 -0.60
N THR T 61 19.94 -70.75 -1.04
CA THR T 61 19.17 -69.51 -0.92
C THR T 61 17.67 -69.82 -0.80
N PHE T 62 16.93 -69.07 0.02
CA PHE T 62 15.48 -69.31 0.19
C PHE T 62 14.60 -68.06 0.38
N HIS T 63 13.57 -67.91 -0.45
CA HIS T 63 12.73 -66.73 -0.33
C HIS T 63 11.35 -67.06 0.24
N HIS T 64 11.13 -66.71 1.51
CA HIS T 64 9.79 -66.65 2.05
C HIS T 64 9.62 -65.28 2.72
N HIS T 65 8.85 -64.40 2.10
CA HIS T 65 8.85 -62.97 2.43
C HIS T 65 10.27 -62.32 2.51
N GLY T 66 11.04 -62.46 1.42
CA GLY T 66 12.42 -61.97 1.36
C GLY T 66 13.47 -63.08 1.37
N ARG T 67 14.74 -62.68 1.32
CA ARG T 67 15.82 -63.66 1.25
C ARG T 67 17.05 -63.30 2.10
N GLN T 68 17.86 -64.30 2.40
CA GLN T 68 19.16 -64.14 3.05
C GLN T 68 20.02 -65.42 2.84
N THR T 69 21.33 -65.31 3.02
CA THR T 69 22.25 -66.39 2.66
C THR T 69 23.28 -66.77 3.72
N VAL T 70 23.75 -68.01 3.67
CA VAL T 70 24.77 -68.51 4.60
C VAL T 70 25.53 -69.72 4.03
N LEU T 71 26.70 -70.02 4.58
CA LEU T 71 27.50 -71.14 4.10
C LEU T 71 28.10 -71.97 5.24
N ILE T 72 28.28 -73.27 4.99
CA ILE T 72 28.86 -74.16 6.00
C ILE T 72 29.91 -75.11 5.42
N LYS T 73 31.13 -75.03 5.95
CA LYS T 73 32.19 -75.94 5.55
C LYS T 73 32.91 -76.44 6.79
N ASP T 74 32.94 -77.76 6.96
CA ASP T 74 33.66 -78.41 8.06
C ASP T 74 33.32 -77.85 9.46
N ASN T 75 32.02 -77.69 9.74
CA ASN T 75 31.51 -77.23 11.04
C ASN T 75 31.83 -75.80 11.45
N SER T 76 32.05 -74.93 10.47
CA SER T 76 32.24 -73.50 10.73
C SER T 76 31.34 -72.70 9.80
N ALA T 77 30.44 -71.92 10.38
CA ALA T 77 29.44 -71.20 9.57
C ALA T 77 29.08 -69.81 10.09
N VAL T 79 25.94 -66.37 9.08
CA VAL T 79 24.75 -66.00 8.34
C VAL T 79 24.93 -64.64 7.69
N THR T 80 24.15 -64.37 6.65
CA THR T 80 24.25 -63.13 5.88
C THR T 80 22.88 -62.61 5.41
N THR T 81 22.90 -61.63 4.51
CA THR T 81 21.68 -61.18 3.86
C THR T 81 21.93 -60.37 2.57
N ALA T 82 20.90 -60.27 1.72
CA ALA T 82 20.80 -59.20 0.72
C ALA T 82 19.83 -58.04 1.13
N ALA T 83 19.23 -58.13 2.31
CA ALA T 83 18.10 -57.26 2.70
C ALA T 83 18.47 -56.15 3.69
N ALA T 84 17.76 -55.03 3.56
CA ALA T 84 17.84 -53.85 4.45
C ALA T 84 16.98 -53.94 5.73
N ALA T 85 15.84 -54.61 5.67
CA ALA T 85 14.98 -54.80 6.83
C ALA T 85 15.56 -55.80 7.84
N ASP T 86 15.91 -57.00 7.33
CA ASP T 86 16.56 -58.06 8.10
C ASP T 86 17.94 -57.63 8.60
N ILE T 87 18.39 -56.48 8.10
CA ILE T 87 19.59 -55.79 8.56
C ILE T 87 19.20 -54.56 9.38
N PRO T 88 19.59 -54.53 10.66
CA PRO T 88 19.16 -53.37 11.44
C PRO T 88 19.47 -52.13 10.64
N PRO T 89 18.53 -51.18 10.59
CA PRO T 89 18.78 -49.92 9.89
C PRO T 89 19.92 -49.18 10.55
N ALA T 90 20.22 -49.57 11.78
CA ALA T 90 21.32 -48.99 12.53
C ALA T 90 22.65 -49.39 11.91
N LEU T 91 22.63 -50.45 11.13
CA LEU T 91 23.80 -50.87 10.37
C LEU T 91 24.09 -49.80 9.32
N VAL T 92 23.03 -49.17 8.82
CA VAL T 92 23.14 -48.09 7.85
C VAL T 92 23.22 -46.76 8.56
N PHE T 93 22.99 -46.81 9.87
CA PHE T 93 23.09 -45.64 10.71
C PHE T 93 24.55 -45.30 10.96
N ASN T 94 25.38 -46.32 11.11
CA ASN T 94 26.82 -46.11 11.08
C ASN T 94 27.19 -45.64 9.69
N GLY T 95 26.21 -45.69 8.78
CA GLY T 95 26.45 -45.42 7.37
C GLY T 95 27.22 -46.60 6.80
N SER T 96 27.63 -47.50 7.69
CA SER T 96 28.40 -48.66 7.32
C SER T 96 27.73 -49.43 6.19
N SER T 97 26.40 -49.42 6.18
CA SER T 97 25.64 -50.16 5.17
C SER T 97 25.78 -49.56 3.76
N THR T 98 25.96 -50.44 2.78
CA THR T 98 26.16 -50.03 1.40
C THR T 98 24.88 -49.49 0.75
N GLY T 99 23.75 -50.16 1.01
CA GLY T 99 22.50 -49.79 0.38
C GLY T 99 22.52 -50.28 -1.04
N VAL T 100 23.67 -50.81 -1.40
CA VAL T 100 23.88 -51.42 -2.69
C VAL T 100 24.19 -52.86 -2.40
N PRO T 101 23.19 -53.60 -1.92
CA PRO T 101 23.18 -55.02 -1.58
C PRO T 101 23.45 -55.87 -2.83
N GLU T 102 24.12 -57.01 -2.64
CA GLU T 102 24.54 -57.86 -3.76
C GLU T 102 24.04 -59.30 -3.63
N SER T 103 23.68 -59.89 -4.76
CA SER T 103 23.54 -61.34 -4.79
C SER T 103 24.89 -61.89 -4.38
N ILE T 104 24.87 -62.80 -3.41
CA ILE T 104 26.11 -63.43 -2.97
C ILE T 104 26.57 -64.38 -4.06
N ASP T 105 25.62 -64.89 -4.82
CA ASP T 105 25.92 -65.77 -5.93
C ASP T 105 26.25 -64.98 -7.20
N THR T 106 25.98 -63.68 -7.19
CA THR T 106 26.53 -62.78 -8.20
C THR T 106 27.83 -62.14 -7.71
N ILE T 107 28.09 -62.30 -6.41
CA ILE T 107 29.35 -61.88 -5.81
C ILE T 107 30.44 -62.93 -6.01
N LEU T 108 30.10 -64.18 -5.70
CA LEU T 108 31.08 -65.26 -5.76
C LEU T 108 31.30 -65.80 -7.17
N SER T 109 30.22 -65.97 -7.93
CA SER T 109 30.35 -66.55 -9.24
C SER T 109 31.06 -65.62 -10.23
N SER T 110 30.60 -64.37 -10.30
CA SER T 110 31.15 -63.37 -11.25
C SER T 110 32.43 -62.65 -10.81
N LYS T 111 32.52 -62.33 -9.52
CA LYS T 111 33.72 -61.69 -8.98
C LYS T 111 34.83 -62.70 -8.74
N LEU T 112 34.46 -63.87 -8.20
CA LEU T 112 35.41 -64.88 -7.74
C LEU T 112 35.75 -65.96 -8.78
N SER T 113 35.32 -65.77 -10.02
CA SER T 113 35.38 -66.82 -11.04
C SER T 113 36.71 -67.57 -11.19
N ASN T 114 37.82 -66.94 -10.83
CA ASN T 114 39.13 -67.59 -10.97
C ASN T 114 39.29 -68.88 -10.15
N ILE T 115 39.02 -68.79 -8.84
CA ILE T 115 39.15 -69.94 -7.96
C ILE T 115 37.82 -70.66 -7.73
N TRP T 116 36.94 -70.09 -6.91
CA TRP T 116 35.68 -70.74 -6.62
C TRP T 116 34.65 -70.27 -7.60
N GLN T 118 30.98 -71.68 -9.40
CA GLN T 118 29.93 -72.60 -8.97
C GLN T 118 30.08 -73.93 -9.72
N ARG T 119 30.27 -75.01 -8.96
CA ARG T 119 30.45 -76.36 -9.51
C ARG T 119 29.18 -77.20 -9.58
N GLN T 120 28.09 -76.72 -8.98
CA GLN T 120 26.80 -77.39 -9.07
C GLN T 120 25.64 -76.41 -8.93
N LEU T 121 24.54 -76.72 -9.61
CA LEU T 121 23.31 -75.94 -9.48
C LEU T 121 22.04 -76.82 -9.55
N ILE T 122 21.11 -76.64 -8.61
CA ILE T 122 19.78 -77.23 -8.69
C ILE T 122 18.77 -76.51 -7.79
N LYS T 123 17.48 -76.63 -8.10
CA LYS T 123 16.44 -76.00 -7.28
C LYS T 123 15.01 -76.37 -7.70
N GLY T 124 14.03 -75.80 -7.01
CA GLY T 124 12.63 -75.91 -7.38
C GLY T 124 11.83 -74.72 -6.86
N ASP T 125 10.74 -74.38 -7.55
CA ASP T 125 10.13 -73.07 -7.37
C ASP T 125 8.64 -73.06 -7.02
N ALA T 126 8.11 -71.85 -6.84
CA ALA T 126 6.70 -71.62 -6.55
C ALA T 126 6.17 -72.50 -5.41
N GLY T 127 6.91 -72.57 -4.31
CA GLY T 127 6.46 -73.32 -3.15
C GLY T 127 5.18 -72.74 -2.56
N GLU T 128 4.58 -73.45 -1.60
CA GLU T 128 3.39 -72.95 -0.94
C GLU T 128 3.46 -73.20 0.56
N THR T 129 2.41 -72.84 1.25
CA THR T 129 2.31 -73.14 2.67
C THR T 129 0.99 -73.84 2.96
N LEU T 130 0.94 -74.52 4.11
CA LEU T 130 -0.29 -75.04 4.68
C LEU T 130 -0.04 -75.13 6.18
N ILE T 131 -1.07 -74.98 7.00
CA ILE T 131 -0.83 -74.85 8.43
C ILE T 131 -1.09 -76.13 9.22
N LEU T 132 -0.02 -76.77 9.67
CA LEU T 132 -0.11 -77.86 10.63
C LEU T 132 0.06 -77.28 12.02
N ASP T 133 -0.86 -77.62 12.93
CA ASP T 133 -0.96 -76.92 14.20
C ASP T 133 0.35 -76.93 14.99
N GLY T 134 0.85 -75.72 15.27
CA GLY T 134 2.05 -75.53 16.05
C GLY T 134 3.31 -75.74 15.23
N LEU T 135 3.20 -76.50 14.15
CA LEU T 135 4.29 -76.64 13.19
C LEU T 135 3.78 -76.56 11.77
N THR T 136 4.19 -75.51 11.06
CA THR T 136 3.73 -75.26 9.70
C THR T 136 4.24 -76.34 8.79
N VAL T 137 3.65 -76.47 7.60
CA VAL T 137 4.22 -77.34 6.56
C VAL T 137 4.19 -76.67 5.18
N ARG T 138 5.36 -76.41 4.61
CA ARG T 138 5.47 -75.83 3.27
C ARG T 138 6.02 -76.87 2.31
N LEU T 139 5.66 -76.81 1.03
CA LEU T 139 6.13 -77.84 0.11
C LEU T 139 6.55 -77.35 -1.30
N VAL T 140 7.58 -77.98 -1.87
CA VAL T 140 8.07 -77.67 -3.21
C VAL T 140 8.90 -78.82 -3.82
N ASN T 141 9.07 -78.82 -5.14
CA ASN T 141 9.80 -79.88 -5.83
C ASN T 141 11.09 -79.41 -6.51
N LEU T 142 12.02 -80.33 -6.76
CA LEU T 142 13.29 -80.02 -7.41
C LEU T 142 13.42 -80.68 -8.78
N PHE T 143 14.23 -80.08 -9.65
CA PHE T 143 14.56 -80.67 -10.97
C PHE T 143 16.05 -80.54 -11.31
N SER T 144 16.74 -81.67 -11.49
CA SER T 144 18.18 -81.68 -11.76
C SER T 144 18.49 -81.40 -13.22
N SER T 145 19.73 -81.62 -13.60
CA SER T 145 20.11 -81.64 -15.00
C SER T 145 19.78 -83.05 -15.51
N THR T 146 19.48 -83.91 -14.54
CA THR T 146 19.26 -85.32 -14.78
C THR T 146 17.80 -85.59 -15.14
N GLY T 147 17.04 -84.52 -15.35
CA GLY T 147 15.58 -84.59 -15.43
C GLY T 147 15.00 -84.29 -14.06
N PHE T 148 13.84 -84.87 -13.75
CA PHE T 148 13.25 -84.64 -12.45
C PHE T 148 14.07 -85.31 -11.35
N LYS T 149 14.55 -84.51 -10.41
CA LYS T 149 15.38 -84.98 -9.29
C LYS T 149 14.72 -85.16 -7.91
N GLY T 150 13.42 -84.90 -7.75
CA GLY T 150 12.81 -85.17 -6.47
C GLY T 150 11.61 -84.39 -5.97
N LEU T 151 11.50 -84.33 -4.63
CA LEU T 151 10.61 -83.40 -3.93
C LEU T 151 11.11 -83.11 -2.48
N LEU T 152 10.68 -81.98 -1.89
CA LEU T 152 11.06 -81.57 -0.52
C LEU T 152 10.04 -80.66 0.24
N ILE T 153 9.97 -80.78 1.57
CA ILE T 153 8.98 -80.05 2.40
C ILE T 153 9.47 -79.68 3.83
N GLU T 154 8.77 -78.79 4.53
CA GLU T 154 9.24 -78.30 5.84
C GLU T 154 8.21 -78.23 7.00
N LEU T 155 8.72 -78.12 8.24
CA LEU T 155 7.86 -77.95 9.42
C LEU T 155 8.54 -77.16 10.53
N GLN T 156 7.78 -76.31 11.23
CA GLN T 156 8.33 -75.54 12.34
C GLN T 156 7.39 -75.42 13.55
N ALA T 157 7.85 -75.88 14.71
CA ALA T 157 7.01 -75.93 15.90
C ALA T 157 7.16 -74.73 16.85
N ASP T 158 6.03 -74.25 17.33
CA ASP T 158 6.00 -73.18 18.33
C ASP T 158 6.58 -73.66 19.63
N GLU T 159 5.98 -74.71 20.19
CA GLU T 159 6.41 -75.23 21.47
C GLU T 159 7.61 -76.15 21.28
N ALA T 160 8.59 -75.99 22.16
CA ALA T 160 9.80 -76.79 22.11
C ALA T 160 9.57 -78.22 22.59
N GLY T 161 8.91 -78.38 23.73
CA GLY T 161 8.73 -79.68 24.35
C GLY T 161 7.86 -80.68 23.60
N GLU T 162 7.06 -80.17 22.66
CA GLU T 162 6.15 -81.00 21.87
C GLU T 162 6.85 -81.48 20.61
N PHE T 163 8.15 -81.23 20.54
CA PHE T 163 8.96 -81.64 19.40
C PHE T 163 9.18 -83.16 19.26
N GLU T 164 8.90 -83.90 20.33
CA GLU T 164 8.96 -85.37 20.30
C GLU T 164 7.71 -86.03 19.70
N THR T 165 6.56 -85.40 19.94
CA THR T 165 5.29 -85.84 19.36
C THR T 165 5.13 -85.33 17.94
N LYS T 166 5.89 -84.28 17.60
CA LYS T 166 5.88 -83.66 16.27
C LYS T 166 6.71 -84.42 15.26
N ILE T 167 7.86 -84.93 15.70
CA ILE T 167 8.69 -85.79 14.87
C ILE T 167 8.13 -87.22 14.81
N ALA T 168 7.28 -87.54 15.79
CA ALA T 168 6.57 -88.81 15.83
C ALA T 168 5.33 -88.77 14.94
N GLY T 169 4.78 -87.59 14.73
CA GLY T 169 3.56 -87.46 13.95
C GLY T 169 3.84 -87.24 12.48
N ILE T 170 5.11 -87.07 12.15
CA ILE T 170 5.50 -86.81 10.77
C ILE T 170 5.61 -88.10 9.97
N GLU T 171 6.13 -89.14 10.60
CA GLU T 171 6.30 -90.43 9.94
C GLU T 171 5.06 -91.31 10.06
N GLY T 172 4.11 -90.88 10.89
CA GLY T 172 2.85 -91.60 11.08
C GLY T 172 1.82 -91.26 10.03
N HIS T 173 1.92 -90.04 9.51
CA HIS T 173 1.18 -89.65 8.31
C HIS T 173 2.03 -90.01 7.10
N LEU T 174 3.30 -90.34 7.34
CA LEU T 174 4.27 -90.78 6.32
C LEU T 174 4.49 -92.30 6.22
N ALA T 175 3.90 -93.06 7.14
CA ALA T 175 3.84 -94.51 7.02
C ALA T 175 2.71 -94.83 6.06
N GLU T 176 1.66 -94.03 6.13
CA GLU T 176 0.54 -94.10 5.18
C GLU T 176 1.04 -93.75 3.79
N ILE T 177 2.31 -93.35 3.72
CA ILE T 177 2.97 -93.09 2.47
C ILE T 177 2.73 -94.23 1.50
N ARG T 178 2.75 -95.46 2.00
CA ARG T 178 2.67 -96.63 1.15
C ARG T 178 3.69 -96.45 0.04
N ALA T 179 4.82 -95.84 0.40
CA ALA T 179 5.89 -95.52 -0.55
C ALA T 179 7.25 -95.85 0.03
N LYS T 180 8.30 -95.63 -0.75
CA LYS T 180 9.64 -96.13 -0.42
C LYS T 180 10.59 -95.06 0.11
N GLU T 181 11.50 -95.51 0.99
CA GLU T 181 12.23 -94.62 1.90
C GLU T 181 12.95 -93.45 1.26
N TYR T 182 12.94 -92.33 2.01
CA TYR T 182 13.82 -91.19 1.82
C TYR T 182 14.00 -90.70 3.25
N LYS T 183 15.20 -90.26 3.61
CA LYS T 183 15.50 -90.00 5.02
C LYS T 183 15.94 -88.56 5.37
N THR T 184 16.23 -88.33 6.66
CA THR T 184 16.59 -87.00 7.16
C THR T 184 17.61 -86.99 8.33
N SER T 185 18.13 -85.80 8.65
CA SER T 185 18.94 -85.61 9.85
C SER T 185 18.31 -84.62 10.84
N SER T 186 18.35 -84.96 12.13
CA SER T 186 17.82 -84.10 13.18
C SER T 186 18.92 -83.28 13.92
N ASP T 187 20.17 -83.47 13.51
CA ASP T 187 21.33 -83.01 14.29
C ASP T 187 21.51 -81.50 14.45
N SER T 188 22.24 -81.12 15.48
CA SER T 188 22.58 -79.72 15.75
C SER T 188 24.09 -79.52 15.66
N LEU T 189 24.50 -78.50 14.92
CA LEU T 189 25.92 -78.18 14.65
C LEU T 189 26.77 -77.90 15.88
N GLY T 190 26.50 -76.76 16.51
CA GLY T 190 27.13 -76.48 17.77
C GLY T 190 26.27 -77.19 18.80
N PRO T 191 26.88 -77.67 19.89
CA PRO T 191 26.06 -78.22 20.96
C PRO T 191 25.09 -77.14 21.45
N ASP T 192 25.39 -75.90 21.08
CA ASP T 192 24.54 -74.76 21.36
C ASP T 192 23.22 -74.85 20.63
N THR T 193 23.28 -74.92 19.30
CA THR T 193 22.06 -74.91 18.47
C THR T 193 21.08 -73.89 19.04
N SER T 194 21.39 -72.61 18.87
CA SER T 194 20.50 -71.52 19.31
C SER T 194 19.38 -71.10 18.34
N ASN T 195 19.55 -71.36 17.04
CA ASN T 195 18.62 -70.86 16.03
C ASN T 195 17.66 -71.90 15.45
N GLU T 196 16.37 -71.67 15.62
CA GLU T 196 15.35 -72.50 14.97
C GLU T 196 15.39 -72.26 13.48
N ILE T 197 16.11 -71.22 13.07
CA ILE T 197 16.36 -70.92 11.68
C ILE T 197 17.54 -71.71 11.10
N CYS T 198 18.58 -71.88 11.90
CA CYS T 198 19.81 -72.50 11.43
C CYS T 198 19.78 -74.03 11.43
N ASP T 199 19.11 -74.63 12.42
CA ASP T 199 19.17 -76.07 12.67
C ASP T 199 18.35 -76.99 11.74
N LEU T 200 17.59 -76.40 10.82
CA LEU T 200 16.94 -77.19 9.78
C LEU T 200 17.74 -77.12 8.50
N ALA T 201 18.79 -76.32 8.50
CA ALA T 201 19.71 -76.28 7.36
C ALA T 201 20.76 -77.40 7.41
N TYR T 202 21.03 -77.90 8.62
CA TYR T 202 21.90 -79.06 8.81
C TYR T 202 21.14 -80.36 8.56
N GLN T 203 19.82 -80.30 8.72
CA GLN T 203 18.92 -81.41 8.43
C GLN T 203 18.57 -81.37 6.97
N TYR T 204 19.15 -80.36 6.31
CA TYR T 204 18.96 -80.10 4.88
C TYR T 204 20.21 -80.52 4.07
N VAL T 205 21.34 -79.89 4.35
CA VAL T 205 22.59 -80.23 3.70
C VAL T 205 23.08 -81.62 4.09
N ARG T 206 22.91 -81.98 5.36
CA ARG T 206 23.36 -83.30 5.84
C ARG T 206 22.44 -84.42 5.34
N ALA T 207 21.14 -84.11 5.23
CA ALA T 207 20.13 -85.05 4.73
C ALA T 207 19.96 -84.99 3.20
N LEU T 208 20.67 -84.05 2.57
CA LEU T 208 20.84 -84.02 1.12
C LEU T 208 22.13 -84.77 0.80
N GLU T 209 22.77 -85.27 1.87
CA GLU T 209 24.02 -86.01 1.83
C GLU T 209 25.11 -85.21 1.14
N LEU T 210 25.29 -83.96 1.58
CA LEU T 210 26.23 -83.06 0.92
C LEU T 210 27.30 -82.56 1.88
N PRO U 14 24.63 13.31 -68.44
CA PRO U 14 24.53 13.44 -69.90
C PRO U 14 23.30 14.21 -70.32
N GLU U 15 22.87 14.03 -71.57
CA GLU U 15 21.66 14.70 -72.06
C GLU U 15 20.85 13.81 -73.01
N TRP U 16 19.53 13.79 -72.79
CA TRP U 16 18.59 12.96 -73.55
C TRP U 16 18.06 13.51 -74.88
N ILE U 17 17.89 14.82 -75.00
CA ILE U 17 17.40 15.41 -76.24
C ILE U 17 18.38 15.12 -77.36
N GLN U 18 19.58 14.69 -76.95
CA GLN U 18 20.66 14.26 -77.85
C GLN U 18 20.34 13.05 -78.72
N VAL U 19 20.26 11.90 -78.07
CA VAL U 19 20.04 10.62 -78.76
C VAL U 19 18.67 10.51 -79.45
N PHE U 20 17.77 11.44 -79.11
CA PHE U 20 16.44 11.48 -79.71
C PHE U 20 16.55 11.90 -81.18
N GLY U 21 17.30 12.97 -81.44
CA GLY U 21 17.64 13.40 -82.80
C GLY U 21 19.05 13.11 -83.29
N LEU U 22 19.95 12.78 -82.37
CA LEU U 22 21.35 12.54 -82.70
C LEU U 22 21.54 11.24 -83.45
N ARG U 23 20.90 10.16 -82.99
CA ARG U 23 21.21 8.85 -83.52
C ARG U 23 22.68 8.59 -83.24
N THR U 24 22.99 8.28 -81.99
CA THR U 24 24.36 8.23 -81.47
C THR U 24 25.42 7.56 -82.34
N GLU U 25 25.24 6.26 -82.61
CA GLU U 25 26.30 5.40 -83.15
C GLU U 25 27.45 5.16 -82.15
N ASN U 26 28.69 5.30 -82.62
CA ASN U 26 29.85 4.97 -81.77
C ASN U 26 30.86 6.10 -81.54
N VAL U 27 31.69 6.40 -82.56
CA VAL U 27 32.70 7.46 -82.49
C VAL U 27 32.13 8.88 -82.64
N LEU U 28 30.89 8.95 -83.11
CA LEU U 28 30.12 10.19 -83.13
C LEU U 28 29.25 10.28 -81.87
N ASP U 29 29.39 9.28 -81.01
CA ASP U 29 28.79 9.30 -79.68
C ASP U 29 29.80 9.73 -78.62
N TYR U 30 31.00 10.05 -79.06
CA TYR U 30 32.04 10.48 -78.14
C TYR U 30 31.75 11.92 -77.76
N PHE U 31 31.41 12.73 -78.77
CA PHE U 31 31.15 14.15 -78.58
C PHE U 31 29.88 14.40 -77.78
N ALA U 32 28.94 13.47 -77.88
CA ALA U 32 27.69 13.57 -77.16
C ALA U 32 27.94 13.38 -75.66
N GLU U 33 29.21 13.15 -75.31
CA GLU U 33 29.64 13.07 -73.92
C GLU U 33 30.22 14.39 -73.36
N SER U 34 31.33 14.85 -73.95
CA SER U 34 31.96 16.09 -73.54
C SER U 34 30.92 17.18 -73.45
N PRO U 35 30.07 17.29 -74.48
CA PRO U 35 28.96 18.23 -74.59
C PRO U 35 27.78 17.90 -73.68
N PHE U 36 27.56 16.63 -73.38
CA PHE U 36 26.45 16.25 -72.51
C PHE U 36 26.74 16.47 -71.03
N PHE U 37 27.89 15.98 -70.60
CA PHE U 37 28.29 16.07 -69.21
C PHE U 37 28.60 17.51 -68.92
N ASP U 38 28.92 18.23 -69.99
CA ASP U 38 29.39 19.61 -69.96
C ASP U 38 30.67 19.74 -69.15
N LYS U 39 31.36 18.61 -68.95
CA LYS U 39 32.69 18.68 -68.35
C LYS U 39 33.73 18.19 -69.33
N THR U 40 34.31 19.17 -70.01
CA THR U 40 35.60 19.11 -70.64
C THR U 40 35.96 20.59 -70.76
N SER U 41 37.20 20.96 -70.50
CA SER U 41 37.48 22.39 -70.48
C SER U 41 38.38 22.83 -71.61
N ASN U 42 39.66 22.51 -71.46
CA ASN U 42 40.73 22.96 -72.34
C ASN U 42 41.52 21.79 -72.93
N ASN U 43 42.13 20.98 -72.07
CA ASN U 43 42.88 19.81 -72.49
C ASN U 43 42.02 18.68 -73.04
N GLN U 44 40.70 18.78 -72.84
CA GLN U 44 39.76 18.01 -73.63
C GLN U 44 39.32 18.90 -74.82
N VAL U 45 39.71 20.17 -74.76
CA VAL U 45 39.44 21.12 -75.83
C VAL U 45 40.65 21.25 -76.75
N ILE U 46 41.69 20.47 -76.47
CA ILE U 46 42.80 20.31 -77.42
C ILE U 46 42.34 19.33 -78.47
N LYS U 47 41.28 18.62 -78.13
CA LYS U 47 40.49 17.83 -79.07
C LYS U 47 39.32 18.67 -79.58
N GLN U 49 40.40 21.77 -80.63
CA GLN U 49 41.18 22.52 -81.59
C GLN U 49 41.21 21.79 -82.94
N ARG U 50 40.97 20.48 -82.86
CA ARG U 50 40.91 19.59 -84.03
C ARG U 50 39.53 19.60 -84.71
N GLN U 51 38.46 19.67 -83.93
CA GLN U 51 37.12 19.82 -84.48
C GLN U 51 36.78 21.29 -84.69
N PHE U 52 37.60 22.17 -84.12
CA PHE U 52 37.59 23.60 -84.46
C PHE U 52 38.59 23.95 -85.56
N SER U 53 39.53 23.04 -85.83
CA SER U 53 40.27 23.08 -87.09
C SER U 53 39.68 22.05 -88.08
N GLN U 54 38.64 21.34 -87.66
CA GLN U 54 37.81 20.55 -88.57
C GLN U 54 36.79 21.47 -89.24
N LEU U 55 36.21 22.36 -88.47
CA LEU U 55 35.30 23.39 -88.97
C LEU U 55 36.02 24.62 -89.55
N ASN U 56 37.16 24.99 -88.96
CA ASN U 56 37.98 26.11 -89.47
C ASN U 56 38.79 25.74 -90.71
N ASP U 57 39.24 24.48 -90.77
CA ASP U 57 39.87 23.90 -91.97
C ASP U 57 38.94 23.73 -93.17
N PRO U 58 37.65 23.43 -92.93
CA PRO U 58 36.56 23.21 -93.89
C PRO U 58 36.22 24.41 -94.78
N ASN U 59 36.71 25.59 -94.41
CA ASN U 59 36.47 26.81 -95.17
C ASN U 59 37.38 26.94 -96.37
N GLU U 80 57.75 -2.19 -88.27
CA GLU U 80 57.40 -1.09 -89.16
C GLU U 80 57.05 0.18 -88.36
N GLU U 81 56.01 0.87 -88.78
CA GLU U 81 55.56 2.10 -88.10
C GLU U 81 54.58 1.80 -86.97
N GLU U 82 54.27 0.51 -86.77
CA GLU U 82 53.57 0.05 -85.58
C GLU U 82 54.63 -0.20 -84.51
N PHE U 83 55.89 -0.09 -84.92
CA PHE U 83 57.03 0.05 -84.00
C PHE U 83 57.50 1.50 -83.87
N ALA U 84 56.93 2.38 -84.68
CA ALA U 84 57.08 3.82 -84.50
C ALA U 84 55.86 4.40 -83.78
N TYR U 85 54.98 3.49 -83.36
CA TYR U 85 53.65 3.81 -82.83
C TYR U 85 53.47 3.71 -81.30
N VAL U 86 53.74 2.54 -80.73
CA VAL U 86 53.06 2.14 -79.50
C VAL U 86 53.08 3.17 -78.37
N ASP U 87 51.87 3.60 -78.07
CA ASP U 87 51.45 4.42 -76.93
C ASP U 87 51.67 3.76 -75.58
N PRO U 88 51.84 2.42 -75.57
CA PRO U 88 51.29 1.14 -75.09
C PRO U 88 50.39 1.21 -73.86
N ALA U 89 50.48 2.24 -73.04
CA ALA U 89 49.35 2.55 -72.19
C ALA U 89 48.07 2.50 -73.03
N ARG U 90 48.08 3.22 -74.16
CA ARG U 90 46.99 3.15 -75.13
C ARG U 90 47.20 2.09 -76.23
N ARG U 91 48.41 1.57 -76.38
CA ARG U 91 48.65 0.50 -77.35
C ARG U 91 48.28 -0.87 -76.79
N GLN U 92 48.41 -1.03 -75.48
CA GLN U 92 48.00 -2.24 -74.78
C GLN U 92 46.60 -2.08 -74.21
N ILE U 93 45.97 -0.96 -74.54
CA ILE U 93 44.58 -0.72 -74.19
C ILE U 93 43.77 -0.28 -75.41
N LEU U 94 44.08 0.91 -75.92
CA LEU U 94 43.29 1.53 -76.98
C LEU U 94 43.03 0.55 -78.11
N PHE U 95 43.98 -0.33 -78.37
CA PHE U 95 43.71 -1.47 -79.25
C PHE U 95 43.06 -1.02 -80.56
N LYS U 96 41.81 -1.44 -80.77
CA LYS U 96 41.20 -1.46 -82.10
C LYS U 96 40.40 -0.24 -82.65
N TYR U 97 40.41 0.91 -81.96
CA TYR U 97 39.65 2.10 -82.39
C TYR U 97 39.98 2.62 -83.81
N PRO U 98 38.93 2.81 -84.65
CA PRO U 98 39.00 3.21 -86.07
C PRO U 98 39.57 4.61 -86.37
N TYR U 100 40.70 7.24 -83.43
CA TYR U 100 41.16 8.18 -82.44
C TYR U 100 42.41 8.67 -83.10
N GLN U 102 43.04 10.43 -85.73
CA GLN U 102 43.01 11.87 -85.95
C GLN U 102 43.40 12.62 -84.68
N LEU U 103 42.90 12.12 -83.54
CA LEU U 103 43.27 12.67 -82.24
C LEU U 103 44.49 11.96 -81.65
N GLU U 104 44.93 10.90 -82.36
CA GLU U 104 46.11 10.14 -81.99
C GLU U 104 47.35 10.79 -82.54
N GLU U 105 47.24 11.42 -83.69
CA GLU U 105 48.33 12.19 -84.24
C GLU U 105 48.37 13.50 -83.48
N GLU U 106 47.19 13.94 -83.02
CA GLU U 106 47.08 15.05 -82.07
C GLU U 106 47.20 14.46 -80.68
N LEU U 107 47.22 13.12 -80.62
CA LEU U 107 47.73 12.43 -79.44
C LEU U 107 49.22 12.12 -79.65
N LYS U 109 50.97 14.71 -80.99
CA LYS U 109 51.27 16.01 -80.41
C LYS U 109 50.35 16.15 -79.22
N LEU U 110 50.92 15.91 -78.04
CA LEU U 110 50.25 16.15 -76.77
C LEU U 110 51.22 16.87 -75.82
N ASP U 111 52.23 16.15 -75.37
CA ASP U 111 53.25 16.73 -74.47
C ASP U 111 54.65 16.22 -74.79
N ILE U 166 38.09 9.48 -53.50
CA ILE U 166 36.97 8.92 -54.27
C ILE U 166 36.78 7.43 -54.02
N PHE U 167 37.83 6.78 -53.53
CA PHE U 167 37.67 5.50 -52.88
C PHE U 167 37.32 5.86 -51.46
N LYS U 168 37.36 7.18 -51.18
CA LYS U 168 36.93 7.81 -49.92
C LYS U 168 35.44 8.08 -49.79
N ILE U 169 34.77 8.35 -50.91
CA ILE U 169 33.34 8.62 -50.97
C ILE U 169 32.46 7.36 -50.95
N VAL U 170 33.05 6.23 -51.34
CA VAL U 170 32.44 4.93 -51.14
C VAL U 170 32.54 4.60 -49.65
N GLN U 171 33.48 5.22 -48.95
CA GLN U 171 33.66 5.04 -47.51
C GLN U 171 33.03 6.14 -46.64
N SER U 172 32.46 7.16 -47.28
CA SER U 172 31.66 8.17 -46.57
C SER U 172 30.17 7.81 -46.46
N ARG U 173 29.73 6.88 -47.29
CA ARG U 173 28.41 6.31 -47.13
C ARG U 173 28.47 5.05 -46.27
N LEU U 174 29.69 4.54 -46.01
CA LEU U 174 29.94 3.51 -44.99
C LEU U 174 30.44 4.15 -43.70
N SER U 176 28.14 6.58 -43.15
CA SER U 176 26.70 6.60 -42.96
C SER U 176 26.16 5.23 -42.56
N THR U 177 27.01 4.21 -42.59
CA THR U 177 26.65 2.88 -42.13
C THR U 177 26.88 2.87 -40.64
N SER U 178 27.70 3.82 -40.21
CA SER U 178 28.03 3.99 -38.83
C SER U 178 26.98 4.78 -38.07
N TYR U 179 26.33 5.73 -38.74
CA TYR U 179 25.34 6.61 -38.10
C TYR U 179 24.02 5.89 -37.77
N HIS U 180 23.56 5.04 -38.68
CA HIS U 180 22.38 4.21 -38.44
C HIS U 180 22.60 3.16 -37.34
N LEU U 181 23.87 2.84 -37.08
CA LEU U 181 24.26 2.05 -35.92
C LEU U 181 24.54 2.96 -34.73
N ASN U 182 24.76 4.24 -35.02
CA ASN U 182 25.07 5.27 -34.03
C ASN U 182 23.82 5.74 -33.32
N SER U 183 22.78 6.01 -34.11
CA SER U 183 21.42 6.36 -33.63
C SER U 183 20.54 5.17 -33.22
N THR U 184 20.79 3.99 -33.79
CA THR U 184 20.14 2.76 -33.36
C THR U 184 20.80 2.22 -32.10
N LEU U 185 22.08 2.53 -31.93
CA LEU U 185 22.77 2.25 -30.68
C LEU U 185 22.42 3.32 -29.63
N GLU U 186 22.13 4.54 -30.10
CA GLU U 186 21.74 5.65 -29.23
C GLU U 186 20.29 5.53 -28.76
N SER U 187 19.42 5.08 -29.68
CA SER U 187 18.00 4.83 -29.37
C SER U 187 17.85 3.51 -28.61
N LEU U 188 18.95 2.74 -28.56
CA LEU U 188 19.04 1.58 -27.71
C LEU U 188 19.33 2.04 -26.28
N TYR U 189 20.18 3.05 -26.19
CA TYR U 189 20.59 3.63 -24.91
C TYR U 189 19.40 4.10 -24.07
N ASP U 190 18.29 4.42 -24.75
CA ASP U 190 17.03 4.70 -24.08
C ASP U 190 16.17 3.44 -24.00
#